data_6XSR
#
_entry.id   6XSR
#
_cell.length_a   92.790
_cell.length_b   110.400
_cell.length_c   600.140
_cell.angle_alpha   90.00
_cell.angle_beta   90.00
_cell.angle_gamma   90.00
#
_symmetry.space_group_name_H-M   'P 21 21 21'
#
loop_
_entity.id
_entity.type
_entity.pdbx_description
1 polymer 'Glutamate receptor 2'
2 non-polymer 2-acetamido-2-deoxy-beta-D-glucopyranose
3 non-polymer 'trans-4-butylcyclohexane-1-carboxylic acid'
#
_entity_poly.entity_id   1
_entity_poly.type   'polypeptide(L)'
_entity_poly.pdbx_seq_one_letter_code
;NSIQIGGLFPRGADQEYSAFRVGMVQFSTSEFRLTPHIDNLEVANSFAVTNAFCSQFSRGVYAIFGFYDKKSVNTITSFC
GTLHVSFITPSFPTDGTHPFVIQMRPDLKGALLSLIEYYQWDKFAYLYDSDRGLSTLQAVLDSAAEKKWQVTAINVGNIN
NDKKDETYRSLFQDLELKKERRVILDCERDKVNDIVDQVITIGKHVKGYHYIIANLGFTDGDLLKIQFGGAEVSGFQIVD
YDDSLVSKFIERWSTLEEKEYPGAHTATIKYTSALTYDAVQVMTEAFRNLRKQRIEISRRGNAGDCLANPAVPWGQGVEI
ERALKQVQVEGLSGNIKFDQNGKRINYTINIMELKTNGPRKIGYWSEVDKMVLTEDDTSGLEQKTVVVTTILESPYVMMK
KNHEMLEGNERYEGYCVDLAAEIAKHCGFKYKLTIVGDGKYGARDADTKIWNGMVGELVYGKADIAIAPLTITLVREEVI
DFSKPFMSLGISIMIKKPQKSKPGVFSFLDPLAYEIWMCIVFAYIGVSVVLFLVSRFSPYEWHTEEFEDGRETQSSESTN
EFGIFNSLWFSLGAFMQQGCDISPRSLSGRIVGGVWWFFTLIIISSYTANLAAFLTVERMVSPIESAEDLSKQTEIAYGT
LDSGSTKEFFRRSKIAVFDKMWTYMRSAEPSVFVRTTAEGVARVRKSKGKYAYLLESTMNEYIEQRKPCDTMKVGGNLDS
KGYGIATPKGSSLGTPVNLAVLKLSEQGVLDKLKNKWWYDKGECGAKDSGSKEKTSALSLSNVAGVFYILVGGLGLAMLV
ALIEFCYK
;
_entity_poly.pdbx_strand_id   A,B,C,D
#
loop_
_chem_comp.id
_chem_comp.type
_chem_comp.name
_chem_comp.formula
NAG D-saccharide, beta linking 2-acetamido-2-deoxy-beta-D-glucopyranose 'C8 H15 N O6'
V8G non-polymer 'trans-4-butylcyclohexane-1-carboxylic acid' 'C11 H20 O2'
#
# COMPACT_ATOMS: atom_id res chain seq x y z
N ASN A 1 50.65 64.79 -33.34
CA ASN A 1 51.47 63.89 -32.54
C ASN A 1 50.84 63.65 -31.17
N SER A 2 49.85 64.47 -30.83
CA SER A 2 49.21 64.44 -29.52
C SER A 2 47.81 63.86 -29.64
N ILE A 3 47.50 62.89 -28.78
CA ILE A 3 46.20 62.24 -28.75
C ILE A 3 45.64 62.37 -27.34
N GLN A 4 44.43 62.92 -27.23
CA GLN A 4 43.82 63.21 -25.94
C GLN A 4 42.87 62.08 -25.55
N ILE A 5 42.98 61.65 -24.29
CA ILE A 5 42.14 60.60 -23.74
C ILE A 5 41.74 60.98 -22.32
N GLY A 6 40.61 60.42 -21.88
CA GLY A 6 40.05 60.74 -20.56
C GLY A 6 40.27 59.60 -19.58
N GLY A 7 40.63 59.96 -18.35
CA GLY A 7 40.89 58.97 -17.32
C GLY A 7 40.04 59.14 -16.08
N LEU A 8 39.26 58.11 -15.74
CA LEU A 8 38.39 58.12 -14.57
C LEU A 8 38.90 57.06 -13.60
N PHE A 9 39.37 57.49 -12.43
CA PHE A 9 40.02 56.58 -11.50
C PHE A 9 39.40 56.67 -10.13
N PRO A 10 39.16 55.53 -9.46
CA PRO A 10 38.78 55.57 -8.05
C PRO A 10 39.91 56.16 -7.22
N ARG A 11 39.55 56.99 -6.25
CA ARG A 11 40.54 57.66 -5.42
C ARG A 11 41.34 56.68 -4.56
N GLY A 12 40.78 55.50 -4.26
CA GLY A 12 41.49 54.51 -3.50
C GLY A 12 42.12 53.43 -4.36
N ALA A 13 42.39 53.78 -5.62
CA ALA A 13 42.99 52.86 -6.59
C ALA A 13 44.31 53.47 -7.05
N ASP A 14 45.37 53.25 -6.27
CA ASP A 14 46.66 53.87 -6.55
C ASP A 14 47.56 52.95 -7.37
N GLN A 15 47.70 51.69 -6.96
CA GLN A 15 48.44 50.74 -7.79
C GLN A 15 47.77 50.59 -9.15
N GLU A 16 46.44 50.61 -9.18
CA GLU A 16 45.71 50.61 -10.44
C GLU A 16 46.06 51.82 -11.29
N TYR A 17 46.44 52.92 -10.66
CA TYR A 17 46.93 54.09 -11.37
C TYR A 17 48.44 54.07 -11.57
N SER A 18 49.18 53.47 -10.64
CA SER A 18 50.64 53.38 -10.78
C SER A 18 51.01 52.59 -12.03
N ALA A 19 50.26 51.52 -12.33
CA ALA A 19 50.53 50.72 -13.51
C ALA A 19 50.24 51.50 -14.79
N PHE A 20 49.31 52.45 -14.73
CA PHE A 20 48.99 53.24 -15.93
C PHE A 20 50.16 54.12 -16.33
N ARG A 21 50.87 54.67 -15.34
CA ARG A 21 51.98 55.58 -15.64
C ARG A 21 53.14 54.84 -16.28
N VAL A 22 53.43 53.62 -15.81
CA VAL A 22 54.53 52.84 -16.38
C VAL A 22 54.23 52.43 -17.81
N GLY A 23 52.95 52.25 -18.14
CA GLY A 23 52.60 51.85 -19.50
C GLY A 23 52.87 52.95 -20.52
N MET A 24 52.66 54.21 -20.14
CA MET A 24 52.92 55.31 -21.06
C MET A 24 54.39 55.35 -21.48
N VAL A 25 55.30 55.00 -20.58
CA VAL A 25 56.72 55.08 -20.89
C VAL A 25 57.15 53.92 -21.79
N GLN A 26 56.63 52.71 -21.52
CA GLN A 26 57.05 51.54 -22.28
C GLN A 26 56.51 51.52 -23.69
N PHE A 27 55.43 52.25 -23.97
CA PHE A 27 54.84 52.29 -25.30
C PHE A 27 54.89 53.68 -25.93
N SER A 28 55.69 54.59 -25.39
CA SER A 28 55.89 55.91 -25.97
C SER A 28 56.92 55.81 -27.08
N THR A 29 56.50 56.03 -28.31
CA THR A 29 57.39 56.04 -29.46
C THR A 29 57.72 57.49 -29.83
N SER A 30 58.58 57.64 -30.83
CA SER A 30 58.90 58.97 -31.36
C SER A 30 57.91 59.41 -32.43
N GLU A 31 57.12 58.50 -32.98
CA GLU A 31 56.11 58.87 -33.96
C GLU A 31 55.05 59.76 -33.35
N PHE A 32 54.53 59.37 -32.19
CA PHE A 32 53.45 60.09 -31.51
C PHE A 32 53.49 59.73 -30.04
N ARG A 33 52.47 60.15 -29.30
CA ARG A 33 52.34 59.84 -27.88
C ARG A 33 50.93 60.18 -27.43
N LEU A 34 50.47 59.51 -26.38
CA LEU A 34 49.15 59.71 -25.83
C LEU A 34 49.22 60.67 -24.64
N THR A 35 48.12 61.39 -24.42
CA THR A 35 48.07 62.46 -23.42
C THR A 35 46.82 62.28 -22.56
N PRO A 36 46.97 62.02 -21.26
CA PRO A 36 45.80 61.79 -20.41
C PRO A 36 45.32 63.05 -19.68
N HIS A 37 44.07 62.97 -19.23
CA HIS A 37 43.46 63.98 -18.37
C HIS A 37 42.77 63.23 -17.23
N ILE A 38 43.31 63.36 -16.02
CA ILE A 38 42.92 62.51 -14.88
C ILE A 38 42.00 63.30 -13.96
N ASP A 39 40.88 62.67 -13.57
CA ASP A 39 39.96 63.22 -12.58
C ASP A 39 39.71 62.14 -11.53
N ASN A 40 40.41 62.22 -10.40
CA ASN A 40 40.14 61.32 -9.28
C ASN A 40 38.76 61.64 -8.71
N LEU A 41 37.84 60.68 -8.78
CA LEU A 41 36.46 60.90 -8.38
C LEU A 41 35.92 59.64 -7.71
N GLU A 42 34.72 59.78 -7.15
CA GLU A 42 34.04 58.66 -6.52
C GLU A 42 33.42 57.76 -7.58
N VAL A 43 33.75 56.47 -7.55
CA VAL A 43 33.31 55.56 -8.60
C VAL A 43 31.83 55.21 -8.45
N ALA A 44 31.31 55.18 -7.22
CA ALA A 44 29.91 54.83 -7.01
C ALA A 44 28.97 56.00 -7.25
N ASN A 45 29.46 57.23 -7.13
CA ASN A 45 28.63 58.42 -7.34
C ASN A 45 28.50 58.64 -8.84
N SER A 46 27.40 58.13 -9.42
CA SER A 46 27.20 58.24 -10.87
C SER A 46 27.08 59.70 -11.30
N PHE A 47 26.59 60.58 -10.41
CA PHE A 47 26.57 62.00 -10.73
C PHE A 47 27.99 62.53 -10.95
N ALA A 48 28.91 62.17 -10.06
CA ALA A 48 30.32 62.51 -10.29
C ALA A 48 30.83 61.85 -11.56
N VAL A 49 30.41 60.60 -11.81
CA VAL A 49 30.80 59.92 -13.05
C VAL A 49 30.27 60.68 -14.26
N THR A 50 29.00 61.11 -14.19
CA THR A 50 28.44 61.90 -15.28
C THR A 50 29.16 63.25 -15.41
N ASN A 51 29.47 63.87 -14.28
CA ASN A 51 30.20 65.14 -14.30
C ASN A 51 31.62 64.96 -14.83
N ALA A 52 32.24 63.81 -14.56
CA ALA A 52 33.59 63.56 -15.05
C ALA A 52 33.58 63.22 -16.55
N PHE A 53 32.62 62.40 -16.99
CA PHE A 53 32.54 62.06 -18.40
C PHE A 53 32.32 63.31 -19.26
N CYS A 54 31.37 64.15 -18.85
CA CYS A 54 31.09 65.37 -19.60
C CYS A 54 32.20 66.39 -19.46
N SER A 55 33.05 66.26 -18.44
CA SER A 55 34.25 67.09 -18.38
C SER A 55 35.24 66.74 -19.47
N GLN A 56 35.29 65.46 -19.87
CA GLN A 56 36.17 65.04 -20.95
C GLN A 56 35.55 65.25 -22.32
N PHE A 57 34.22 65.12 -22.43
CA PHE A 57 33.57 65.33 -23.71
C PHE A 57 33.55 66.80 -24.11
N SER A 58 33.59 67.71 -23.13
CA SER A 58 33.69 69.13 -23.42
C SER A 58 35.12 69.54 -23.77
N ARG A 59 36.11 68.85 -23.18
CA ARG A 59 37.50 69.07 -23.55
C ARG A 59 37.87 68.40 -24.87
N GLY A 60 37.03 67.51 -25.38
CA GLY A 60 37.21 66.93 -26.69
C GLY A 60 38.26 65.85 -26.78
N VAL A 61 38.00 64.69 -26.18
CA VAL A 61 38.91 63.56 -26.23
C VAL A 61 38.48 62.63 -27.35
N TYR A 62 39.25 61.55 -27.55
CA TYR A 62 38.93 60.54 -28.57
C TYR A 62 38.51 59.20 -27.96
N ALA A 63 38.97 58.90 -26.75
CA ALA A 63 38.56 57.70 -26.03
C ALA A 63 38.74 57.97 -24.55
N ILE A 64 38.07 57.16 -23.74
CA ILE A 64 38.09 57.34 -22.29
C ILE A 64 38.43 56.00 -21.64
N PHE A 65 39.44 56.01 -20.78
CA PHE A 65 39.80 54.85 -19.98
C PHE A 65 39.43 55.12 -18.53
N GLY A 66 38.51 54.33 -18.00
CA GLY A 66 38.09 54.49 -16.62
C GLY A 66 37.55 53.21 -16.00
N PHE A 67 36.80 53.36 -14.91
CA PHE A 67 36.16 52.22 -14.27
C PHE A 67 34.67 52.49 -14.12
N TYR A 68 33.96 51.61 -13.44
CA TYR A 68 32.59 51.89 -13.04
C TYR A 68 32.18 50.90 -11.96
N ASP A 69 31.15 51.27 -11.22
CA ASP A 69 30.53 50.43 -10.22
C ASP A 69 29.16 49.98 -10.72
N LYS A 70 28.54 49.05 -9.98
CA LYS A 70 27.16 48.68 -10.31
C LYS A 70 26.26 49.91 -10.33
N LYS A 71 26.54 50.89 -9.48
CA LYS A 71 25.78 52.12 -9.40
C LYS A 71 26.10 53.10 -10.52
N SER A 72 26.97 52.75 -11.46
CA SER A 72 27.40 53.74 -12.44
C SER A 72 27.76 53.13 -13.80
N VAL A 73 27.76 51.79 -13.88
CA VAL A 73 28.12 51.14 -15.14
C VAL A 73 27.14 51.55 -16.24
N ASN A 74 25.85 51.66 -15.91
CA ASN A 74 24.86 52.04 -16.92
C ASN A 74 25.02 53.49 -17.34
N THR A 75 25.54 54.34 -16.45
CA THR A 75 25.82 55.72 -16.82
C THR A 75 26.94 55.79 -17.85
N ILE A 76 28.01 55.02 -17.65
CA ILE A 76 29.13 55.01 -18.59
C ILE A 76 28.69 54.43 -19.93
N THR A 77 27.98 53.30 -19.89
CA THR A 77 27.67 52.59 -21.13
C THR A 77 26.69 53.36 -22.00
N SER A 78 25.72 54.05 -21.39
CA SER A 78 24.67 54.69 -22.17
C SER A 78 25.19 55.90 -22.92
N PHE A 79 26.11 56.67 -22.30
CA PHE A 79 26.64 57.85 -22.97
C PHE A 79 27.56 57.47 -24.13
N CYS A 80 28.34 56.40 -23.96
CA CYS A 80 29.26 55.99 -25.02
C CYS A 80 28.51 55.44 -26.22
N GLY A 81 27.32 54.85 -26.01
CA GLY A 81 26.54 54.32 -27.12
C GLY A 81 25.87 55.38 -27.96
N THR A 82 25.61 56.56 -27.39
CA THR A 82 24.97 57.65 -28.10
C THR A 82 25.98 58.64 -28.68
N LEU A 83 26.96 59.06 -27.89
CA LEU A 83 27.98 59.99 -28.36
C LEU A 83 29.07 59.32 -29.18
N HIS A 84 28.97 58.00 -29.41
CA HIS A 84 29.93 57.24 -30.20
C HIS A 84 31.35 57.39 -29.66
N VAL A 85 31.47 57.62 -28.36
CA VAL A 85 32.77 57.76 -27.70
C VAL A 85 33.20 56.39 -27.19
N SER A 86 34.43 56.01 -27.51
CA SER A 86 34.94 54.71 -27.09
C SER A 86 35.36 54.75 -25.63
N PHE A 87 35.06 53.67 -24.90
CA PHE A 87 35.39 53.56 -23.48
C PHE A 87 36.18 52.29 -23.25
N ILE A 88 37.28 52.42 -22.51
CA ILE A 88 38.14 51.30 -22.15
C ILE A 88 38.12 51.17 -20.63
N THR A 89 37.93 49.95 -20.14
CA THR A 89 37.80 49.76 -18.70
C THR A 89 38.35 48.41 -18.30
N PRO A 90 38.95 48.31 -17.11
CA PRO A 90 39.31 47.01 -16.53
C PRO A 90 38.31 46.46 -15.53
N SER A 91 37.21 47.18 -15.25
CA SER A 91 36.19 46.67 -14.35
C SER A 91 35.41 45.54 -15.02
N PHE A 92 34.42 45.03 -14.30
CA PHE A 92 33.66 43.88 -14.78
C PHE A 92 33.02 44.18 -16.14
N PRO A 93 32.91 43.18 -17.01
CA PRO A 93 32.28 43.41 -18.32
C PRO A 93 30.79 43.65 -18.17
N THR A 94 30.26 44.45 -19.09
CA THR A 94 28.85 44.83 -19.04
C THR A 94 27.96 43.60 -19.26
N ASP A 95 26.81 43.60 -18.60
CA ASP A 95 25.84 42.50 -18.71
C ASP A 95 25.10 42.62 -20.04
N GLY A 96 25.82 42.36 -21.12
CA GLY A 96 25.26 42.45 -22.45
C GLY A 96 26.20 43.12 -23.44
N THR A 97 25.73 43.31 -24.67
CA THR A 97 26.55 43.86 -25.75
C THR A 97 26.29 45.35 -25.85
N HIS A 98 27.30 46.15 -25.51
CA HIS A 98 27.22 47.60 -25.56
C HIS A 98 28.30 48.15 -26.47
N PRO A 99 27.96 48.98 -27.46
CA PRO A 99 28.97 49.47 -28.40
C PRO A 99 29.87 50.51 -27.77
N PHE A 100 31.01 50.73 -28.42
CA PHE A 100 32.00 51.73 -28.00
C PHE A 100 32.49 51.50 -26.58
N VAL A 101 32.44 50.25 -26.13
CA VAL A 101 32.95 49.85 -24.83
C VAL A 101 34.05 48.81 -25.06
N ILE A 102 35.22 49.04 -24.46
CA ILE A 102 36.35 48.13 -24.61
C ILE A 102 36.70 47.55 -23.25
N GLN A 103 36.00 46.49 -22.85
CA GLN A 103 36.16 45.90 -21.53
C GLN A 103 37.46 45.10 -21.49
N MET A 104 38.42 45.56 -20.70
CA MET A 104 39.69 44.85 -20.57
C MET A 104 39.60 43.63 -19.68
N ARG A 105 38.58 43.54 -18.83
CA ARG A 105 38.45 42.38 -17.94
C ARG A 105 37.76 41.24 -18.68
N PRO A 106 38.30 40.03 -18.62
CA PRO A 106 37.64 38.89 -19.26
C PRO A 106 36.49 38.35 -18.42
N ASP A 107 35.57 37.66 -19.11
CA ASP A 107 34.38 37.10 -18.47
C ASP A 107 34.77 35.87 -17.67
N LEU A 108 34.70 35.98 -16.34
CA LEU A 108 35.01 34.87 -15.45
C LEU A 108 33.87 33.86 -15.35
N LYS A 109 32.69 34.18 -15.90
CA LYS A 109 31.52 33.32 -15.73
C LYS A 109 31.78 31.92 -16.27
N GLY A 110 32.44 31.82 -17.43
CA GLY A 110 32.73 30.51 -17.99
C GLY A 110 33.72 29.72 -17.17
N ALA A 111 34.64 30.40 -16.50
CA ALA A 111 35.65 29.71 -15.70
C ALA A 111 35.02 28.98 -14.53
N LEU A 112 34.26 29.70 -13.70
CA LEU A 112 33.70 29.12 -12.48
C LEU A 112 32.75 27.98 -12.80
N LEU A 113 31.98 28.10 -13.89
CA LEU A 113 30.94 27.12 -14.19
C LEU A 113 31.51 25.74 -14.49
N SER A 114 32.78 25.65 -14.88
CA SER A 114 33.41 24.36 -15.12
C SER A 114 34.53 24.02 -14.14
N LEU A 115 35.12 25.01 -13.46
CA LEU A 115 35.89 24.67 -12.28
C LEU A 115 35.00 23.98 -11.24
N ILE A 116 33.72 24.36 -11.21
CA ILE A 116 32.73 23.59 -10.45
C ILE A 116 32.58 22.19 -11.03
N GLU A 117 32.47 22.11 -12.37
CA GLU A 117 32.26 20.81 -13.02
C GLU A 117 33.51 19.93 -12.97
N TYR A 118 34.69 20.52 -12.79
CA TYR A 118 35.90 19.72 -12.68
C TYR A 118 35.93 18.94 -11.36
N TYR A 119 35.78 19.65 -10.24
CA TYR A 119 35.75 19.00 -8.94
C TYR A 119 34.51 18.13 -8.74
N GLN A 120 33.55 18.19 -9.68
CA GLN A 120 32.30 17.45 -9.59
C GLN A 120 31.50 17.86 -8.33
N TRP A 121 31.07 19.11 -8.36
CA TRP A 121 30.23 19.68 -7.32
C TRP A 121 28.76 19.64 -7.74
N ASP A 122 27.87 19.39 -6.78
CA ASP A 122 26.44 19.47 -7.01
C ASP A 122 25.70 20.24 -5.93
N LYS A 123 26.41 20.73 -4.90
CA LYS A 123 25.81 21.53 -3.85
C LYS A 123 26.91 22.35 -3.19
N PHE A 124 26.71 23.66 -3.10
CA PHE A 124 27.75 24.54 -2.59
C PHE A 124 27.13 25.87 -2.20
N ALA A 125 27.94 26.72 -1.56
CA ALA A 125 27.54 28.06 -1.20
C ALA A 125 28.03 29.05 -2.25
N TYR A 126 27.47 30.26 -2.23
CA TYR A 126 27.81 31.28 -3.21
C TYR A 126 27.57 32.64 -2.56
N LEU A 127 28.61 33.18 -1.92
CA LEU A 127 28.55 34.47 -1.26
C LEU A 127 29.04 35.53 -2.25
N TYR A 128 28.11 36.29 -2.82
CA TYR A 128 28.41 37.21 -3.90
C TYR A 128 28.36 38.65 -3.40
N ASP A 129 28.92 39.54 -4.23
CA ASP A 129 28.96 40.96 -3.96
C ASP A 129 28.42 41.69 -5.18
N SER A 130 27.32 42.43 -5.00
CA SER A 130 26.71 43.13 -6.12
C SER A 130 27.52 44.35 -6.57
N ASP A 131 28.71 44.59 -6.02
CA ASP A 131 29.54 45.70 -6.48
C ASP A 131 30.04 45.51 -7.90
N ARG A 132 30.06 44.28 -8.40
CA ARG A 132 30.56 43.97 -9.73
C ARG A 132 29.50 43.26 -10.56
N GLY A 133 28.25 43.69 -10.44
CA GLY A 133 27.19 43.17 -11.28
C GLY A 133 26.68 41.79 -10.91
N LEU A 134 25.38 41.58 -11.10
CA LEU A 134 24.76 40.28 -10.86
C LEU A 134 24.91 39.33 -12.04
N SER A 135 25.87 39.58 -12.92
CA SER A 135 26.06 38.74 -14.09
C SER A 135 26.45 37.32 -13.69
N THR A 136 27.39 37.19 -12.75
CA THR A 136 27.85 35.86 -12.35
C THR A 136 26.78 35.09 -11.59
N LEU A 137 25.95 35.78 -10.81
CA LEU A 137 24.93 35.10 -10.02
C LEU A 137 23.88 34.44 -10.91
N GLN A 138 23.45 35.13 -11.97
CA GLN A 138 22.46 34.54 -12.87
C GLN A 138 23.04 33.33 -13.59
N ALA A 139 24.35 33.32 -13.82
CA ALA A 139 24.98 32.19 -14.50
C ALA A 139 24.86 30.92 -13.66
N VAL A 140 25.29 30.98 -12.40
CA VAL A 140 25.25 29.79 -11.56
C VAL A 140 23.80 29.37 -11.29
N LEU A 141 22.89 30.35 -11.17
CA LEU A 141 21.50 30.01 -10.90
C LEU A 141 20.83 29.40 -12.13
N ASP A 142 21.13 29.92 -13.32
CA ASP A 142 20.59 29.31 -14.53
C ASP A 142 21.10 27.90 -14.72
N SER A 143 22.39 27.68 -14.46
CA SER A 143 22.96 26.34 -14.52
C SER A 143 22.62 25.50 -13.30
N ALA A 144 22.07 26.11 -12.25
CA ALA A 144 21.68 25.33 -11.08
C ALA A 144 20.46 24.45 -11.37
N ALA A 145 19.50 24.98 -12.12
CA ALA A 145 18.29 24.24 -12.43
C ALA A 145 18.48 23.26 -13.58
N GLU A 146 19.51 23.47 -14.42
CA GLU A 146 19.77 22.56 -15.52
C GLU A 146 20.43 21.27 -15.04
N LYS A 147 21.48 21.40 -14.25
CA LYS A 147 22.19 20.25 -13.69
C LYS A 147 21.60 19.79 -12.36
N LYS A 148 20.44 20.32 -11.98
CA LYS A 148 19.79 19.98 -10.71
C LYS A 148 20.72 20.21 -9.53
N TRP A 149 21.50 21.29 -9.59
CA TRP A 149 22.33 21.70 -8.46
C TRP A 149 21.44 22.19 -7.32
N GLN A 150 22.06 22.30 -6.14
CA GLN A 150 21.39 22.83 -4.94
C GLN A 150 22.30 23.89 -4.35
N VAL A 151 22.10 25.14 -4.77
CA VAL A 151 22.99 26.24 -4.44
C VAL A 151 22.35 27.10 -3.35
N THR A 152 23.21 27.77 -2.58
CA THR A 152 22.79 28.73 -1.57
C THR A 152 23.46 30.06 -1.89
N ALA A 153 22.70 30.99 -2.48
CA ALA A 153 23.22 32.30 -2.88
C ALA A 153 22.89 33.32 -1.80
N ILE A 154 23.92 33.98 -1.28
CA ILE A 154 23.78 34.94 -0.20
C ILE A 154 24.36 36.27 -0.65
N ASN A 155 23.54 37.32 -0.61
CA ASN A 155 24.01 38.67 -0.91
C ASN A 155 24.86 39.20 0.23
N VAL A 156 26.10 38.74 0.31
CA VAL A 156 26.98 39.02 1.44
C VAL A 156 27.54 40.43 1.33
N GLY A 157 27.23 41.10 0.22
CA GLY A 157 27.75 42.44 0.01
C GLY A 157 27.21 43.45 1.02
N ASN A 158 25.89 43.50 1.17
CA ASN A 158 25.25 44.47 2.06
C ASN A 158 25.37 43.99 3.51
N ILE A 159 26.54 44.25 4.10
CA ILE A 159 26.78 43.96 5.51
C ILE A 159 27.56 45.13 6.10
N ASN A 160 27.20 45.51 7.32
CA ASN A 160 27.85 46.62 7.99
C ASN A 160 29.14 46.17 8.67
N ASN A 161 30.16 47.03 8.62
CA ASN A 161 31.47 46.67 9.15
C ASN A 161 31.58 46.86 10.67
N ASP A 162 30.56 47.41 11.32
CA ASP A 162 30.60 47.54 12.77
C ASP A 162 30.05 46.31 13.48
N LYS A 163 28.95 45.75 12.99
CA LYS A 163 28.42 44.48 13.47
C LYS A 163 28.93 43.31 12.63
N LYS A 164 30.21 43.33 12.28
CA LYS A 164 30.76 42.33 11.37
C LYS A 164 31.16 41.03 12.07
N ASP A 165 31.35 41.07 13.40
CA ASP A 165 31.72 39.86 14.13
C ASP A 165 30.51 39.03 14.53
N GLU A 166 29.36 39.65 14.78
CA GLU A 166 28.17 38.90 15.17
C GLU A 166 27.35 38.43 13.97
N THR A 167 27.50 39.07 12.82
CA THR A 167 26.79 38.65 11.61
C THR A 167 27.55 37.57 10.86
N TYR A 168 28.88 37.65 10.81
CA TYR A 168 29.66 36.59 10.18
C TYR A 168 29.55 35.28 10.93
N ARG A 169 29.66 35.34 12.27
CA ARG A 169 29.41 34.14 13.06
C ARG A 169 27.99 33.62 12.85
N SER A 170 27.04 34.52 12.57
CA SER A 170 25.68 34.11 12.30
C SER A 170 25.52 33.50 10.91
N LEU A 171 26.27 33.98 9.92
CA LEU A 171 26.21 33.40 8.59
C LEU A 171 26.67 31.95 8.60
N PHE A 172 27.82 31.68 9.22
CA PHE A 172 28.30 30.31 9.31
C PHE A 172 27.41 29.46 10.21
N GLN A 173 26.73 30.09 11.17
CA GLN A 173 25.68 29.37 11.89
C GLN A 173 24.54 28.98 10.96
N ASP A 174 24.26 29.80 9.95
CA ASP A 174 23.27 29.44 8.93
C ASP A 174 23.83 28.41 7.95
N LEU A 175 25.07 28.62 7.49
CA LEU A 175 25.68 27.64 6.59
C LEU A 175 25.98 26.32 7.28
N GLU A 176 26.03 26.30 8.61
CA GLU A 176 26.21 25.06 9.35
C GLU A 176 24.96 24.20 9.35
N LEU A 177 23.81 24.74 8.92
CA LEU A 177 22.58 23.97 8.92
C LEU A 177 22.62 22.87 7.85
N LYS A 178 23.23 23.15 6.71
CA LYS A 178 23.44 22.15 5.68
C LYS A 178 24.83 21.53 5.73
N LYS A 179 25.63 21.91 6.73
CA LYS A 179 27.02 21.46 6.86
C LYS A 179 27.79 21.71 5.56
N GLU A 180 27.62 22.91 5.02
CA GLU A 180 28.25 23.26 3.75
C GLU A 180 29.77 23.24 3.88
N ARG A 181 30.41 22.51 2.97
CA ARG A 181 31.88 22.41 2.96
C ARG A 181 32.45 22.81 1.61
N ARG A 182 31.66 23.47 0.77
CA ARG A 182 32.12 23.93 -0.55
C ARG A 182 31.52 25.31 -0.78
N VAL A 183 32.38 26.33 -0.80
CA VAL A 183 31.94 27.72 -0.89
C VAL A 183 32.64 28.38 -2.08
N ILE A 184 31.99 29.41 -2.61
CA ILE A 184 32.54 30.24 -3.68
C ILE A 184 32.41 31.69 -3.26
N LEU A 185 33.54 32.37 -3.12
CA LEU A 185 33.56 33.78 -2.73
C LEU A 185 33.62 34.64 -3.99
N ASP A 186 32.62 35.49 -4.17
CA ASP A 186 32.52 36.36 -5.34
C ASP A 186 32.57 37.83 -4.94
N CYS A 187 33.45 38.16 -4.00
CA CYS A 187 33.68 39.54 -3.60
C CYS A 187 34.93 40.07 -4.31
N GLU A 188 35.10 41.39 -4.24
CA GLU A 188 36.36 41.97 -4.67
C GLU A 188 37.47 41.52 -3.73
N ARG A 189 38.72 41.63 -4.20
CA ARG A 189 39.87 41.15 -3.45
C ARG A 189 40.01 41.81 -2.09
N ASP A 190 39.15 42.79 -1.79
CA ASP A 190 39.14 43.45 -0.49
C ASP A 190 38.25 42.71 0.50
N LYS A 191 36.98 42.52 0.15
CA LYS A 191 36.07 41.80 1.04
C LYS A 191 36.42 40.33 1.17
N VAL A 192 37.19 39.77 0.24
CA VAL A 192 37.64 38.39 0.37
C VAL A 192 38.58 38.25 1.56
N ASN A 193 39.53 39.18 1.69
CA ASN A 193 40.45 39.15 2.83
C ASN A 193 39.74 39.40 4.15
N ASP A 194 38.52 39.95 4.12
CA ASP A 194 37.73 40.07 5.33
C ASP A 194 37.07 38.75 5.70
N ILE A 195 36.51 38.06 4.71
CA ILE A 195 35.93 36.74 4.96
C ILE A 195 37.01 35.75 5.37
N VAL A 196 38.18 35.85 4.75
CA VAL A 196 39.29 34.94 5.07
C VAL A 196 39.62 35.01 6.55
N ASP A 197 39.81 36.23 7.08
CA ASP A 197 40.17 36.37 8.49
C ASP A 197 39.07 35.89 9.41
N GLN A 198 37.82 35.93 8.98
CA GLN A 198 36.71 35.46 9.79
C GLN A 198 36.48 33.96 9.66
N VAL A 199 36.96 33.35 8.59
CA VAL A 199 36.93 31.88 8.52
C VAL A 199 37.95 31.30 9.48
N ILE A 200 39.07 32.00 9.70
CA ILE A 200 40.09 31.52 10.63
C ILE A 200 39.60 31.61 12.06
N THR A 201 38.83 32.66 12.37
CA THR A 201 38.38 32.87 13.75
C THR A 201 37.55 31.70 14.26
N ILE A 202 36.66 31.16 13.41
CA ILE A 202 35.81 30.05 13.80
C ILE A 202 36.43 28.70 13.46
N GLY A 203 37.63 28.68 12.91
CA GLY A 203 38.29 27.42 12.58
C GLY A 203 37.62 26.62 11.49
N LYS A 204 37.00 27.29 10.52
CA LYS A 204 36.34 26.61 9.40
C LYS A 204 37.25 26.55 8.17
N HIS A 205 38.51 26.20 8.41
CA HIS A 205 39.51 26.13 7.34
C HIS A 205 40.39 24.90 7.47
N VAL A 206 39.92 23.86 8.18
CA VAL A 206 40.72 22.68 8.43
C VAL A 206 40.48 21.67 7.32
N LYS A 207 40.91 20.42 7.55
CA LYS A 207 40.65 19.35 6.60
C LYS A 207 39.16 19.16 6.40
N GLY A 208 38.69 19.38 5.17
CA GLY A 208 37.28 19.24 4.86
C GLY A 208 36.73 20.38 4.05
N TYR A 209 37.00 21.61 4.47
CA TYR A 209 36.51 22.78 3.76
C TYR A 209 37.24 22.94 2.43
N HIS A 210 36.55 23.56 1.48
CA HIS A 210 37.10 23.74 0.13
C HIS A 210 36.47 25.00 -0.48
N TYR A 211 37.28 26.01 -0.74
CA TYR A 211 36.80 27.29 -1.20
C TYR A 211 37.29 27.57 -2.62
N ILE A 212 36.59 28.47 -3.30
CA ILE A 212 36.96 28.90 -4.64
C ILE A 212 36.80 30.41 -4.70
N ILE A 213 37.92 31.12 -4.80
CA ILE A 213 37.88 32.58 -4.91
C ILE A 213 37.54 32.94 -6.35
N ALA A 214 36.46 33.69 -6.54
CA ALA A 214 35.95 34.01 -7.87
C ALA A 214 36.33 35.44 -8.26
N ASN A 215 37.64 35.64 -8.41
CA ASN A 215 38.15 36.86 -9.02
C ASN A 215 39.49 36.54 -9.67
N LEU A 216 39.94 37.44 -10.53
CA LEU A 216 41.12 37.21 -11.36
C LEU A 216 42.41 37.57 -10.65
N GLY A 217 42.40 37.69 -9.33
CA GLY A 217 43.60 37.99 -8.58
C GLY A 217 43.85 37.04 -7.43
N PHE A 218 44.09 35.77 -7.75
CA PHE A 218 44.33 34.78 -6.70
C PHE A 218 45.58 35.12 -5.90
N THR A 219 46.71 35.30 -6.59
CA THR A 219 47.96 35.66 -5.90
C THR A 219 47.95 37.09 -5.38
N ASP A 220 46.95 37.90 -5.75
CA ASP A 220 46.92 39.29 -5.30
C ASP A 220 46.55 39.38 -3.83
N GLY A 221 45.37 38.87 -3.47
CA GLY A 221 44.96 38.87 -2.08
C GLY A 221 45.87 38.00 -1.22
N ASP A 222 45.81 38.25 0.08
CA ASP A 222 46.65 37.52 1.02
C ASP A 222 46.13 36.10 1.19
N LEU A 223 46.93 35.12 0.77
CA LEU A 223 46.56 33.71 0.86
C LEU A 223 47.31 32.95 1.93
N LEU A 224 48.31 33.56 2.57
CA LEU A 224 49.16 32.84 3.51
C LEU A 224 48.46 32.54 4.82
N LYS A 225 47.33 33.20 5.09
CA LYS A 225 46.66 33.03 6.38
C LYS A 225 45.77 31.79 6.41
N ILE A 226 45.36 31.26 5.26
CA ILE A 226 44.53 30.07 5.19
C ILE A 226 45.19 28.95 4.40
N GLN A 227 46.52 29.01 4.26
CA GLN A 227 47.20 28.06 3.39
C GLN A 227 47.45 26.72 4.07
N PHE A 228 47.72 26.71 5.37
CA PHE A 228 48.14 25.50 6.08
C PHE A 228 47.04 24.88 6.93
N GLY A 229 45.85 25.48 6.95
CA GLY A 229 44.76 24.91 7.73
C GLY A 229 44.39 23.50 7.31
N GLY A 230 44.70 23.10 6.08
CA GLY A 230 44.33 21.81 5.55
C GLY A 230 43.18 21.86 4.56
N ALA A 231 42.56 23.03 4.37
CA ALA A 231 41.46 23.18 3.44
C ALA A 231 41.98 23.53 2.06
N GLU A 232 41.49 22.84 1.05
CA GLU A 232 41.89 23.12 -0.32
C GLU A 232 41.28 24.43 -0.80
N VAL A 233 42.11 25.29 -1.37
CA VAL A 233 41.68 26.60 -1.85
C VAL A 233 42.00 26.70 -3.33
N SER A 234 40.98 26.99 -4.14
CA SER A 234 41.14 27.17 -5.57
C SER A 234 40.86 28.61 -5.95
N GLY A 235 41.33 29.01 -7.11
CA GLY A 235 41.14 30.37 -7.56
C GLY A 235 41.52 30.55 -9.01
N PHE A 236 41.77 31.81 -9.38
CA PHE A 236 42.08 32.16 -10.75
C PHE A 236 43.14 33.26 -10.76
N GLN A 237 44.18 33.08 -11.57
CA GLN A 237 45.24 34.06 -11.73
C GLN A 237 45.37 34.40 -13.21
N ILE A 238 45.32 35.68 -13.54
CA ILE A 238 45.36 36.12 -14.93
C ILE A 238 46.77 36.59 -15.27
N VAL A 239 47.47 37.18 -14.30
CA VAL A 239 48.85 37.62 -14.50
C VAL A 239 49.77 36.43 -14.33
N ASP A 240 49.94 35.65 -15.39
CA ASP A 240 50.82 34.48 -15.34
C ASP A 240 52.26 34.96 -15.20
N TYR A 241 52.77 34.98 -13.97
CA TYR A 241 54.13 35.42 -13.73
C TYR A 241 55.17 34.48 -14.35
N ASP A 242 54.75 33.32 -14.86
CA ASP A 242 55.68 32.42 -15.52
C ASP A 242 56.12 32.96 -16.88
N ASP A 243 55.28 33.75 -17.54
CA ASP A 243 55.61 34.27 -18.85
C ASP A 243 56.78 35.26 -18.75
N SER A 244 57.69 35.20 -19.72
CA SER A 244 58.86 36.06 -19.71
C SER A 244 58.49 37.53 -19.89
N LEU A 245 57.39 37.81 -20.58
CA LEU A 245 56.96 39.19 -20.76
C LEU A 245 56.62 39.84 -19.42
N VAL A 246 55.84 39.13 -18.59
CA VAL A 246 55.50 39.66 -17.28
C VAL A 246 56.76 39.84 -16.44
N SER A 247 57.66 38.86 -16.48
CA SER A 247 58.89 38.96 -15.69
C SER A 247 59.76 40.12 -16.17
N LYS A 248 59.88 40.31 -17.49
CA LYS A 248 60.51 41.51 -18.02
C LYS A 248 59.88 42.76 -17.43
N PHE A 249 58.55 42.76 -17.30
CA PHE A 249 57.85 43.87 -16.67
C PHE A 249 58.10 43.89 -15.16
N ILE A 250 58.07 42.72 -14.51
CA ILE A 250 58.18 42.69 -13.05
C ILE A 250 59.57 43.09 -12.59
N GLU A 251 60.62 42.75 -13.35
CA GLU A 251 61.96 43.18 -12.98
C GLU A 251 62.06 44.69 -12.93
N ARG A 252 61.67 45.36 -14.03
CA ARG A 252 61.61 46.82 -14.04
C ARG A 252 60.60 47.33 -13.02
N TRP A 253 59.61 46.52 -12.65
CA TRP A 253 58.60 46.91 -11.68
C TRP A 253 59.16 46.89 -10.25
N SER A 254 59.89 45.84 -9.91
CA SER A 254 60.37 45.67 -8.54
C SER A 254 61.41 46.70 -8.14
N THR A 255 62.13 47.28 -9.11
CA THR A 255 63.19 48.23 -8.80
C THR A 255 62.71 49.67 -8.71
N LEU A 256 61.48 49.96 -9.15
CA LEU A 256 60.99 51.32 -9.12
C LEU A 256 60.81 51.81 -7.69
N GLU A 257 61.16 53.07 -7.46
CA GLU A 257 61.00 53.66 -6.14
C GLU A 257 59.51 53.77 -5.79
N GLU A 258 59.21 53.56 -4.50
CA GLU A 258 57.81 53.44 -4.10
C GLU A 258 57.16 54.79 -3.84
N LYS A 259 57.94 55.82 -3.48
CA LYS A 259 57.35 57.14 -3.30
C LYS A 259 56.79 57.67 -4.62
N GLU A 260 57.49 57.44 -5.72
CA GLU A 260 57.01 57.88 -7.02
C GLU A 260 55.93 56.95 -7.57
N TYR A 261 56.07 55.65 -7.33
CA TYR A 261 55.10 54.65 -7.80
C TYR A 261 54.55 53.91 -6.59
N PRO A 262 53.39 54.31 -6.06
CA PRO A 262 52.84 53.61 -4.90
C PRO A 262 52.38 52.20 -5.24
N GLY A 263 52.62 51.28 -4.31
CA GLY A 263 52.22 49.89 -4.52
C GLY A 263 52.93 49.22 -5.67
N ALA A 264 54.19 49.58 -5.94
CA ALA A 264 54.92 49.06 -7.08
C ALA A 264 56.26 48.43 -6.72
N HIS A 265 56.74 48.56 -5.49
CA HIS A 265 58.04 48.03 -5.10
C HIS A 265 57.98 46.54 -4.75
N THR A 266 56.84 45.89 -4.93
CA THR A 266 56.68 44.48 -4.63
C THR A 266 56.91 43.65 -5.90
N ALA A 267 56.69 42.34 -5.80
CA ALA A 267 56.90 41.42 -6.90
C ALA A 267 55.61 41.06 -7.63
N THR A 268 54.45 41.30 -7.04
CA THR A 268 53.17 41.01 -7.66
C THR A 268 52.42 42.31 -7.97
N ILE A 269 51.46 42.20 -8.88
CA ILE A 269 50.64 43.33 -9.30
C ILE A 269 49.19 42.87 -9.37
N LYS A 270 48.29 43.70 -8.84
CA LYS A 270 46.88 43.35 -8.84
C LYS A 270 46.38 43.21 -10.27
N TYR A 271 45.43 42.29 -10.47
CA TYR A 271 44.90 42.05 -11.80
C TYR A 271 44.22 43.29 -12.36
N THR A 272 43.65 44.12 -11.48
CA THR A 272 43.09 45.40 -11.92
C THR A 272 44.18 46.30 -12.49
N SER A 273 45.37 46.30 -11.87
CA SER A 273 46.45 47.14 -12.35
C SER A 273 47.13 46.56 -13.58
N ALA A 274 47.32 45.24 -13.61
CA ALA A 274 47.97 44.60 -14.75
C ALA A 274 47.19 44.81 -16.04
N LEU A 275 45.85 44.83 -15.95
CA LEU A 275 45.04 45.11 -17.14
C LEU A 275 45.20 46.55 -17.60
N THR A 276 45.46 47.47 -16.66
CA THR A 276 45.62 48.87 -17.02
C THR A 276 46.87 49.08 -17.87
N TYR A 277 47.99 48.50 -17.44
CA TYR A 277 49.21 48.53 -18.25
C TYR A 277 48.95 47.98 -19.65
N ASP A 278 48.16 46.90 -19.73
CA ASP A 278 47.80 46.33 -21.01
C ASP A 278 46.80 47.19 -21.77
N ALA A 279 46.07 48.07 -21.08
CA ALA A 279 45.11 48.93 -21.75
C ALA A 279 45.82 49.98 -22.60
N VAL A 280 46.92 50.53 -22.10
CA VAL A 280 47.66 51.55 -22.85
C VAL A 280 48.14 50.97 -24.18
N GLN A 281 48.70 49.75 -24.14
CA GLN A 281 49.20 49.13 -25.36
C GLN A 281 48.09 48.97 -26.40
N VAL A 282 46.86 48.71 -25.95
CA VAL A 282 45.72 48.64 -26.86
C VAL A 282 45.49 49.99 -27.52
N MET A 283 45.45 51.05 -26.73
CA MET A 283 45.15 52.38 -27.26
C MET A 283 46.28 52.88 -28.16
N THR A 284 47.53 52.65 -27.75
CA THR A 284 48.67 53.06 -28.58
C THR A 284 48.58 52.44 -29.96
N GLU A 285 48.46 51.12 -30.03
CA GLU A 285 48.39 50.43 -31.31
C GLU A 285 47.07 50.69 -32.04
N ALA A 286 46.03 51.12 -31.32
CA ALA A 286 44.78 51.49 -31.98
C ALA A 286 44.99 52.66 -32.93
N PHE A 287 45.63 53.73 -32.44
CA PHE A 287 45.84 54.91 -33.26
C PHE A 287 46.96 54.69 -34.27
N ARG A 288 47.99 53.92 -33.89
CA ARG A 288 49.06 53.59 -34.83
C ARG A 288 48.50 52.90 -36.07
N ASN A 289 47.45 52.09 -35.90
CA ASN A 289 46.80 51.48 -37.06
C ASN A 289 45.93 52.49 -37.80
N LEU A 290 45.36 53.47 -37.09
CA LEU A 290 44.65 54.55 -37.78
C LEU A 290 45.61 55.38 -38.62
N ARG A 291 46.85 55.54 -38.14
CA ARG A 291 47.88 56.19 -38.94
C ARG A 291 48.17 55.40 -40.21
N LYS A 292 48.60 54.14 -40.04
CA LYS A 292 49.01 53.32 -41.19
C LYS A 292 47.85 53.10 -42.16
N GLN A 293 46.62 53.06 -41.66
CA GLN A 293 45.46 52.94 -42.54
C GLN A 293 45.14 54.23 -43.27
N ARG A 294 45.94 55.28 -43.11
CA ARG A 294 45.68 56.60 -43.70
C ARG A 294 44.28 57.09 -43.32
N ILE A 295 43.99 57.08 -42.03
CA ILE A 295 42.69 57.47 -41.49
C ILE A 295 42.87 58.74 -40.68
N GLU A 296 42.06 59.74 -40.96
CA GLU A 296 42.07 61.02 -40.24
C GLU A 296 40.94 61.02 -39.23
N ILE A 297 41.28 61.18 -37.96
CA ILE A 297 40.32 61.04 -36.87
C ILE A 297 40.16 62.30 -36.04
N SER A 298 41.01 63.31 -36.23
CA SER A 298 40.99 64.48 -35.36
C SER A 298 39.63 65.16 -35.40
N ARG A 299 39.22 65.67 -34.23
CA ARG A 299 37.90 66.26 -34.10
C ARG A 299 37.82 67.55 -34.91
N ARG A 300 36.62 67.84 -35.42
CA ARG A 300 36.43 69.00 -36.27
C ARG A 300 36.21 70.29 -35.48
N GLY A 301 36.03 70.20 -34.17
CA GLY A 301 35.87 71.40 -33.37
C GLY A 301 35.31 71.07 -31.99
N ASN A 302 34.76 72.10 -31.35
CA ASN A 302 34.19 71.94 -30.01
C ASN A 302 33.09 70.89 -30.02
N ALA A 303 33.27 69.83 -29.23
CA ALA A 303 32.25 68.81 -29.12
C ALA A 303 30.99 69.32 -28.45
N GLY A 304 31.09 70.40 -27.68
CA GLY A 304 29.92 71.01 -27.08
C GLY A 304 29.50 70.36 -25.78
N ASP A 305 28.35 70.82 -25.29
CA ASP A 305 27.76 70.26 -24.09
C ASP A 305 27.25 68.85 -24.37
N CYS A 306 27.61 67.90 -23.50
CA CYS A 306 27.18 66.52 -23.67
C CYS A 306 25.66 66.40 -23.68
N LEU A 307 24.97 67.29 -22.96
CA LEU A 307 23.51 67.30 -22.91
C LEU A 307 22.88 67.88 -24.17
N ALA A 308 23.62 67.96 -25.27
CA ALA A 308 23.09 68.49 -26.52
C ALA A 308 21.94 67.63 -27.01
N ASN A 309 20.75 68.23 -27.14
CA ASN A 309 19.58 67.54 -27.64
C ASN A 309 19.17 68.16 -28.97
N PRO A 310 19.08 67.38 -30.06
CA PRO A 310 19.39 65.94 -30.12
C PRO A 310 20.90 65.65 -30.05
N ALA A 311 21.25 64.48 -29.54
CA ALA A 311 22.65 64.08 -29.40
C ALA A 311 23.24 63.79 -30.77
N VAL A 312 24.19 64.62 -31.19
CA VAL A 312 24.86 64.46 -32.47
C VAL A 312 26.11 63.61 -32.24
N PRO A 313 26.25 62.47 -32.92
CA PRO A 313 27.46 61.65 -32.75
C PRO A 313 28.48 61.92 -33.84
N TRP A 314 29.69 62.32 -33.44
CA TRP A 314 30.77 62.50 -34.40
C TRP A 314 31.07 61.17 -35.09
N GLY A 315 31.09 61.20 -36.42
CA GLY A 315 31.14 59.96 -37.19
C GLY A 315 32.44 59.19 -37.01
N GLN A 316 33.55 59.88 -36.80
CA GLN A 316 34.85 59.21 -36.69
C GLN A 316 34.96 58.36 -35.43
N GLY A 317 34.06 58.52 -34.45
CA GLY A 317 34.03 57.59 -33.34
C GLY A 317 33.80 56.15 -33.77
N VAL A 318 33.04 55.97 -34.86
CA VAL A 318 32.89 54.64 -35.45
C VAL A 318 34.24 54.08 -35.85
N GLU A 319 35.09 54.91 -36.46
CA GLU A 319 36.43 54.46 -36.82
C GLU A 319 37.29 54.25 -35.59
N ILE A 320 37.09 55.04 -34.53
CA ILE A 320 37.82 54.82 -33.29
C ILE A 320 37.38 53.51 -32.64
N GLU A 321 36.06 53.27 -32.61
CA GLU A 321 35.55 51.98 -32.18
C GLU A 321 36.18 50.85 -33.01
N ARG A 322 36.09 50.97 -34.33
CA ARG A 322 36.67 49.95 -35.20
C ARG A 322 38.19 49.87 -35.03
N ALA A 323 38.83 50.98 -34.69
CA ALA A 323 40.27 50.94 -34.43
C ALA A 323 40.57 50.21 -33.13
N LEU A 324 39.91 50.62 -32.05
CA LEU A 324 40.12 49.98 -30.75
C LEU A 324 39.67 48.52 -30.76
N LYS A 325 38.52 48.24 -31.38
CA LYS A 325 38.04 46.85 -31.41
C LYS A 325 38.78 45.99 -32.43
N GLN A 326 39.79 46.54 -33.12
CA GLN A 326 40.64 45.74 -33.99
C GLN A 326 42.11 45.77 -33.54
N VAL A 327 42.38 46.22 -32.32
CA VAL A 327 43.74 46.10 -31.79
C VAL A 327 44.01 44.66 -31.41
N GLN A 328 45.30 44.31 -31.34
CA GLN A 328 45.70 42.97 -30.93
C GLN A 328 47.17 43.02 -30.51
N VAL A 329 47.42 42.90 -29.21
CA VAL A 329 48.75 42.97 -28.64
C VAL A 329 48.87 41.94 -27.52
N GLU A 330 50.04 41.90 -26.88
CA GLU A 330 50.33 40.98 -25.80
C GLU A 330 50.88 41.75 -24.61
N GLY A 331 50.44 41.39 -23.42
CA GLY A 331 50.84 42.08 -22.20
C GLY A 331 50.89 41.16 -21.00
N LEU A 332 50.58 41.71 -19.83
CA LEU A 332 50.69 40.96 -18.59
C LEU A 332 49.56 39.95 -18.44
N SER A 333 48.36 40.30 -18.89
CA SER A 333 47.22 39.41 -18.85
C SER A 333 47.25 38.35 -19.95
N GLY A 334 48.40 38.10 -20.53
CA GLY A 334 48.48 37.12 -21.62
C GLY A 334 48.06 37.76 -22.91
N ASN A 335 47.23 37.06 -23.67
CA ASN A 335 46.75 37.56 -24.95
C ASN A 335 45.67 38.61 -24.75
N ILE A 336 45.48 39.45 -25.76
CA ILE A 336 44.53 40.57 -25.71
C ILE A 336 43.85 40.69 -27.07
N LYS A 337 42.52 40.72 -27.07
CA LYS A 337 41.75 40.85 -28.29
C LYS A 337 40.32 41.23 -27.91
N PHE A 338 39.59 41.76 -28.90
CA PHE A 338 38.22 42.23 -28.68
C PHE A 338 37.34 41.88 -29.86
N ASP A 339 36.05 41.69 -29.58
CA ASP A 339 35.06 41.39 -30.59
C ASP A 339 34.47 42.69 -31.14
N GLN A 340 33.35 42.59 -31.86
CA GLN A 340 32.66 43.79 -32.33
C GLN A 340 31.93 44.51 -31.22
N ASN A 341 31.80 43.90 -30.04
CA ASN A 341 31.15 44.52 -28.90
C ASN A 341 32.13 45.04 -27.88
N GLY A 342 33.41 44.69 -27.99
CA GLY A 342 34.42 45.12 -27.06
C GLY A 342 34.71 44.17 -25.92
N LYS A 343 34.06 43.01 -25.90
CA LYS A 343 34.33 42.03 -24.86
C LYS A 343 35.70 41.39 -25.06
N ARG A 344 36.30 40.96 -23.95
CA ARG A 344 37.56 40.24 -24.03
C ARG A 344 37.34 38.88 -24.70
N ILE A 345 38.25 38.53 -25.62
CA ILE A 345 38.17 37.28 -26.37
C ILE A 345 39.58 36.70 -26.52
N ASN A 346 39.63 35.39 -26.75
CA ASN A 346 40.88 34.68 -27.03
C ASN A 346 41.87 34.82 -25.89
N TYR A 347 41.40 34.60 -24.66
CA TYR A 347 42.21 34.79 -23.47
C TYR A 347 42.42 33.46 -22.75
N THR A 348 43.18 33.52 -21.66
CA THR A 348 43.54 32.34 -20.89
C THR A 348 43.63 32.72 -19.41
N ILE A 349 42.84 32.05 -18.57
CA ILE A 349 42.87 32.26 -17.13
C ILE A 349 43.55 31.06 -16.48
N ASN A 350 44.66 31.31 -15.80
CA ASN A 350 45.35 30.25 -15.08
C ASN A 350 44.58 29.88 -13.83
N ILE A 351 44.30 28.60 -13.67
CA ILE A 351 43.64 28.09 -12.47
C ILE A 351 44.72 27.68 -11.48
N MET A 352 44.60 28.17 -10.25
CA MET A 352 45.61 27.96 -9.22
C MET A 352 44.99 27.26 -8.03
N GLU A 353 45.59 26.16 -7.61
CA GLU A 353 45.22 25.47 -6.37
C GLU A 353 46.23 25.84 -5.29
N LEU A 354 45.73 26.31 -4.16
CA LEU A 354 46.59 26.69 -3.03
C LEU A 354 46.94 25.43 -2.25
N LYS A 355 48.15 24.91 -2.47
CA LYS A 355 48.62 23.75 -1.75
C LYS A 355 49.44 24.21 -0.54
N THR A 356 50.27 23.32 0.01
CA THR A 356 51.12 23.70 1.14
C THR A 356 52.32 24.52 0.68
N ASN A 357 52.74 24.37 -0.57
CA ASN A 357 53.89 25.10 -1.11
C ASN A 357 53.50 26.41 -1.78
N GLY A 358 52.26 26.87 -1.61
CA GLY A 358 51.83 28.13 -2.16
C GLY A 358 51.00 27.96 -3.41
N PRO A 359 50.76 29.07 -4.12
CA PRO A 359 49.96 29.00 -5.35
C PRO A 359 50.64 28.14 -6.40
N ARG A 360 49.88 27.19 -6.94
CA ARG A 360 50.41 26.21 -7.89
C ARG A 360 49.60 26.29 -9.18
N LYS A 361 50.27 26.55 -10.29
CA LYS A 361 49.64 26.58 -11.60
C LYS A 361 49.20 25.16 -11.94
N ILE A 362 48.05 24.77 -11.39
CA ILE A 362 47.53 23.43 -11.63
C ILE A 362 46.88 23.35 -13.00
N GLY A 363 46.02 24.31 -13.31
CA GLY A 363 45.22 24.25 -14.52
C GLY A 363 45.02 25.60 -15.18
N TYR A 364 44.07 25.65 -16.10
CA TYR A 364 43.72 26.83 -16.86
C TYR A 364 42.57 26.47 -17.79
N TRP A 365 41.85 27.49 -18.23
CA TRP A 365 40.74 27.34 -19.16
C TRP A 365 40.85 28.32 -20.33
N SER A 366 39.91 28.15 -21.24
CA SER A 366 39.74 29.03 -22.39
C SER A 366 38.28 28.94 -22.81
N GLU A 367 37.83 29.99 -23.50
CA GLU A 367 36.46 30.05 -23.98
C GLU A 367 36.17 28.97 -25.02
N VAL A 368 37.15 28.14 -25.37
CA VAL A 368 36.94 26.99 -26.24
C VAL A 368 37.33 25.69 -25.56
N ASP A 369 38.39 25.70 -24.76
CA ASP A 369 38.86 24.55 -24.02
C ASP A 369 38.82 24.84 -22.53
N LYS A 370 38.32 23.85 -21.80
CA LYS A 370 37.97 23.85 -20.38
C LYS A 370 38.77 22.83 -19.60
N MET A 371 39.58 23.32 -18.65
CA MET A 371 40.38 22.46 -17.78
C MET A 371 41.25 21.51 -18.58
N VAL A 372 42.44 21.97 -19.01
CA VAL A 372 43.29 21.13 -19.91
C VAL A 372 44.78 21.27 -19.56
N LEU A 373 45.16 21.26 -18.28
CA LEU A 373 46.61 21.30 -17.96
C LEU A 373 47.04 20.03 -17.24
N THR A 374 48.12 19.39 -17.70
CA THR A 374 48.66 18.21 -16.99
C THR A 374 49.32 18.68 -15.68
N GLU A 375 49.40 17.80 -14.69
CA GLU A 375 49.80 18.21 -13.32
C GLU A 375 51.23 18.75 -13.35
N ASP A 376 51.51 19.79 -12.57
CA ASP A 376 52.86 20.42 -12.55
C ASP A 376 53.88 19.39 -12.03
N ASP A 377 55.10 19.43 -12.57
CA ASP A 377 56.14 18.45 -12.17
C ASP A 377 56.43 18.61 -10.68
N THR A 378 56.49 19.86 -10.19
CA THR A 378 56.72 20.09 -8.74
C THR A 378 55.56 19.51 -7.95
N SER A 379 55.83 18.69 -6.93
CA SER A 379 54.80 18.03 -6.09
C SER A 379 55.57 17.16 -5.09
N GLY A 380 54.90 16.29 -4.33
CA GLY A 380 55.71 15.38 -3.48
C GLY A 380 55.00 14.06 -3.28
N LEU A 381 55.68 12.94 -3.62
CA LEU A 381 55.06 11.60 -3.51
C LEU A 381 54.89 11.21 -2.04
N GLU A 382 53.77 10.58 -1.69
CA GLU A 382 53.52 10.08 -0.30
C GLU A 382 53.66 11.21 0.72
N GLN A 383 53.21 12.43 0.38
CA GLN A 383 53.24 13.55 1.35
C GLN A 383 51.85 13.65 1.99
N LYS A 384 50.93 12.77 1.60
CA LYS A 384 49.54 12.85 2.10
C LYS A 384 49.37 12.01 3.38
N THR A 385 49.32 12.66 4.55
CA THR A 385 49.02 11.90 5.76
C THR A 385 47.55 11.55 5.74
N VAL A 386 47.23 10.34 5.31
CA VAL A 386 45.84 9.91 5.21
C VAL A 386 45.22 9.82 6.60
N VAL A 387 44.09 10.47 6.77
CA VAL A 387 43.40 10.51 8.07
C VAL A 387 42.48 9.30 8.16
N VAL A 388 42.62 8.54 9.24
CA VAL A 388 41.84 7.33 9.48
C VAL A 388 41.08 7.50 10.79
N THR A 389 39.84 7.03 10.82
CA THR A 389 38.99 7.16 12.00
C THR A 389 38.43 5.80 12.40
N THR A 390 38.19 5.63 13.69
CA THR A 390 37.68 4.38 14.24
C THR A 390 36.97 4.68 15.57
N ILE A 391 36.71 3.65 16.35
CA ILE A 391 35.96 3.78 17.59
C ILE A 391 36.63 2.94 18.68
N LEU A 392 36.68 3.49 19.89
CA LEU A 392 37.24 2.78 21.04
C LEU A 392 36.23 1.73 21.50
N GLU A 393 36.45 0.48 21.11
CA GLU A 393 35.59 -0.62 21.55
C GLU A 393 36.43 -1.89 21.56
N SER A 394 36.62 -2.46 22.75
CA SER A 394 37.44 -3.65 22.88
C SER A 394 36.83 -4.80 22.09
N PRO A 395 37.64 -5.62 21.43
CA PRO A 395 39.10 -5.49 21.34
C PRO A 395 39.55 -4.84 20.03
N TYR A 396 38.62 -4.24 19.29
CA TYR A 396 38.96 -3.63 18.01
C TYR A 396 40.01 -2.56 18.18
N VAL A 397 39.75 -1.57 19.03
CA VAL A 397 40.71 -0.51 19.32
C VAL A 397 40.75 -0.28 20.83
N MET A 398 41.75 -0.85 21.49
CA MET A 398 41.94 -0.67 22.92
C MET A 398 43.15 0.21 23.16
N MET A 399 43.02 1.15 24.09
CA MET A 399 44.17 1.90 24.54
C MET A 399 45.12 0.97 25.30
N LYS A 400 46.38 0.96 24.90
CA LYS A 400 47.39 0.20 25.63
C LYS A 400 47.35 0.59 27.10
N LYS A 401 47.69 -0.36 27.97
CA LYS A 401 47.74 -0.07 29.40
C LYS A 401 48.69 1.07 29.71
N ASN A 402 49.64 1.35 28.82
CA ASN A 402 50.55 2.47 28.95
C ASN A 402 50.29 3.49 27.85
N HIS A 403 49.02 3.89 27.68
CA HIS A 403 48.65 4.76 26.57
C HIS A 403 49.08 6.20 26.77
N GLU A 404 49.38 6.61 28.01
CA GLU A 404 49.76 7.99 28.26
C GLU A 404 51.22 8.28 27.92
N MET A 405 52.08 7.25 27.93
CA MET A 405 53.50 7.47 27.67
C MET A 405 53.84 7.37 26.19
N LEU A 406 53.07 6.62 25.42
CA LEU A 406 53.33 6.47 23.99
C LEU A 406 52.71 7.64 23.22
N GLU A 407 52.91 7.65 21.90
CA GLU A 407 52.41 8.73 21.07
C GLU A 407 52.22 8.22 19.65
N GLY A 408 51.27 8.82 18.94
CA GLY A 408 51.05 8.46 17.55
C GLY A 408 50.17 7.23 17.42
N ASN A 409 50.66 6.24 16.68
CA ASN A 409 49.93 5.01 16.45
C ASN A 409 50.23 3.92 17.47
N GLU A 410 51.30 4.07 18.26
CA GLU A 410 51.61 3.10 19.30
C GLU A 410 50.67 3.20 20.50
N ARG A 411 49.92 4.30 20.63
CA ARG A 411 49.01 4.45 21.76
C ARG A 411 47.91 3.40 21.72
N TYR A 412 47.40 3.08 20.54
CA TYR A 412 46.26 2.20 20.39
C TYR A 412 46.70 0.84 19.85
N GLU A 413 46.11 -0.22 20.40
CA GLU A 413 46.34 -1.57 19.95
C GLU A 413 45.00 -2.26 19.77
N GLY A 414 44.95 -3.23 18.87
CA GLY A 414 43.74 -4.01 18.66
C GLY A 414 43.69 -4.56 17.25
N TYR A 415 42.53 -5.12 16.92
CA TYR A 415 42.36 -5.78 15.62
C TYR A 415 42.51 -4.79 14.48
N CYS A 416 41.92 -3.59 14.60
CA CYS A 416 42.00 -2.62 13.52
C CYS A 416 43.38 -1.98 13.42
N VAL A 417 44.07 -1.81 14.57
CA VAL A 417 45.40 -1.22 14.54
C VAL A 417 46.35 -2.09 13.73
N ASP A 418 46.25 -3.41 13.87
CA ASP A 418 47.03 -4.30 13.02
C ASP A 418 46.44 -4.37 11.62
N LEU A 419 45.12 -4.21 11.49
CA LEU A 419 44.51 -4.14 10.17
C LEU A 419 44.93 -2.88 9.42
N ALA A 420 45.11 -1.77 10.14
CA ALA A 420 45.53 -0.53 9.49
C ALA A 420 46.91 -0.67 8.86
N ALA A 421 47.87 -1.19 9.62
CA ALA A 421 49.22 -1.34 9.11
C ALA A 421 49.27 -2.33 7.95
N GLU A 422 48.42 -3.37 7.98
CA GLU A 422 48.39 -4.34 6.89
C GLU A 422 47.69 -3.79 5.66
N ILE A 423 46.70 -2.92 5.84
CA ILE A 423 46.11 -2.22 4.70
C ILE A 423 47.09 -1.20 4.14
N ALA A 424 47.81 -0.51 5.02
CA ALA A 424 48.86 0.42 4.59
C ALA A 424 50.11 -0.29 4.10
N LYS A 425 50.13 -1.62 4.10
CA LYS A 425 51.26 -2.38 3.56
C LYS A 425 51.05 -2.80 2.12
N HIS A 426 49.81 -3.04 1.71
CA HIS A 426 49.50 -3.38 0.33
C HIS A 426 48.93 -2.20 -0.46
N CYS A 427 48.88 -1.01 0.16
CA CYS A 427 48.55 0.22 -0.55
C CYS A 427 49.51 1.36 -0.23
N GLY A 428 50.34 1.24 0.81
CA GLY A 428 51.40 2.19 1.09
C GLY A 428 50.99 3.65 1.20
N PHE A 429 50.49 4.05 2.37
CA PHE A 429 50.14 5.45 2.59
C PHE A 429 50.35 5.77 4.07
N LYS A 430 50.89 6.96 4.32
CA LYS A 430 51.06 7.43 5.70
C LYS A 430 49.69 7.69 6.31
N TYR A 431 49.34 6.93 7.34
CA TYR A 431 48.03 7.01 7.96
C TYR A 431 48.17 7.51 9.40
N LYS A 432 47.32 8.46 9.77
CA LYS A 432 47.26 8.99 11.13
C LYS A 432 45.99 8.48 11.79
N LEU A 433 46.15 7.84 12.95
CA LEU A 433 45.04 7.22 13.65
C LEU A 433 44.32 8.27 14.51
N THR A 434 43.03 8.44 14.27
CA THR A 434 42.21 9.41 14.99
C THR A 434 40.95 8.74 15.50
N ILE A 435 40.47 9.21 16.65
CA ILE A 435 39.25 8.68 17.27
C ILE A 435 38.09 9.59 16.89
N VAL A 436 36.98 9.00 16.46
CA VAL A 436 35.80 9.74 16.05
C VAL A 436 35.16 10.36 17.29
N GLY A 437 34.14 11.19 17.08
CA GLY A 437 33.50 11.88 18.19
C GLY A 437 32.56 10.97 18.95
N ASP A 438 32.70 10.95 20.28
CA ASP A 438 31.75 10.35 21.22
C ASP A 438 31.35 8.92 20.87
N GLY A 439 32.27 8.18 20.24
CA GLY A 439 31.99 6.80 19.88
C GLY A 439 30.76 6.66 19.01
N LYS A 440 30.80 7.27 17.85
CA LYS A 440 29.64 7.43 16.98
C LYS A 440 29.61 6.36 15.90
N TYR A 441 28.40 6.02 15.46
CA TYR A 441 28.18 5.08 14.36
C TYR A 441 27.42 5.81 13.25
N GLY A 442 27.09 5.06 12.20
CA GLY A 442 26.39 5.64 11.06
C GLY A 442 24.89 5.73 11.25
N ALA A 443 24.36 6.94 11.40
CA ALA A 443 22.94 7.15 11.62
C ALA A 443 22.50 8.46 10.96
N ARG A 444 21.21 8.55 10.68
CA ARG A 444 20.64 9.72 10.01
C ARG A 444 19.41 10.18 10.79
N ASP A 445 19.35 11.48 11.07
CA ASP A 445 18.21 12.05 11.78
C ASP A 445 17.00 12.12 10.85
N ALA A 446 15.81 12.04 11.44
CA ALA A 446 14.58 12.14 10.67
C ALA A 446 14.16 13.59 10.42
N ASP A 447 14.30 14.44 11.44
CA ASP A 447 13.95 15.85 11.28
C ASP A 447 15.01 16.58 10.47
N THR A 448 16.24 16.64 10.98
CA THR A 448 17.28 17.43 10.35
C THR A 448 17.98 16.71 9.21
N LYS A 449 17.81 15.39 9.10
CA LYS A 449 18.45 14.58 8.05
C LYS A 449 19.96 14.81 8.02
N ILE A 450 20.56 14.94 9.20
CA ILE A 450 22.00 15.14 9.34
C ILE A 450 22.64 13.83 9.74
N TRP A 451 23.69 13.45 9.02
CA TRP A 451 24.43 12.24 9.34
C TRP A 451 25.46 12.50 10.43
N ASN A 452 25.69 11.50 11.26
CA ASN A 452 26.69 11.54 12.30
C ASN A 452 27.51 10.27 12.27
N GLY A 453 28.69 10.33 12.87
CA GLY A 453 29.46 9.13 13.11
C GLY A 453 30.72 9.06 12.26
N MET A 454 31.34 7.87 12.30
CA MET A 454 32.44 7.58 11.40
C MET A 454 32.02 7.76 9.95
N VAL A 455 30.79 7.34 9.63
CA VAL A 455 30.24 7.61 8.31
C VAL A 455 30.07 9.11 8.11
N GLY A 456 29.75 9.84 9.18
CA GLY A 456 29.59 11.28 9.06
C GLY A 456 30.90 12.01 8.78
N GLU A 457 31.98 11.56 9.40
CA GLU A 457 33.28 12.18 9.19
C GLU A 457 33.91 11.76 7.87
N LEU A 458 33.27 10.89 7.09
CA LEU A 458 33.75 10.55 5.77
C LEU A 458 33.08 11.36 4.67
N VAL A 459 31.85 11.82 4.91
CA VAL A 459 31.15 12.64 3.93
C VAL A 459 31.39 14.13 4.14
N TYR A 460 31.90 14.53 5.31
CA TYR A 460 32.12 15.93 5.63
C TYR A 460 33.58 16.36 5.49
N GLY A 461 34.46 15.45 5.07
CA GLY A 461 35.84 15.81 4.77
C GLY A 461 36.78 15.83 5.95
N LYS A 462 36.29 15.60 7.18
CA LYS A 462 37.15 15.62 8.35
C LYS A 462 38.05 14.38 8.44
N ALA A 463 37.91 13.42 7.53
CA ALA A 463 38.75 12.24 7.52
C ALA A 463 38.74 11.66 6.11
N ASP A 464 39.69 10.76 5.85
CA ASP A 464 39.84 10.16 4.53
C ASP A 464 39.34 8.72 4.44
N ILE A 465 39.35 7.97 5.56
CA ILE A 465 38.92 6.59 5.54
C ILE A 465 38.53 6.19 6.96
N ALA A 466 37.61 5.23 7.07
CA ALA A 466 37.13 4.74 8.35
C ALA A 466 37.28 3.23 8.39
N ILE A 467 38.03 2.74 9.37
CA ILE A 467 38.26 1.30 9.56
C ILE A 467 37.77 0.94 10.96
N ALA A 468 36.66 0.21 11.03
CA ALA A 468 36.05 -0.14 12.31
C ALA A 468 34.96 -1.18 12.09
N PRO A 469 34.47 -1.85 13.16
CA PRO A 469 33.31 -2.72 13.00
C PRO A 469 32.04 -1.95 12.64
N LEU A 470 31.90 -1.59 11.38
CA LEU A 470 30.80 -0.78 10.89
C LEU A 470 29.81 -1.67 10.15
N THR A 471 28.59 -1.78 10.67
CA THR A 471 27.58 -2.62 10.05
C THR A 471 27.26 -2.15 8.64
N ILE A 472 27.34 -3.08 7.68
CA ILE A 472 27.08 -2.77 6.28
C ILE A 472 25.56 -2.73 6.08
N THR A 473 25.03 -1.54 5.83
CA THR A 473 23.60 -1.34 5.65
C THR A 473 23.35 -0.58 4.36
N LEU A 474 22.09 -0.61 3.91
CA LEU A 474 21.73 0.06 2.67
C LEU A 474 21.75 1.57 2.82
N VAL A 475 21.23 2.08 3.94
CA VAL A 475 21.22 3.52 4.16
C VAL A 475 22.63 4.08 4.22
N ARG A 476 23.60 3.25 4.62
CA ARG A 476 25.00 3.65 4.60
C ARG A 476 25.64 3.46 3.24
N GLU A 477 25.10 2.56 2.40
CA GLU A 477 25.72 2.30 1.10
C GLU A 477 25.37 3.38 0.08
N GLU A 478 24.21 4.03 0.22
CA GLU A 478 23.81 5.06 -0.71
C GLU A 478 24.60 6.36 -0.55
N VAL A 479 25.48 6.45 0.45
CA VAL A 479 26.17 7.71 0.73
C VAL A 479 27.68 7.54 0.67
N ILE A 480 28.19 6.36 1.06
CA ILE A 480 29.62 6.08 1.01
C ILE A 480 29.83 4.76 0.27
N ASP A 481 31.11 4.44 0.06
CA ASP A 481 31.51 3.22 -0.65
C ASP A 481 32.04 2.22 0.38
N PHE A 482 31.28 1.15 0.60
CA PHE A 482 31.72 0.08 1.47
C PHE A 482 32.64 -0.87 0.70
N SER A 483 33.69 -1.32 1.36
CA SER A 483 34.55 -2.36 0.81
C SER A 483 33.83 -3.70 0.93
N LYS A 484 34.51 -4.78 0.58
CA LYS A 484 33.95 -6.10 0.79
C LYS A 484 34.00 -6.44 2.28
N PRO A 485 33.07 -7.27 2.76
CA PRO A 485 33.01 -7.54 4.21
C PRO A 485 34.24 -8.29 4.69
N PHE A 486 34.88 -7.74 5.71
CA PHE A 486 36.07 -8.34 6.30
C PHE A 486 35.78 -9.13 7.57
N MET A 487 34.51 -9.26 7.95
CA MET A 487 34.13 -10.00 9.15
C MET A 487 32.64 -10.29 9.16
N SER A 488 32.26 -11.55 8.95
CA SER A 488 30.87 -11.94 8.96
C SER A 488 30.38 -12.17 10.39
N LEU A 489 29.11 -11.90 10.62
CA LEU A 489 28.53 -12.05 11.95
C LEU A 489 27.02 -12.20 11.82
N GLY A 490 26.39 -12.45 12.97
CA GLY A 490 24.95 -12.58 13.01
C GLY A 490 24.47 -12.60 14.45
N ILE A 491 23.18 -12.31 14.62
CA ILE A 491 22.58 -12.32 15.94
C ILE A 491 22.58 -13.75 16.47
N SER A 492 23.13 -13.94 17.66
CA SER A 492 23.31 -15.27 18.24
C SER A 492 22.64 -15.34 19.61
N ILE A 493 22.91 -16.42 20.33
CA ILE A 493 22.32 -16.68 21.64
C ILE A 493 23.43 -16.83 22.66
N MET A 494 23.24 -16.20 23.82
CA MET A 494 24.18 -16.31 24.94
C MET A 494 23.43 -16.80 26.16
N ILE A 495 23.80 -17.99 26.65
CA ILE A 495 23.25 -18.54 27.88
C ILE A 495 24.41 -18.83 28.83
N LYS A 496 24.19 -18.57 30.11
CA LYS A 496 25.19 -18.92 31.12
C LYS A 496 25.34 -20.43 31.16
N LYS A 497 26.48 -20.93 30.69
CA LYS A 497 26.74 -22.36 30.63
C LYS A 497 26.74 -22.96 32.03
N PRO A 498 25.80 -23.84 32.45
CA PRO A 498 25.77 -24.32 33.83
C PRO A 498 26.47 -25.68 33.99
N GLN A 499 25.88 -26.56 34.81
CA GLN A 499 26.25 -28.00 34.94
C GLN A 499 27.57 -28.13 35.70
N LYS A 500 28.02 -27.04 36.33
CA LYS A 500 29.26 -27.08 37.16
C LYS A 500 28.87 -27.42 38.59
N SER A 501 27.56 -27.51 38.87
CA SER A 501 27.08 -27.82 40.23
C SER A 501 27.54 -29.24 40.62
N LYS A 502 27.99 -29.42 41.86
CA LYS A 502 28.63 -30.70 42.27
C LYS A 502 27.69 -31.43 43.23
N PRO A 503 27.30 -32.70 42.94
CA PRO A 503 26.48 -33.48 43.85
C PRO A 503 27.25 -33.82 45.15
N GLY A 504 26.55 -33.86 46.28
CA GLY A 504 27.21 -34.10 47.58
C GLY A 504 26.53 -35.23 48.33
N VAL A 505 27.04 -35.61 49.51
CA VAL A 505 26.31 -36.63 50.32
C VAL A 505 24.86 -36.15 50.49
N PHE A 506 24.64 -34.82 50.49
CA PHE A 506 23.30 -34.27 50.64
C PHE A 506 22.44 -34.49 49.39
N SER A 507 23.00 -35.11 48.35
CA SER A 507 22.26 -35.45 47.15
C SER A 507 22.04 -36.95 46.97
N PHE A 508 22.79 -37.80 47.69
CA PHE A 508 22.48 -39.23 47.69
C PHE A 508 21.09 -39.48 48.26
N LEU A 509 20.77 -38.83 49.38
CA LEU A 509 19.45 -38.91 49.97
C LEU A 509 18.49 -37.88 49.39
N ASP A 510 18.93 -37.03 48.47
CA ASP A 510 18.03 -36.09 47.82
C ASP A 510 16.89 -36.76 47.05
N PRO A 511 17.03 -38.00 46.52
CA PRO A 511 15.86 -38.72 46.01
C PRO A 511 14.66 -38.68 46.95
N LEU A 512 14.76 -39.37 48.08
CA LEU A 512 13.71 -39.38 49.08
C LEU A 512 13.78 -38.12 49.94
N ALA A 513 12.64 -37.46 50.13
CA ALA A 513 12.65 -36.15 50.77
C ALA A 513 13.17 -36.24 52.21
N TYR A 514 13.64 -35.10 52.72
CA TYR A 514 14.28 -35.01 54.02
C TYR A 514 13.36 -35.41 55.17
N GLU A 515 12.09 -35.69 54.91
CA GLU A 515 11.14 -36.09 55.93
C GLU A 515 10.83 -37.59 55.91
N ILE A 516 11.23 -38.31 54.87
CA ILE A 516 10.93 -39.74 54.79
C ILE A 516 12.04 -40.56 55.43
N TRP A 517 13.31 -40.23 55.14
CA TRP A 517 14.42 -40.97 55.74
C TRP A 517 14.37 -40.94 57.27
N MET A 518 13.72 -39.94 57.85
CA MET A 518 13.58 -39.85 59.29
C MET A 518 12.25 -40.41 59.79
N CYS A 519 11.34 -40.78 58.89
CA CYS A 519 10.09 -41.42 59.24
C CYS A 519 10.12 -42.93 59.04
N ILE A 520 10.99 -43.40 58.13
CA ILE A 520 11.12 -44.87 57.86
C ILE A 520 11.76 -45.54 59.08
N VAL A 521 12.47 -44.79 59.91
CA VAL A 521 13.13 -45.33 61.10
C VAL A 521 12.14 -45.41 62.26
N PHE A 522 10.93 -44.92 62.06
CA PHE A 522 9.92 -44.99 63.13
C PHE A 522 9.11 -46.28 63.07
N ALA A 523 8.79 -46.78 61.86
CA ALA A 523 8.32 -48.15 61.76
C ALA A 523 9.47 -49.13 61.86
N TYR A 524 10.67 -48.70 61.45
CA TYR A 524 11.86 -49.52 61.60
C TYR A 524 12.04 -49.96 63.05
N ILE A 525 12.01 -48.99 63.97
CA ILE A 525 12.06 -49.34 65.39
C ILE A 525 10.69 -49.69 65.95
N GLY A 526 9.61 -49.34 65.24
CA GLY A 526 8.29 -49.68 65.70
C GLY A 526 7.93 -51.14 65.47
N VAL A 527 8.41 -51.72 64.37
CA VAL A 527 8.11 -53.11 64.10
C VAL A 527 9.00 -54.03 64.93
N SER A 528 10.27 -53.68 65.08
CA SER A 528 11.19 -54.51 65.87
C SER A 528 10.86 -54.48 67.35
N VAL A 529 10.07 -53.51 67.81
CA VAL A 529 9.65 -53.50 69.21
C VAL A 529 8.42 -54.38 69.44
N VAL A 530 7.69 -54.71 68.38
CA VAL A 530 6.59 -55.66 68.50
C VAL A 530 7.07 -57.09 68.35
N LEU A 531 8.20 -57.31 67.66
CA LEU A 531 8.81 -58.64 67.63
C LEU A 531 9.23 -59.09 69.02
N PHE A 532 9.71 -58.15 69.85
CA PHE A 532 10.11 -58.48 71.21
C PHE A 532 8.95 -59.01 72.02
N LEU A 533 7.73 -58.59 71.71
CA LEU A 533 6.57 -58.87 72.53
C LEU A 533 5.68 -59.98 71.97
N VAL A 534 5.94 -60.46 70.75
CA VAL A 534 5.11 -61.51 70.18
C VAL A 534 5.62 -62.91 70.47
N SER A 535 6.90 -63.06 70.77
CA SER A 535 7.47 -64.37 71.07
C SER A 535 7.60 -64.58 72.58
N ILE A 564 21.17 -61.45 76.83
CA ILE A 564 20.46 -60.51 75.94
C ILE A 564 21.46 -59.77 75.07
N PHE A 565 22.75 -59.91 75.40
CA PHE A 565 23.79 -59.25 74.60
C PHE A 565 23.86 -59.84 73.19
N ASN A 566 23.46 -61.09 73.02
CA ASN A 566 23.42 -61.75 71.72
C ASN A 566 22.01 -61.80 71.14
N SER A 567 21.01 -61.29 71.86
CA SER A 567 19.63 -61.26 71.37
C SER A 567 19.34 -59.98 70.60
N LEU A 568 19.73 -58.83 71.14
CA LEU A 568 19.76 -57.60 70.35
C LEU A 568 20.76 -57.70 69.21
N TRP A 569 21.68 -58.67 69.27
CA TRP A 569 22.55 -59.01 68.15
C TRP A 569 21.79 -59.62 66.99
N PHE A 570 20.60 -60.16 67.23
CA PHE A 570 19.86 -60.77 66.13
C PHE A 570 18.83 -59.84 65.53
N SER A 571 18.24 -58.96 66.35
CA SER A 571 17.20 -58.07 65.86
C SER A 571 17.77 -56.95 64.99
N LEU A 572 18.95 -56.42 65.34
CA LEU A 572 19.57 -55.40 64.51
C LEU A 572 20.04 -55.95 63.16
N GLY A 573 20.28 -57.26 63.08
CA GLY A 573 20.61 -57.90 61.83
C GLY A 573 19.37 -58.41 61.11
N ALA A 574 18.33 -58.70 61.87
CA ALA A 574 17.04 -59.07 61.30
C ALA A 574 16.16 -57.87 61.00
N PHE A 575 16.61 -56.67 61.33
CA PHE A 575 15.90 -55.45 60.99
C PHE A 575 16.58 -54.65 59.90
N MET A 576 17.92 -54.65 59.86
CA MET A 576 18.65 -53.92 58.83
C MET A 576 18.69 -54.66 57.51
N GLN A 577 18.19 -55.90 57.46
CA GLN A 577 18.02 -56.66 56.22
C GLN A 577 16.59 -57.20 56.24
N GLN A 578 15.65 -56.39 55.78
CA GLN A 578 14.22 -56.67 55.90
C GLN A 578 13.87 -56.92 57.37
N SER A 588 3.33 -66.78 66.42
CA SER A 588 2.88 -65.40 66.33
C SER A 588 3.88 -64.54 65.58
N GLY A 589 5.14 -64.98 65.57
CA GLY A 589 6.18 -64.27 64.87
C GLY A 589 6.07 -64.30 63.36
N ARG A 590 5.03 -64.92 62.83
CA ARG A 590 4.86 -65.00 61.38
C ARG A 590 4.22 -63.72 60.82
N ILE A 591 3.30 -63.11 61.57
CA ILE A 591 2.60 -61.94 61.08
C ILE A 591 3.38 -60.64 61.29
N VAL A 592 4.45 -60.67 62.08
CA VAL A 592 5.26 -59.46 62.26
C VAL A 592 6.25 -59.31 61.11
N GLY A 593 6.99 -60.38 60.81
CA GLY A 593 7.83 -60.39 59.63
C GLY A 593 7.06 -60.48 58.33
N GLY A 594 5.74 -60.63 58.40
CA GLY A 594 4.91 -60.69 57.22
C GLY A 594 4.43 -59.31 56.78
N VAL A 595 3.90 -58.53 57.72
CA VAL A 595 3.42 -57.19 57.38
C VAL A 595 4.59 -56.25 57.13
N TRP A 596 5.74 -56.50 57.77
CA TRP A 596 6.91 -55.66 57.52
C TRP A 596 7.39 -55.82 56.08
N TRP A 597 7.55 -57.08 55.63
CA TRP A 597 8.11 -57.30 54.30
C TRP A 597 7.29 -56.61 53.23
N PHE A 598 6.00 -56.41 53.46
CA PHE A 598 5.17 -55.64 52.54
C PHE A 598 5.33 -54.13 52.77
N PHE A 599 5.62 -53.73 54.00
CA PHE A 599 5.90 -52.33 54.29
C PHE A 599 7.19 -51.88 53.59
N THR A 600 8.24 -52.69 53.69
CA THR A 600 9.46 -52.35 52.97
C THR A 600 9.32 -52.64 51.47
N LEU A 601 8.69 -53.76 51.11
CA LEU A 601 8.38 -54.07 49.71
C LEU A 601 7.94 -52.85 48.94
N ILE A 602 6.89 -52.19 49.44
CA ILE A 602 6.23 -51.16 48.68
C ILE A 602 7.11 -49.91 48.60
N ILE A 603 7.89 -49.63 49.64
CA ILE A 603 8.64 -48.39 49.68
C ILE A 603 9.97 -48.54 48.94
N ILE A 604 10.59 -49.72 48.99
CA ILE A 604 11.77 -49.95 48.17
C ILE A 604 11.40 -49.86 46.70
N SER A 605 10.20 -50.32 46.34
CA SER A 605 9.69 -50.05 45.00
C SER A 605 9.47 -48.55 44.80
N SER A 606 8.93 -47.88 45.81
CA SER A 606 8.67 -46.45 45.70
C SER A 606 9.97 -45.66 45.57
N TYR A 607 10.98 -46.01 46.37
CA TYR A 607 12.25 -45.28 46.31
C TYR A 607 12.91 -45.44 44.95
N THR A 608 13.05 -46.69 44.49
CA THR A 608 13.60 -46.94 43.17
C THR A 608 12.75 -46.32 42.07
N ALA A 609 11.45 -46.09 42.34
CA ALA A 609 10.58 -45.50 41.32
C ALA A 609 10.79 -44.01 41.18
N ASN A 610 11.06 -43.31 42.29
CA ASN A 610 11.24 -41.87 42.22
C ASN A 610 12.60 -41.49 41.63
N LEU A 611 13.60 -42.34 41.79
CA LEU A 611 14.95 -42.01 41.32
C LEU A 611 15.02 -41.89 39.81
N ALA A 612 14.25 -42.71 39.08
CA ALA A 612 14.34 -42.74 37.62
C ALA A 612 13.66 -41.54 36.96
N ALA A 613 12.81 -40.82 37.68
CA ALA A 613 12.10 -39.70 37.07
C ALA A 613 13.04 -38.52 36.82
N PHE A 614 13.86 -38.18 37.81
CA PHE A 614 14.75 -37.03 37.68
C PHE A 614 15.85 -37.29 36.67
N LEU A 615 16.29 -38.54 36.55
CA LEU A 615 17.33 -38.87 35.58
C LEU A 615 16.83 -38.66 34.15
N THR A 616 15.55 -38.92 33.90
CA THR A 616 15.00 -38.78 32.56
C THR A 616 14.68 -37.34 32.21
N VAL A 617 14.29 -36.52 33.21
CA VAL A 617 14.01 -35.12 32.96
C VAL A 617 15.27 -34.40 32.46
N GLU A 618 16.39 -34.64 33.14
CA GLU A 618 17.65 -34.03 32.73
C GLU A 618 18.25 -34.73 31.52
N ARG A 619 17.94 -36.01 31.32
CA ARG A 619 18.35 -36.70 30.11
C ARG A 619 17.74 -36.09 28.86
N MET A 620 16.66 -35.32 29.02
CA MET A 620 16.11 -34.57 27.89
C MET A 620 17.09 -33.53 27.38
N VAL A 621 18.04 -33.11 28.22
CA VAL A 621 19.09 -32.15 27.86
C VAL A 621 18.46 -30.87 27.35
N SER A 622 18.09 -29.98 28.27
CA SER A 622 17.47 -28.72 27.90
C SER A 622 18.15 -27.57 28.63
N PRO A 623 18.35 -26.43 27.97
CA PRO A 623 17.95 -26.20 26.57
C PRO A 623 18.99 -26.66 25.56
N ILE A 624 18.55 -27.33 24.49
CA ILE A 624 19.44 -27.60 23.38
C ILE A 624 19.74 -26.28 22.66
N GLU A 625 20.84 -26.28 21.91
CA GLU A 625 21.28 -25.09 21.18
C GLU A 625 20.46 -24.95 19.89
N SER A 626 19.61 -23.93 19.86
CA SER A 626 18.84 -23.56 18.66
C SER A 626 18.06 -22.30 18.97
N ALA A 627 17.50 -21.70 17.91
CA ALA A 627 16.69 -20.50 18.08
C ALA A 627 15.26 -20.82 18.49
N GLU A 628 14.75 -21.97 18.09
CA GLU A 628 13.37 -22.33 18.41
C GLU A 628 13.24 -22.88 19.82
N ASP A 629 14.20 -23.70 20.26
CA ASP A 629 14.19 -24.18 21.66
C ASP A 629 14.18 -23.00 22.62
N LEU A 630 14.86 -21.92 22.27
CA LEU A 630 14.77 -20.69 23.06
C LEU A 630 13.39 -20.06 22.97
N SER A 631 12.70 -20.24 21.85
CA SER A 631 11.36 -19.68 21.67
C SER A 631 10.25 -20.60 22.16
N LYS A 632 10.57 -21.86 22.49
CA LYS A 632 9.55 -22.81 22.90
C LYS A 632 9.28 -22.80 24.41
N GLN A 633 10.31 -22.57 25.21
CA GLN A 633 10.15 -22.50 26.67
C GLN A 633 10.27 -21.06 27.15
N THR A 634 9.69 -20.80 28.32
CA THR A 634 9.68 -19.46 28.89
C THR A 634 10.24 -19.39 30.30
N GLU A 635 10.73 -20.49 30.87
CA GLU A 635 11.44 -20.43 32.13
C GLU A 635 12.67 -19.55 31.95
N ILE A 636 13.62 -20.03 31.16
CA ILE A 636 14.78 -19.25 30.78
C ILE A 636 14.36 -18.23 29.73
N ALA A 637 14.01 -17.03 30.18
CA ALA A 637 13.54 -15.98 29.29
C ALA A 637 14.68 -15.47 28.41
N TYR A 638 14.34 -14.55 27.51
CA TYR A 638 15.32 -14.06 26.55
C TYR A 638 14.86 -12.72 26.01
N GLY A 639 15.83 -11.88 25.66
CA GLY A 639 15.55 -10.56 25.11
C GLY A 639 16.78 -10.01 24.42
N THR A 640 16.61 -8.84 23.79
CA THR A 640 17.69 -8.20 23.05
C THR A 640 17.94 -6.78 23.55
N LEU A 641 18.37 -5.90 22.66
CA LEU A 641 18.64 -4.50 22.97
C LEU A 641 17.43 -3.64 22.61
N ASP A 642 17.31 -2.49 23.28
CA ASP A 642 16.09 -1.69 23.16
C ASP A 642 16.02 -0.97 21.83
N SER A 643 17.11 -0.38 21.36
CA SER A 643 17.12 0.34 20.10
C SER A 643 18.39 -0.02 19.35
N GLY A 644 18.24 -0.72 18.23
CA GLY A 644 19.37 -1.11 17.43
C GLY A 644 18.96 -2.07 16.35
N SER A 645 19.95 -2.49 15.56
CA SER A 645 19.71 -3.40 14.45
C SER A 645 19.20 -4.76 14.92
N THR A 646 19.36 -5.08 16.20
CA THR A 646 18.94 -6.38 16.70
C THR A 646 17.44 -6.43 16.94
N LYS A 647 16.88 -5.44 17.61
CA LYS A 647 15.43 -5.44 17.87
C LYS A 647 14.64 -5.27 16.58
N GLU A 648 15.06 -4.33 15.73
CA GLU A 648 14.36 -4.10 14.47
C GLU A 648 14.39 -5.32 13.56
N PHE A 649 15.27 -6.28 13.82
CA PHE A 649 15.30 -7.51 13.04
C PHE A 649 14.01 -8.30 13.22
N PHE A 650 13.61 -8.54 14.47
CA PHE A 650 12.42 -9.33 14.73
C PHE A 650 11.13 -8.59 14.42
N ARG A 651 11.17 -7.26 14.35
CA ARG A 651 9.96 -6.47 14.15
C ARG A 651 9.33 -6.77 12.79
N ARG A 652 10.10 -6.58 11.71
CA ARG A 652 9.60 -6.78 10.36
C ARG A 652 9.98 -8.14 9.78
N SER A 653 10.29 -9.11 10.64
CA SER A 653 10.62 -10.46 10.17
C SER A 653 9.34 -11.21 9.82
N LYS A 654 9.26 -11.71 8.58
CA LYS A 654 8.12 -12.49 8.13
C LYS A 654 8.39 -13.99 8.21
N ILE A 655 9.23 -14.41 9.16
CA ILE A 655 9.53 -15.82 9.40
C ILE A 655 8.73 -16.26 10.62
N ALA A 656 8.18 -17.48 10.56
CA ALA A 656 7.31 -17.97 11.62
C ALA A 656 8.07 -18.12 12.93
N VAL A 657 9.30 -18.62 12.87
CA VAL A 657 10.07 -18.85 14.09
C VAL A 657 10.46 -17.53 14.75
N PHE A 658 10.83 -16.53 13.94
CA PHE A 658 11.31 -15.27 14.50
C PHE A 658 10.14 -14.36 14.89
N ASP A 659 9.07 -14.34 14.10
CA ASP A 659 7.89 -13.55 14.48
C ASP A 659 7.31 -14.04 15.80
N LYS A 660 7.44 -15.33 16.09
CA LYS A 660 7.03 -15.84 17.39
C LYS A 660 7.91 -15.26 18.50
N MET A 661 9.21 -15.16 18.25
CA MET A 661 10.12 -14.58 19.25
C MET A 661 9.82 -13.11 19.46
N TRP A 662 9.52 -12.38 18.39
CA TRP A 662 9.17 -10.97 18.52
C TRP A 662 7.91 -10.79 19.37
N THR A 663 6.83 -11.48 19.00
CA THR A 663 5.58 -11.34 19.72
C THR A 663 5.70 -11.75 21.18
N TYR A 664 6.65 -12.63 21.50
CA TYR A 664 6.93 -12.93 22.90
C TYR A 664 7.57 -11.73 23.59
N MET A 665 8.71 -11.26 23.06
CA MET A 665 9.44 -10.19 23.71
C MET A 665 8.72 -8.85 23.62
N ARG A 666 7.96 -8.61 22.54
CA ARG A 666 7.19 -7.38 22.45
C ARG A 666 6.17 -7.28 23.58
N SER A 667 5.73 -8.40 24.13
CA SER A 667 4.78 -8.43 25.23
C SER A 667 5.26 -9.28 26.40
N ALA A 668 6.57 -9.52 26.50
CA ALA A 668 7.11 -10.27 27.63
C ALA A 668 7.23 -9.36 28.85
N GLU A 669 6.70 -9.81 29.98
CA GLU A 669 6.76 -9.05 31.22
C GLU A 669 7.26 -9.96 32.33
N PRO A 670 8.24 -9.53 33.14
CA PRO A 670 8.90 -8.22 33.06
C PRO A 670 9.74 -8.02 31.80
N SER A 671 10.12 -6.78 31.52
CA SER A 671 10.78 -6.44 30.26
C SER A 671 12.05 -7.25 30.09
N VAL A 672 12.15 -7.96 28.96
CA VAL A 672 13.34 -8.73 28.63
C VAL A 672 14.38 -7.90 27.89
N PHE A 673 14.12 -6.62 27.66
CA PHE A 673 15.07 -5.75 26.98
C PHE A 673 15.97 -5.06 28.01
N VAL A 674 17.02 -4.41 27.50
CA VAL A 674 17.99 -3.70 28.34
C VAL A 674 18.41 -2.41 27.65
N ARG A 675 18.96 -1.50 28.45
CA ARG A 675 19.42 -0.22 27.93
C ARG A 675 20.69 -0.39 27.11
N THR A 676 21.74 -0.91 27.71
CA THR A 676 23.04 -1.08 27.07
C THR A 676 23.41 -2.56 27.01
N THR A 677 24.56 -2.84 26.40
CA THR A 677 25.03 -4.21 26.26
C THR A 677 25.74 -4.70 27.53
N ALA A 678 26.33 -3.78 28.29
CA ALA A 678 27.00 -4.18 29.54
C ALA A 678 26.00 -4.72 30.55
N GLU A 679 24.77 -4.21 30.54
CA GLU A 679 23.75 -4.73 31.45
C GLU A 679 23.25 -6.09 31.00
N GLY A 680 23.26 -6.37 29.70
CA GLY A 680 22.75 -7.63 29.21
C GLY A 680 23.63 -8.81 29.60
N VAL A 681 24.95 -8.64 29.51
CA VAL A 681 25.86 -9.70 29.93
C VAL A 681 25.77 -9.91 31.45
N ALA A 682 25.55 -8.82 32.20
CA ALA A 682 25.44 -8.95 33.65
C ALA A 682 24.17 -9.67 34.09
N ARG A 683 23.13 -9.68 33.25
CA ARG A 683 21.89 -10.34 33.63
C ARG A 683 21.92 -11.84 33.37
N VAL A 684 22.59 -12.27 32.30
CA VAL A 684 22.75 -13.69 32.03
C VAL A 684 23.54 -14.36 33.15
N ARG A 685 24.39 -13.60 33.84
CA ARG A 685 25.24 -14.15 34.88
C ARG A 685 24.49 -14.30 36.20
N LYS A 686 23.59 -13.37 36.52
CA LYS A 686 22.90 -13.37 37.80
C LYS A 686 21.51 -14.00 37.74
N SER A 687 21.12 -14.55 36.60
CA SER A 687 19.83 -15.22 36.47
C SER A 687 19.92 -16.72 36.70
N LYS A 688 21.08 -17.23 37.12
CA LYS A 688 21.29 -18.65 37.37
C LYS A 688 21.00 -19.50 36.15
N GLY A 689 21.13 -18.92 34.96
CA GLY A 689 20.78 -19.62 33.75
C GLY A 689 19.31 -19.55 33.37
N LYS A 690 18.52 -18.76 34.09
CA LYS A 690 17.11 -18.55 33.76
C LYS A 690 16.90 -17.38 32.81
N TYR A 691 17.95 -16.96 32.11
CA TYR A 691 17.83 -15.83 31.17
C TYR A 691 18.91 -15.95 30.12
N ALA A 692 18.57 -15.59 28.89
CA ALA A 692 19.47 -15.60 27.76
C ALA A 692 19.48 -14.23 27.10
N TYR A 693 20.51 -13.99 26.29
CA TYR A 693 20.66 -12.70 25.62
C TYR A 693 21.03 -12.93 24.16
N LEU A 694 20.39 -12.15 23.28
CA LEU A 694 20.62 -12.22 21.84
C LEU A 694 21.40 -10.98 21.40
N LEU A 695 22.42 -11.19 20.58
CA LEU A 695 23.22 -10.10 20.03
C LEU A 695 24.09 -10.66 18.92
N GLU A 696 24.84 -9.76 18.28
CA GLU A 696 25.72 -10.16 17.19
C GLU A 696 26.73 -11.20 17.65
N SER A 697 27.19 -12.03 16.70
CA SER A 697 28.09 -13.13 17.05
C SER A 697 29.47 -12.62 17.41
N THR A 698 29.87 -11.46 16.90
CA THR A 698 31.19 -10.92 17.22
C THR A 698 31.32 -10.63 18.71
N MET A 699 30.45 -9.77 19.23
CA MET A 699 30.53 -9.40 20.65
C MET A 699 30.25 -10.60 21.54
N ASN A 700 29.46 -11.56 21.07
CA ASN A 700 29.18 -12.75 21.87
C ASN A 700 30.41 -13.61 22.07
N GLU A 701 31.30 -13.67 21.07
CA GLU A 701 32.48 -14.51 21.17
C GLU A 701 33.61 -13.87 21.96
N TYR A 702 33.57 -12.54 22.16
CA TYR A 702 34.62 -11.89 22.94
C TYR A 702 34.33 -11.94 24.43
N ILE A 703 33.05 -11.95 24.83
CA ILE A 703 32.72 -12.06 26.24
C ILE A 703 32.97 -13.48 26.74
N GLU A 704 32.74 -14.48 25.88
CA GLU A 704 33.07 -15.86 26.24
C GLU A 704 34.56 -16.05 26.46
N GLN A 705 35.39 -15.18 25.86
CA GLN A 705 36.84 -15.24 26.03
C GLN A 705 37.35 -14.13 26.96
N ARG A 706 36.47 -13.54 27.76
CA ARG A 706 36.86 -12.61 28.82
C ARG A 706 36.25 -13.08 30.13
N LYS A 707 37.00 -12.91 31.21
CA LYS A 707 36.62 -13.47 32.50
C LYS A 707 35.28 -12.88 32.96
N PRO A 708 34.50 -13.64 33.76
CA PRO A 708 34.81 -14.95 34.33
C PRO A 708 34.40 -16.15 33.48
N CYS A 709 34.30 -15.97 32.16
CA CYS A 709 34.02 -17.05 31.22
C CYS A 709 32.76 -17.82 31.59
N ASP A 710 31.74 -17.09 32.04
CA ASP A 710 30.47 -17.69 32.45
C ASP A 710 29.41 -17.65 31.35
N THR A 711 29.77 -17.19 30.16
CA THR A 711 28.87 -17.16 29.02
C THR A 711 29.33 -18.16 27.97
N MET A 712 28.44 -18.43 27.01
CA MET A 712 28.70 -19.47 26.02
C MET A 712 27.77 -19.27 24.83
N LYS A 713 28.35 -19.19 23.63
CA LYS A 713 27.56 -19.05 22.41
C LYS A 713 26.95 -20.39 22.05
N VAL A 714 25.62 -20.45 21.98
CA VAL A 714 24.89 -21.66 21.61
C VAL A 714 24.19 -21.41 20.27
N GLY A 715 24.17 -22.44 19.44
CA GLY A 715 23.50 -22.36 18.15
C GLY A 715 24.24 -21.50 17.14
N GLY A 716 23.77 -21.50 15.90
CA GLY A 716 24.35 -20.67 14.86
C GLY A 716 23.89 -19.24 14.97
N ASN A 717 24.01 -18.52 13.85
CA ASN A 717 23.60 -17.13 13.77
C ASN A 717 22.23 -17.02 13.13
N LEU A 718 21.41 -16.10 13.63
CA LEU A 718 20.05 -15.95 13.13
C LEU A 718 20.02 -15.26 11.77
N ASP A 719 20.84 -14.23 11.59
CA ASP A 719 20.87 -13.45 10.36
C ASP A 719 22.29 -13.40 9.81
N SER A 720 22.41 -12.85 8.61
CA SER A 720 23.70 -12.74 7.91
C SER A 720 24.02 -11.27 7.72
N LYS A 721 25.04 -10.78 8.44
CA LYS A 721 25.51 -9.41 8.32
C LYS A 721 27.02 -9.39 8.46
N GLY A 722 27.61 -8.22 8.23
CA GLY A 722 29.05 -8.10 8.28
C GLY A 722 29.49 -6.65 8.35
N TYR A 723 30.73 -6.47 8.79
CA TYR A 723 31.35 -5.16 8.85
C TYR A 723 32.13 -4.88 7.57
N GLY A 724 32.65 -3.66 7.46
CA GLY A 724 33.42 -3.28 6.30
C GLY A 724 34.17 -1.99 6.54
N ILE A 725 35.06 -1.67 5.60
CA ILE A 725 35.80 -0.42 5.60
C ILE A 725 35.14 0.53 4.63
N ALA A 726 34.94 1.78 5.06
CA ALA A 726 34.21 2.77 4.28
C ALA A 726 35.16 3.84 3.77
N THR A 727 34.91 4.29 2.54
CA THR A 727 35.63 5.37 1.89
C THR A 727 34.63 6.32 1.24
N PRO A 728 34.98 7.59 1.07
CA PRO A 728 34.06 8.53 0.40
C PRO A 728 33.79 8.09 -1.03
N LYS A 729 32.62 8.50 -1.54
CA LYS A 729 32.25 8.17 -2.90
C LYS A 729 33.17 8.88 -3.88
N GLY A 730 33.74 8.12 -4.82
CA GLY A 730 34.70 8.66 -5.75
C GLY A 730 36.07 8.93 -5.17
N SER A 731 36.36 8.47 -3.96
CA SER A 731 37.66 8.69 -3.34
C SER A 731 38.75 7.95 -4.11
N SER A 732 39.95 8.52 -4.06
CA SER A 732 41.08 7.91 -4.76
C SER A 732 41.41 6.54 -4.20
N LEU A 733 41.45 6.42 -2.86
CA LEU A 733 41.79 5.17 -2.19
C LEU A 733 40.59 4.24 -2.03
N GLY A 734 39.63 4.28 -2.96
CA GLY A 734 38.46 3.44 -2.86
C GLY A 734 38.70 2.01 -3.31
N THR A 735 38.89 1.83 -4.62
CA THR A 735 39.13 0.48 -5.14
C THR A 735 40.41 -0.17 -4.62
N PRO A 736 41.57 0.51 -4.56
CA PRO A 736 42.78 -0.20 -4.08
C PRO A 736 42.63 -0.81 -2.70
N VAL A 737 41.94 -0.12 -1.78
CA VAL A 737 41.70 -0.72 -0.46
C VAL A 737 40.70 -1.86 -0.56
N ASN A 738 39.66 -1.69 -1.39
CA ASN A 738 38.73 -2.79 -1.66
C ASN A 738 39.48 -4.00 -2.21
N LEU A 739 40.48 -3.76 -3.06
CA LEU A 739 41.31 -4.86 -3.55
C LEU A 739 42.26 -5.36 -2.47
N ALA A 740 42.82 -4.45 -1.66
CA ALA A 740 43.76 -4.86 -0.62
C ALA A 740 43.09 -5.62 0.50
N VAL A 741 41.77 -5.44 0.69
CA VAL A 741 41.07 -6.23 1.70
C VAL A 741 40.91 -7.67 1.24
N LEU A 742 40.51 -7.86 -0.02
CA LEU A 742 40.45 -9.21 -0.58
C LEU A 742 41.80 -9.88 -0.54
N LYS A 743 42.89 -9.10 -0.61
CA LYS A 743 44.22 -9.68 -0.56
C LYS A 743 44.53 -10.21 0.84
N LEU A 744 44.13 -9.50 1.88
CA LEU A 744 44.44 -9.93 3.24
C LEU A 744 43.51 -11.02 3.73
N SER A 745 42.26 -11.06 3.24
CA SER A 745 41.36 -12.15 3.60
C SER A 745 41.83 -13.47 3.01
N GLU A 746 42.19 -13.46 1.74
CA GLU A 746 42.67 -14.67 1.08
C GLU A 746 44.04 -15.08 1.62
N GLN A 747 44.90 -14.11 1.95
CA GLN A 747 46.16 -14.43 2.60
C GLN A 747 46.00 -14.84 4.06
N GLY A 748 44.77 -14.98 4.56
CA GLY A 748 44.53 -15.41 5.93
C GLY A 748 44.89 -14.41 6.99
N VAL A 749 45.39 -13.23 6.62
CA VAL A 749 45.77 -12.23 7.60
C VAL A 749 44.57 -11.73 8.40
N LEU A 750 43.36 -11.88 7.85
CA LEU A 750 42.17 -11.44 8.57
C LEU A 750 41.83 -12.42 9.70
N ASP A 751 41.74 -13.72 9.38
CA ASP A 751 41.44 -14.71 10.40
C ASP A 751 42.60 -14.92 11.36
N LYS A 752 43.83 -14.60 10.94
CA LYS A 752 44.95 -14.66 11.87
C LYS A 752 44.86 -13.55 12.92
N LEU A 753 44.52 -12.33 12.49
CA LEU A 753 44.35 -11.25 13.44
C LEU A 753 43.05 -11.40 14.24
N LYS A 754 42.04 -12.06 13.64
CA LYS A 754 40.85 -12.41 14.41
C LYS A 754 41.19 -13.35 15.55
N ASN A 755 42.05 -14.34 15.28
CA ASN A 755 42.51 -15.26 16.31
C ASN A 755 43.49 -14.63 17.28
N LYS A 756 43.98 -13.42 16.99
CA LYS A 756 45.00 -12.81 17.83
C LYS A 756 44.40 -12.15 19.06
N TRP A 757 43.51 -11.17 18.86
CA TRP A 757 42.94 -10.40 19.95
C TRP A 757 41.73 -11.06 20.58
N TRP A 758 41.29 -12.22 20.06
CA TRP A 758 40.14 -12.92 20.62
C TRP A 758 40.56 -14.13 21.44
N TYR A 759 41.09 -15.16 20.78
CA TYR A 759 41.46 -16.38 21.49
C TYR A 759 42.84 -16.28 22.13
N ASP A 760 43.83 -15.86 21.34
CA ASP A 760 45.21 -15.77 21.82
C ASP A 760 45.32 -14.85 23.03
N LYS A 761 45.23 -13.53 22.81
CA LYS A 761 45.24 -12.59 23.93
C LYS A 761 43.96 -12.61 24.75
N GLY A 762 43.08 -13.60 24.53
CA GLY A 762 41.88 -13.70 25.34
C GLY A 762 42.13 -14.38 26.67
N GLU A 763 41.31 -14.02 27.65
CA GLU A 763 41.49 -14.49 29.01
C GLU A 763 40.82 -15.84 29.28
N CYS A 764 40.01 -16.35 28.34
CA CYS A 764 39.37 -17.65 28.48
C CYS A 764 39.77 -18.58 27.35
N GLY A 765 41.06 -18.57 26.99
CA GLY A 765 41.57 -19.44 25.95
C GLY A 765 41.33 -20.91 26.24
N ALA A 766 41.17 -21.25 27.52
CA ALA A 766 40.85 -22.60 27.93
C ALA A 766 39.35 -22.87 27.92
N LYS A 767 38.52 -21.85 28.10
CA LYS A 767 37.07 -22.00 28.08
C LYS A 767 36.50 -22.09 26.66
N ASP A 768 37.35 -22.32 25.66
CA ASP A 768 36.91 -22.48 24.29
C ASP A 768 37.27 -23.85 23.71
N SER A 769 37.88 -24.73 24.50
CA SER A 769 38.24 -26.06 24.05
C SER A 769 37.48 -27.18 24.76
N GLY A 770 37.15 -27.00 26.04
CA GLY A 770 36.40 -28.03 26.75
C GLY A 770 34.96 -28.08 26.29
N SER A 771 34.39 -29.28 26.38
CA SER A 771 33.02 -29.54 25.92
C SER A 771 32.21 -30.18 27.02
N LYS A 772 30.94 -29.80 27.10
CA LYS A 772 30.00 -30.36 28.06
C LYS A 772 28.96 -31.18 27.28
N GLU A 773 28.96 -32.49 27.51
CA GLU A 773 28.09 -33.41 26.79
C GLU A 773 27.19 -34.17 27.75
N LYS A 774 26.19 -34.84 27.19
CA LYS A 774 25.23 -35.62 27.97
C LYS A 774 25.87 -36.96 28.30
N THR A 775 26.33 -37.11 29.55
CA THR A 775 26.98 -38.34 29.97
C THR A 775 25.99 -39.49 29.93
N SER A 776 26.48 -40.65 29.47
CA SER A 776 25.61 -41.83 29.36
C SER A 776 25.51 -42.57 30.68
N ALA A 777 26.52 -42.49 31.52
CA ALA A 777 26.60 -43.29 32.74
C ALA A 777 26.06 -42.51 33.94
N LEU A 778 26.01 -43.18 35.08
CA LEU A 778 25.57 -42.59 36.33
C LEU A 778 26.78 -42.05 37.10
N SER A 779 26.54 -41.01 37.89
CA SER A 779 27.61 -40.33 38.60
C SER A 779 28.15 -41.19 39.74
N LEU A 780 29.47 -41.11 39.95
CA LEU A 780 30.11 -41.77 41.08
C LEU A 780 29.83 -41.04 42.39
N SER A 781 29.47 -39.76 42.33
CA SER A 781 29.31 -38.97 43.54
C SER A 781 28.07 -39.38 44.33
N ASN A 782 26.95 -39.61 43.65
CA ASN A 782 25.73 -40.00 44.36
C ASN A 782 25.90 -41.36 45.01
N VAL A 783 26.66 -42.26 44.39
CA VAL A 783 26.92 -43.57 44.98
C VAL A 783 27.84 -43.45 46.19
N ALA A 784 28.59 -42.35 46.30
CA ALA A 784 29.49 -42.18 47.44
C ALA A 784 28.70 -42.06 48.74
N GLY A 785 27.53 -41.41 48.69
CA GLY A 785 26.69 -41.31 49.87
C GLY A 785 26.29 -42.65 50.46
N VAL A 786 26.38 -43.72 49.67
CA VAL A 786 26.07 -45.06 50.16
C VAL A 786 27.32 -45.75 50.69
N PHE A 787 28.44 -45.61 49.98
CA PHE A 787 29.70 -46.19 50.43
C PHE A 787 30.18 -45.55 51.72
N TYR A 788 29.87 -44.27 51.94
CA TYR A 788 30.26 -43.60 53.16
C TYR A 788 29.34 -43.93 54.33
N ILE A 789 28.15 -44.47 54.06
CA ILE A 789 27.28 -44.95 55.14
C ILE A 789 27.46 -46.44 55.38
N LEU A 790 28.00 -47.19 54.41
CA LEU A 790 28.31 -48.60 54.62
C LEU A 790 29.54 -48.76 55.51
N VAL A 791 30.67 -48.19 55.09
CA VAL A 791 31.89 -48.29 55.89
C VAL A 791 31.71 -47.59 57.23
N GLY A 792 30.78 -46.63 57.30
CA GLY A 792 30.41 -46.05 58.58
C GLY A 792 29.67 -47.01 59.48
N GLY A 793 29.16 -48.11 58.93
CA GLY A 793 28.53 -49.14 59.73
C GLY A 793 29.48 -50.30 60.00
N LEU A 794 30.36 -50.58 59.03
CA LEU A 794 31.39 -51.59 59.24
C LEU A 794 32.35 -51.19 60.36
N GLY A 795 32.62 -49.90 60.50
CA GLY A 795 33.49 -49.41 61.54
C GLY A 795 32.81 -49.39 62.90
N LEU A 796 31.54 -49.01 62.91
CA LEU A 796 30.76 -49.07 64.15
C LEU A 796 30.49 -50.50 64.58
N ALA A 797 30.56 -51.46 63.64
CA ALA A 797 30.33 -52.86 63.97
C ALA A 797 31.53 -53.47 64.69
N MET A 798 32.74 -53.18 64.21
CA MET A 798 33.94 -53.71 64.87
C MET A 798 34.17 -53.09 66.24
N LEU A 799 33.48 -52.00 66.58
CA LEU A 799 33.58 -51.42 67.91
C LEU A 799 32.79 -52.19 68.94
N VAL A 800 31.76 -52.94 68.52
CA VAL A 800 30.95 -53.73 69.43
C VAL A 800 31.48 -55.15 69.57
N ALA A 801 32.43 -55.58 68.73
CA ALA A 801 32.94 -56.94 68.81
C ALA A 801 33.83 -57.15 70.03
N LEU A 802 34.48 -56.08 70.50
CA LEU A 802 35.41 -56.23 71.62
C LEU A 802 34.68 -56.27 72.96
N ILE A 803 33.61 -55.49 73.12
CA ILE A 803 32.85 -55.52 74.35
C ILE A 803 32.10 -56.84 74.51
N GLU A 804 31.92 -57.58 73.43
CA GLU A 804 31.27 -58.89 73.50
C GLU A 804 32.23 -60.02 73.78
N PHE A 805 33.53 -59.82 73.54
CA PHE A 805 34.53 -60.84 73.77
C PHE A 805 35.03 -60.87 75.21
N CYS A 806 34.74 -59.84 76.00
CA CYS A 806 35.17 -59.79 77.39
C CYS A 806 34.06 -60.11 78.38
N TYR A 807 32.82 -59.76 78.07
CA TYR A 807 31.70 -60.03 78.94
C TYR A 807 31.24 -61.48 78.81
N ASN B 1 0.01 81.46 -7.79
CA ASN B 1 1.00 80.69 -7.04
C ASN B 1 1.17 79.31 -7.63
N SER B 2 1.37 79.25 -8.95
CA SER B 2 1.52 77.98 -9.64
C SER B 2 2.90 77.39 -9.35
N ILE B 3 2.92 76.11 -8.96
CA ILE B 3 4.14 75.41 -8.60
C ILE B 3 4.43 74.36 -9.68
N GLN B 4 5.68 74.30 -10.13
CA GLN B 4 6.08 73.41 -11.21
C GLN B 4 6.68 72.12 -10.65
N ILE B 5 6.48 71.03 -11.40
CA ILE B 5 6.88 69.69 -10.98
C ILE B 5 7.41 68.94 -12.19
N GLY B 6 8.40 68.07 -11.97
CA GLY B 6 8.92 67.24 -13.03
C GLY B 6 8.08 65.99 -13.23
N GLY B 7 7.78 65.68 -14.49
CA GLY B 7 7.00 64.50 -14.82
C GLY B 7 7.68 63.60 -15.83
N LEU B 8 8.30 62.51 -15.35
CA LEU B 8 9.03 61.58 -16.20
C LEU B 8 8.17 60.34 -16.42
N PHE B 9 7.64 60.18 -17.63
CA PHE B 9 6.76 59.09 -17.93
C PHE B 9 7.33 58.25 -19.09
N PRO B 10 7.35 56.93 -18.97
CA PRO B 10 7.70 56.10 -20.13
C PRO B 10 6.67 56.24 -21.23
N ARG B 11 7.01 55.70 -22.41
CA ARG B 11 6.17 55.86 -23.58
C ARG B 11 4.83 55.14 -23.41
N GLY B 12 4.88 53.84 -23.14
CA GLY B 12 3.67 53.03 -23.04
C GLY B 12 2.80 53.30 -21.84
N ALA B 13 3.22 54.21 -20.95
CA ALA B 13 2.44 54.54 -19.75
C ALA B 13 1.23 55.38 -20.16
N ASP B 14 0.17 54.68 -20.58
CA ASP B 14 -1.07 55.34 -20.96
C ASP B 14 -2.03 55.46 -19.79
N GLN B 15 -2.21 54.38 -19.02
CA GLN B 15 -3.08 54.44 -17.85
C GLN B 15 -2.37 55.09 -16.66
N GLU B 16 -1.07 54.82 -16.49
CA GLU B 16 -0.30 55.49 -15.45
C GLU B 16 -0.41 56.99 -15.57
N TYR B 17 -0.28 57.52 -16.80
CA TYR B 17 -0.48 58.95 -17.01
C TYR B 17 -1.94 59.33 -16.88
N SER B 18 -2.84 58.49 -17.41
CA SER B 18 -4.27 58.75 -17.29
C SER B 18 -4.68 58.94 -15.84
N ALA B 19 -4.10 58.15 -14.94
CA ALA B 19 -4.35 58.33 -13.51
C ALA B 19 -3.59 59.53 -12.95
N PHE B 20 -2.40 59.81 -13.49
CA PHE B 20 -1.64 60.98 -13.06
C PHE B 20 -2.40 62.26 -13.38
N ARG B 21 -2.89 62.37 -14.61
CA ARG B 21 -3.65 63.56 -15.01
C ARG B 21 -4.88 63.75 -14.13
N VAL B 22 -5.56 62.65 -13.80
CA VAL B 22 -6.69 62.73 -12.89
C VAL B 22 -6.23 63.14 -11.49
N GLY B 23 -5.01 62.75 -11.10
CA GLY B 23 -4.53 63.05 -9.76
C GLY B 23 -4.45 64.54 -9.48
N MET B 24 -3.83 65.29 -10.40
CA MET B 24 -3.65 66.73 -10.19
C MET B 24 -4.99 67.44 -10.10
N VAL B 25 -5.98 67.00 -10.88
CA VAL B 25 -7.27 67.67 -10.90
C VAL B 25 -7.94 67.58 -9.53
N GLN B 26 -8.03 66.36 -8.98
CA GLN B 26 -8.74 66.15 -7.72
C GLN B 26 -8.07 66.81 -6.53
N PHE B 27 -6.87 67.38 -6.69
CA PHE B 27 -6.10 67.88 -5.55
C PHE B 27 -5.71 69.35 -5.66
N SER B 28 -5.94 70.01 -6.79
CA SER B 28 -5.55 71.41 -6.94
C SER B 28 -6.54 72.32 -6.22
N THR B 29 -6.02 73.35 -5.57
CA THR B 29 -6.83 74.25 -4.76
C THR B 29 -6.94 75.62 -5.42
N SER B 30 -7.70 76.50 -4.77
CA SER B 30 -7.94 77.85 -5.26
C SER B 30 -6.78 78.80 -5.00
N GLU B 31 -5.76 78.37 -4.26
CA GLU B 31 -4.62 79.21 -3.95
C GLU B 31 -3.30 78.73 -4.55
N PHE B 32 -3.21 77.47 -4.97
CA PHE B 32 -2.03 77.00 -5.70
C PHE B 32 -2.38 75.73 -6.44
N ARG B 33 -1.54 75.39 -7.41
CA ARG B 33 -1.76 74.24 -8.29
C ARG B 33 -0.41 73.64 -8.63
N LEU B 34 -0.40 72.75 -9.62
CA LEU B 34 0.81 72.04 -10.05
C LEU B 34 0.98 72.22 -11.55
N THR B 35 2.19 72.61 -11.98
CA THR B 35 2.52 72.83 -13.39
C THR B 35 3.59 71.83 -13.79
N PRO B 36 3.19 70.63 -14.22
CA PRO B 36 4.20 69.60 -14.54
C PRO B 36 4.73 69.73 -15.95
N HIS B 37 6.03 69.45 -16.09
CA HIS B 37 6.69 69.35 -17.38
C HIS B 37 6.83 67.86 -17.70
N ILE B 38 6.07 67.39 -18.69
CA ILE B 38 5.98 65.97 -19.02
C ILE B 38 6.98 65.66 -20.12
N ASP B 39 7.93 64.79 -19.83
CA ASP B 39 8.89 64.29 -20.81
C ASP B 39 8.61 62.81 -21.01
N ASN B 40 7.98 62.46 -22.13
CA ASN B 40 7.80 61.07 -22.51
C ASN B 40 9.13 60.53 -23.01
N LEU B 41 9.76 59.64 -22.23
CA LEU B 41 11.09 59.17 -22.55
C LEU B 41 11.17 57.66 -22.37
N GLU B 42 12.19 57.08 -22.99
CA GLU B 42 12.51 55.66 -22.81
C GLU B 42 13.31 55.53 -21.53
N VAL B 43 12.67 55.04 -20.47
CA VAL B 43 13.22 55.14 -19.12
C VAL B 43 14.45 54.26 -18.92
N ALA B 44 14.66 53.25 -19.78
CA ALA B 44 15.79 52.36 -19.58
C ALA B 44 17.12 53.01 -19.94
N ASN B 45 17.12 53.89 -20.94
CA ASN B 45 18.36 54.54 -21.37
C ASN B 45 18.84 55.51 -20.31
N SER B 46 20.03 55.24 -19.74
CA SER B 46 20.56 56.08 -18.68
C SER B 46 20.87 57.50 -19.18
N PHE B 47 21.28 57.63 -20.45
CA PHE B 47 21.57 58.95 -20.99
C PHE B 47 20.30 59.76 -21.20
N ALA B 48 19.23 59.13 -21.68
CA ALA B 48 17.97 59.83 -21.87
C ALA B 48 17.41 60.33 -20.54
N VAL B 49 17.47 59.49 -19.50
CA VAL B 49 17.02 59.91 -18.18
C VAL B 49 17.90 61.03 -17.64
N THR B 50 19.23 60.85 -17.75
CA THR B 50 20.16 61.88 -17.29
C THR B 50 19.91 63.20 -18.00
N ASN B 51 19.73 63.15 -19.33
CA ASN B 51 19.46 64.37 -20.08
C ASN B 51 18.08 64.93 -19.76
N ALA B 52 17.12 64.06 -19.41
CA ALA B 52 15.78 64.52 -19.06
C ALA B 52 15.75 65.14 -17.67
N PHE B 53 16.49 64.56 -16.72
CA PHE B 53 16.53 65.12 -15.37
C PHE B 53 17.05 66.55 -15.38
N CYS B 54 18.06 66.83 -16.22
CA CYS B 54 18.59 68.18 -16.33
C CYS B 54 17.66 69.07 -17.16
N SER B 55 16.89 68.47 -18.08
CA SER B 55 15.87 69.24 -18.79
C SER B 55 14.83 69.81 -17.83
N GLN B 56 14.65 69.16 -16.68
CA GLN B 56 13.76 69.66 -15.64
C GLN B 56 14.48 70.55 -14.63
N PHE B 57 15.77 70.30 -14.38
CA PHE B 57 16.52 71.11 -13.43
C PHE B 57 16.69 72.53 -13.94
N SER B 58 16.99 72.70 -15.23
CA SER B 58 17.12 74.03 -15.79
C SER B 58 15.79 74.78 -15.76
N ARG B 59 14.69 74.06 -16.00
CA ARG B 59 13.38 74.69 -15.90
C ARG B 59 13.04 75.10 -14.47
N GLY B 60 13.71 74.50 -13.48
CA GLY B 60 13.57 74.94 -12.11
C GLY B 60 12.37 74.41 -11.37
N VAL B 61 12.05 73.13 -11.54
CA VAL B 61 10.95 72.51 -10.82
C VAL B 61 11.32 72.36 -9.35
N TYR B 62 10.34 72.12 -8.49
CA TYR B 62 10.57 71.96 -7.06
C TYR B 62 10.54 70.50 -6.62
N ALA B 63 10.16 69.59 -7.50
CA ALA B 63 10.14 68.15 -7.27
C ALA B 63 9.86 67.46 -8.59
N ILE B 64 10.32 66.21 -8.72
CA ILE B 64 10.17 65.44 -9.95
C ILE B 64 9.44 64.15 -9.64
N PHE B 65 8.35 63.91 -10.35
CA PHE B 65 7.69 62.61 -10.35
C PHE B 65 8.09 61.85 -11.60
N GLY B 66 8.37 60.56 -11.44
CA GLY B 66 8.79 59.78 -12.58
C GLY B 66 8.83 58.30 -12.29
N PHE B 67 9.58 57.59 -13.13
CA PHE B 67 9.86 56.18 -12.97
C PHE B 67 11.35 55.96 -13.17
N TYR B 68 11.80 54.72 -13.00
CA TYR B 68 13.18 54.36 -13.34
C TYR B 68 13.25 52.86 -13.57
N ASP B 69 14.41 52.42 -14.05
CA ASP B 69 14.67 51.03 -14.38
C ASP B 69 15.89 50.56 -13.60
N LYS B 70 16.07 49.22 -13.57
CA LYS B 70 17.23 48.64 -12.89
C LYS B 70 18.53 49.24 -13.38
N LYS B 71 18.57 49.69 -14.64
CA LYS B 71 19.78 50.29 -15.19
C LYS B 71 19.89 51.77 -14.83
N SER B 72 18.76 52.50 -14.89
CA SER B 72 18.76 53.94 -14.66
C SER B 72 18.46 54.31 -13.20
N VAL B 73 18.26 53.34 -12.32
CA VAL B 73 17.88 53.66 -10.94
C VAL B 73 19.02 54.39 -10.24
N ASN B 74 20.23 53.83 -10.29
CA ASN B 74 21.38 54.46 -9.65
C ASN B 74 21.73 55.81 -10.26
N THR B 75 21.20 56.12 -11.44
CA THR B 75 21.39 57.45 -12.01
C THR B 75 20.60 58.49 -11.25
N ILE B 76 19.35 58.19 -10.90
CA ILE B 76 18.49 59.17 -10.23
C ILE B 76 18.87 59.33 -8.77
N THR B 77 19.19 58.23 -8.09
CA THR B 77 19.41 58.27 -6.64
C THR B 77 20.56 59.19 -6.28
N SER B 78 21.73 58.98 -6.90
CA SER B 78 22.89 59.82 -6.60
C SER B 78 22.74 61.22 -7.18
N PHE B 79 21.94 61.40 -8.23
CA PHE B 79 21.71 62.72 -8.78
C PHE B 79 20.90 63.58 -7.82
N CYS B 80 19.77 63.04 -7.34
CA CYS B 80 18.98 63.76 -6.35
C CYS B 80 19.70 63.85 -5.01
N GLY B 81 20.64 62.94 -4.74
CA GLY B 81 21.37 62.98 -3.48
C GLY B 81 22.33 64.14 -3.40
N THR B 82 22.92 64.54 -4.53
CA THR B 82 23.89 65.63 -4.53
C THR B 82 23.26 66.98 -4.85
N LEU B 83 22.24 67.02 -5.69
CA LEU B 83 21.57 68.26 -6.06
C LEU B 83 20.40 68.59 -5.16
N HIS B 84 20.12 67.76 -4.16
CA HIS B 84 19.04 67.97 -3.19
C HIS B 84 17.67 68.05 -3.84
N VAL B 85 17.55 67.59 -5.08
CA VAL B 85 16.24 67.50 -5.73
C VAL B 85 15.46 66.36 -5.09
N SER B 86 14.15 66.55 -4.94
CA SER B 86 13.28 65.53 -4.36
C SER B 86 12.60 64.77 -5.49
N PHE B 87 12.77 63.45 -5.49
CA PHE B 87 12.23 62.58 -6.53
C PHE B 87 11.16 61.68 -5.93
N ILE B 88 9.98 61.67 -6.55
CA ILE B 88 8.85 60.87 -6.09
C ILE B 88 8.47 59.94 -7.24
N THR B 89 8.30 58.65 -6.93
CA THR B 89 8.14 57.66 -7.98
C THR B 89 7.45 56.43 -7.43
N PRO B 90 6.70 55.70 -8.25
CA PRO B 90 6.15 54.40 -7.84
C PRO B 90 6.99 53.20 -8.27
N SER B 91 8.17 53.42 -8.85
CA SER B 91 9.03 52.31 -9.26
C SER B 91 9.55 51.57 -8.02
N PHE B 92 10.20 50.43 -8.26
CA PHE B 92 10.51 49.50 -7.19
C PHE B 92 11.50 50.12 -6.19
N PRO B 93 11.42 49.72 -4.92
CA PRO B 93 12.20 50.41 -3.88
C PRO B 93 13.69 50.31 -4.12
N THR B 94 14.40 51.37 -3.68
CA THR B 94 15.84 51.44 -3.88
C THR B 94 16.56 50.39 -3.04
N ASP B 95 17.46 49.65 -3.68
CA ASP B 95 18.28 48.69 -2.97
C ASP B 95 19.29 49.43 -2.10
N GLY B 96 18.88 49.73 -0.87
CA GLY B 96 19.65 50.58 0.03
C GLY B 96 18.88 51.84 0.38
N THR B 97 19.54 52.68 1.17
CA THR B 97 18.96 53.93 1.63
C THR B 97 19.57 55.08 0.81
N HIS B 98 18.77 55.63 -0.10
CA HIS B 98 19.21 56.72 -0.97
C HIS B 98 18.37 57.96 -0.66
N PRO B 99 18.98 59.05 -0.21
CA PRO B 99 18.18 60.19 0.27
C PRO B 99 17.52 60.96 -0.86
N PHE B 100 16.54 61.78 -0.47
CA PHE B 100 15.78 62.61 -1.40
C PHE B 100 15.06 61.77 -2.45
N VAL B 101 14.58 60.59 -2.02
CA VAL B 101 13.85 59.67 -2.89
C VAL B 101 12.58 59.24 -2.16
N ILE B 102 11.44 59.38 -2.81
CA ILE B 102 10.15 59.00 -2.25
C ILE B 102 9.59 57.88 -3.11
N GLN B 103 9.46 56.69 -2.52
CA GLN B 103 9.02 55.49 -3.22
C GLN B 103 7.61 55.14 -2.75
N MET B 104 6.63 55.37 -3.62
CA MET B 104 5.25 55.03 -3.28
C MET B 104 5.06 53.51 -3.19
N ARG B 105 5.79 52.75 -4.00
CA ARG B 105 5.70 51.30 -4.04
C ARG B 105 6.09 50.71 -2.69
N PRO B 106 5.14 50.14 -1.94
CA PRO B 106 5.49 49.53 -0.66
C PRO B 106 6.36 48.30 -0.86
N ASP B 107 7.20 48.03 0.14
CA ASP B 107 8.18 46.96 0.04
C ASP B 107 7.49 45.62 -0.10
N LEU B 108 7.48 45.07 -1.33
CA LEU B 108 6.80 43.81 -1.58
C LEU B 108 7.57 42.62 -1.03
N LYS B 109 8.90 42.73 -0.96
CA LYS B 109 9.72 41.58 -0.55
C LYS B 109 9.45 41.19 0.90
N GLY B 110 9.17 42.17 1.77
CA GLY B 110 8.91 41.86 3.16
C GLY B 110 7.64 41.05 3.36
N ALA B 111 6.64 41.27 2.51
CA ALA B 111 5.37 40.56 2.64
C ALA B 111 5.44 39.16 2.05
N LEU B 112 6.21 38.96 0.98
CA LEU B 112 6.28 37.66 0.34
C LEU B 112 6.90 36.62 1.26
N LEU B 113 7.87 37.02 2.08
CA LEU B 113 8.50 36.08 3.01
C LEU B 113 7.47 35.51 3.99
N SER B 114 6.53 36.33 4.45
CA SER B 114 5.53 35.85 5.39
C SER B 114 4.51 34.95 4.72
N LEU B 115 4.28 35.12 3.42
CA LEU B 115 3.30 34.28 2.74
C LEU B 115 3.80 32.85 2.59
N ILE B 116 5.08 32.67 2.27
CA ILE B 116 5.63 31.33 2.09
C ILE B 116 5.65 30.56 3.40
N GLU B 117 5.64 31.26 4.54
CA GLU B 117 5.63 30.56 5.83
C GLU B 117 4.27 29.95 6.13
N TYR B 118 3.20 30.73 5.94
CA TYR B 118 1.86 30.24 6.25
C TYR B 118 1.48 29.07 5.36
N TYR B 119 1.88 29.10 4.09
CA TYR B 119 1.59 27.99 3.19
C TYR B 119 2.46 26.77 3.47
N GLN B 120 3.50 26.91 4.28
CA GLN B 120 4.40 25.82 4.65
C GLN B 120 4.97 25.13 3.40
N TRP B 121 5.79 25.89 2.68
CA TRP B 121 6.47 25.39 1.50
C TRP B 121 7.91 25.00 1.84
N ASP B 122 8.46 24.09 1.04
CA ASP B 122 9.82 23.59 1.28
C ASP B 122 10.65 23.63 0.01
N LYS B 123 10.10 23.13 -1.10
CA LYS B 123 10.78 23.15 -2.39
C LYS B 123 9.84 23.70 -3.44
N PHE B 124 10.31 24.69 -4.20
CA PHE B 124 9.50 25.34 -5.22
C PHE B 124 10.41 26.02 -6.22
N ALA B 125 9.81 26.51 -7.30
CA ALA B 125 10.52 27.21 -8.36
C ALA B 125 10.22 28.70 -8.29
N TYR B 126 11.25 29.51 -8.49
CA TYR B 126 11.12 30.96 -8.46
C TYR B 126 11.42 31.49 -9.86
N LEU B 127 10.44 32.17 -10.45
CA LEU B 127 10.59 32.73 -11.79
C LEU B 127 10.76 34.24 -11.68
N TYR B 128 11.78 34.76 -12.37
CA TYR B 128 12.13 36.17 -12.27
C TYR B 128 12.69 36.63 -13.61
N ASP B 129 12.48 37.91 -13.91
CA ASP B 129 13.06 38.54 -15.08
C ASP B 129 14.11 39.55 -14.64
N SER B 130 15.32 39.42 -15.20
CA SER B 130 16.40 40.35 -14.87
C SER B 130 16.08 41.79 -15.25
N ASP B 131 15.01 42.02 -16.02
CA ASP B 131 14.63 43.36 -16.42
C ASP B 131 13.97 44.11 -15.26
N ARG B 132 12.85 43.57 -14.77
CA ARG B 132 12.23 44.07 -13.55
C ARG B 132 13.21 44.10 -12.38
N GLY B 133 14.27 43.30 -12.45
CA GLY B 133 15.27 43.23 -11.43
C GLY B 133 15.25 41.89 -10.71
N LEU B 134 15.90 41.87 -9.54
CA LEU B 134 15.92 40.67 -8.72
C LEU B 134 16.16 41.00 -7.26
N SER B 135 15.92 42.24 -6.84
CA SER B 135 16.05 42.59 -5.42
C SER B 135 15.12 41.75 -4.56
N THR B 136 13.99 41.32 -5.11
CA THR B 136 13.09 40.44 -4.38
C THR B 136 13.56 38.99 -4.42
N LEU B 137 14.12 38.56 -5.55
CA LEU B 137 14.69 37.22 -5.63
C LEU B 137 15.91 37.10 -4.73
N GLN B 138 16.74 38.15 -4.67
CA GLN B 138 17.88 38.13 -3.76
C GLN B 138 17.42 37.91 -2.33
N ALA B 139 16.30 38.51 -1.94
CA ALA B 139 15.81 38.37 -0.57
C ALA B 139 15.39 36.93 -0.27
N VAL B 140 14.74 36.26 -1.21
CA VAL B 140 14.30 34.89 -0.97
C VAL B 140 15.47 33.91 -1.07
N LEU B 141 16.54 34.27 -1.78
CA LEU B 141 17.72 33.42 -1.80
C LEU B 141 18.58 33.61 -0.56
N ASP B 142 18.59 34.82 0.01
CA ASP B 142 19.31 35.04 1.27
C ASP B 142 18.67 34.25 2.40
N SER B 143 17.36 34.40 2.58
CA SER B 143 16.61 33.66 3.60
C SER B 143 16.40 32.20 3.24
N ALA B 144 16.95 31.72 2.11
CA ALA B 144 16.78 30.33 1.73
C ALA B 144 17.55 29.38 2.63
N ALA B 145 18.57 29.86 3.33
CA ALA B 145 19.35 29.02 4.24
C ALA B 145 18.74 28.97 5.63
N GLU B 146 18.30 30.11 6.16
CA GLU B 146 17.76 30.14 7.52
C GLU B 146 16.43 29.39 7.62
N LYS B 147 15.64 29.38 6.55
CA LYS B 147 14.27 28.87 6.61
C LYS B 147 14.06 27.61 5.78
N LYS B 148 15.15 26.96 5.34
CA LYS B 148 15.10 25.64 4.71
C LYS B 148 14.24 25.66 3.44
N TRP B 149 14.82 26.26 2.40
CA TRP B 149 14.17 26.34 1.10
C TRP B 149 15.13 25.85 0.01
N GLN B 150 14.58 25.12 -0.95
CA GLN B 150 15.33 24.55 -2.07
C GLN B 150 14.80 25.20 -3.35
N VAL B 151 15.21 26.44 -3.57
CA VAL B 151 14.66 27.24 -4.66
C VAL B 151 15.32 26.83 -5.97
N THR B 152 14.50 26.45 -6.95
CA THR B 152 14.95 26.17 -8.32
C THR B 152 14.79 27.45 -9.11
N ALA B 153 15.81 28.31 -9.05
CA ALA B 153 15.73 29.64 -9.64
C ALA B 153 15.85 29.55 -11.16
N ILE B 154 14.82 30.02 -11.86
CA ILE B 154 14.80 30.06 -13.31
C ILE B 154 14.65 31.51 -13.75
N ASN B 155 15.59 31.98 -14.57
CA ASN B 155 15.51 33.32 -15.13
C ASN B 155 14.55 33.30 -16.34
N VAL B 156 13.52 34.13 -16.29
CA VAL B 156 12.55 34.22 -17.36
C VAL B 156 12.60 35.60 -18.03
N GLY B 157 13.69 36.32 -17.88
CA GLY B 157 13.81 37.65 -18.43
C GLY B 157 14.17 37.69 -19.90
N ASN B 158 15.38 37.25 -20.22
CA ASN B 158 15.91 37.34 -21.58
C ASN B 158 15.35 36.19 -22.41
N ILE B 159 14.24 36.46 -23.11
CA ILE B 159 13.62 35.50 -24.01
C ILE B 159 13.11 36.24 -25.23
N ASN B 160 13.17 35.57 -26.38
CA ASN B 160 12.65 36.11 -27.63
C ASN B 160 11.17 35.81 -27.75
N ASN B 161 10.45 36.72 -28.44
CA ASN B 161 9.00 36.60 -28.55
C ASN B 161 8.55 35.60 -29.60
N ASP B 162 9.47 35.10 -30.44
CA ASP B 162 9.12 34.09 -31.44
C ASP B 162 9.33 32.66 -30.94
N LYS B 163 10.14 32.48 -29.89
CA LYS B 163 10.36 31.17 -29.30
C LYS B 163 9.62 30.99 -27.98
N LYS B 164 8.57 31.79 -27.75
CA LYS B 164 7.79 31.66 -26.52
C LYS B 164 7.13 30.29 -26.43
N ASP B 165 6.56 29.81 -27.54
CA ASP B 165 5.91 28.50 -27.53
C ASP B 165 6.91 27.37 -27.30
N GLU B 166 8.17 27.58 -27.66
CA GLU B 166 9.16 26.51 -27.61
C GLU B 166 9.93 26.49 -26.29
N THR B 167 10.31 27.65 -25.77
CA THR B 167 11.11 27.69 -24.55
C THR B 167 10.26 27.51 -23.29
N TYR B 168 8.99 27.91 -23.33
CA TYR B 168 8.14 27.81 -22.15
C TYR B 168 7.79 26.36 -21.84
N ARG B 169 7.45 25.57 -22.87
CA ARG B 169 7.13 24.15 -22.63
C ARG B 169 8.35 23.41 -22.09
N SER B 170 9.53 23.67 -22.68
CA SER B 170 10.73 22.99 -22.22
C SER B 170 11.11 23.40 -20.79
N LEU B 171 10.68 24.59 -20.37
CA LEU B 171 10.95 25.03 -19.00
C LEU B 171 10.30 24.09 -17.99
N PHE B 172 9.06 23.67 -18.25
CA PHE B 172 8.33 22.84 -17.31
C PHE B 172 8.71 21.38 -17.39
N GLN B 173 9.49 20.97 -18.40
CA GLN B 173 10.13 19.66 -18.34
C GLN B 173 11.26 19.67 -17.32
N ASP B 174 11.98 20.78 -17.22
CA ASP B 174 12.98 20.93 -16.16
C ASP B 174 12.33 21.10 -14.80
N LEU B 175 11.11 21.62 -14.77
CA LEU B 175 10.31 21.65 -13.54
C LEU B 175 9.56 20.35 -13.31
N GLU B 176 9.87 19.31 -14.07
CA GLU B 176 9.34 17.98 -13.84
C GLU B 176 10.40 16.98 -13.39
N LEU B 177 11.68 17.36 -13.45
CA LEU B 177 12.74 16.49 -12.96
C LEU B 177 12.55 16.18 -11.48
N LYS B 178 12.25 17.21 -10.69
CA LYS B 178 11.95 17.06 -9.28
C LYS B 178 10.45 17.07 -9.00
N LYS B 179 9.63 16.96 -10.04
CA LYS B 179 8.17 17.03 -9.91
C LYS B 179 7.74 18.31 -9.20
N GLU B 180 8.30 19.43 -9.67
CA GLU B 180 8.01 20.72 -9.06
C GLU B 180 6.53 21.08 -9.26
N ARG B 181 5.85 21.38 -8.15
CA ARG B 181 4.42 21.60 -8.17
C ARG B 181 4.00 22.98 -7.67
N ARG B 182 4.94 23.82 -7.27
CA ARG B 182 4.63 25.13 -6.73
C ARG B 182 5.63 26.14 -7.26
N VAL B 183 5.13 27.25 -7.81
CA VAL B 183 5.95 28.23 -8.50
C VAL B 183 5.56 29.63 -8.07
N ILE B 184 6.55 30.50 -7.88
CA ILE B 184 6.35 31.90 -7.55
C ILE B 184 6.68 32.74 -8.79
N LEU B 185 5.91 33.79 -9.02
CA LEU B 185 6.06 34.64 -10.20
C LEU B 185 6.36 36.07 -9.76
N ASP B 186 7.65 36.44 -9.77
CA ASP B 186 8.07 37.80 -9.47
C ASP B 186 8.42 38.49 -10.79
N CYS B 187 7.38 39.02 -11.43
CA CYS B 187 7.54 39.66 -12.73
C CYS B 187 6.62 40.88 -12.77
N GLU B 188 6.30 41.34 -13.97
CA GLU B 188 5.37 42.43 -14.21
C GLU B 188 4.02 41.86 -14.66
N ARG B 189 2.98 42.69 -14.51
CA ARG B 189 1.64 42.24 -14.83
C ARG B 189 1.51 41.83 -16.28
N ASP B 190 2.13 42.58 -17.20
CA ASP B 190 2.05 42.24 -18.61
C ASP B 190 2.72 40.90 -18.90
N LYS B 191 3.75 40.54 -18.14
CA LYS B 191 4.41 39.25 -18.31
C LYS B 191 3.70 38.14 -17.52
N VAL B 192 2.97 38.49 -16.48
CA VAL B 192 2.17 37.49 -15.75
C VAL B 192 1.11 36.90 -16.67
N ASN B 193 0.36 37.76 -17.37
CA ASN B 193 -0.66 37.29 -18.29
C ASN B 193 -0.08 36.37 -19.36
N ASP B 194 1.21 36.51 -19.65
CA ASP B 194 1.86 35.63 -20.63
C ASP B 194 2.00 34.22 -20.08
N ILE B 195 2.61 34.09 -18.89
CA ILE B 195 2.86 32.77 -18.31
C ILE B 195 1.55 32.07 -17.97
N VAL B 196 0.55 32.84 -17.50
CA VAL B 196 -0.74 32.25 -17.11
C VAL B 196 -1.37 31.50 -18.28
N ASP B 197 -1.31 32.09 -19.48
CA ASP B 197 -1.98 31.47 -20.62
C ASP B 197 -1.29 30.18 -21.06
N GLN B 198 0.04 30.09 -20.90
CA GLN B 198 0.76 28.93 -21.38
C GLN B 198 0.70 27.76 -20.41
N VAL B 199 0.66 28.02 -19.10
CA VAL B 199 0.56 26.95 -18.12
C VAL B 199 -0.73 26.16 -18.34
N ILE B 200 -1.79 26.82 -18.81
CA ILE B 200 -3.05 26.13 -19.08
C ILE B 200 -2.94 25.23 -20.29
N THR B 201 -2.12 25.60 -21.28
CA THR B 201 -2.02 24.80 -22.49
C THR B 201 -1.37 23.44 -22.21
N ILE B 202 -0.29 23.44 -21.41
CA ILE B 202 0.32 22.18 -21.01
C ILE B 202 -0.41 21.52 -19.85
N GLY B 203 -1.37 22.22 -19.24
CA GLY B 203 -2.20 21.62 -18.22
C GLY B 203 -1.55 21.46 -16.86
N LYS B 204 -0.79 22.46 -16.41
CA LYS B 204 -0.20 22.40 -15.08
C LYS B 204 -0.85 23.43 -14.16
N HIS B 205 -2.19 23.46 -14.16
CA HIS B 205 -2.95 24.34 -13.29
C HIS B 205 -4.15 23.61 -12.68
N VAL B 206 -4.11 22.28 -12.60
CA VAL B 206 -5.20 21.50 -12.02
C VAL B 206 -5.03 21.47 -10.51
N LYS B 207 -5.86 20.67 -9.83
CA LYS B 207 -5.75 20.53 -8.39
C LYS B 207 -4.45 19.81 -8.06
N GLY B 208 -3.53 20.52 -7.43
CA GLY B 208 -2.22 19.98 -7.11
C GLY B 208 -1.14 21.03 -7.20
N TYR B 209 -1.24 21.91 -8.19
CA TYR B 209 -0.30 23.00 -8.35
C TYR B 209 -0.80 24.23 -7.59
N HIS B 210 0.16 25.06 -7.16
CA HIS B 210 -0.14 26.19 -6.30
C HIS B 210 0.81 27.32 -6.66
N TYR B 211 0.27 28.46 -7.05
CA TYR B 211 1.07 29.56 -7.59
C TYR B 211 0.93 30.80 -6.71
N ILE B 212 1.95 31.65 -6.79
CA ILE B 212 2.03 32.89 -6.03
C ILE B 212 2.38 34.01 -6.98
N ILE B 213 1.54 35.04 -7.03
CA ILE B 213 1.78 36.22 -7.86
C ILE B 213 2.53 37.24 -7.01
N ALA B 214 3.74 37.57 -7.42
CA ALA B 214 4.58 38.50 -6.65
C ALA B 214 4.55 39.89 -7.30
N ASN B 215 3.37 40.49 -7.27
CA ASN B 215 3.21 41.89 -7.59
C ASN B 215 2.08 42.44 -6.74
N LEU B 216 2.08 43.76 -6.58
CA LEU B 216 1.04 44.43 -5.81
C LEU B 216 -0.25 44.62 -6.60
N GLY B 217 -0.36 43.99 -7.76
CA GLY B 217 -1.58 44.07 -8.56
C GLY B 217 -2.16 42.72 -8.90
N PHE B 218 -2.78 42.06 -7.93
CA PHE B 218 -3.41 40.77 -8.14
C PHE B 218 -4.59 40.89 -9.10
N THR B 219 -5.63 41.61 -8.68
CA THR B 219 -6.81 41.81 -9.52
C THR B 219 -6.57 42.79 -10.66
N ASP B 220 -5.38 43.38 -10.75
CA ASP B 220 -5.11 44.32 -11.84
C ASP B 220 -5.09 43.61 -13.18
N GLY B 221 -4.41 42.47 -13.26
CA GLY B 221 -4.40 41.70 -14.48
C GLY B 221 -5.58 40.76 -14.59
N ASP B 222 -5.74 40.20 -15.77
CA ASP B 222 -6.79 39.20 -15.99
C ASP B 222 -6.52 37.98 -15.11
N LEU B 223 -7.52 37.61 -14.32
CA LEU B 223 -7.38 36.57 -13.32
C LEU B 223 -8.37 35.42 -13.50
N LEU B 224 -9.54 35.68 -14.09
CA LEU B 224 -10.59 34.67 -14.23
C LEU B 224 -10.12 33.43 -14.99
N LYS B 225 -9.04 33.54 -15.77
CA LYS B 225 -8.65 32.44 -16.65
C LYS B 225 -8.29 31.18 -15.88
N ILE B 226 -7.81 31.31 -14.64
CA ILE B 226 -7.48 30.18 -13.80
C ILE B 226 -8.37 30.09 -12.57
N GLN B 227 -9.49 30.83 -12.58
CA GLN B 227 -10.40 30.84 -11.43
C GLN B 227 -11.04 29.47 -11.19
N PHE B 228 -11.05 28.59 -12.19
CA PHE B 228 -11.69 27.30 -12.07
C PHE B 228 -10.75 26.15 -12.39
N GLY B 229 -9.45 26.41 -12.52
CA GLY B 229 -8.49 25.36 -12.78
C GLY B 229 -8.33 24.37 -11.63
N GLY B 230 -8.82 24.70 -10.45
CA GLY B 230 -8.65 23.88 -9.27
C GLY B 230 -7.40 24.23 -8.48
N ALA B 231 -6.33 24.59 -9.19
CA ALA B 231 -5.12 25.04 -8.52
C ALA B 231 -5.40 26.29 -7.71
N GLU B 232 -4.95 26.29 -6.46
CA GLU B 232 -5.06 27.47 -5.63
C GLU B 232 -4.07 28.53 -6.11
N VAL B 233 -4.53 29.78 -6.17
CA VAL B 233 -3.71 30.90 -6.61
C VAL B 233 -3.81 31.99 -5.56
N SER B 234 -2.66 32.50 -5.12
CA SER B 234 -2.60 33.58 -4.16
C SER B 234 -1.77 34.73 -4.73
N GLY B 235 -2.11 35.94 -4.31
CA GLY B 235 -1.39 37.11 -4.76
C GLY B 235 -1.49 38.27 -3.79
N PHE B 236 -1.15 39.47 -4.24
CA PHE B 236 -1.13 40.64 -3.38
C PHE B 236 -1.88 41.77 -4.05
N GLN B 237 -2.71 42.47 -3.28
CA GLN B 237 -3.49 43.60 -3.75
C GLN B 237 -3.17 44.80 -2.86
N ILE B 238 -2.44 45.76 -3.40
CA ILE B 238 -2.23 47.01 -2.68
C ILE B 238 -3.41 47.95 -2.94
N VAL B 239 -4.05 47.84 -4.10
CA VAL B 239 -5.20 48.69 -4.42
C VAL B 239 -6.44 47.85 -4.11
N ASP B 240 -6.79 47.82 -2.83
CA ASP B 240 -7.94 47.05 -2.40
C ASP B 240 -9.21 47.59 -3.05
N TYR B 241 -9.71 46.90 -4.07
CA TYR B 241 -10.93 47.32 -4.75
C TYR B 241 -12.15 47.27 -3.84
N ASP B 242 -12.01 46.75 -2.61
CA ASP B 242 -13.06 46.76 -1.61
C ASP B 242 -13.00 47.99 -0.71
N ASP B 243 -11.91 48.76 -0.76
CA ASP B 243 -11.83 50.00 0.01
C ASP B 243 -12.78 51.03 -0.57
N SER B 244 -13.30 51.89 0.31
CA SER B 244 -14.33 52.85 -0.10
C SER B 244 -13.79 53.85 -1.11
N LEU B 245 -12.58 54.37 -0.87
CA LEU B 245 -12.02 55.39 -1.76
C LEU B 245 -11.83 54.87 -3.17
N VAL B 246 -11.51 53.58 -3.32
CA VAL B 246 -11.27 53.03 -4.64
C VAL B 246 -12.57 52.80 -5.40
N SER B 247 -13.67 52.51 -4.69
CA SER B 247 -14.94 52.25 -5.36
C SER B 247 -15.49 53.50 -6.02
N LYS B 248 -15.57 54.61 -5.27
CA LYS B 248 -15.92 55.89 -5.87
C LYS B 248 -14.94 56.27 -6.98
N PHE B 249 -13.69 55.82 -6.86
CA PHE B 249 -12.72 56.02 -7.94
C PHE B 249 -13.07 55.15 -9.15
N ILE B 250 -13.46 53.89 -8.91
CA ILE B 250 -13.79 52.99 -10.01
C ILE B 250 -14.98 53.51 -10.81
N GLU B 251 -16.00 54.04 -10.12
CA GLU B 251 -17.17 54.59 -10.78
C GLU B 251 -16.77 55.67 -11.79
N ARG B 252 -16.03 56.67 -11.31
CA ARG B 252 -15.55 57.71 -12.22
C ARG B 252 -14.61 57.14 -13.26
N TRP B 253 -13.78 56.17 -12.87
CA TRP B 253 -12.83 55.56 -13.80
C TRP B 253 -13.55 54.90 -14.96
N SER B 254 -14.39 53.91 -14.67
CA SER B 254 -15.09 53.15 -15.70
C SER B 254 -16.14 53.99 -16.42
N THR B 255 -16.26 55.26 -16.05
CA THR B 255 -17.14 56.18 -16.77
C THR B 255 -16.36 57.16 -17.65
N LEU B 256 -15.07 57.36 -17.38
CA LEU B 256 -14.27 58.26 -18.19
C LEU B 256 -14.21 57.78 -19.65
N GLU B 257 -13.88 58.71 -20.53
CA GLU B 257 -13.84 58.44 -21.96
C GLU B 257 -12.54 57.70 -22.29
N GLU B 258 -12.67 56.48 -22.80
CA GLU B 258 -11.48 55.69 -23.12
C GLU B 258 -10.63 56.37 -24.20
N LYS B 259 -11.26 57.16 -25.06
CA LYS B 259 -10.50 57.92 -26.05
C LYS B 259 -9.61 58.95 -25.37
N GLU B 260 -10.17 59.70 -24.42
CA GLU B 260 -9.40 60.71 -23.70
C GLU B 260 -8.25 60.09 -22.93
N TYR B 261 -8.58 59.41 -21.83
CA TYR B 261 -7.60 58.71 -21.03
C TYR B 261 -7.52 57.27 -21.51
N PRO B 262 -6.49 56.92 -22.29
CA PRO B 262 -6.46 55.59 -22.93
C PRO B 262 -6.38 54.48 -21.90
N GLY B 263 -7.21 53.46 -22.09
CA GLY B 263 -7.24 52.34 -21.17
C GLY B 263 -7.70 52.71 -19.77
N ALA B 264 -8.65 53.64 -19.67
CA ALA B 264 -9.17 54.07 -18.39
C ALA B 264 -10.67 53.85 -18.23
N HIS B 265 -11.34 53.36 -19.26
CA HIS B 265 -12.78 53.12 -19.22
C HIS B 265 -13.15 51.83 -18.49
N THR B 266 -12.19 51.20 -17.82
CA THR B 266 -12.39 49.92 -17.17
C THR B 266 -12.77 50.10 -15.70
N ALA B 267 -13.22 49.01 -15.09
CA ALA B 267 -13.59 49.00 -13.68
C ALA B 267 -12.43 48.62 -12.77
N THR B 268 -11.20 48.61 -13.29
CA THR B 268 -10.02 48.27 -12.52
C THR B 268 -8.89 49.23 -12.87
N ILE B 269 -8.01 49.47 -11.91
CA ILE B 269 -6.87 50.37 -12.08
C ILE B 269 -5.61 49.67 -11.56
N LYS B 270 -4.53 49.79 -12.31
CA LYS B 270 -3.29 49.09 -11.99
C LYS B 270 -2.72 49.56 -10.65
N TYR B 271 -1.85 48.73 -10.07
CA TYR B 271 -1.20 49.11 -8.83
C TYR B 271 -0.17 50.20 -9.05
N THR B 272 0.56 50.13 -10.18
CA THR B 272 1.43 51.25 -10.55
C THR B 272 0.61 52.49 -10.87
N SER B 273 -0.47 52.32 -11.63
CA SER B 273 -1.33 53.44 -11.98
C SER B 273 -1.97 54.06 -10.75
N ALA B 274 -2.42 53.23 -9.81
CA ALA B 274 -3.03 53.75 -8.58
C ALA B 274 -2.01 54.44 -7.71
N LEU B 275 -0.81 53.86 -7.57
CA LEU B 275 0.25 54.53 -6.83
C LEU B 275 0.64 55.84 -7.49
N THR B 276 0.59 55.90 -8.83
CA THR B 276 0.80 57.16 -9.52
C THR B 276 -0.22 58.20 -9.09
N TYR B 277 -1.49 57.79 -8.95
CA TYR B 277 -2.51 58.70 -8.44
C TYR B 277 -2.21 59.11 -7.00
N ASP B 278 -1.97 58.13 -6.12
CA ASP B 278 -1.68 58.43 -4.73
C ASP B 278 -0.42 59.26 -4.57
N ALA B 279 0.50 59.17 -5.53
CA ALA B 279 1.73 59.97 -5.47
C ALA B 279 1.43 61.46 -5.56
N VAL B 280 0.43 61.83 -6.36
CA VAL B 280 0.11 63.24 -6.56
C VAL B 280 -0.34 63.90 -5.27
N GLN B 281 -0.99 63.12 -4.37
CA GLN B 281 -1.48 63.70 -3.13
C GLN B 281 -0.33 64.12 -2.21
N VAL B 282 0.70 63.27 -2.10
CA VAL B 282 1.84 63.60 -1.24
C VAL B 282 2.56 64.83 -1.73
N MET B 283 2.58 65.06 -3.04
CA MET B 283 3.25 66.23 -3.59
C MET B 283 2.49 67.51 -3.30
N THR B 284 1.16 67.44 -3.25
CA THR B 284 0.35 68.61 -2.93
C THR B 284 0.41 68.93 -1.45
N GLU B 285 0.21 67.92 -0.60
CA GLU B 285 0.27 68.12 0.84
C GLU B 285 1.62 68.65 1.30
N ALA B 286 2.67 68.45 0.51
CA ALA B 286 3.98 68.98 0.85
C ALA B 286 3.98 70.51 0.85
N PHE B 287 3.70 71.11 -0.30
CA PHE B 287 3.75 72.56 -0.42
C PHE B 287 2.70 73.26 0.43
N ARG B 288 1.62 72.56 0.80
CA ARG B 288 0.60 73.17 1.65
C ARG B 288 1.14 73.38 3.07
N ASN B 289 1.84 72.38 3.62
CA ASN B 289 2.38 72.51 4.96
C ASN B 289 3.54 73.51 4.99
N LEU B 290 4.34 73.55 3.93
CA LEU B 290 5.42 74.53 3.86
C LEU B 290 4.86 75.95 3.91
N ARG B 291 3.82 76.22 3.11
CA ARG B 291 3.17 77.52 3.18
C ARG B 291 2.44 77.71 4.50
N LYS B 292 1.96 76.61 5.12
CA LYS B 292 1.31 76.73 6.41
C LYS B 292 2.30 77.02 7.52
N GLN B 293 3.47 76.38 7.48
CA GLN B 293 4.48 76.54 8.52
C GLN B 293 5.34 77.79 8.34
N ARG B 294 4.95 78.68 7.42
CA ARG B 294 5.51 80.03 7.31
C ARG B 294 7.02 80.00 7.01
N ILE B 295 7.36 79.37 5.90
CA ILE B 295 8.70 79.43 5.34
C ILE B 295 8.59 79.46 3.83
N GLU B 296 9.55 80.14 3.19
CA GLU B 296 9.53 80.30 1.75
C GLU B 296 10.54 79.36 1.09
N ILE B 297 10.16 78.88 -0.09
CA ILE B 297 10.99 77.94 -0.84
C ILE B 297 11.23 78.51 -2.24
N SER B 298 10.86 79.77 -2.43
CA SER B 298 11.02 80.40 -3.73
C SER B 298 12.50 80.50 -4.11
N ARG B 299 12.79 80.27 -5.38
CA ARG B 299 14.17 80.28 -5.85
C ARG B 299 14.72 81.69 -5.89
N ARG B 300 16.05 81.79 -5.78
CA ARG B 300 16.72 83.08 -5.85
C ARG B 300 16.94 83.51 -7.30
N GLY B 301 17.66 82.69 -8.07
CA GLY B 301 17.91 83.00 -9.47
C GLY B 301 17.76 81.79 -10.37
N ASN B 302 18.32 81.88 -11.58
CA ASN B 302 18.23 80.77 -12.52
C ASN B 302 19.05 79.59 -12.03
N ALA B 303 18.50 78.38 -12.21
CA ALA B 303 19.18 77.18 -11.73
C ALA B 303 20.44 76.90 -12.54
N GLY B 304 20.38 77.08 -13.86
CA GLY B 304 21.55 76.89 -14.69
C GLY B 304 21.79 75.42 -15.03
N ASP B 305 23.06 75.11 -15.29
CA ASP B 305 23.44 73.77 -15.69
C ASP B 305 23.50 72.83 -14.49
N CYS B 306 23.05 71.58 -14.70
CA CYS B 306 23.05 70.62 -13.61
C CYS B 306 24.46 70.17 -13.24
N LEU B 307 25.38 70.14 -14.22
CA LEU B 307 26.78 69.84 -13.96
C LEU B 307 27.55 71.04 -13.46
N ALA B 308 26.89 71.93 -12.71
CA ALA B 308 27.55 73.11 -12.14
C ALA B 308 28.67 72.68 -11.20
N ASN B 309 29.91 73.01 -11.56
CA ASN B 309 31.05 72.73 -10.72
C ASN B 309 31.57 74.02 -10.10
N PRO B 310 31.68 74.10 -8.77
CA PRO B 310 31.37 73.05 -7.81
C PRO B 310 29.87 72.80 -7.64
N ALA B 311 29.50 71.61 -7.18
CA ALA B 311 28.10 71.25 -6.99
C ALA B 311 27.44 72.19 -5.98
N VAL B 312 26.59 73.08 -6.46
CA VAL B 312 25.89 74.04 -5.61
C VAL B 312 24.54 73.46 -5.21
N PRO B 313 24.40 72.92 -4.00
CA PRO B 313 23.09 72.40 -3.57
C PRO B 313 22.25 73.46 -2.90
N TRP B 314 21.08 73.76 -3.47
CA TRP B 314 20.23 74.81 -2.93
C TRP B 314 19.73 74.43 -1.54
N GLY B 315 19.38 75.45 -0.76
CA GLY B 315 19.05 75.22 0.63
C GLY B 315 17.64 74.68 0.82
N GLN B 316 16.68 75.28 0.13
CA GLN B 316 15.28 74.92 0.34
C GLN B 316 14.95 73.52 -0.14
N GLY B 317 15.88 72.84 -0.81
CA GLY B 317 15.63 71.47 -1.22
C GLY B 317 15.54 70.52 -0.04
N VAL B 318 16.35 70.74 0.99
CA VAL B 318 16.29 69.90 2.18
C VAL B 318 15.01 70.16 2.98
N GLU B 319 14.41 71.34 2.83
CA GLU B 319 13.12 71.60 3.46
C GLU B 319 11.99 70.96 2.67
N ILE B 320 12.15 70.80 1.36
CA ILE B 320 11.17 70.05 0.58
C ILE B 320 11.21 68.57 0.96
N GLU B 321 12.41 68.03 1.19
CA GLU B 321 12.52 66.64 1.60
C GLU B 321 11.82 66.38 2.93
N ARG B 322 11.96 67.31 3.88
CA ARG B 322 11.33 67.13 5.18
C ARG B 322 9.81 67.20 5.09
N ALA B 323 9.29 68.07 4.21
CA ALA B 323 7.84 68.21 4.08
C ALA B 323 7.21 66.93 3.51
N LEU B 324 7.81 66.39 2.44
CA LEU B 324 7.26 65.19 1.80
C LEU B 324 7.13 64.04 2.80
N LYS B 325 8.23 63.70 3.48
CA LYS B 325 8.23 62.54 4.35
C LYS B 325 7.38 62.74 5.60
N GLN B 326 7.11 63.98 5.98
CA GLN B 326 6.21 64.25 7.10
C GLN B 326 4.75 64.17 6.70
N VAL B 327 4.44 64.00 5.41
CA VAL B 327 3.06 63.84 4.98
C VAL B 327 2.53 62.50 5.45
N GLN B 328 1.34 62.51 6.06
CA GLN B 328 0.69 61.28 6.53
C GLN B 328 -0.79 61.38 6.16
N VAL B 329 -1.16 60.73 5.06
CA VAL B 329 -2.54 60.73 4.58
C VAL B 329 -2.94 59.32 4.19
N GLU B 330 -4.04 59.19 3.45
CA GLU B 330 -4.56 57.89 3.03
C GLU B 330 -4.91 57.93 1.55
N GLY B 331 -4.79 56.78 0.89
CA GLY B 331 -5.05 56.69 -0.52
C GLY B 331 -5.43 55.29 -0.94
N LEU B 332 -5.38 55.07 -2.26
CA LEU B 332 -5.79 53.78 -2.83
C LEU B 332 -4.94 52.62 -2.34
N SER B 333 -3.78 52.89 -1.76
CA SER B 333 -2.88 51.86 -1.26
C SER B 333 -3.02 51.62 0.24
N GLY B 334 -3.88 52.38 0.92
CA GLY B 334 -3.98 52.30 2.37
C GLY B 334 -3.34 53.49 3.04
N ASN B 335 -2.89 53.32 4.27
CA ASN B 335 -2.22 54.41 4.97
C ASN B 335 -0.89 54.73 4.31
N ILE B 336 -0.60 56.03 4.19
CA ILE B 336 0.59 56.51 3.51
C ILE B 336 1.33 57.43 4.45
N LYS B 337 2.41 56.92 5.05
CA LYS B 337 3.39 57.74 5.75
C LYS B 337 4.77 57.20 5.40
N PHE B 338 5.79 58.03 5.60
CA PHE B 338 7.13 57.72 5.11
C PHE B 338 8.14 57.84 6.23
N ASP B 339 9.32 57.27 5.98
CA ASP B 339 10.48 57.40 6.85
C ASP B 339 11.46 58.41 6.29
N GLN B 340 12.51 58.69 7.06
CA GLN B 340 13.51 59.67 6.65
C GLN B 340 14.22 59.30 5.35
N ASN B 341 14.09 58.06 4.88
CA ASN B 341 14.65 57.67 3.59
C ASN B 341 13.66 57.86 2.46
N GLY B 342 12.39 57.54 2.69
CA GLY B 342 11.36 57.68 1.67
C GLY B 342 10.66 56.38 1.35
N LYS B 343 10.59 55.48 2.32
CA LYS B 343 9.96 54.19 2.16
C LYS B 343 8.63 54.14 2.91
N ARG B 344 7.70 53.36 2.38
CA ARG B 344 6.37 53.26 2.97
C ARG B 344 6.42 52.57 4.33
N ILE B 345 5.58 53.05 5.26
CA ILE B 345 5.44 52.48 6.59
C ILE B 345 3.98 52.56 7.00
N ASN B 346 3.62 51.74 7.99
CA ASN B 346 2.23 51.62 8.47
C ASN B 346 1.28 51.35 7.30
N TYR B 347 1.77 50.57 6.33
CA TYR B 347 1.01 50.27 5.13
C TYR B 347 0.39 48.89 5.21
N THR B 348 -0.46 48.58 4.22
CA THR B 348 -1.28 47.38 4.24
C THR B 348 -1.25 46.72 2.87
N ILE B 349 -0.85 45.44 2.83
CA ILE B 349 -0.81 44.66 1.60
C ILE B 349 -1.78 43.49 1.77
N ASN B 350 -2.84 43.48 0.98
CA ASN B 350 -3.82 42.41 1.06
C ASN B 350 -3.31 41.14 0.38
N ILE B 351 -3.54 40.01 1.03
CA ILE B 351 -3.17 38.70 0.50
C ILE B 351 -4.45 38.01 0.06
N MET B 352 -4.68 37.95 -1.25
CA MET B 352 -5.92 37.42 -1.80
C MET B 352 -5.66 36.06 -2.44
N GLU B 353 -6.34 35.03 -1.95
CA GLU B 353 -6.36 33.75 -2.63
C GLU B 353 -7.35 33.79 -3.79
N LEU B 354 -7.33 32.73 -4.58
CA LEU B 354 -8.27 32.56 -5.69
C LEU B 354 -9.21 31.42 -5.35
N LYS B 355 -10.46 31.77 -5.06
CA LYS B 355 -11.50 30.79 -4.80
C LYS B 355 -12.38 30.67 -6.05
N THR B 356 -13.49 29.93 -5.92
CA THR B 356 -14.39 29.74 -7.04
C THR B 356 -15.03 31.05 -7.47
N ASN B 357 -15.63 31.76 -6.53
CA ASN B 357 -16.33 33.01 -6.85
C ASN B 357 -15.38 34.12 -7.28
N GLY B 358 -14.06 33.96 -7.11
CA GLY B 358 -13.12 34.93 -7.61
C GLY B 358 -12.02 35.26 -6.62
N PRO B 359 -11.39 36.43 -6.82
CA PRO B 359 -10.34 36.86 -5.91
C PRO B 359 -10.86 37.12 -4.51
N ARG B 360 -10.57 36.21 -3.59
CA ARG B 360 -11.08 36.28 -2.22
C ARG B 360 -9.97 36.75 -1.29
N LYS B 361 -10.21 37.88 -0.62
CA LYS B 361 -9.29 38.34 0.41
C LYS B 361 -9.31 37.37 1.59
N ILE B 362 -8.12 37.10 2.14
CA ILE B 362 -8.01 36.16 3.26
C ILE B 362 -7.32 36.87 4.42
N GLY B 363 -6.38 37.76 4.11
CA GLY B 363 -5.69 38.50 5.15
C GLY B 363 -4.83 39.59 4.57
N TYR B 364 -4.42 40.50 5.44
CA TYR B 364 -3.54 41.60 5.06
C TYR B 364 -2.18 41.45 5.72
N TRP B 365 -1.21 42.20 5.20
CA TRP B 365 0.16 42.17 5.69
C TRP B 365 0.62 43.57 6.04
N SER B 366 1.28 43.70 7.19
CA SER B 366 1.93 44.94 7.61
C SER B 366 3.27 44.58 8.22
N GLU B 367 4.17 45.57 8.28
CA GLU B 367 5.50 45.33 8.83
C GLU B 367 5.43 44.96 10.30
N VAL B 368 4.56 45.63 11.05
CA VAL B 368 4.49 45.38 12.49
C VAL B 368 3.73 44.09 12.79
N ASP B 369 2.70 43.79 12.01
CA ASP B 369 1.85 42.63 12.28
C ASP B 369 2.20 41.41 11.43
N LYS B 370 3.15 41.54 10.50
CA LYS B 370 3.49 40.47 9.55
C LYS B 370 2.19 40.10 8.84
N MET B 371 1.79 38.83 8.81
CA MET B 371 0.58 38.40 8.13
C MET B 371 -0.47 38.03 9.18
N VAL B 372 -1.68 38.57 9.01
CA VAL B 372 -2.81 38.27 9.87
C VAL B 372 -3.97 37.81 8.98
N LEU B 373 -4.54 36.66 9.31
CA LEU B 373 -5.63 36.10 8.52
C LEU B 373 -6.97 36.62 9.02
N THR B 374 -7.88 36.89 8.09
CA THR B 374 -9.28 37.19 8.36
C THR B 374 -10.08 36.16 7.59
N GLU B 375 -10.10 34.92 8.11
CA GLU B 375 -10.71 33.80 7.33
C GLU B 375 -12.24 33.73 7.42
N ASP B 376 -12.86 33.08 6.42
CA ASP B 376 -14.32 32.88 6.41
C ASP B 376 -14.58 31.39 6.62
N ASP B 377 -13.60 30.66 7.18
CA ASP B 377 -13.71 29.18 7.31
C ASP B 377 -14.91 28.81 8.19
N THR B 378 -15.58 27.70 7.87
CA THR B 378 -16.82 27.31 8.60
C THR B 378 -16.74 25.84 9.04
N SER B 379 -17.64 25.45 9.94
CA SER B 379 -17.73 24.07 10.51
C SER B 379 -18.02 23.06 9.40
N GLY B 380 -18.79 23.45 8.39
CA GLY B 380 -19.05 22.57 7.23
C GLY B 380 -17.74 22.20 6.53
N LEU B 381 -16.80 23.14 6.47
CA LEU B 381 -15.48 22.89 5.82
C LEU B 381 -14.74 21.75 6.53
N GLU B 382 -14.80 21.71 7.87
CA GLU B 382 -14.05 20.67 8.63
C GLU B 382 -14.92 19.41 8.82
N GLN B 383 -16.14 19.42 8.28
CA GLN B 383 -17.06 18.25 8.38
C GLN B 383 -17.36 17.91 9.84
N LYS B 384 -17.25 16.64 10.23
CA LYS B 384 -17.63 16.25 11.62
C LYS B 384 -16.71 15.16 12.17
N THR B 385 -17.01 14.66 13.37
CA THR B 385 -16.20 13.62 14.00
C THR B 385 -17.14 12.58 14.60
N VAL B 386 -17.17 11.39 14.00
CA VAL B 386 -18.07 10.34 14.47
C VAL B 386 -17.76 9.99 15.90
N VAL B 387 -18.78 9.96 16.75
CA VAL B 387 -18.63 9.71 18.17
C VAL B 387 -18.89 8.23 18.43
N VAL B 388 -17.92 7.55 19.03
CA VAL B 388 -18.03 6.13 19.37
C VAL B 388 -17.96 5.99 20.88
N THR B 389 -18.67 5.00 21.41
CA THR B 389 -18.72 4.75 22.84
C THR B 389 -18.50 3.27 23.12
N THR B 390 -17.92 2.99 24.29
CA THR B 390 -17.66 1.62 24.71
C THR B 390 -17.44 1.62 26.23
N ILE B 391 -17.26 0.43 26.78
CA ILE B 391 -17.10 0.24 28.22
C ILE B 391 -15.69 -0.25 28.51
N LEU B 392 -15.17 0.15 29.66
CA LEU B 392 -13.85 -0.30 30.13
C LEU B 392 -14.02 -1.66 30.81
N GLU B 393 -13.97 -2.71 30.00
CA GLU B 393 -14.10 -4.08 30.49
C GLU B 393 -13.05 -4.94 29.79
N SER B 394 -12.12 -5.48 30.56
CA SER B 394 -11.02 -6.25 29.99
C SER B 394 -11.55 -7.50 29.29
N PRO B 395 -10.91 -7.90 28.18
CA PRO B 395 -9.76 -7.24 27.55
C PRO B 395 -10.14 -6.43 26.31
N TYR B 396 -11.46 -6.25 26.11
CA TYR B 396 -11.94 -5.63 24.87
C TYR B 396 -11.49 -4.18 24.77
N VAL B 397 -11.71 -3.40 25.83
CA VAL B 397 -11.24 -2.02 25.90
C VAL B 397 -10.68 -1.80 27.30
N MET B 398 -9.38 -1.52 27.38
CA MET B 398 -8.72 -1.24 28.65
C MET B 398 -7.88 0.02 28.49
N MET B 399 -7.80 0.81 29.56
CA MET B 399 -6.98 2.01 29.53
C MET B 399 -5.50 1.62 29.59
N LYS B 400 -4.70 2.20 28.70
CA LYS B 400 -3.29 1.86 28.62
C LYS B 400 -2.58 2.17 29.93
N LYS B 401 -1.39 1.60 30.09
CA LYS B 401 -0.67 1.71 31.35
C LYS B 401 -0.21 3.15 31.62
N ASN B 402 0.00 3.94 30.58
CA ASN B 402 0.39 5.33 30.75
C ASN B 402 -0.66 6.26 30.16
N HIS B 403 -1.91 6.11 30.62
CA HIS B 403 -3.00 6.92 30.09
C HIS B 403 -2.92 8.38 30.53
N GLU B 404 -2.19 8.68 31.62
CA GLU B 404 -2.11 10.06 32.10
C GLU B 404 -1.29 10.93 31.15
N MET B 405 -0.25 10.37 30.55
CA MET B 405 0.57 11.14 29.62
C MET B 405 0.05 11.12 28.20
N LEU B 406 -0.57 10.03 27.77
CA LEU B 406 -1.21 9.98 26.47
C LEU B 406 -2.61 10.60 26.53
N GLU B 407 -3.19 10.81 25.37
CA GLU B 407 -4.51 11.45 25.28
C GLU B 407 -5.08 11.19 23.89
N GLY B 408 -6.37 11.46 23.75
CA GLY B 408 -7.06 11.29 22.48
C GLY B 408 -7.68 9.92 22.37
N ASN B 409 -7.39 9.24 21.25
CA ASN B 409 -7.87 7.88 21.05
C ASN B 409 -6.83 6.82 21.41
N GLU B 410 -5.56 7.19 21.46
CA GLU B 410 -4.50 6.26 21.82
C GLU B 410 -4.38 6.03 23.32
N ARG B 411 -5.18 6.72 24.14
CA ARG B 411 -5.14 6.50 25.58
C ARG B 411 -5.84 5.23 26.00
N TYR B 412 -6.57 4.57 25.10
CA TYR B 412 -7.20 3.29 25.35
C TYR B 412 -6.66 2.27 24.36
N GLU B 413 -6.45 1.04 24.82
CA GLU B 413 -6.01 -0.04 23.94
C GLU B 413 -6.72 -1.33 24.33
N GLY B 414 -6.97 -2.16 23.33
CA GLY B 414 -7.66 -3.41 23.58
C GLY B 414 -8.12 -4.03 22.27
N TYR B 415 -9.08 -4.96 22.40
CA TYR B 415 -9.60 -5.64 21.21
C TYR B 415 -10.43 -4.69 20.36
N CYS B 416 -11.34 -3.94 20.99
CA CYS B 416 -12.19 -3.03 20.22
C CYS B 416 -11.40 -1.81 19.74
N VAL B 417 -10.35 -1.43 20.45
CA VAL B 417 -9.53 -0.29 20.03
C VAL B 417 -8.79 -0.63 18.74
N ASP B 418 -8.09 -1.76 18.72
CA ASP B 418 -7.49 -2.23 17.47
C ASP B 418 -8.56 -2.45 16.41
N LEU B 419 -9.78 -2.77 16.83
CA LEU B 419 -10.89 -2.86 15.89
C LEU B 419 -11.36 -1.48 15.45
N ALA B 420 -11.27 -0.47 16.33
CA ALA B 420 -11.71 0.87 15.97
C ALA B 420 -10.96 1.40 14.76
N ALA B 421 -9.65 1.17 14.69
CA ALA B 421 -8.86 1.63 13.55
C ALA B 421 -9.16 0.77 12.31
N GLU B 422 -9.15 -0.55 12.46
CA GLU B 422 -9.39 -1.44 11.34
C GLU B 422 -10.77 -1.24 10.71
N ILE B 423 -11.72 -0.65 11.46
CA ILE B 423 -13.00 -0.30 10.87
C ILE B 423 -12.91 1.02 10.10
N ALA B 424 -12.21 2.00 10.66
CA ALA B 424 -12.08 3.29 9.99
C ALA B 424 -11.19 3.22 8.75
N LYS B 425 -10.37 2.19 8.62
CA LYS B 425 -9.55 2.05 7.43
C LYS B 425 -10.40 1.69 6.21
N HIS B 426 -11.47 0.90 6.42
CA HIS B 426 -12.36 0.52 5.34
C HIS B 426 -13.58 1.42 5.22
N CYS B 427 -13.80 2.33 6.17
CA CYS B 427 -14.89 3.29 6.11
C CYS B 427 -14.41 4.71 5.87
N GLY B 428 -13.37 5.14 6.59
CA GLY B 428 -12.73 6.41 6.31
C GLY B 428 -12.95 7.50 7.35
N PHE B 429 -13.89 7.32 8.27
CA PHE B 429 -14.20 8.39 9.22
C PHE B 429 -13.06 8.54 10.24
N LYS B 430 -13.19 9.54 11.10
CA LYS B 430 -12.27 9.79 12.19
C LYS B 430 -13.01 9.53 13.49
N TYR B 431 -12.77 8.36 14.09
CA TYR B 431 -13.45 7.98 15.31
C TYR B 431 -13.10 8.94 16.44
N LYS B 432 -13.98 9.00 17.43
CA LYS B 432 -13.76 9.77 18.66
C LYS B 432 -14.02 8.82 19.83
N LEU B 433 -12.95 8.23 20.36
CA LEU B 433 -13.07 7.24 21.42
C LEU B 433 -13.59 7.91 22.68
N THR B 434 -14.81 7.54 23.09
CA THR B 434 -15.42 8.06 24.30
C THR B 434 -15.96 6.90 25.13
N ILE B 435 -15.99 7.09 26.44
CA ILE B 435 -16.52 6.10 27.37
C ILE B 435 -17.95 6.49 27.73
N VAL B 436 -18.87 5.51 27.66
CA VAL B 436 -20.30 5.77 27.99
C VAL B 436 -20.39 6.49 29.33
N GLY B 437 -19.50 6.17 30.28
CA GLY B 437 -19.57 6.77 31.63
C GLY B 437 -20.58 6.07 32.50
N ASP B 438 -21.82 5.91 32.03
CA ASP B 438 -22.84 5.15 32.79
C ASP B 438 -22.33 3.71 32.93
N GLY B 439 -21.73 3.19 31.85
CA GLY B 439 -20.81 2.04 31.94
C GLY B 439 -21.38 0.80 31.29
N LYS B 440 -22.08 -0.03 32.08
CA LYS B 440 -22.63 -1.27 31.56
C LYS B 440 -23.68 -0.99 30.48
N TYR B 441 -24.10 -2.14 29.78
CA TYR B 441 -25.01 -2.22 28.55
C TYR B 441 -26.13 -3.35 28.29
N GLY B 442 -27.26 -2.85 27.79
CA GLY B 442 -28.39 -3.75 27.56
C GLY B 442 -29.36 -3.74 28.73
N ALA B 443 -30.57 -4.24 28.45
CA ALA B 443 -31.77 -4.17 29.30
C ALA B 443 -32.35 -2.75 29.23
N ARG B 444 -33.46 -2.53 29.91
CA ARG B 444 -34.15 -1.22 29.88
C ARG B 444 -35.00 -1.21 31.14
N ASP B 445 -35.30 -0.06 31.73
CA ASP B 445 -36.07 -0.12 32.96
C ASP B 445 -37.48 -0.66 32.69
N ALA B 446 -38.20 -0.95 33.78
CA ALA B 446 -39.50 -1.60 33.70
C ALA B 446 -40.61 -0.62 33.38
N ASP B 447 -40.78 0.41 34.22
CA ASP B 447 -41.79 1.43 33.99
C ASP B 447 -41.21 2.74 33.48
N THR B 448 -39.96 3.05 33.81
CA THR B 448 -39.28 4.17 33.16
C THR B 448 -39.16 3.91 31.66
N LYS B 449 -38.81 2.69 31.28
CA LYS B 449 -38.68 2.27 29.87
C LYS B 449 -37.79 3.22 29.09
N ILE B 450 -36.84 3.86 29.77
CA ILE B 450 -35.80 4.66 29.15
C ILE B 450 -34.54 3.81 29.09
N TRP B 451 -33.92 3.75 27.92
CA TRP B 451 -32.70 2.98 27.78
C TRP B 451 -31.54 3.68 28.47
N ASN B 452 -30.45 2.94 28.67
CA ASN B 452 -29.28 3.45 29.35
C ASN B 452 -28.05 2.83 28.68
N GLY B 453 -26.90 2.99 29.34
CA GLY B 453 -25.66 2.40 28.88
C GLY B 453 -25.28 2.88 27.50
N MET B 454 -24.57 2.00 26.78
CA MET B 454 -24.14 2.34 25.42
C MET B 454 -25.33 2.39 24.46
N VAL B 455 -26.35 1.57 24.69
CA VAL B 455 -27.50 1.52 23.79
C VAL B 455 -28.30 2.82 23.87
N GLY B 456 -28.36 3.44 25.04
CA GLY B 456 -29.19 4.62 25.21
C GLY B 456 -28.65 5.83 24.46
N GLU B 457 -27.33 6.05 24.51
CA GLU B 457 -26.73 7.20 23.85
C GLU B 457 -26.81 7.11 22.33
N LEU B 458 -27.22 5.97 21.77
CA LEU B 458 -27.38 5.85 20.33
C LEU B 458 -28.72 6.41 19.88
N VAL B 459 -29.80 6.05 20.57
CA VAL B 459 -31.13 6.47 20.15
C VAL B 459 -31.35 7.95 20.44
N TYR B 460 -30.83 8.43 21.56
CA TYR B 460 -31.13 9.76 22.06
C TYR B 460 -30.27 10.85 21.42
N GLY B 461 -29.70 10.60 20.25
CA GLY B 461 -28.91 11.61 19.58
C GLY B 461 -27.64 12.01 20.29
N LYS B 462 -27.18 11.20 21.24
CA LYS B 462 -25.98 11.52 22.00
C LYS B 462 -24.72 11.11 21.23
N ALA B 463 -24.58 9.83 20.96
CA ALA B 463 -23.45 9.29 20.22
C ALA B 463 -23.87 8.93 18.80
N ASP B 464 -22.87 8.59 17.98
CA ASP B 464 -23.11 8.23 16.59
C ASP B 464 -23.00 6.73 16.30
N ILE B 465 -22.23 5.99 17.10
CA ILE B 465 -22.09 4.55 16.92
C ILE B 465 -21.44 3.96 18.17
N ALA B 466 -21.34 2.64 18.23
CA ALA B 466 -20.79 1.97 19.40
C ALA B 466 -20.30 0.58 19.02
N ILE B 467 -19.12 0.20 19.55
CA ILE B 467 -18.56 -1.14 19.38
C ILE B 467 -18.02 -1.60 20.72
N ALA B 468 -18.35 -2.84 21.11
CA ALA B 468 -17.99 -3.38 22.41
C ALA B 468 -18.41 -4.85 22.53
N PRO B 469 -18.01 -5.57 23.60
CA PRO B 469 -18.59 -6.89 23.84
C PRO B 469 -20.07 -6.81 24.15
N LEU B 470 -20.89 -6.59 23.12
CA LEU B 470 -22.33 -6.38 23.26
C LEU B 470 -23.05 -7.63 22.79
N THR B 471 -23.69 -8.33 23.72
CA THR B 471 -24.41 -9.56 23.38
C THR B 471 -25.60 -9.23 22.48
N ILE B 472 -25.68 -9.92 21.35
CA ILE B 472 -26.74 -9.68 20.37
C ILE B 472 -28.03 -10.30 20.91
N THR B 473 -29.00 -9.46 21.24
CA THR B 473 -30.29 -9.91 21.76
C THR B 473 -31.43 -9.32 20.95
N LEU B 474 -32.60 -9.95 21.06
CA LEU B 474 -33.76 -9.54 20.28
C LEU B 474 -34.36 -8.24 20.79
N VAL B 475 -34.35 -8.04 22.11
CA VAL B 475 -34.89 -6.81 22.67
C VAL B 475 -34.09 -5.61 22.20
N ARG B 476 -32.79 -5.80 21.94
CA ARG B 476 -31.97 -4.71 21.43
C ARG B 476 -32.19 -4.50 19.93
N GLU B 477 -32.41 -5.58 19.18
CA GLU B 477 -32.62 -5.46 17.74
C GLU B 477 -33.89 -4.69 17.41
N GLU B 478 -34.85 -4.62 18.34
CA GLU B 478 -36.08 -3.89 18.08
C GLU B 478 -35.89 -2.38 18.07
N VAL B 479 -34.78 -1.88 18.64
CA VAL B 479 -34.59 -0.44 18.75
C VAL B 479 -33.32 0.01 18.04
N ILE B 480 -32.34 -0.89 17.92
CA ILE B 480 -31.09 -0.58 17.22
C ILE B 480 -30.75 -1.73 16.28
N ASP B 481 -29.90 -1.43 15.31
CA ASP B 481 -29.51 -2.38 14.29
C ASP B 481 -28.17 -3.03 14.64
N PHE B 482 -28.09 -4.33 14.42
CA PHE B 482 -26.90 -5.12 14.70
C PHE B 482 -26.23 -5.57 13.41
N SER B 483 -24.91 -5.66 13.44
CA SER B 483 -24.15 -6.24 12.35
C SER B 483 -24.07 -7.75 12.53
N LYS B 484 -23.55 -8.42 11.51
CA LYS B 484 -23.27 -9.85 11.63
C LYS B 484 -22.22 -10.05 12.73
N PRO B 485 -22.31 -11.14 13.48
CA PRO B 485 -21.44 -11.30 14.66
C PRO B 485 -19.98 -11.41 14.27
N PHE B 486 -19.12 -10.96 15.18
CA PHE B 486 -17.68 -10.98 14.96
C PHE B 486 -16.95 -11.85 15.97
N MET B 487 -17.69 -12.59 16.80
CA MET B 487 -17.07 -13.50 17.76
C MET B 487 -18.12 -14.43 18.36
N SER B 488 -18.34 -15.58 17.72
CA SER B 488 -19.28 -16.56 18.24
C SER B 488 -18.82 -17.08 19.59
N LEU B 489 -19.67 -16.93 20.60
CA LEU B 489 -19.33 -17.41 21.94
C LEU B 489 -20.44 -18.30 22.47
N GLY B 490 -20.41 -18.57 23.77
CA GLY B 490 -21.42 -19.38 24.40
C GLY B 490 -21.10 -19.68 25.84
N ILE B 491 -22.10 -20.11 26.61
CA ILE B 491 -21.85 -20.44 28.00
C ILE B 491 -20.86 -21.59 28.08
N SER B 492 -19.87 -21.46 28.96
CA SER B 492 -18.87 -22.50 29.15
C SER B 492 -18.55 -22.59 30.63
N ILE B 493 -17.80 -23.62 31.00
CA ILE B 493 -17.51 -23.92 32.39
C ILE B 493 -16.10 -23.49 32.73
N MET B 494 -15.88 -23.12 33.99
CA MET B 494 -14.57 -22.69 34.46
C MET B 494 -14.29 -23.27 35.84
N ILE B 495 -13.07 -23.80 36.02
CA ILE B 495 -12.66 -24.43 37.27
C ILE B 495 -11.18 -24.17 37.53
N LYS B 496 -10.70 -24.73 38.64
CA LYS B 496 -9.27 -24.57 39.04
C LYS B 496 -8.57 -25.89 38.79
N LYS B 497 -7.43 -25.88 38.08
CA LYS B 497 -6.67 -27.13 37.91
C LYS B 497 -6.13 -27.53 39.30
N PRO B 498 -6.29 -28.80 39.74
CA PRO B 498 -5.72 -29.24 41.02
C PRO B 498 -4.26 -29.68 40.80
N GLN B 499 -3.34 -28.72 40.76
CA GLN B 499 -1.91 -29.04 40.48
C GLN B 499 -1.37 -29.96 41.59
N LYS B 500 -1.73 -29.69 42.84
CA LYS B 500 -1.19 -30.48 43.99
C LYS B 500 -1.63 -31.93 43.88
N SER B 501 -0.71 -32.86 44.13
CA SER B 501 -1.05 -34.32 44.14
C SER B 501 -1.92 -34.61 45.36
N LYS B 502 -2.81 -35.61 45.26
CA LYS B 502 -3.74 -35.90 46.38
C LYS B 502 -2.99 -36.67 47.47
N PRO B 503 -2.88 -36.14 48.71
CA PRO B 503 -2.24 -36.86 49.81
C PRO B 503 -3.25 -37.73 50.55
N GLY B 504 -3.68 -38.85 49.95
CA GLY B 504 -4.72 -39.67 50.59
C GLY B 504 -4.40 -41.15 50.55
N VAL B 505 -4.79 -41.90 51.58
CA VAL B 505 -4.58 -43.35 51.56
C VAL B 505 -5.25 -43.98 50.36
N PHE B 506 -6.31 -43.35 49.82
CA PHE B 506 -7.01 -43.91 48.68
C PHE B 506 -6.18 -43.91 47.40
N SER B 507 -5.02 -43.26 47.40
CA SER B 507 -4.17 -43.20 46.22
C SER B 507 -2.91 -44.04 46.33
N PHE B 508 -2.58 -44.54 47.53
CA PHE B 508 -1.43 -45.43 47.67
C PHE B 508 -1.63 -46.68 46.82
N LEU B 509 -2.84 -47.23 46.85
CA LEU B 509 -3.17 -48.43 46.10
C LEU B 509 -3.67 -48.10 44.71
N ASP B 510 -3.15 -47.01 44.13
CA ASP B 510 -3.57 -46.54 42.81
C ASP B 510 -2.71 -47.06 41.66
N PRO B 511 -1.39 -47.34 41.84
CA PRO B 511 -0.63 -48.02 40.78
C PRO B 511 -1.34 -49.27 40.26
N LEU B 512 -1.30 -50.34 41.04
CA LEU B 512 -2.22 -51.44 40.80
C LEU B 512 -3.65 -50.95 40.95
N ALA B 513 -4.51 -51.36 40.03
CA ALA B 513 -5.89 -50.92 40.08
C ALA B 513 -6.57 -51.48 41.33
N TYR B 514 -7.76 -50.94 41.63
CA TYR B 514 -8.56 -51.41 42.76
C TYR B 514 -8.91 -52.89 42.65
N GLU B 515 -8.56 -53.55 41.54
CA GLU B 515 -8.94 -54.93 41.32
C GLU B 515 -7.79 -55.92 41.52
N ILE B 516 -6.54 -55.46 41.50
CA ILE B 516 -5.42 -56.37 41.66
C ILE B 516 -5.01 -56.51 43.13
N TRP B 517 -5.18 -55.46 43.93
CA TRP B 517 -4.85 -55.54 45.35
C TRP B 517 -5.68 -56.60 46.08
N MET B 518 -6.94 -56.77 45.68
CA MET B 518 -7.80 -57.80 46.26
C MET B 518 -7.73 -59.12 45.50
N CYS B 519 -6.90 -59.22 44.48
CA CYS B 519 -6.72 -60.45 43.73
C CYS B 519 -5.46 -61.21 44.11
N ILE B 520 -4.43 -60.50 44.57
CA ILE B 520 -3.18 -61.15 44.96
C ILE B 520 -3.39 -62.02 46.20
N VAL B 521 -4.26 -61.59 47.11
CA VAL B 521 -4.47 -62.33 48.35
C VAL B 521 -5.08 -63.70 48.07
N PHE B 522 -5.81 -63.83 46.96
CA PHE B 522 -6.38 -65.13 46.63
C PHE B 522 -5.29 -66.12 46.23
N ALA B 523 -4.23 -65.65 45.59
CA ALA B 523 -3.09 -66.52 45.33
C ALA B 523 -2.21 -66.68 46.56
N TYR B 524 -2.24 -65.70 47.47
CA TYR B 524 -1.63 -65.84 48.79
C TYR B 524 -2.22 -67.04 49.49
N ILE B 525 -3.46 -66.92 49.98
CA ILE B 525 -4.09 -68.02 50.69
C ILE B 525 -4.33 -69.22 49.78
N GLY B 526 -4.37 -69.01 48.47
CA GLY B 526 -4.51 -70.12 47.54
C GLY B 526 -3.28 -71.00 47.44
N VAL B 527 -2.13 -70.51 47.88
CA VAL B 527 -0.90 -71.28 47.91
C VAL B 527 -0.55 -71.72 49.33
N SER B 528 -0.79 -70.86 50.32
CA SER B 528 -0.58 -71.24 51.72
C SER B 528 -1.47 -72.41 52.13
N VAL B 529 -2.48 -72.76 51.32
CA VAL B 529 -3.26 -73.97 51.53
C VAL B 529 -2.79 -75.11 50.64
N VAL B 530 -1.91 -74.84 49.67
CA VAL B 530 -1.35 -75.91 48.85
C VAL B 530 -0.21 -76.61 49.58
N LEU B 531 0.57 -75.87 50.37
CA LEU B 531 1.61 -76.50 51.18
C LEU B 531 1.03 -77.40 52.27
N PHE B 532 -0.24 -77.19 52.62
CA PHE B 532 -0.95 -78.13 53.49
C PHE B 532 -1.09 -79.50 52.83
N LEU B 533 -1.06 -79.56 51.49
CA LEU B 533 -1.34 -80.79 50.76
C LEU B 533 -0.10 -81.41 50.13
N VAL B 534 1.10 -80.99 50.55
CA VAL B 534 2.33 -81.53 49.97
C VAL B 534 3.32 -82.02 51.00
N SER B 535 3.20 -81.65 52.27
CA SER B 535 4.15 -82.09 53.30
C SER B 535 3.67 -83.37 53.96
N ILE B 564 0.39 -78.81 62.52
CA ILE B 564 0.13 -78.06 61.29
C ILE B 564 0.00 -76.58 61.62
N PHE B 565 -0.24 -76.27 62.91
CA PHE B 565 -0.32 -74.87 63.32
C PHE B 565 1.04 -74.20 63.28
N ASN B 566 2.11 -74.94 63.60
CA ASN B 566 3.46 -74.45 63.47
C ASN B 566 4.06 -74.74 62.10
N SER B 567 3.28 -75.29 61.18
CA SER B 567 3.71 -75.57 59.81
C SER B 567 2.99 -74.71 58.78
N LEU B 568 1.68 -74.50 58.93
CA LEU B 568 0.98 -73.56 58.06
C LEU B 568 1.38 -72.12 58.37
N TRP B 569 1.75 -71.84 59.62
CA TRP B 569 2.35 -70.56 59.95
C TRP B 569 3.79 -70.46 59.44
N PHE B 570 4.39 -71.58 59.04
CA PHE B 570 5.66 -71.58 58.34
C PHE B 570 5.49 -71.56 56.83
N SER B 571 4.29 -71.85 56.34
CA SER B 571 3.97 -71.75 54.91
C SER B 571 3.48 -70.37 54.52
N LEU B 572 2.72 -69.71 55.40
CA LEU B 572 2.33 -68.33 55.18
C LEU B 572 3.47 -67.35 55.43
N GLY B 573 4.45 -67.76 56.25
CA GLY B 573 5.67 -66.98 56.44
C GLY B 573 6.74 -67.24 55.40
N ALA B 574 6.57 -68.28 54.58
CA ALA B 574 7.46 -68.53 53.46
C ALA B 574 6.98 -67.87 52.17
N PHE B 575 5.78 -67.29 52.17
CA PHE B 575 5.28 -66.53 51.03
C PHE B 575 5.49 -65.03 51.19
N MET B 576 5.64 -64.55 52.42
CA MET B 576 5.98 -63.15 52.65
C MET B 576 7.31 -62.84 51.97
N GLN B 577 8.42 -63.30 52.53
CA GLN B 577 9.72 -63.17 51.89
C GLN B 577 9.81 -64.15 50.73
N GLN B 578 9.10 -63.84 49.64
CA GLN B 578 9.14 -64.65 48.43
C GLN B 578 8.66 -66.08 48.68
N SER B 586 11.47 -82.79 49.61
CA SER B 586 10.15 -82.51 49.08
C SER B 586 10.23 -81.85 47.72
N LEU B 587 9.91 -82.59 46.66
CA LEU B 587 9.93 -82.07 45.30
C LEU B 587 8.62 -81.38 44.94
N SER B 588 7.49 -82.06 45.17
CA SER B 588 6.20 -81.45 44.86
C SER B 588 5.97 -80.19 45.70
N GLY B 589 6.33 -80.24 46.97
CA GLY B 589 6.26 -79.05 47.81
C GLY B 589 7.25 -77.97 47.45
N ARG B 590 8.19 -78.27 46.55
CA ARG B 590 9.20 -77.30 46.13
C ARG B 590 8.79 -76.53 44.89
N ILE B 591 8.13 -77.19 43.93
CA ILE B 591 7.63 -76.49 42.76
C ILE B 591 6.45 -75.59 43.11
N VAL B 592 5.85 -75.79 44.29
CA VAL B 592 4.80 -74.88 44.73
C VAL B 592 5.37 -73.50 45.02
N GLY B 593 6.59 -73.45 45.55
CA GLY B 593 7.20 -72.18 45.93
C GLY B 593 7.99 -71.52 44.82
N GLY B 594 8.45 -72.31 43.86
CA GLY B 594 9.22 -71.75 42.75
C GLY B 594 8.36 -71.01 41.75
N VAL B 595 7.13 -71.46 41.55
CA VAL B 595 6.23 -70.79 40.60
C VAL B 595 5.68 -69.50 41.19
N TRP B 596 5.30 -69.52 42.47
CA TRP B 596 4.76 -68.33 43.10
C TRP B 596 5.80 -67.21 43.16
N TRP B 597 7.09 -67.54 43.20
CA TRP B 597 8.07 -66.47 43.24
C TRP B 597 8.11 -65.70 41.92
N PHE B 598 8.08 -66.41 40.79
CA PHE B 598 8.06 -65.71 39.51
C PHE B 598 6.80 -64.87 39.38
N PHE B 599 5.70 -65.31 39.99
CA PHE B 599 4.47 -64.54 39.93
C PHE B 599 4.54 -63.31 40.84
N THR B 600 4.95 -63.50 42.10
CA THR B 600 5.16 -62.37 42.98
C THR B 600 6.33 -61.50 42.55
N LEU B 601 7.11 -61.94 41.55
CA LEU B 601 8.22 -61.16 41.03
C LEU B 601 7.81 -60.29 39.85
N ILE B 602 6.86 -60.76 39.04
CA ILE B 602 6.34 -59.93 37.96
C ILE B 602 5.64 -58.72 38.53
N ILE B 603 4.88 -58.91 39.62
CA ILE B 603 4.07 -57.84 40.18
C ILE B 603 4.96 -56.76 40.80
N ILE B 604 6.00 -57.16 41.52
CA ILE B 604 6.88 -56.16 42.13
C ILE B 604 7.70 -55.45 41.06
N SER B 605 8.03 -56.15 39.98
CA SER B 605 8.61 -55.49 38.81
C SER B 605 7.56 -54.76 37.98
N SER B 606 6.29 -54.80 38.40
CA SER B 606 5.21 -54.07 37.76
C SER B 606 4.64 -52.96 38.64
N TYR B 607 4.52 -53.19 39.94
CA TYR B 607 4.27 -52.05 40.84
C TYR B 607 5.34 -50.98 40.67
N THR B 608 6.61 -51.40 40.61
CA THR B 608 7.68 -50.44 40.50
C THR B 608 7.74 -49.80 39.12
N ALA B 609 7.41 -50.56 38.07
CA ALA B 609 7.48 -50.04 36.72
C ALA B 609 6.32 -49.10 36.40
N ASN B 610 5.13 -49.39 36.90
CA ASN B 610 4.02 -48.48 36.72
C ASN B 610 4.15 -47.25 37.61
N LEU B 611 4.90 -47.36 38.71
CA LEU B 611 5.10 -46.22 39.60
C LEU B 611 6.10 -45.21 39.07
N ALA B 612 7.04 -45.66 38.22
CA ALA B 612 8.07 -44.76 37.70
C ALA B 612 7.61 -43.97 36.49
N ALA B 613 6.66 -44.50 35.72
CA ALA B 613 6.15 -43.76 34.56
C ALA B 613 5.25 -42.62 34.99
N PHE B 614 4.44 -42.83 36.03
CA PHE B 614 3.55 -41.78 36.52
C PHE B 614 4.31 -40.65 37.20
N LEU B 615 5.58 -40.83 37.53
CA LEU B 615 6.39 -39.78 38.13
C LEU B 615 7.22 -39.02 37.10
N THR B 616 7.60 -39.66 36.00
CA THR B 616 8.29 -38.95 34.92
C THR B 616 7.36 -37.93 34.29
N VAL B 617 6.26 -38.40 33.72
CA VAL B 617 5.26 -37.54 33.09
C VAL B 617 4.11 -37.36 34.06
N GLU B 618 3.82 -36.11 34.41
CA GLU B 618 2.71 -35.81 35.31
C GLU B 618 1.45 -35.55 34.50
N ARG B 619 0.39 -36.29 34.82
CA ARG B 619 -0.89 -36.15 34.15
C ARG B 619 -1.86 -35.38 35.03
N MET B 620 -3.00 -35.01 34.44
CA MET B 620 -4.04 -34.26 35.14
C MET B 620 -5.39 -34.84 34.78
N VAL B 621 -6.23 -35.08 35.77
CA VAL B 621 -7.55 -35.68 35.58
C VAL B 621 -8.60 -34.57 35.69
N SER B 622 -9.41 -34.42 34.65
CA SER B 622 -10.44 -33.40 34.63
C SER B 622 -11.72 -33.95 35.26
N PRO B 623 -12.18 -33.41 36.39
CA PRO B 623 -13.45 -33.87 36.96
C PRO B 623 -14.66 -33.45 36.16
N ILE B 624 -14.50 -32.56 35.18
CA ILE B 624 -15.59 -32.12 34.33
C ILE B 624 -15.37 -32.76 32.97
N GLU B 625 -16.13 -33.84 32.70
CA GLU B 625 -16.11 -34.45 31.38
C GLU B 625 -16.86 -33.58 30.37
N SER B 626 -17.98 -32.99 30.79
CA SER B 626 -18.76 -32.09 29.95
C SER B 626 -19.78 -31.35 30.80
N ALA B 627 -20.87 -30.89 30.19
CA ALA B 627 -21.86 -30.13 30.94
C ALA B 627 -22.71 -31.04 31.83
N GLU B 628 -23.04 -32.24 31.33
CA GLU B 628 -23.93 -33.13 32.10
C GLU B 628 -23.16 -33.90 33.16
N ASP B 629 -21.95 -34.34 32.86
CA ASP B 629 -21.14 -35.03 33.86
C ASP B 629 -20.86 -34.13 35.05
N LEU B 630 -20.85 -32.81 34.83
CA LEU B 630 -20.81 -31.86 35.93
C LEU B 630 -22.04 -31.97 36.82
N SER B 631 -23.17 -32.39 36.26
CA SER B 631 -24.42 -32.44 37.02
C SER B 631 -24.68 -33.79 37.67
N LYS B 632 -23.90 -34.82 37.33
CA LYS B 632 -24.14 -36.18 37.80
C LYS B 632 -23.43 -36.51 39.10
N GLN B 633 -22.97 -35.50 39.84
CA GLN B 633 -22.30 -35.74 41.11
C GLN B 633 -22.42 -34.50 41.99
N THR B 634 -22.62 -34.71 43.28
CA THR B 634 -22.75 -33.62 44.24
C THR B 634 -21.49 -33.39 45.06
N GLU B 635 -20.41 -34.13 44.79
CA GLU B 635 -19.15 -33.85 45.47
C GLU B 635 -18.63 -32.46 45.12
N ILE B 636 -18.95 -31.97 43.92
CA ILE B 636 -18.52 -30.65 43.47
C ILE B 636 -19.76 -29.85 43.07
N ALA B 637 -19.78 -28.58 43.46
CA ALA B 637 -20.91 -27.69 43.20
C ALA B 637 -20.61 -26.77 42.02
N TYR B 638 -21.59 -25.98 41.63
CA TYR B 638 -21.45 -25.05 40.53
C TYR B 638 -22.52 -23.97 40.62
N GLY B 639 -22.41 -22.97 39.77
CA GLY B 639 -23.34 -21.86 39.74
C GLY B 639 -22.95 -20.87 38.68
N THR B 640 -23.85 -19.91 38.44
CA THR B 640 -23.65 -18.88 37.44
C THR B 640 -23.73 -17.50 38.11
N LEU B 641 -23.69 -16.45 37.29
CA LEU B 641 -23.91 -15.10 37.79
C LEU B 641 -25.39 -14.91 38.12
N ASP B 642 -25.65 -14.13 39.16
CA ASP B 642 -27.00 -14.01 39.70
C ASP B 642 -27.97 -13.30 38.76
N SER B 643 -27.47 -12.61 37.73
CA SER B 643 -28.35 -11.93 36.79
C SER B 643 -27.60 -11.69 35.49
N GLY B 644 -28.11 -12.25 34.40
CA GLY B 644 -27.48 -12.07 33.11
C GLY B 644 -27.97 -13.10 32.12
N SER B 645 -27.48 -12.95 30.88
CA SER B 645 -27.84 -13.90 29.83
C SER B 645 -27.38 -15.32 30.14
N THR B 646 -26.46 -15.47 31.09
CA THR B 646 -26.01 -16.79 31.48
C THR B 646 -27.04 -17.49 32.37
N LYS B 647 -27.56 -16.76 33.37
CA LYS B 647 -28.54 -17.37 34.27
C LYS B 647 -29.89 -17.55 33.57
N GLU B 648 -30.35 -16.52 32.87
CA GLU B 648 -31.62 -16.62 32.16
C GLU B 648 -31.62 -17.71 31.10
N PHE B 649 -30.43 -18.13 30.63
CA PHE B 649 -30.37 -19.22 29.67
C PHE B 649 -30.79 -20.54 30.30
N PHE B 650 -30.47 -20.74 31.58
CA PHE B 650 -30.83 -21.98 32.27
C PHE B 650 -32.28 -21.99 32.72
N ARG B 651 -32.86 -20.82 33.01
CA ARG B 651 -34.25 -20.74 33.42
C ARG B 651 -35.17 -21.22 32.30
N ARG B 652 -35.29 -20.41 31.25
CA ARG B 652 -36.12 -20.77 30.10
C ARG B 652 -35.39 -21.74 29.17
N SER B 653 -34.42 -22.48 29.72
CA SER B 653 -33.68 -23.46 28.92
C SER B 653 -34.63 -24.50 28.34
N LYS B 654 -35.42 -25.13 29.21
CA LYS B 654 -36.33 -26.21 28.82
C LYS B 654 -35.58 -27.37 28.16
N ILE B 655 -34.32 -27.56 28.55
CA ILE B 655 -33.48 -28.66 28.07
C ILE B 655 -33.13 -29.54 29.26
N ALA B 656 -33.23 -30.86 29.05
CA ALA B 656 -33.09 -31.81 30.16
C ALA B 656 -31.76 -31.64 30.89
N VAL B 657 -30.65 -31.74 30.15
CA VAL B 657 -29.32 -31.64 30.76
C VAL B 657 -29.17 -30.31 31.49
N PHE B 658 -29.70 -29.23 30.91
CA PHE B 658 -29.57 -27.92 31.53
C PHE B 658 -30.64 -27.67 32.59
N ASP B 659 -31.82 -28.31 32.47
CA ASP B 659 -32.83 -28.19 33.50
C ASP B 659 -32.37 -28.84 34.81
N LYS B 660 -31.67 -29.98 34.70
CA LYS B 660 -31.07 -30.59 35.88
C LYS B 660 -30.08 -29.65 36.54
N MET B 661 -29.39 -28.83 35.75
CA MET B 661 -28.46 -27.86 36.30
C MET B 661 -29.19 -26.67 36.91
N TRP B 662 -30.29 -26.24 36.30
CA TRP B 662 -31.04 -25.09 36.81
C TRP B 662 -31.75 -25.43 38.11
N THR B 663 -32.40 -26.59 38.17
CA THR B 663 -33.14 -26.97 39.36
C THR B 663 -32.22 -27.13 40.56
N TYR B 664 -30.98 -27.59 40.34
CA TYR B 664 -30.03 -27.72 41.43
C TYR B 664 -29.63 -26.35 41.97
N MET B 665 -29.31 -25.41 41.07
CA MET B 665 -28.86 -24.09 41.50
C MET B 665 -29.99 -23.29 42.16
N ARG B 666 -31.24 -23.67 41.94
CA ARG B 666 -32.35 -22.94 42.54
C ARG B 666 -32.69 -23.39 43.95
N SER B 667 -32.23 -24.57 44.37
CA SER B 667 -32.56 -25.13 45.67
C SER B 667 -31.33 -25.66 46.39
N ALA B 668 -30.19 -24.99 46.22
CA ALA B 668 -28.95 -25.38 46.86
C ALA B 668 -28.66 -24.46 48.04
N GLU B 669 -28.23 -25.06 49.16
CA GLU B 669 -27.83 -24.32 50.34
C GLU B 669 -26.41 -24.72 50.73
N PRO B 670 -25.51 -23.77 50.99
CA PRO B 670 -25.76 -22.32 50.94
C PRO B 670 -25.82 -21.75 49.52
N SER B 671 -25.77 -20.42 49.41
CA SER B 671 -25.97 -19.76 48.12
C SER B 671 -24.85 -20.09 47.16
N VAL B 672 -25.23 -20.34 45.90
CA VAL B 672 -24.27 -20.67 44.84
C VAL B 672 -24.10 -19.54 43.85
N PHE B 673 -24.85 -18.45 43.99
CA PHE B 673 -24.78 -17.31 43.08
C PHE B 673 -23.87 -16.23 43.66
N VAL B 674 -23.19 -15.51 42.77
CA VAL B 674 -22.25 -14.47 43.17
C VAL B 674 -22.77 -13.11 42.70
N ARG B 675 -22.13 -12.06 43.21
CA ARG B 675 -22.58 -10.69 42.91
C ARG B 675 -22.16 -10.27 41.50
N THR B 676 -20.86 -10.09 41.28
CA THR B 676 -20.33 -9.69 39.99
C THR B 676 -19.46 -10.81 39.42
N THR B 677 -18.92 -10.58 38.22
CA THR B 677 -18.07 -11.58 37.58
C THR B 677 -16.76 -11.77 38.34
N ALA B 678 -16.26 -10.72 38.99
CA ALA B 678 -14.98 -10.82 39.68
C ALA B 678 -15.05 -11.72 40.90
N GLU B 679 -16.22 -11.80 41.56
CA GLU B 679 -16.35 -12.65 42.73
C GLU B 679 -16.46 -14.12 42.34
N GLY B 680 -17.18 -14.42 41.26
CA GLY B 680 -17.29 -15.79 40.81
C GLY B 680 -15.95 -16.41 40.50
N VAL B 681 -15.04 -15.62 39.91
CA VAL B 681 -13.69 -16.11 39.65
C VAL B 681 -12.91 -16.24 40.96
N ALA B 682 -13.01 -15.23 41.82
CA ALA B 682 -12.30 -15.26 43.10
C ALA B 682 -12.81 -16.40 43.98
N ARG B 683 -14.10 -16.74 43.87
CA ARG B 683 -14.63 -17.86 44.64
C ARG B 683 -14.01 -19.19 44.22
N VAL B 684 -13.68 -19.33 42.94
CA VAL B 684 -13.02 -20.56 42.48
C VAL B 684 -11.63 -20.68 43.08
N ARG B 685 -10.93 -19.56 43.24
CA ARG B 685 -9.56 -19.55 43.72
C ARG B 685 -9.45 -19.78 45.23
N LYS B 686 -10.56 -19.99 45.93
CA LYS B 686 -10.53 -20.23 47.37
C LYS B 686 -11.18 -21.54 47.78
N SER B 687 -12.01 -22.15 46.93
CA SER B 687 -12.72 -23.38 47.26
C SER B 687 -11.82 -24.61 47.20
N LYS B 688 -10.55 -24.44 46.81
CA LYS B 688 -9.57 -25.52 46.74
C LYS B 688 -9.97 -26.62 45.75
N GLY B 689 -10.91 -26.33 44.86
CA GLY B 689 -11.31 -27.27 43.83
C GLY B 689 -12.62 -27.98 44.06
N LYS B 690 -13.60 -27.34 44.70
CA LYS B 690 -14.92 -27.92 44.90
C LYS B 690 -16.02 -26.94 44.51
N TYR B 691 -15.73 -26.10 43.51
CA TYR B 691 -16.69 -25.09 43.06
C TYR B 691 -16.35 -24.70 41.62
N ALA B 692 -17.38 -24.47 40.82
CA ALA B 692 -17.23 -24.13 39.41
C ALA B 692 -17.97 -22.83 39.12
N TYR B 693 -17.83 -22.34 37.88
CA TYR B 693 -18.51 -21.13 37.46
C TYR B 693 -18.79 -21.21 35.98
N LEU B 694 -19.99 -20.78 35.59
CA LEU B 694 -20.43 -20.79 34.20
C LEU B 694 -20.53 -19.36 33.69
N LEU B 695 -19.99 -19.13 32.49
CA LEU B 695 -20.01 -17.80 31.89
C LEU B 695 -19.77 -17.96 30.39
N GLU B 696 -19.83 -16.83 29.69
CA GLU B 696 -19.60 -16.81 28.26
C GLU B 696 -18.19 -17.34 27.95
N SER B 697 -18.07 -17.98 26.79
CA SER B 697 -16.79 -18.59 26.43
C SER B 697 -15.69 -17.55 26.25
N THR B 698 -16.05 -16.35 25.81
CA THR B 698 -15.03 -15.31 25.61
C THR B 698 -14.42 -14.88 26.94
N MET B 699 -15.26 -14.43 27.87
CA MET B 699 -14.75 -14.03 29.18
C MET B 699 -14.13 -15.22 29.92
N ASN B 700 -14.58 -16.43 29.61
CA ASN B 700 -13.99 -17.61 30.22
C ASN B 700 -12.59 -17.87 29.68
N GLU B 701 -12.42 -17.81 28.35
CA GLU B 701 -11.11 -18.01 27.75
C GLU B 701 -10.13 -16.91 28.13
N TYR B 702 -10.63 -15.76 28.58
CA TYR B 702 -9.73 -14.65 28.92
C TYR B 702 -9.08 -14.85 30.28
N ILE B 703 -9.88 -15.15 31.31
CA ILE B 703 -9.34 -15.41 32.64
C ILE B 703 -8.35 -16.57 32.62
N GLU B 704 -8.44 -17.42 31.59
CA GLU B 704 -7.52 -18.55 31.47
C GLU B 704 -6.07 -18.10 31.30
N GLN B 705 -5.85 -16.90 30.77
CA GLN B 705 -4.52 -16.48 30.32
C GLN B 705 -3.88 -15.44 31.25
N ARG B 706 -4.40 -15.27 32.46
CA ARG B 706 -3.86 -14.29 33.39
C ARG B 706 -3.39 -14.97 34.66
N LYS B 707 -2.25 -14.49 35.18
CA LYS B 707 -1.68 -15.08 36.38
C LYS B 707 -2.62 -14.88 37.57
N PRO B 708 -2.58 -15.78 38.57
CA PRO B 708 -1.64 -16.92 38.72
C PRO B 708 -1.99 -18.17 37.90
N CYS B 709 -2.71 -17.99 36.79
CA CYS B 709 -3.04 -19.06 35.86
C CYS B 709 -3.71 -20.23 36.58
N ASP B 710 -4.95 -19.98 37.02
CA ASP B 710 -5.67 -20.94 37.86
C ASP B 710 -7.11 -21.13 37.41
N THR B 711 -7.43 -20.78 36.17
CA THR B 711 -8.77 -20.98 35.63
C THR B 711 -8.66 -21.60 34.25
N MET B 712 -9.77 -22.15 33.76
CA MET B 712 -9.73 -22.88 32.50
C MET B 712 -11.15 -23.08 31.97
N LYS B 713 -11.28 -23.04 30.65
CA LYS B 713 -12.52 -23.35 29.96
C LYS B 713 -12.58 -24.83 29.65
N VAL B 714 -13.66 -25.50 30.07
CA VAL B 714 -13.85 -26.92 29.81
C VAL B 714 -15.17 -27.11 29.07
N GLY B 715 -15.17 -28.08 28.15
CA GLY B 715 -16.34 -28.37 27.35
C GLY B 715 -16.63 -27.31 26.31
N GLY B 716 -17.35 -27.68 25.26
CA GLY B 716 -17.76 -26.72 24.27
C GLY B 716 -18.75 -25.71 24.84
N ASN B 717 -19.01 -24.67 24.05
CA ASN B 717 -19.95 -23.64 24.47
C ASN B 717 -21.36 -24.23 24.57
N LEU B 718 -22.04 -23.90 25.67
CA LEU B 718 -23.37 -24.46 25.90
C LEU B 718 -24.43 -23.89 24.97
N ASP B 719 -24.20 -22.70 24.39
CA ASP B 719 -25.14 -22.12 23.46
C ASP B 719 -24.38 -21.49 22.30
N SER B 720 -25.13 -20.84 21.40
CA SER B 720 -24.59 -20.24 20.17
C SER B 720 -25.04 -18.78 20.12
N LYS B 721 -24.31 -17.92 20.83
CA LYS B 721 -24.56 -16.49 20.86
C LYS B 721 -23.40 -15.76 20.20
N GLY B 722 -23.52 -14.44 20.11
CA GLY B 722 -22.52 -13.63 19.41
C GLY B 722 -22.53 -12.20 19.87
N TYR B 723 -21.36 -11.57 19.81
CA TYR B 723 -21.24 -10.14 20.05
C TYR B 723 -21.40 -9.38 18.74
N GLY B 724 -21.78 -8.11 18.86
CA GLY B 724 -22.10 -7.32 17.68
C GLY B 724 -21.75 -5.86 17.82
N ILE B 725 -22.01 -5.12 16.74
CA ILE B 725 -21.73 -3.68 16.66
C ILE B 725 -23.07 -2.96 16.52
N ALA B 726 -23.25 -1.90 17.28
CA ALA B 726 -24.53 -1.21 17.39
C ALA B 726 -24.49 0.13 16.66
N THR B 727 -25.56 0.42 15.93
CA THR B 727 -25.77 1.68 15.23
C THR B 727 -27.22 2.12 15.43
N PRO B 728 -27.48 3.43 15.46
CA PRO B 728 -28.86 3.90 15.56
C PRO B 728 -29.67 3.53 14.33
N LYS B 729 -30.94 3.20 14.55
CA LYS B 729 -31.82 2.80 13.46
C LYS B 729 -32.03 3.97 12.50
N GLY B 730 -31.79 3.73 11.22
CA GLY B 730 -31.91 4.77 10.21
C GLY B 730 -30.66 5.59 10.00
N SER B 731 -29.60 5.34 10.77
CA SER B 731 -28.37 6.11 10.63
C SER B 731 -27.59 5.64 9.42
N SER B 732 -26.74 6.53 8.90
CA SER B 732 -25.95 6.22 7.72
C SER B 732 -24.88 5.18 7.98
N LEU B 733 -24.44 5.04 9.24
CA LEU B 733 -23.34 4.14 9.56
C LEU B 733 -23.74 2.67 9.59
N GLY B 734 -25.03 2.36 9.61
CA GLY B 734 -25.50 1.00 9.77
C GLY B 734 -24.99 0.00 8.76
N THR B 735 -25.30 0.22 7.48
CA THR B 735 -24.93 -0.74 6.45
C THR B 735 -23.42 -0.90 6.28
N PRO B 736 -22.61 0.18 6.23
CA PRO B 736 -21.17 -0.04 5.98
C PRO B 736 -20.48 -0.89 7.03
N VAL B 737 -20.81 -0.72 8.31
CA VAL B 737 -20.14 -1.48 9.36
C VAL B 737 -20.47 -2.96 9.23
N ASN B 738 -21.72 -3.29 8.89
CA ASN B 738 -22.10 -4.68 8.72
C ASN B 738 -21.27 -5.36 7.63
N LEU B 739 -21.17 -4.72 6.46
CA LEU B 739 -20.35 -5.27 5.39
C LEU B 739 -18.86 -5.17 5.70
N ALA B 740 -18.45 -4.23 6.57
CA ALA B 740 -17.04 -4.14 6.94
C ALA B 740 -16.64 -5.28 7.85
N VAL B 741 -17.54 -5.71 8.73
CA VAL B 741 -17.22 -6.80 9.65
C VAL B 741 -16.99 -8.10 8.89
N LEU B 742 -17.83 -8.38 7.89
CA LEU B 742 -17.67 -9.61 7.12
C LEU B 742 -16.33 -9.66 6.39
N LYS B 743 -15.75 -8.50 6.08
CA LYS B 743 -14.45 -8.48 5.42
C LYS B 743 -13.31 -8.79 6.38
N LEU B 744 -13.43 -8.40 7.65
CA LEU B 744 -12.33 -8.60 8.59
C LEU B 744 -12.22 -10.06 9.02
N SER B 745 -13.35 -10.74 9.19
CA SER B 745 -13.30 -12.15 9.56
C SER B 745 -12.79 -13.02 8.43
N GLU B 746 -13.04 -12.62 7.18
CA GLU B 746 -12.58 -13.41 6.03
C GLU B 746 -11.12 -13.14 5.69
N GLN B 747 -10.57 -12.00 6.11
CA GLN B 747 -9.15 -11.71 5.91
C GLN B 747 -8.29 -12.21 7.07
N GLY B 748 -8.88 -12.86 8.06
CA GLY B 748 -8.13 -13.30 9.21
C GLY B 748 -7.75 -12.22 10.18
N VAL B 749 -8.31 -11.02 10.04
CA VAL B 749 -7.99 -9.93 10.97
C VAL B 749 -8.65 -10.18 12.32
N LEU B 750 -9.95 -10.52 12.31
CA LEU B 750 -10.64 -10.78 13.57
C LEU B 750 -10.03 -11.96 14.31
N ASP B 751 -9.72 -13.04 13.58
CA ASP B 751 -9.02 -14.16 14.21
C ASP B 751 -7.60 -13.78 14.64
N LYS B 752 -7.00 -12.76 14.00
CA LYS B 752 -5.71 -12.27 14.46
C LYS B 752 -5.86 -11.38 15.69
N LEU B 753 -6.92 -10.55 15.73
CA LEU B 753 -7.09 -9.64 16.85
C LEU B 753 -7.47 -10.39 18.12
N LYS B 754 -8.33 -11.41 18.01
CA LYS B 754 -8.61 -12.26 19.16
C LYS B 754 -7.36 -12.99 19.63
N ASN B 755 -6.59 -13.52 18.68
CA ASN B 755 -5.35 -14.22 19.03
C ASN B 755 -4.30 -13.29 19.61
N LYS B 756 -4.31 -12.01 19.20
CA LYS B 756 -3.29 -11.09 19.66
C LYS B 756 -3.59 -10.51 21.03
N TRP B 757 -4.87 -10.39 21.40
CA TRP B 757 -5.23 -9.80 22.68
C TRP B 757 -5.61 -10.83 23.73
N TRP B 758 -6.10 -12.01 23.34
CA TRP B 758 -6.37 -13.06 24.30
C TRP B 758 -5.12 -13.88 24.61
N TYR B 759 -4.39 -14.28 23.57
CA TYR B 759 -3.27 -15.21 23.71
C TYR B 759 -1.90 -14.55 23.66
N ASP B 760 -1.66 -13.70 22.66
CA ASP B 760 -0.33 -13.08 22.54
C ASP B 760 -0.01 -12.22 23.76
N LYS B 761 -0.91 -11.30 24.11
CA LYS B 761 -0.70 -10.46 25.28
C LYS B 761 -0.82 -11.24 26.59
N GLY B 762 -1.19 -12.52 26.54
CA GLY B 762 -1.37 -13.28 27.77
C GLY B 762 -0.04 -13.61 28.43
N GLU B 763 -0.02 -13.46 29.75
CA GLU B 763 1.18 -13.82 30.52
C GLU B 763 1.39 -15.33 30.51
N CYS B 764 0.38 -16.08 30.95
CA CYS B 764 0.39 -17.54 30.87
C CYS B 764 0.22 -17.91 29.40
N GLY B 765 1.32 -17.82 28.66
CA GLY B 765 1.24 -17.96 27.22
C GLY B 765 0.70 -19.31 26.78
N ALA B 766 0.26 -19.35 25.51
CA ALA B 766 -0.26 -20.59 24.94
C ALA B 766 0.80 -21.68 24.90
N LYS B 767 2.08 -21.31 25.00
CA LYS B 767 3.16 -22.28 25.15
C LYS B 767 3.59 -22.45 26.60
N ASP B 768 3.15 -21.57 27.51
CA ASP B 768 3.41 -21.78 28.93
C ASP B 768 2.65 -22.97 29.48
N SER B 769 1.54 -23.36 28.84
CA SER B 769 0.80 -24.56 29.19
C SER B 769 1.03 -25.68 28.19
N GLY B 770 1.81 -25.44 27.13
CA GLY B 770 2.13 -26.47 26.17
C GLY B 770 3.38 -27.24 26.53
N SER B 771 3.36 -27.87 27.71
CA SER B 771 4.50 -28.64 28.22
C SER B 771 5.75 -27.77 28.32
N LYS B 772 5.62 -26.64 29.03
CA LYS B 772 6.73 -25.71 29.15
C LYS B 772 7.81 -26.26 30.07
N GLU B 773 7.45 -26.65 31.29
CA GLU B 773 8.39 -27.12 32.29
C GLU B 773 8.07 -28.56 32.68
N LYS B 774 9.11 -29.27 33.12
CA LYS B 774 8.99 -30.65 33.59
C LYS B 774 9.43 -30.68 35.04
N THR B 775 8.51 -30.34 35.94
CA THR B 775 8.81 -30.31 37.36
C THR B 775 8.81 -31.72 37.94
N SER B 776 9.57 -31.90 39.01
CA SER B 776 9.67 -33.21 39.64
C SER B 776 10.23 -33.04 41.05
N ALA B 777 9.62 -33.76 42.00
CA ALA B 777 10.05 -33.77 43.39
C ALA B 777 9.28 -34.82 44.17
N LEU B 778 9.98 -35.74 44.84
CA LEU B 778 9.29 -36.76 45.63
C LEU B 778 8.61 -36.11 46.83
N SER B 779 7.42 -36.59 47.18
CA SER B 779 6.70 -36.13 48.34
C SER B 779 6.49 -37.28 49.33
N LEU B 780 6.14 -36.90 50.56
CA LEU B 780 5.59 -37.80 51.56
C LEU B 780 4.06 -37.85 51.49
N SER B 781 3.49 -37.37 50.40
CA SER B 781 2.05 -37.14 50.32
C SER B 781 1.26 -38.40 50.67
N ASN B 782 1.65 -39.54 50.12
CA ASN B 782 0.89 -40.78 50.28
C ASN B 782 1.65 -41.80 51.11
N VAL B 783 2.63 -41.36 51.90
CA VAL B 783 3.39 -42.27 52.76
C VAL B 783 2.48 -42.93 53.79
N ALA B 784 1.40 -42.25 54.18
CA ALA B 784 0.53 -42.74 55.25
C ALA B 784 -0.01 -44.13 54.93
N GLY B 785 -0.60 -44.30 53.76
CA GLY B 785 -1.27 -45.54 53.35
C GLY B 785 -0.55 -46.82 53.72
N VAL B 786 0.78 -46.76 53.74
CA VAL B 786 1.57 -47.95 54.05
C VAL B 786 1.67 -48.13 55.56
N PHE B 787 2.07 -47.05 56.25
CA PHE B 787 1.94 -46.99 57.71
C PHE B 787 0.51 -47.24 58.15
N TYR B 788 -0.45 -46.85 57.31
CA TYR B 788 -1.89 -46.92 57.59
C TYR B 788 -2.41 -48.34 57.69
N ILE B 789 -1.52 -49.32 57.89
CA ILE B 789 -1.92 -50.72 57.83
C ILE B 789 -0.96 -51.61 58.61
N LEU B 790 0.18 -51.07 59.03
CA LEU B 790 1.15 -51.86 59.79
C LEU B 790 1.12 -51.58 61.28
N VAL B 791 0.92 -50.33 61.70
CA VAL B 791 0.72 -50.06 63.12
C VAL B 791 -0.61 -50.64 63.57
N GLY B 792 -1.61 -50.64 62.69
CA GLY B 792 -2.78 -51.46 62.89
C GLY B 792 -2.49 -52.94 62.95
N GLY B 793 -1.30 -53.35 62.52
CA GLY B 793 -0.84 -54.71 62.69
C GLY B 793 0.13 -54.82 63.85
N LEU B 794 0.92 -53.76 64.09
CA LEU B 794 1.76 -53.72 65.29
C LEU B 794 0.91 -53.63 66.53
N GLY B 795 -0.22 -52.92 66.47
CA GLY B 795 -1.20 -52.95 67.53
C GLY B 795 -2.12 -54.14 67.51
N LEU B 796 -2.14 -54.88 66.40
CA LEU B 796 -2.88 -56.15 66.32
C LEU B 796 -2.00 -57.33 66.66
N ALA B 797 -0.76 -57.36 66.16
CA ALA B 797 0.19 -58.36 66.65
C ALA B 797 0.42 -58.21 68.14
N MET B 798 0.27 -56.99 68.67
CA MET B 798 0.28 -56.79 70.12
C MET B 798 -1.05 -57.11 70.77
N LEU B 799 -2.14 -57.11 70.00
CA LEU B 799 -3.43 -57.53 70.53
C LEU B 799 -3.59 -59.04 70.54
N VAL B 800 -2.76 -59.75 69.77
CA VAL B 800 -2.75 -61.20 69.78
C VAL B 800 -1.53 -61.78 70.49
N ALA B 801 -0.46 -61.00 70.67
CA ALA B 801 0.72 -61.50 71.37
C ALA B 801 0.44 -61.71 72.86
N LEU B 802 -0.21 -60.74 73.50
CA LEU B 802 -0.47 -60.83 74.93
C LEU B 802 -1.40 -61.98 75.29
N ILE B 803 -2.02 -62.64 74.29
CA ILE B 803 -2.88 -63.79 74.54
C ILE B 803 -2.16 -65.11 74.33
N GLU B 804 -0.88 -65.08 73.93
CA GLU B 804 -0.08 -66.29 73.80
C GLU B 804 0.96 -66.45 74.90
N PHE B 805 1.30 -65.39 75.62
CA PHE B 805 2.20 -65.47 76.76
C PHE B 805 1.46 -65.81 78.05
N CYS B 806 0.19 -66.17 77.95
CA CYS B 806 -0.61 -66.56 79.12
C CYS B 806 -1.42 -67.83 78.92
N TYR B 807 -1.68 -68.24 77.68
CA TYR B 807 -2.43 -69.46 77.41
C TYR B 807 -1.49 -70.67 77.31
N ASN C 1 -75.19 31.85 -34.85
CA ASN C 1 -73.90 31.79 -34.16
C ASN C 1 -73.12 30.54 -34.55
N SER C 2 -72.64 30.51 -35.80
CA SER C 2 -71.88 29.38 -36.30
C SER C 2 -70.39 29.63 -36.08
N ILE C 3 -69.72 28.65 -35.49
CA ILE C 3 -68.30 28.75 -35.13
C ILE C 3 -67.61 27.58 -35.81
N GLN C 4 -67.13 27.79 -37.03
CA GLN C 4 -66.52 26.72 -37.79
C GLN C 4 -65.13 26.40 -37.24
N ILE C 5 -64.88 25.11 -37.01
CA ILE C 5 -63.60 24.64 -36.50
C ILE C 5 -63.06 23.60 -37.48
N GLY C 6 -61.76 23.28 -37.30
CA GLY C 6 -61.08 22.35 -38.17
C GLY C 6 -61.00 20.97 -37.55
N GLY C 7 -61.34 19.96 -38.35
CA GLY C 7 -61.29 18.59 -37.89
C GLY C 7 -60.42 17.70 -38.76
N LEU C 8 -59.38 17.12 -38.18
CA LEU C 8 -58.46 16.26 -38.90
C LEU C 8 -58.28 14.96 -38.12
N PHE C 9 -58.65 13.84 -38.75
CA PHE C 9 -58.57 12.52 -38.12
C PHE C 9 -57.91 11.54 -39.07
N PRO C 10 -57.05 10.66 -38.56
CA PRO C 10 -56.43 9.65 -39.42
C PRO C 10 -57.39 8.50 -39.72
N ARG C 11 -57.34 8.02 -40.96
CA ARG C 11 -58.16 6.87 -41.34
C ARG C 11 -57.73 5.64 -40.56
N GLY C 12 -58.71 4.94 -39.99
CA GLY C 12 -58.47 3.87 -39.06
C GLY C 12 -58.69 4.24 -37.61
N ALA C 13 -58.73 5.53 -37.30
CA ALA C 13 -59.04 6.01 -35.95
C ALA C 13 -60.54 6.29 -35.85
N ASP C 14 -61.31 5.20 -35.90
CA ASP C 14 -62.76 5.32 -35.92
C ASP C 14 -63.31 5.73 -34.56
N GLN C 15 -62.80 5.13 -33.49
CA GLN C 15 -63.28 5.47 -32.15
C GLN C 15 -62.97 6.92 -31.80
N GLU C 16 -61.79 7.41 -32.21
CA GLU C 16 -61.38 8.76 -31.86
C GLU C 16 -62.34 9.80 -32.43
N TYR C 17 -62.85 9.57 -33.63
CA TYR C 17 -63.81 10.51 -34.20
C TYR C 17 -65.18 10.40 -33.56
N SER C 18 -65.57 9.20 -33.12
CA SER C 18 -66.88 9.02 -32.51
C SER C 18 -67.02 9.85 -31.24
N ALA C 19 -65.95 9.93 -30.45
CA ALA C 19 -66.01 10.72 -29.22
C ALA C 19 -66.14 12.21 -29.51
N PHE C 20 -65.59 12.67 -30.64
CA PHE C 20 -65.68 14.08 -30.98
C PHE C 20 -67.12 14.51 -31.22
N ARG C 21 -67.97 13.59 -31.70
CA ARG C 21 -69.37 13.93 -31.93
C ARG C 21 -70.18 13.90 -30.64
N VAL C 22 -69.78 13.08 -29.67
CA VAL C 22 -70.48 13.04 -28.40
C VAL C 22 -70.31 14.36 -27.65
N GLY C 23 -69.11 14.95 -27.74
CA GLY C 23 -68.90 16.26 -27.15
C GLY C 23 -69.66 17.36 -27.87
N MET C 24 -69.84 17.22 -29.18
CA MET C 24 -70.66 18.17 -29.92
C MET C 24 -72.13 18.09 -29.53
N VAL C 25 -72.55 17.00 -28.90
CA VAL C 25 -73.94 16.81 -28.49
C VAL C 25 -74.15 17.20 -27.03
N GLN C 26 -73.36 16.62 -26.13
CA GLN C 26 -73.52 16.91 -24.71
C GLN C 26 -73.19 18.36 -24.38
N PHE C 27 -72.36 19.03 -25.19
CA PHE C 27 -72.00 20.42 -24.98
C PHE C 27 -72.55 21.32 -26.09
N SER C 28 -73.72 20.99 -26.61
CA SER C 28 -74.37 21.78 -27.66
C SER C 28 -75.28 22.81 -27.00
N THR C 29 -74.88 24.07 -27.05
CA THR C 29 -75.69 25.17 -26.53
C THR C 29 -76.41 25.86 -27.68
N SER C 30 -77.52 26.53 -27.34
CA SER C 30 -78.24 27.32 -28.31
C SER C 30 -77.60 28.69 -28.53
N GLU C 31 -76.75 29.12 -27.59
CA GLU C 31 -75.93 30.31 -27.81
C GLU C 31 -75.19 30.23 -29.15
N PHE C 32 -74.38 29.18 -29.30
CA PHE C 32 -73.57 28.98 -30.49
C PHE C 32 -73.46 27.48 -30.75
N ARG C 33 -73.16 27.15 -32.00
CA ARG C 33 -73.01 25.75 -32.40
C ARG C 33 -71.78 25.61 -33.28
N LEU C 34 -70.87 24.72 -32.89
CA LEU C 34 -69.61 24.56 -33.59
C LEU C 34 -69.83 23.81 -34.90
N THR C 35 -69.02 24.15 -35.91
CA THR C 35 -69.14 23.59 -37.25
C THR C 35 -67.85 22.88 -37.61
N PRO C 36 -67.72 21.59 -37.29
CA PRO C 36 -66.49 20.86 -37.63
C PRO C 36 -66.45 20.50 -39.10
N HIS C 37 -65.33 20.83 -39.75
CA HIS C 37 -65.08 20.47 -41.13
C HIS C 37 -64.02 19.38 -41.14
N ILE C 38 -64.41 18.18 -41.54
CA ILE C 38 -63.57 16.99 -41.40
C ILE C 38 -62.83 16.73 -42.70
N ASP C 39 -61.57 16.27 -42.59
CA ASP C 39 -60.74 15.90 -43.72
C ASP C 39 -60.00 14.61 -43.36
N ASN C 40 -60.59 13.47 -43.74
CA ASN C 40 -59.94 12.19 -43.52
C ASN C 40 -58.64 12.12 -44.30
N LEU C 41 -57.54 11.87 -43.60
CA LEU C 41 -56.22 11.90 -44.22
C LEU C 41 -55.30 10.96 -43.47
N GLU C 42 -54.22 10.55 -44.16
CA GLU C 42 -53.15 9.81 -43.50
C GLU C 42 -52.35 10.75 -42.62
N VAL C 43 -51.95 10.26 -41.45
CA VAL C 43 -51.30 11.11 -40.46
C VAL C 43 -49.78 11.19 -40.67
N ALA C 44 -49.17 10.17 -41.26
CA ALA C 44 -47.73 10.08 -41.37
C ALA C 44 -47.16 10.77 -42.61
N ASN C 45 -48.00 11.47 -43.38
CA ASN C 45 -47.57 12.16 -44.59
C ASN C 45 -47.67 13.65 -44.37
N SER C 46 -46.54 14.36 -44.53
CA SER C 46 -46.52 15.80 -44.28
C SER C 46 -47.19 16.59 -45.39
N PHE C 47 -47.16 16.08 -46.63
CA PHE C 47 -47.83 16.80 -47.72
C PHE C 47 -49.33 16.71 -47.61
N ALA C 48 -49.85 15.57 -47.14
CA ALA C 48 -51.29 15.45 -46.93
C ALA C 48 -51.78 16.35 -45.81
N VAL C 49 -50.96 16.54 -44.77
CA VAL C 49 -51.36 17.41 -43.67
C VAL C 49 -51.28 18.88 -44.09
N THR C 50 -50.19 19.26 -44.76
CA THR C 50 -50.04 20.64 -45.20
C THR C 50 -51.16 21.05 -46.14
N ASN C 51 -51.66 20.12 -46.95
CA ASN C 51 -52.77 20.44 -47.85
C ASN C 51 -54.09 20.52 -47.09
N ALA C 52 -54.33 19.59 -46.16
CA ALA C 52 -55.57 19.63 -45.38
C ALA C 52 -55.62 20.85 -44.48
N PHE C 53 -54.46 21.34 -44.02
CA PHE C 53 -54.44 22.54 -43.20
C PHE C 53 -54.87 23.76 -44.00
N CYS C 54 -54.20 24.00 -45.13
CA CYS C 54 -54.62 25.08 -46.02
C CYS C 54 -56.00 24.82 -46.61
N SER C 55 -56.46 23.57 -46.59
CA SER C 55 -57.86 23.30 -46.90
C SER C 55 -58.78 23.91 -45.85
N GLN C 56 -58.50 23.67 -44.57
CA GLN C 56 -59.25 24.32 -43.51
C GLN C 56 -58.97 25.82 -43.49
N PHE C 57 -57.73 26.22 -43.78
CA PHE C 57 -57.37 27.63 -43.71
C PHE C 57 -58.16 28.46 -44.71
N SER C 58 -58.18 28.03 -45.97
CA SER C 58 -58.94 28.75 -47.00
C SER C 58 -60.44 28.67 -46.80
N ARG C 59 -60.92 27.85 -45.85
CA ARG C 59 -62.34 27.72 -45.59
C ARG C 59 -62.78 28.43 -44.32
N GLY C 60 -61.88 29.19 -43.69
CA GLY C 60 -62.23 30.00 -42.54
C GLY C 60 -62.66 29.23 -41.31
N VAL C 61 -61.69 28.73 -40.54
CA VAL C 61 -61.95 28.05 -39.29
C VAL C 61 -61.33 28.86 -38.16
N TYR C 62 -61.99 28.84 -37.00
CA TYR C 62 -61.52 29.59 -35.84
C TYR C 62 -60.55 28.79 -34.99
N ALA C 63 -60.61 27.46 -35.05
CA ALA C 63 -59.66 26.59 -34.37
C ALA C 63 -59.62 25.27 -35.11
N ILE C 64 -58.60 24.47 -34.82
CA ILE C 64 -58.42 23.17 -35.45
C ILE C 64 -58.09 22.14 -34.38
N PHE C 65 -58.79 21.00 -34.42
CA PHE C 65 -58.56 19.90 -33.49
C PHE C 65 -58.11 18.69 -34.30
N GLY C 66 -56.94 18.16 -33.96
CA GLY C 66 -56.41 17.03 -34.68
C GLY C 66 -55.30 16.33 -33.92
N PHE C 67 -54.53 15.54 -34.67
CA PHE C 67 -53.42 14.77 -34.11
C PHE C 67 -52.14 15.05 -34.90
N TYR C 68 -51.06 14.35 -34.60
CA TYR C 68 -49.81 14.44 -35.36
C TYR C 68 -48.93 13.25 -35.00
N ASP C 69 -47.68 13.30 -35.45
CA ASP C 69 -46.74 12.20 -35.30
C ASP C 69 -45.34 12.78 -35.15
N LYS C 70 -44.35 11.89 -35.00
CA LYS C 70 -42.96 12.32 -34.90
C LYS C 70 -42.53 13.09 -36.15
N LYS C 71 -42.95 12.62 -37.32
CA LYS C 71 -42.54 13.24 -38.57
C LYS C 71 -43.34 14.50 -38.91
N SER C 72 -44.47 14.72 -38.26
CA SER C 72 -45.36 15.81 -38.61
C SER C 72 -45.55 16.87 -37.53
N VAL C 73 -45.13 16.59 -36.29
CA VAL C 73 -45.37 17.53 -35.19
C VAL C 73 -44.68 18.86 -35.46
N ASN C 74 -43.49 18.81 -36.05
CA ASN C 74 -42.76 20.04 -36.37
C ASN C 74 -43.49 20.88 -37.42
N THR C 75 -44.32 20.26 -38.25
CA THR C 75 -45.09 21.00 -39.23
C THR C 75 -46.24 21.76 -38.58
N ILE C 76 -46.86 21.16 -37.56
CA ILE C 76 -48.00 21.80 -36.90
C ILE C 76 -47.53 22.98 -36.05
N THR C 77 -46.48 22.77 -35.24
CA THR C 77 -46.00 23.82 -34.36
C THR C 77 -45.46 25.01 -35.15
N SER C 78 -44.91 24.78 -36.35
CA SER C 78 -44.37 25.88 -37.14
C SER C 78 -45.46 26.64 -37.87
N PHE C 79 -46.49 25.95 -38.35
CA PHE C 79 -47.58 26.62 -39.06
C PHE C 79 -48.53 27.33 -38.10
N CYS C 80 -48.81 26.72 -36.95
CA CYS C 80 -49.71 27.34 -35.98
C CYS C 80 -49.09 28.56 -35.35
N GLY C 81 -47.82 28.45 -34.94
CA GLY C 81 -47.11 29.61 -34.39
C GLY C 81 -46.87 30.71 -35.39
N THR C 82 -46.94 30.42 -36.68
CA THR C 82 -46.78 31.42 -37.73
C THR C 82 -48.10 32.07 -38.11
N LEU C 83 -49.18 31.29 -38.17
CA LEU C 83 -50.48 31.77 -38.61
C LEU C 83 -51.44 32.04 -37.45
N HIS C 84 -50.97 31.90 -36.21
CA HIS C 84 -51.75 32.22 -35.01
C HIS C 84 -53.06 31.43 -34.94
N VAL C 85 -53.06 30.21 -35.45
CA VAL C 85 -54.24 29.34 -35.41
C VAL C 85 -54.07 28.35 -34.28
N SER C 86 -55.05 28.30 -33.38
CA SER C 86 -54.98 27.38 -32.25
C SER C 86 -55.16 25.93 -32.72
N PHE C 87 -54.41 25.03 -32.09
CA PHE C 87 -54.47 23.61 -32.43
C PHE C 87 -54.69 22.81 -31.15
N ILE C 88 -55.80 22.09 -31.09
CA ILE C 88 -56.12 21.23 -29.97
C ILE C 88 -55.78 19.80 -30.34
N THR C 89 -55.00 19.12 -29.49
CA THR C 89 -54.51 17.79 -29.83
C THR C 89 -54.47 16.87 -28.61
N PRO C 90 -54.99 15.65 -28.73
CA PRO C 90 -54.81 14.64 -27.68
C PRO C 90 -53.53 13.82 -27.80
N SER C 91 -52.61 14.21 -28.67
CA SER C 91 -51.38 13.45 -28.89
C SER C 91 -50.35 13.85 -27.84
N PHE C 92 -49.11 13.35 -28.00
CA PHE C 92 -48.09 13.58 -27.00
C PHE C 92 -47.61 15.04 -27.02
N PRO C 93 -47.24 15.58 -25.86
CA PRO C 93 -46.83 16.99 -25.81
C PRO C 93 -45.56 17.26 -26.59
N THR C 94 -45.38 18.53 -26.95
CA THR C 94 -44.24 18.94 -27.75
C THR C 94 -42.95 18.90 -26.92
N ASP C 95 -41.82 18.82 -27.62
CA ASP C 95 -40.50 18.78 -27.00
C ASP C 95 -39.96 20.21 -27.03
N GLY C 96 -40.23 20.97 -25.96
CA GLY C 96 -39.83 22.35 -25.84
C GLY C 96 -41.03 23.21 -25.50
N THR C 97 -40.87 24.52 -25.68
CA THR C 97 -41.92 25.49 -25.41
C THR C 97 -42.35 26.09 -26.75
N HIS C 98 -43.35 25.46 -27.38
CA HIS C 98 -43.89 25.94 -28.65
C HIS C 98 -45.25 26.56 -28.41
N PRO C 99 -45.45 27.84 -28.71
CA PRO C 99 -46.74 28.48 -28.46
C PRO C 99 -47.81 27.96 -29.42
N PHE C 100 -49.06 28.27 -29.07
CA PHE C 100 -50.23 27.92 -29.88
C PHE C 100 -50.38 26.41 -30.02
N VAL C 101 -50.23 25.70 -28.90
CA VAL C 101 -50.38 24.25 -28.85
C VAL C 101 -51.18 23.89 -27.61
N ILE C 102 -52.28 23.18 -27.79
CA ILE C 102 -53.15 22.76 -26.70
C ILE C 102 -53.02 21.24 -26.58
N GLN C 103 -52.16 20.79 -25.67
CA GLN C 103 -51.88 19.37 -25.49
C GLN C 103 -52.77 18.83 -24.38
N MET C 104 -53.80 18.08 -24.77
CA MET C 104 -54.69 17.47 -23.78
C MET C 104 -54.00 16.36 -23.00
N ARG C 105 -52.89 15.82 -23.50
CA ARG C 105 -52.19 14.72 -22.85
C ARG C 105 -51.24 15.27 -21.79
N PRO C 106 -51.27 14.73 -20.57
CA PRO C 106 -50.33 15.15 -19.54
C PRO C 106 -48.95 14.55 -19.76
N ASP C 107 -47.94 15.23 -19.20
CA ASP C 107 -46.56 14.79 -19.34
C ASP C 107 -46.32 13.57 -18.45
N LEU C 108 -45.95 12.46 -19.08
CA LEU C 108 -45.70 11.20 -18.38
C LEU C 108 -44.28 11.08 -17.88
N LYS C 109 -43.40 12.01 -18.24
CA LYS C 109 -41.98 11.92 -17.85
C LYS C 109 -41.84 11.84 -16.33
N GLY C 110 -42.38 12.82 -15.62
CA GLY C 110 -42.25 12.82 -14.17
C GLY C 110 -42.93 11.65 -13.50
N ALA C 111 -43.98 11.10 -14.13
CA ALA C 111 -44.69 9.97 -13.54
C ALA C 111 -43.84 8.71 -13.58
N LEU C 112 -43.30 8.36 -14.76
CA LEU C 112 -42.46 7.18 -14.86
C LEU C 112 -41.17 7.35 -14.07
N LEU C 113 -40.55 8.53 -14.17
CA LEU C 113 -39.36 8.81 -13.36
C LEU C 113 -39.63 8.59 -11.88
N SER C 114 -40.84 8.94 -11.42
CA SER C 114 -41.22 8.64 -10.05
C SER C 114 -41.55 7.16 -9.88
N LEU C 115 -42.06 6.51 -10.93
CA LEU C 115 -42.40 5.09 -10.82
C LEU C 115 -41.14 4.23 -10.81
N ILE C 116 -40.15 4.59 -11.63
CA ILE C 116 -38.86 3.89 -11.56
C ILE C 116 -38.22 4.11 -10.20
N GLU C 117 -38.36 5.32 -9.65
CA GLU C 117 -37.86 5.60 -8.31
C GLU C 117 -38.71 4.92 -7.24
N TYR C 118 -39.98 4.62 -7.55
CA TYR C 118 -40.85 3.89 -6.64
C TYR C 118 -40.37 2.46 -6.46
N TYR C 119 -40.44 1.65 -7.52
CA TYR C 119 -39.94 0.28 -7.47
C TYR C 119 -38.44 0.20 -7.22
N GLN C 120 -37.74 1.33 -7.30
CA GLN C 120 -36.29 1.41 -7.05
C GLN C 120 -35.53 0.51 -8.02
N TRP C 121 -35.69 0.82 -9.31
CA TRP C 121 -35.00 0.10 -10.38
C TRP C 121 -33.67 0.80 -10.65
N ASP C 122 -32.57 0.11 -10.36
CA ASP C 122 -31.25 0.62 -10.69
C ASP C 122 -30.79 0.18 -12.07
N LYS C 123 -31.31 -0.93 -12.57
CA LYS C 123 -30.95 -1.45 -13.89
C LYS C 123 -32.17 -2.13 -14.48
N PHE C 124 -32.59 -1.68 -15.66
CA PHE C 124 -33.79 -2.21 -16.29
C PHE C 124 -33.70 -2.01 -17.79
N ALA C 125 -34.49 -2.79 -18.51
CA ALA C 125 -34.56 -2.69 -19.96
C ALA C 125 -35.64 -1.67 -20.33
N TYR C 126 -35.26 -0.66 -21.09
CA TYR C 126 -36.18 0.39 -21.54
C TYR C 126 -36.48 0.13 -23.01
N LEU C 127 -37.50 -0.69 -23.26
CA LEU C 127 -37.90 -1.02 -24.63
C LEU C 127 -38.78 0.11 -25.15
N TYR C 128 -38.28 0.86 -26.12
CA TYR C 128 -38.94 2.03 -26.66
C TYR C 128 -39.13 1.89 -28.16
N ASP C 129 -40.20 2.50 -28.67
CA ASP C 129 -40.44 2.63 -30.10
C ASP C 129 -40.21 4.07 -30.53
N SER C 130 -39.51 4.25 -31.65
CA SER C 130 -39.17 5.59 -32.12
C SER C 130 -40.36 6.25 -32.80
N ASP C 131 -41.52 6.21 -32.15
CA ASP C 131 -42.76 6.73 -32.72
C ASP C 131 -43.27 7.97 -32.00
N ARG C 132 -43.47 7.89 -30.68
CA ARG C 132 -44.01 9.01 -29.91
C ARG C 132 -42.92 9.97 -29.43
N GLY C 133 -41.83 10.10 -30.18
CA GLY C 133 -40.74 10.95 -29.75
C GLY C 133 -39.91 10.34 -28.65
N LEU C 134 -38.69 10.84 -28.46
CA LEU C 134 -37.77 10.31 -27.46
C LEU C 134 -37.69 11.21 -26.24
N SER C 135 -38.83 11.74 -25.80
CA SER C 135 -38.84 12.63 -24.64
C SER C 135 -38.60 11.85 -23.35
N THR C 136 -39.25 10.69 -23.22
CA THR C 136 -39.07 9.87 -22.02
C THR C 136 -37.83 8.98 -22.10
N LEU C 137 -37.36 8.67 -23.31
CA LEU C 137 -36.11 7.92 -23.42
C LEU C 137 -34.93 8.76 -22.92
N GLN C 138 -34.91 10.05 -23.24
CA GLN C 138 -33.88 10.94 -22.72
C GLN C 138 -34.13 11.32 -21.26
N ALA C 139 -35.38 11.26 -20.80
CA ALA C 139 -35.65 11.54 -19.39
C ALA C 139 -35.10 10.43 -18.50
N VAL C 140 -35.20 9.18 -18.95
CA VAL C 140 -34.64 8.08 -18.17
C VAL C 140 -33.14 7.93 -18.40
N LEU C 141 -32.61 8.51 -19.47
CA LEU C 141 -31.16 8.50 -19.69
C LEU C 141 -30.47 9.66 -19.00
N ASP C 142 -31.13 10.80 -18.87
CA ASP C 142 -30.58 11.89 -18.06
C ASP C 142 -30.50 11.48 -16.60
N SER C 143 -31.56 10.84 -16.08
CA SER C 143 -31.55 10.30 -14.73
C SER C 143 -30.74 9.02 -14.62
N ALA C 144 -30.35 8.41 -15.75
CA ALA C 144 -29.47 7.25 -15.72
C ALA C 144 -28.07 7.59 -15.21
N ALA C 145 -27.71 8.87 -15.16
CA ALA C 145 -26.48 9.34 -14.54
C ALA C 145 -26.73 10.12 -13.26
N GLU C 146 -27.80 10.92 -13.22
CA GLU C 146 -28.16 11.62 -12.00
C GLU C 146 -28.42 10.63 -10.87
N LYS C 147 -29.30 9.67 -11.09
CA LYS C 147 -29.56 8.61 -10.13
C LYS C 147 -28.73 7.37 -10.41
N LYS C 148 -27.86 7.42 -11.42
CA LYS C 148 -26.88 6.37 -11.71
C LYS C 148 -27.55 5.02 -11.97
N TRP C 149 -28.37 5.00 -13.01
CA TRP C 149 -28.97 3.75 -13.47
C TRP C 149 -28.11 3.11 -14.55
N GLN C 150 -28.34 1.82 -14.77
CA GLN C 150 -27.72 1.11 -15.88
C GLN C 150 -28.80 0.73 -16.88
N VAL C 151 -29.48 1.73 -17.43
CA VAL C 151 -30.60 1.48 -18.33
C VAL C 151 -30.09 0.80 -19.60
N THR C 152 -30.76 -0.27 -19.99
CA THR C 152 -30.46 -1.01 -21.22
C THR C 152 -31.58 -0.73 -22.20
N ALA C 153 -31.53 0.45 -22.83
CA ALA C 153 -32.56 0.87 -23.75
C ALA C 153 -32.34 0.25 -25.13
N ILE C 154 -33.40 -0.28 -25.71
CA ILE C 154 -33.35 -0.96 -27.01
C ILE C 154 -34.43 -0.37 -27.91
N ASN C 155 -34.03 0.04 -29.12
CA ASN C 155 -34.98 0.53 -30.10
C ASN C 155 -35.75 -0.66 -30.68
N VAL C 156 -37.02 -0.80 -30.27
CA VAL C 156 -37.88 -1.86 -30.79
C VAL C 156 -38.83 -1.35 -31.86
N GLY C 157 -38.61 -0.13 -32.36
CA GLY C 157 -39.47 0.44 -33.37
C GLY C 157 -39.13 0.01 -34.79
N ASN C 158 -37.84 0.02 -35.12
CA ASN C 158 -37.37 -0.37 -36.46
C ASN C 158 -37.32 -1.89 -36.57
N ILE C 159 -38.52 -2.48 -36.64
CA ILE C 159 -38.68 -3.92 -36.78
C ILE C 159 -39.80 -4.19 -37.79
N ASN C 160 -39.68 -5.31 -38.49
CA ASN C 160 -40.69 -5.74 -39.44
C ASN C 160 -41.62 -6.77 -38.80
N ASN C 161 -42.82 -6.89 -39.37
CA ASN C 161 -43.86 -7.72 -38.79
C ASN C 161 -43.83 -9.17 -39.25
N ASP C 162 -43.11 -9.48 -40.33
CA ASP C 162 -43.03 -10.86 -40.79
C ASP C 162 -42.03 -11.66 -39.95
N LYS C 163 -40.85 -11.10 -39.73
CA LYS C 163 -39.87 -11.67 -38.82
C LYS C 163 -40.17 -11.34 -37.35
N LYS C 164 -41.43 -11.01 -37.05
CA LYS C 164 -41.79 -10.61 -35.70
C LYS C 164 -41.66 -11.77 -34.72
N ASP C 165 -41.76 -13.01 -35.19
CA ASP C 165 -41.59 -14.16 -34.33
C ASP C 165 -40.13 -14.54 -34.14
N GLU C 166 -39.24 -14.07 -35.01
CA GLU C 166 -37.81 -14.37 -34.90
C GLU C 166 -37.00 -13.21 -34.33
N THR C 167 -37.33 -11.97 -34.70
CA THR C 167 -36.60 -10.83 -34.14
C THR C 167 -37.00 -10.54 -32.71
N TYR C 168 -38.28 -10.75 -32.36
CA TYR C 168 -38.68 -10.63 -30.96
C TYR C 168 -37.95 -11.65 -30.10
N ARG C 169 -37.92 -12.90 -30.54
CA ARG C 169 -37.12 -13.91 -29.85
C ARG C 169 -35.64 -13.62 -29.92
N SER C 170 -35.20 -12.74 -30.82
CA SER C 170 -33.80 -12.33 -30.86
C SER C 170 -33.50 -11.23 -29.85
N LEU C 171 -34.48 -10.39 -29.54
CA LEU C 171 -34.28 -9.33 -28.55
C LEU C 171 -34.17 -9.90 -27.14
N PHE C 172 -35.13 -10.75 -26.75
CA PHE C 172 -35.11 -11.31 -25.41
C PHE C 172 -33.90 -12.21 -25.18
N GLN C 173 -33.35 -12.80 -26.24
CA GLN C 173 -32.10 -13.53 -26.11
C GLN C 173 -30.90 -12.60 -25.92
N ASP C 174 -31.08 -11.29 -26.13
CA ASP C 174 -30.08 -10.32 -25.72
C ASP C 174 -30.32 -9.78 -24.32
N LEU C 175 -31.59 -9.67 -23.90
CA LEU C 175 -31.91 -9.21 -22.57
C LEU C 175 -31.68 -10.28 -21.49
N GLU C 176 -31.35 -11.50 -21.89
CA GLU C 176 -31.01 -12.55 -20.94
C GLU C 176 -29.54 -12.55 -20.57
N LEU C 177 -28.69 -11.82 -21.32
CA LEU C 177 -27.28 -11.75 -20.98
C LEU C 177 -27.07 -11.03 -19.66
N LYS C 178 -27.89 -10.03 -19.37
CA LYS C 178 -27.87 -9.33 -18.10
C LYS C 178 -28.86 -9.91 -17.10
N LYS C 179 -29.56 -10.98 -17.47
CA LYS C 179 -30.61 -11.58 -16.64
C LYS C 179 -31.66 -10.54 -16.25
N GLU C 180 -32.08 -9.76 -17.23
CA GLU C 180 -33.05 -8.69 -16.99
C GLU C 180 -34.41 -9.27 -16.63
N ARG C 181 -34.92 -8.89 -15.47
CA ARG C 181 -36.27 -9.24 -15.04
C ARG C 181 -37.20 -8.03 -14.99
N ARG C 182 -36.69 -6.84 -15.30
CA ARG C 182 -37.44 -5.59 -15.16
C ARG C 182 -37.35 -4.84 -16.48
N VAL C 183 -38.48 -4.69 -17.15
CA VAL C 183 -38.54 -4.05 -18.46
C VAL C 183 -39.62 -2.97 -18.42
N ILE C 184 -39.27 -1.78 -18.88
CA ILE C 184 -40.22 -0.68 -19.03
C ILE C 184 -40.65 -0.67 -20.49
N LEU C 185 -41.87 -1.15 -20.75
CA LEU C 185 -42.42 -1.15 -22.10
C LEU C 185 -42.97 0.24 -22.38
N ASP C 186 -42.14 1.07 -23.02
CA ASP C 186 -42.57 2.40 -23.44
C ASP C 186 -42.92 2.38 -24.92
N CYS C 187 -44.02 1.68 -25.21
CA CYS C 187 -44.50 1.49 -26.58
C CYS C 187 -45.99 1.78 -26.62
N GLU C 188 -46.55 1.74 -27.84
CA GLU C 188 -47.96 1.98 -28.03
C GLU C 188 -48.78 0.78 -27.53
N ARG C 189 -50.08 1.02 -27.32
CA ARG C 189 -50.94 -0.03 -26.80
C ARG C 189 -51.03 -1.21 -27.76
N ASP C 190 -50.91 -0.96 -29.06
CA ASP C 190 -50.90 -2.05 -30.02
C ASP C 190 -49.54 -2.74 -30.08
N LYS C 191 -48.46 -1.96 -30.01
CA LYS C 191 -47.12 -2.55 -30.01
C LYS C 191 -46.84 -3.29 -28.71
N VAL C 192 -47.48 -2.89 -27.62
CA VAL C 192 -47.34 -3.62 -26.37
C VAL C 192 -47.95 -5.01 -26.50
N ASN C 193 -49.15 -5.09 -27.08
CA ASN C 193 -49.80 -6.39 -27.25
C ASN C 193 -48.99 -7.31 -28.16
N ASP C 194 -48.22 -6.75 -29.09
CA ASP C 194 -47.32 -7.58 -29.88
C ASP C 194 -46.14 -8.08 -29.04
N ILE C 195 -45.58 -7.21 -28.20
CA ILE C 195 -44.52 -7.64 -27.29
C ILE C 195 -45.09 -8.60 -26.25
N VAL C 196 -46.25 -8.27 -25.68
CA VAL C 196 -46.89 -9.13 -24.70
C VAL C 196 -47.19 -10.50 -25.31
N ASP C 197 -47.69 -10.52 -26.56
CA ASP C 197 -47.95 -11.80 -27.21
C ASP C 197 -46.68 -12.62 -27.39
N GLN C 198 -45.53 -11.97 -27.48
CA GLN C 198 -44.27 -12.69 -27.61
C GLN C 198 -43.60 -12.98 -26.27
N VAL C 199 -43.97 -12.25 -25.21
CA VAL C 199 -43.48 -12.59 -23.88
C VAL C 199 -44.03 -13.95 -23.45
N ILE C 200 -45.30 -14.23 -23.79
CA ILE C 200 -45.90 -15.50 -23.43
C ILE C 200 -45.36 -16.62 -24.32
N THR C 201 -45.00 -16.30 -25.56
CA THR C 201 -44.51 -17.33 -26.48
C THR C 201 -43.21 -17.94 -25.96
N ILE C 202 -42.28 -17.11 -25.49
CA ILE C 202 -41.05 -17.61 -24.91
C ILE C 202 -41.21 -17.96 -23.43
N GLY C 203 -42.23 -17.43 -22.76
CA GLY C 203 -42.50 -17.77 -21.38
C GLY C 203 -41.73 -16.96 -20.36
N LYS C 204 -41.77 -15.64 -20.50
CA LYS C 204 -41.09 -14.76 -19.55
C LYS C 204 -42.07 -13.90 -18.79
N HIS C 205 -43.13 -14.52 -18.27
CA HIS C 205 -44.13 -13.82 -17.46
C HIS C 205 -44.38 -14.51 -16.13
N VAL C 206 -43.42 -15.31 -15.66
CA VAL C 206 -43.57 -16.08 -14.42
C VAL C 206 -43.12 -15.23 -13.23
N LYS C 207 -43.24 -15.79 -12.03
CA LYS C 207 -42.81 -15.10 -10.82
C LYS C 207 -41.33 -14.76 -10.91
N GLY C 208 -41.03 -13.45 -10.86
CA GLY C 208 -39.66 -13.00 -10.98
C GLY C 208 -39.50 -11.81 -11.89
N TYR C 209 -40.22 -11.84 -13.02
CA TYR C 209 -40.17 -10.73 -13.95
C TYR C 209 -41.05 -9.58 -13.46
N HIS C 210 -40.91 -8.43 -14.12
CA HIS C 210 -41.68 -7.25 -13.76
C HIS C 210 -41.62 -6.29 -14.94
N TYR C 211 -42.77 -5.72 -15.29
CA TYR C 211 -42.88 -4.89 -16.48
C TYR C 211 -43.62 -3.61 -16.16
N ILE C 212 -43.18 -2.52 -16.79
CA ILE C 212 -43.82 -1.21 -16.66
C ILE C 212 -44.26 -0.78 -18.06
N ILE C 213 -45.54 -0.92 -18.34
CA ILE C 213 -46.10 -0.43 -19.60
C ILE C 213 -46.15 1.09 -19.52
N ALA C 214 -45.10 1.75 -20.03
CA ALA C 214 -44.95 3.19 -19.88
C ALA C 214 -45.84 3.95 -20.88
N ASN C 215 -47.15 3.74 -20.74
CA ASN C 215 -48.13 4.47 -21.50
C ASN C 215 -49.30 4.81 -20.58
N LEU C 216 -50.17 5.71 -21.03
CA LEU C 216 -51.31 6.14 -20.26
C LEU C 216 -52.53 5.25 -20.44
N GLY C 217 -52.39 4.13 -21.16
CA GLY C 217 -53.51 3.25 -21.40
C GLY C 217 -53.27 1.83 -20.97
N PHE C 218 -53.23 1.59 -19.64
CA PHE C 218 -52.99 0.25 -19.13
C PHE C 218 -54.18 -0.65 -19.39
N THR C 219 -55.36 -0.28 -18.89
CA THR C 219 -56.56 -1.09 -19.06
C THR C 219 -57.05 -1.15 -20.50
N ASP C 220 -56.53 -0.29 -21.39
CA ASP C 220 -56.93 -0.36 -22.79
C ASP C 220 -56.45 -1.64 -23.43
N GLY C 221 -55.14 -1.84 -23.50
CA GLY C 221 -54.62 -3.08 -24.05
C GLY C 221 -55.01 -4.28 -23.21
N ASP C 222 -55.05 -5.44 -23.86
CA ASP C 222 -55.43 -6.67 -23.17
C ASP C 222 -54.40 -7.00 -22.10
N LEU C 223 -54.88 -7.24 -20.88
CA LEU C 223 -54.03 -7.54 -19.74
C LEU C 223 -54.28 -8.91 -19.14
N LEU C 224 -55.35 -9.60 -19.54
CA LEU C 224 -55.71 -10.89 -18.95
C LEU C 224 -54.84 -12.02 -19.46
N LYS C 225 -54.05 -11.81 -20.51
CA LYS C 225 -53.16 -12.85 -21.00
C LYS C 225 -51.89 -12.98 -20.18
N ILE C 226 -51.55 -11.97 -19.40
CA ILE C 226 -50.33 -11.98 -18.60
C ILE C 226 -50.66 -11.72 -17.13
N GLN C 227 -51.95 -11.72 -16.81
CA GLN C 227 -52.37 -11.41 -15.45
C GLN C 227 -52.08 -12.54 -14.48
N PHE C 228 -52.11 -13.79 -14.96
CA PHE C 228 -51.93 -14.95 -14.10
C PHE C 228 -50.58 -15.65 -14.33
N GLY C 229 -49.60 -14.93 -14.85
CA GLY C 229 -48.29 -15.52 -15.06
C GLY C 229 -47.46 -15.62 -13.80
N GLY C 230 -47.55 -14.58 -12.97
CA GLY C 230 -46.76 -14.46 -11.74
C GLY C 230 -45.88 -13.22 -11.72
N ALA C 231 -45.39 -12.80 -12.89
CA ALA C 231 -44.65 -11.55 -12.97
C ALA C 231 -45.55 -10.37 -12.70
N GLU C 232 -45.05 -9.42 -11.91
CA GLU C 232 -45.80 -8.22 -11.63
C GLU C 232 -45.80 -7.30 -12.84
N VAL C 233 -46.96 -6.71 -13.13
CA VAL C 233 -47.12 -5.80 -14.26
C VAL C 233 -47.61 -4.46 -13.73
N SER C 234 -47.05 -3.37 -14.26
CA SER C 234 -47.39 -2.04 -13.79
C SER C 234 -47.53 -1.11 -14.99
N GLY C 235 -48.30 -0.05 -14.79
CA GLY C 235 -48.53 0.92 -15.84
C GLY C 235 -49.11 2.20 -15.30
N PHE C 236 -49.82 2.91 -16.17
CA PHE C 236 -50.43 4.19 -15.81
C PHE C 236 -51.85 4.23 -16.37
N GLN C 237 -52.61 5.22 -15.91
CA GLN C 237 -53.99 5.39 -16.33
C GLN C 237 -54.41 6.83 -16.12
N ILE C 238 -55.30 7.31 -16.99
CA ILE C 238 -55.77 8.69 -16.93
C ILE C 238 -57.29 8.79 -16.82
N VAL C 239 -58.04 7.73 -17.11
CA VAL C 239 -59.50 7.73 -17.07
C VAL C 239 -59.91 6.98 -15.81
N ASP C 240 -60.32 7.71 -14.78
CA ASP C 240 -60.76 7.12 -13.52
C ASP C 240 -62.18 6.61 -13.71
N TYR C 241 -62.33 5.29 -13.89
CA TYR C 241 -63.65 4.71 -14.04
C TYR C 241 -64.43 4.72 -12.74
N ASP C 242 -63.75 4.88 -11.60
CA ASP C 242 -64.44 5.00 -10.31
C ASP C 242 -65.00 6.39 -10.08
N ASP C 243 -64.67 7.36 -10.92
CA ASP C 243 -65.16 8.72 -10.75
C ASP C 243 -66.63 8.80 -11.13
N SER C 244 -67.27 9.89 -10.70
CA SER C 244 -68.70 10.10 -10.96
C SER C 244 -68.96 10.70 -12.34
N LEU C 245 -68.15 11.68 -12.75
CA LEU C 245 -68.34 12.25 -14.09
C LEU C 245 -68.04 11.23 -15.17
N VAL C 246 -67.10 10.31 -14.93
CA VAL C 246 -66.84 9.24 -15.88
C VAL C 246 -67.94 8.18 -15.81
N SER C 247 -68.55 8.01 -14.64
CA SER C 247 -69.57 6.98 -14.49
C SER C 247 -70.86 7.36 -15.20
N LYS C 248 -71.21 8.65 -15.21
CA LYS C 248 -72.40 9.09 -15.93
C LYS C 248 -72.18 9.17 -17.44
N PHE C 249 -70.92 9.23 -17.88
CA PHE C 249 -70.65 9.21 -19.31
C PHE C 249 -70.60 7.78 -19.84
N ILE C 250 -70.06 6.84 -19.05
CA ILE C 250 -70.09 5.44 -19.44
C ILE C 250 -71.53 4.95 -19.51
N GLU C 251 -72.41 5.49 -18.66
CA GLU C 251 -73.84 5.19 -18.77
C GLU C 251 -74.40 5.63 -20.11
N ARG C 252 -73.83 6.69 -20.70
CA ARG C 252 -74.28 7.17 -21.99
C ARG C 252 -73.41 6.72 -23.15
N TRP C 253 -72.16 6.31 -22.88
CA TRP C 253 -71.25 5.89 -23.94
C TRP C 253 -71.52 4.44 -24.34
N SER C 254 -71.60 3.54 -23.36
CA SER C 254 -71.78 2.12 -23.64
C SER C 254 -73.17 1.77 -24.18
N THR C 255 -74.08 2.74 -24.28
CA THR C 255 -75.43 2.50 -24.76
C THR C 255 -75.63 2.95 -26.20
N LEU C 256 -74.57 3.07 -26.97
CA LEU C 256 -74.64 3.53 -28.35
C LEU C 256 -74.45 2.38 -29.32
N GLU C 257 -75.09 2.49 -30.47
CA GLU C 257 -74.99 1.47 -31.51
C GLU C 257 -73.64 1.57 -32.22
N GLU C 258 -73.12 0.42 -32.65
CA GLU C 258 -71.79 0.34 -33.24
C GLU C 258 -71.77 0.61 -34.74
N LYS C 259 -72.94 0.64 -35.40
CA LYS C 259 -72.94 0.88 -36.84
C LYS C 259 -72.69 2.35 -37.17
N GLU C 260 -73.17 3.28 -36.35
CA GLU C 260 -72.89 4.70 -36.55
C GLU C 260 -71.67 5.17 -35.79
N TYR C 261 -71.51 4.73 -34.54
CA TYR C 261 -70.33 5.03 -33.75
C TYR C 261 -69.40 3.83 -33.76
N PRO C 262 -68.40 3.78 -34.65
CA PRO C 262 -67.52 2.60 -34.72
C PRO C 262 -66.59 2.54 -33.52
N GLY C 263 -66.64 1.43 -32.80
CA GLY C 263 -65.78 1.25 -31.64
C GLY C 263 -66.22 2.02 -30.41
N ALA C 264 -67.53 2.03 -30.13
CA ALA C 264 -68.05 2.75 -28.99
C ALA C 264 -68.96 1.90 -28.10
N HIS C 265 -69.12 0.63 -28.39
CA HIS C 265 -70.05 -0.24 -27.66
C HIS C 265 -69.33 -1.02 -26.57
N THR C 266 -68.57 -0.32 -25.73
CA THR C 266 -67.84 -0.93 -24.62
C THR C 266 -67.93 -0.02 -23.40
N ALA C 267 -67.56 -0.58 -22.24
CA ALA C 267 -67.55 0.18 -21.00
C ALA C 267 -66.20 0.83 -20.73
N THR C 268 -65.15 0.43 -21.43
CA THR C 268 -63.85 1.07 -21.33
C THR C 268 -63.62 1.92 -22.58
N ILE C 269 -62.75 2.92 -22.44
CA ILE C 269 -62.44 3.85 -23.51
C ILE C 269 -60.94 4.11 -23.51
N LYS C 270 -60.33 4.10 -24.70
CA LYS C 270 -58.92 4.39 -24.82
C LYS C 270 -58.63 5.83 -24.43
N TYR C 271 -57.40 6.07 -23.96
CA TYR C 271 -57.06 7.39 -23.45
C TYR C 271 -57.01 8.44 -24.55
N THR C 272 -56.71 8.03 -25.79
CA THR C 272 -56.70 8.99 -26.89
C THR C 272 -58.10 9.53 -27.17
N SER C 273 -59.14 8.74 -26.86
CA SER C 273 -60.50 9.15 -27.16
C SER C 273 -61.07 10.05 -26.06
N ALA C 274 -60.74 9.77 -24.80
CA ALA C 274 -61.29 10.55 -23.70
C ALA C 274 -60.86 12.01 -23.78
N LEU C 275 -59.61 12.26 -24.19
CA LEU C 275 -59.15 13.63 -24.33
C LEU C 275 -59.87 14.35 -25.47
N THR C 276 -60.33 13.61 -26.48
CA THR C 276 -61.07 14.22 -27.57
C THR C 276 -62.40 14.78 -27.08
N TYR C 277 -63.17 13.97 -26.36
CA TYR C 277 -64.42 14.45 -25.78
C TYR C 277 -64.17 15.62 -24.83
N ASP C 278 -63.09 15.54 -24.05
CA ASP C 278 -62.72 16.67 -23.21
C ASP C 278 -62.26 17.87 -24.05
N ALA C 279 -61.67 17.61 -25.22
CA ALA C 279 -61.23 18.70 -26.08
C ALA C 279 -62.40 19.53 -26.58
N VAL C 280 -63.55 18.89 -26.83
CA VAL C 280 -64.72 19.62 -27.30
C VAL C 280 -65.25 20.53 -26.19
N GLN C 281 -65.19 20.07 -24.94
CA GLN C 281 -65.65 20.90 -23.82
C GLN C 281 -64.73 22.09 -23.62
N VAL C 282 -63.42 21.90 -23.84
CA VAL C 282 -62.49 23.02 -23.74
C VAL C 282 -62.73 24.02 -24.87
N MET C 283 -63.14 23.54 -26.04
CA MET C 283 -63.45 24.44 -27.15
C MET C 283 -64.84 25.04 -27.02
N THR C 284 -65.77 24.37 -26.36
CA THR C 284 -67.10 24.94 -26.17
C THR C 284 -67.09 26.02 -25.10
N GLU C 285 -66.40 25.78 -23.99
CA GLU C 285 -66.27 26.80 -22.95
C GLU C 285 -65.35 27.93 -23.37
N ALA C 286 -64.52 27.73 -24.41
CA ALA C 286 -63.64 28.79 -24.87
C ALA C 286 -64.40 29.87 -25.62
N PHE C 287 -65.13 29.47 -26.68
CA PHE C 287 -65.93 30.43 -27.43
C PHE C 287 -67.09 30.98 -26.60
N ARG C 288 -67.46 30.30 -25.51
CA ARG C 288 -68.54 30.79 -24.67
C ARG C 288 -68.10 31.99 -23.85
N ASN C 289 -66.89 31.96 -23.31
CA ASN C 289 -66.40 33.09 -22.52
C ASN C 289 -66.12 34.31 -23.40
N LEU C 290 -65.83 34.10 -24.68
CA LEU C 290 -65.62 35.23 -25.57
C LEU C 290 -66.91 36.01 -25.79
N ARG C 291 -68.06 35.35 -25.68
CA ARG C 291 -69.33 36.05 -25.75
C ARG C 291 -69.59 36.89 -24.51
N LYS C 292 -69.09 36.43 -23.36
CA LYS C 292 -69.33 37.10 -22.09
C LYS C 292 -68.24 38.11 -21.72
N GLN C 293 -67.10 38.08 -22.41
CA GLN C 293 -66.04 39.06 -22.19
C GLN C 293 -66.12 40.23 -23.16
N ARG C 294 -67.15 40.28 -24.00
CA ARG C 294 -67.30 41.31 -25.03
C ARG C 294 -66.06 41.41 -25.91
N ILE C 295 -65.65 40.26 -26.43
CA ILE C 295 -64.50 40.15 -27.33
C ILE C 295 -64.96 39.47 -28.60
N GLU C 296 -65.05 40.24 -29.69
CA GLU C 296 -65.52 39.70 -30.96
C GLU C 296 -64.38 38.96 -31.66
N ILE C 297 -64.73 37.87 -32.35
CA ILE C 297 -63.74 36.96 -32.92
C ILE C 297 -64.11 36.53 -34.32
N SER C 298 -65.15 37.12 -34.89
CA SER C 298 -65.58 36.73 -36.23
C SER C 298 -64.53 37.10 -37.27
N ARG C 299 -64.49 36.34 -38.36
CA ARG C 299 -63.47 36.51 -39.38
C ARG C 299 -63.79 37.71 -40.27
N ARG C 300 -62.73 38.46 -40.63
CA ARG C 300 -62.91 39.62 -41.50
C ARG C 300 -63.19 39.22 -42.94
N GLY C 301 -62.62 38.13 -43.41
CA GLY C 301 -62.85 37.68 -44.77
C GLY C 301 -62.21 36.35 -45.04
N ASN C 302 -61.97 36.09 -46.32
CA ASN C 302 -61.32 34.85 -46.72
C ASN C 302 -59.84 34.86 -46.32
N ALA C 303 -59.37 33.72 -45.82
CA ALA C 303 -57.99 33.65 -45.35
C ALA C 303 -57.01 33.58 -46.50
N GLY C 304 -57.45 33.09 -47.66
CA GLY C 304 -56.60 33.06 -48.85
C GLY C 304 -55.65 31.87 -48.89
N ASP C 305 -54.44 32.12 -49.37
CA ASP C 305 -53.43 31.08 -49.54
C ASP C 305 -52.49 31.07 -48.35
N CYS C 306 -52.28 29.88 -47.78
CA CYS C 306 -51.35 29.75 -46.66
C CYS C 306 -49.93 30.12 -47.08
N LEU C 307 -49.56 29.81 -48.32
CA LEU C 307 -48.27 30.16 -48.90
C LEU C 307 -48.15 31.62 -49.23
N ALA C 308 -49.03 32.47 -48.72
CA ALA C 308 -48.87 33.91 -48.89
C ALA C 308 -47.48 34.33 -48.44
N ASN C 309 -46.74 34.93 -49.37
CA ASN C 309 -45.39 35.41 -49.08
C ASN C 309 -45.37 36.92 -49.24
N PRO C 310 -45.24 37.70 -48.16
CA PRO C 310 -45.15 37.23 -46.77
C PRO C 310 -46.49 36.72 -46.21
N ALA C 311 -46.43 36.01 -45.08
CA ALA C 311 -47.61 35.43 -44.47
C ALA C 311 -48.11 36.30 -43.32
N VAL C 312 -49.41 36.49 -43.25
CA VAL C 312 -50.05 37.41 -42.31
C VAL C 312 -50.85 36.60 -41.30
N PRO C 313 -50.69 36.85 -40.00
CA PRO C 313 -51.51 36.16 -39.00
C PRO C 313 -52.66 37.01 -38.49
N TRP C 314 -53.84 36.40 -38.32
CA TRP C 314 -55.00 37.16 -37.87
C TRP C 314 -54.86 37.56 -36.40
N GLY C 315 -55.40 38.74 -36.10
CA GLY C 315 -55.26 39.33 -34.78
C GLY C 315 -56.09 38.64 -33.70
N GLN C 316 -57.31 38.23 -34.04
CA GLN C 316 -58.14 37.54 -33.06
C GLN C 316 -57.70 36.09 -32.81
N GLY C 317 -56.51 35.70 -33.27
CA GLY C 317 -55.99 34.38 -33.01
C GLY C 317 -55.25 34.30 -31.69
N VAL C 318 -54.62 35.41 -31.30
CA VAL C 318 -53.92 35.44 -30.02
C VAL C 318 -54.91 35.52 -28.86
N GLU C 319 -56.12 36.03 -29.09
CA GLU C 319 -57.15 36.00 -28.07
C GLU C 319 -57.75 34.61 -27.90
N ILE C 320 -57.65 33.77 -28.93
CA ILE C 320 -58.15 32.40 -28.83
C ILE C 320 -57.17 31.52 -28.05
N GLU C 321 -55.87 31.75 -28.24
CA GLU C 321 -54.88 31.02 -27.46
C GLU C 321 -55.03 31.30 -25.96
N ARG C 322 -55.20 32.58 -25.62
CA ARG C 322 -55.38 32.95 -24.22
C ARG C 322 -56.69 32.42 -23.66
N ALA C 323 -57.74 32.37 -24.49
CA ALA C 323 -59.01 31.87 -24.02
C ALA C 323 -58.96 30.36 -23.73
N LEU C 324 -58.29 29.61 -24.61
CA LEU C 324 -58.20 28.16 -24.42
C LEU C 324 -57.29 27.82 -23.24
N LYS C 325 -56.15 28.50 -23.11
CA LYS C 325 -55.19 28.21 -22.06
C LYS C 325 -55.65 28.69 -20.68
N GLN C 326 -56.81 29.33 -20.58
CA GLN C 326 -57.34 29.77 -19.29
C GLN C 326 -58.63 29.03 -18.91
N VAL C 327 -59.14 28.14 -19.75
CA VAL C 327 -60.30 27.34 -19.39
C VAL C 327 -59.89 26.29 -18.38
N GLN C 328 -60.67 26.17 -17.30
CA GLN C 328 -60.46 25.14 -16.27
C GLN C 328 -61.80 24.53 -15.94
N VAL C 329 -62.14 23.44 -16.63
CA VAL C 329 -63.34 22.66 -16.36
C VAL C 329 -62.92 21.21 -16.16
N GLU C 330 -63.84 20.41 -15.64
CA GLU C 330 -63.56 19.02 -15.32
C GLU C 330 -63.95 18.12 -16.48
N GLY C 331 -63.10 17.15 -16.78
CA GLY C 331 -63.36 16.19 -17.84
C GLY C 331 -63.01 14.77 -17.46
N LEU C 332 -62.94 13.88 -18.46
CA LEU C 332 -62.61 12.49 -18.18
C LEU C 332 -61.17 12.32 -17.75
N SER C 333 -60.31 13.31 -17.97
CA SER C 333 -58.91 13.27 -17.56
C SER C 333 -58.67 13.99 -16.25
N GLY C 334 -59.73 14.30 -15.50
CA GLY C 334 -59.56 14.96 -14.23
C GLY C 334 -59.53 16.48 -14.36
N ASN C 335 -58.77 17.12 -13.48
CA ASN C 335 -58.60 18.57 -13.50
C ASN C 335 -57.88 18.99 -14.77
N ILE C 336 -58.59 19.63 -15.68
CA ILE C 336 -58.05 20.04 -16.97
C ILE C 336 -57.66 21.51 -16.86
N LYS C 337 -56.35 21.75 -16.75
CA LYS C 337 -55.78 23.11 -16.62
C LYS C 337 -54.48 23.18 -17.41
N PHE C 338 -54.23 24.31 -18.07
CA PHE C 338 -53.02 24.48 -18.87
C PHE C 338 -52.22 25.67 -18.36
N ASP C 339 -50.97 25.75 -18.84
CA ASP C 339 -50.06 26.85 -18.53
C ASP C 339 -49.95 27.78 -19.75
N GLN C 340 -48.83 28.50 -19.84
CA GLN C 340 -48.65 29.46 -20.92
C GLN C 340 -48.21 28.81 -22.23
N ASN C 341 -47.58 27.63 -22.17
CA ASN C 341 -47.11 26.96 -23.37
C ASN C 341 -48.02 25.83 -23.82
N GLY C 342 -49.05 25.51 -23.04
CA GLY C 342 -50.01 24.48 -23.41
C GLY C 342 -49.88 23.17 -22.68
N LYS C 343 -48.87 23.02 -21.81
CA LYS C 343 -48.69 21.78 -21.08
C LYS C 343 -49.80 21.59 -20.06
N ARG C 344 -50.18 20.33 -19.85
CA ARG C 344 -51.14 20.01 -18.80
C ARG C 344 -50.50 20.22 -17.43
N ILE C 345 -51.23 20.91 -16.55
CA ILE C 345 -50.81 21.14 -15.18
C ILE C 345 -52.00 20.86 -14.27
N ASN C 346 -51.71 20.77 -12.97
CA ASN C 346 -52.74 20.54 -11.95
C ASN C 346 -53.47 19.21 -12.16
N TYR C 347 -52.83 18.26 -12.84
CA TYR C 347 -53.47 17.05 -13.32
C TYR C 347 -53.20 15.87 -12.39
N THR C 348 -53.66 14.69 -12.78
CA THR C 348 -53.60 13.49 -11.96
C THR C 348 -53.37 12.28 -12.85
N ILE C 349 -52.40 11.44 -12.48
CA ILE C 349 -52.08 10.23 -13.23
C ILE C 349 -52.05 9.07 -12.23
N ASN C 350 -53.04 8.19 -12.31
CA ASN C 350 -53.09 7.03 -11.44
C ASN C 350 -52.18 5.92 -11.97
N ILE C 351 -51.55 5.19 -11.05
CA ILE C 351 -50.63 4.12 -11.38
C ILE C 351 -51.30 2.79 -11.05
N MET C 352 -51.33 1.88 -12.01
CA MET C 352 -52.05 0.63 -11.88
C MET C 352 -51.10 -0.54 -11.64
N GLU C 353 -51.61 -1.58 -11.00
CA GLU C 353 -50.89 -2.83 -10.80
C GLU C 353 -51.76 -4.00 -11.24
N LEU C 354 -51.16 -4.93 -11.97
CA LEU C 354 -51.85 -6.13 -12.44
C LEU C 354 -51.51 -7.26 -11.49
N LYS C 355 -52.37 -7.48 -10.50
CA LYS C 355 -52.19 -8.57 -9.55
C LYS C 355 -52.89 -9.83 -10.06
N THR C 356 -53.57 -10.54 -9.17
CA THR C 356 -54.35 -11.71 -9.58
C THR C 356 -55.80 -11.35 -9.86
N ASN C 357 -56.37 -10.42 -9.09
CA ASN C 357 -57.74 -9.99 -9.28
C ASN C 357 -57.88 -8.86 -10.30
N GLY C 358 -56.85 -8.65 -11.12
CA GLY C 358 -56.95 -7.71 -12.23
C GLY C 358 -56.27 -6.39 -11.96
N PRO C 359 -56.47 -5.42 -12.86
CA PRO C 359 -55.92 -4.08 -12.65
C PRO C 359 -56.61 -3.42 -11.46
N ARG C 360 -55.80 -2.90 -10.54
CA ARG C 360 -56.31 -2.32 -9.31
C ARG C 360 -55.62 -0.98 -9.08
N LYS C 361 -56.42 0.04 -8.77
CA LYS C 361 -55.91 1.38 -8.53
C LYS C 361 -54.91 1.38 -7.38
N ILE C 362 -53.63 1.61 -7.70
CA ILE C 362 -52.58 1.58 -6.70
C ILE C 362 -51.68 2.81 -6.72
N GLY C 363 -51.96 3.79 -7.57
CA GLY C 363 -51.11 4.96 -7.69
C GLY C 363 -51.91 6.24 -7.89
N TYR C 364 -51.17 7.35 -7.92
CA TYR C 364 -51.71 8.71 -7.99
C TYR C 364 -50.53 9.69 -7.96
N TRP C 365 -50.28 10.36 -9.08
CA TRP C 365 -49.10 11.21 -9.25
C TRP C 365 -49.53 12.62 -9.62
N SER C 366 -48.83 13.61 -9.05
CA SER C 366 -49.09 15.01 -9.31
C SER C 366 -47.78 15.73 -9.64
N GLU C 367 -47.91 16.89 -10.28
CA GLU C 367 -46.73 17.68 -10.61
C GLU C 367 -46.06 18.27 -9.38
N VAL C 368 -46.79 18.40 -8.28
CA VAL C 368 -46.23 18.89 -7.02
C VAL C 368 -45.94 17.74 -6.06
N ASP C 369 -46.78 16.71 -6.05
CA ASP C 369 -46.64 15.56 -5.17
C ASP C 369 -46.42 14.32 -6.00
N LYS C 370 -45.29 13.65 -5.80
CA LYS C 370 -44.93 12.46 -6.55
C LYS C 370 -45.20 11.22 -5.71
N MET C 371 -46.08 10.35 -6.20
CA MET C 371 -46.35 9.03 -5.63
C MET C 371 -47.05 9.09 -4.27
N VAL C 372 -48.34 8.77 -4.26
CA VAL C 372 -49.15 8.69 -3.04
C VAL C 372 -50.54 8.15 -3.40
N LEU C 373 -50.97 7.09 -2.72
CA LEU C 373 -52.29 6.51 -2.98
C LEU C 373 -52.99 6.19 -1.67
N THR C 374 -54.31 6.38 -1.65
CA THR C 374 -55.14 5.83 -0.59
C THR C 374 -54.99 4.32 -0.56
N GLU C 375 -54.22 3.80 0.42
CA GLU C 375 -53.98 2.34 0.51
C GLU C 375 -55.31 1.60 0.66
N ASP C 376 -56.40 2.35 0.91
CA ASP C 376 -57.76 1.74 1.01
C ASP C 376 -58.12 1.12 -0.34
N ASP C 377 -57.76 1.79 -1.44
CA ASP C 377 -58.08 1.28 -2.80
C ASP C 377 -57.40 -0.07 -3.02
N THR C 378 -56.15 -0.23 -2.56
CA THR C 378 -55.48 -1.55 -2.66
C THR C 378 -56.24 -2.56 -1.81
N SER C 379 -56.53 -3.74 -2.39
CA SER C 379 -57.35 -4.78 -1.72
C SER C 379 -56.55 -5.47 -0.62
N GLY C 380 -57.23 -5.92 0.44
CA GLY C 380 -56.67 -6.95 1.34
C GLY C 380 -56.94 -8.35 0.80
N LEU C 381 -56.23 -8.73 -0.26
CA LEU C 381 -56.41 -10.08 -0.87
C LEU C 381 -56.01 -11.16 0.13
N GLU C 382 -54.92 -10.94 0.88
CA GLU C 382 -54.45 -11.91 1.92
C GLU C 382 -54.25 -13.29 1.29
N GLN C 383 -53.66 -13.35 0.10
CA GLN C 383 -53.45 -14.64 -0.61
C GLN C 383 -52.02 -14.71 -1.13
N LYS C 384 -51.03 -14.43 -0.28
CA LYS C 384 -49.65 -14.42 -0.72
C LYS C 384 -49.07 -15.83 -0.60
N THR C 385 -48.57 -16.36 -1.71
CA THR C 385 -47.86 -17.64 -1.73
C THR C 385 -46.37 -17.35 -1.78
N VAL C 386 -45.68 -17.65 -0.68
CA VAL C 386 -44.28 -17.30 -0.52
C VAL C 386 -43.41 -18.40 -1.11
N VAL C 387 -42.45 -18.02 -1.94
CA VAL C 387 -41.53 -18.96 -2.56
C VAL C 387 -40.27 -19.06 -1.70
N VAL C 388 -39.95 -20.27 -1.26
CA VAL C 388 -38.78 -20.52 -0.41
C VAL C 388 -37.87 -21.49 -1.14
N THR C 389 -36.57 -21.19 -1.15
CA THR C 389 -35.58 -22.05 -1.80
C THR C 389 -34.55 -22.53 -0.79
N THR C 390 -34.09 -23.76 -0.97
CA THR C 390 -33.09 -24.36 -0.10
C THR C 390 -32.34 -25.42 -0.88
N ILE C 391 -31.32 -26.01 -0.25
CA ILE C 391 -30.49 -27.03 -0.88
C ILE C 391 -30.66 -28.34 -0.12
N LEU C 392 -30.62 -29.44 -0.85
CA LEU C 392 -30.68 -30.78 -0.25
C LEU C 392 -29.30 -31.14 0.30
N GLU C 393 -29.18 -31.13 1.62
CA GLU C 393 -27.94 -31.55 2.28
C GLU C 393 -28.26 -31.95 3.70
N SER C 394 -27.82 -33.14 4.10
CA SER C 394 -28.09 -33.61 5.45
C SER C 394 -27.29 -32.81 6.47
N PRO C 395 -27.86 -32.52 7.64
CA PRO C 395 -29.25 -32.85 7.98
C PRO C 395 -30.20 -31.67 7.82
N TYR C 396 -29.80 -30.68 7.02
CA TYR C 396 -30.57 -29.44 6.93
C TYR C 396 -31.88 -29.66 6.19
N VAL C 397 -31.83 -30.29 5.01
CA VAL C 397 -33.03 -30.61 4.23
C VAL C 397 -32.83 -31.99 3.61
N MET C 398 -33.79 -32.87 3.80
CA MET C 398 -33.68 -34.26 3.34
C MET C 398 -35.05 -34.73 2.84
N MET C 399 -35.13 -36.02 2.51
CA MET C 399 -36.37 -36.66 2.08
C MET C 399 -36.58 -37.93 2.89
N LYS C 400 -37.72 -38.58 2.66
CA LYS C 400 -38.13 -39.74 3.42
C LYS C 400 -38.05 -40.99 2.57
N LYS C 401 -37.85 -42.14 3.21
CA LYS C 401 -37.75 -43.41 2.50
C LYS C 401 -39.04 -43.77 1.79
N ASN C 402 -40.15 -43.17 2.18
CA ASN C 402 -41.43 -43.29 1.46
C ASN C 402 -41.76 -41.99 0.73
N HIS C 403 -40.75 -41.39 0.10
CA HIS C 403 -40.96 -40.16 -0.65
C HIS C 403 -41.89 -40.36 -1.84
N GLU C 404 -41.89 -41.57 -2.42
CA GLU C 404 -42.75 -41.84 -3.56
C GLU C 404 -44.23 -41.76 -3.21
N MET C 405 -44.58 -41.90 -1.95
CA MET C 405 -45.97 -41.98 -1.52
C MET C 405 -46.39 -40.78 -0.68
N LEU C 406 -45.81 -39.61 -0.93
CA LEU C 406 -46.16 -38.38 -0.23
C LEU C 406 -46.15 -37.22 -1.22
N GLU C 407 -46.49 -36.03 -0.73
CA GLU C 407 -46.60 -34.84 -1.58
C GLU C 407 -46.57 -33.59 -0.71
N GLY C 408 -46.42 -32.44 -1.37
CA GLY C 408 -46.51 -31.16 -0.69
C GLY C 408 -45.24 -30.76 0.03
N ASN C 409 -45.38 -29.78 0.92
CA ASN C 409 -44.27 -29.36 1.78
C ASN C 409 -43.78 -30.47 2.69
N GLU C 410 -44.54 -31.55 2.83
CA GLU C 410 -44.25 -32.62 3.77
C GLU C 410 -43.29 -33.67 3.21
N ARG C 411 -42.91 -33.57 1.94
CA ARG C 411 -41.95 -34.51 1.37
C ARG C 411 -40.56 -34.35 1.95
N TYR C 412 -40.32 -33.32 2.75
CA TYR C 412 -38.99 -33.00 3.23
C TYR C 412 -38.99 -32.89 4.75
N GLU C 413 -37.79 -32.98 5.32
CA GLU C 413 -37.61 -32.89 6.76
C GLU C 413 -36.15 -32.55 7.03
N GLY C 414 -35.91 -31.74 8.04
CA GLY C 414 -34.56 -31.35 8.38
C GLY C 414 -34.56 -30.05 9.15
N TYR C 415 -33.33 -29.61 9.48
CA TYR C 415 -33.13 -28.39 10.25
C TYR C 415 -33.86 -27.20 9.61
N CYS C 416 -33.56 -26.95 8.34
CA CYS C 416 -34.14 -25.78 7.67
C CYS C 416 -35.62 -25.97 7.39
N VAL C 417 -36.06 -27.22 7.19
CA VAL C 417 -37.48 -27.49 6.96
C VAL C 417 -38.30 -27.02 8.16
N ASP C 418 -37.91 -27.45 9.36
CA ASP C 418 -38.59 -26.98 10.56
C ASP C 418 -38.32 -25.49 10.79
N LEU C 419 -37.10 -25.05 10.49
CA LEU C 419 -36.79 -23.62 10.56
C LEU C 419 -37.72 -22.83 9.63
N ALA C 420 -38.00 -23.36 8.45
CA ALA C 420 -38.94 -22.70 7.54
C ALA C 420 -40.32 -22.59 8.18
N ALA C 421 -40.73 -23.60 8.94
CA ALA C 421 -42.02 -23.55 9.61
C ALA C 421 -42.01 -22.53 10.74
N GLU C 422 -40.96 -22.53 11.56
CA GLU C 422 -40.87 -21.59 12.67
C GLU C 422 -40.75 -20.16 12.18
N ILE C 423 -39.98 -19.95 11.10
CA ILE C 423 -39.96 -18.63 10.47
C ILE C 423 -41.34 -18.25 9.96
N ALA C 424 -42.08 -19.22 9.45
CA ALA C 424 -43.42 -18.96 8.91
C ALA C 424 -44.47 -18.83 9.99
N LYS C 425 -44.19 -19.27 11.22
CA LYS C 425 -45.17 -19.15 12.29
C LYS C 425 -45.09 -17.78 12.97
N HIS C 426 -43.89 -17.24 13.13
CA HIS C 426 -43.73 -15.88 13.64
C HIS C 426 -43.95 -14.81 12.59
N CYS C 427 -44.32 -15.20 11.37
CA CYS C 427 -44.62 -14.26 10.30
C CYS C 427 -45.89 -14.58 9.54
N GLY C 428 -46.44 -15.79 9.64
CA GLY C 428 -47.72 -16.13 9.06
C GLY C 428 -47.82 -15.93 7.56
N PHE C 429 -47.16 -16.79 6.78
CA PHE C 429 -47.27 -16.73 5.33
C PHE C 429 -47.38 -18.14 4.77
N LYS C 430 -48.32 -18.33 3.84
CA LYS C 430 -48.47 -19.61 3.17
C LYS C 430 -47.25 -19.88 2.29
N TYR C 431 -46.23 -20.50 2.86
CA TYR C 431 -44.98 -20.73 2.16
C TYR C 431 -45.00 -22.06 1.42
N LYS C 432 -44.04 -22.21 0.52
CA LYS C 432 -43.86 -23.43 -0.27
C LYS C 432 -42.38 -23.74 -0.34
N LEU C 433 -42.00 -24.96 0.03
CA LEU C 433 -40.60 -25.37 0.02
C LEU C 433 -40.20 -25.79 -1.38
N THR C 434 -39.18 -25.14 -1.93
CA THR C 434 -38.67 -25.44 -3.26
C THR C 434 -37.17 -25.70 -3.18
N ILE C 435 -36.67 -26.47 -4.14
CA ILE C 435 -35.26 -26.83 -4.23
C ILE C 435 -34.61 -25.99 -5.33
N VAL C 436 -33.38 -25.55 -5.08
CA VAL C 436 -32.63 -24.82 -6.08
C VAL C 436 -32.28 -25.75 -7.24
N GLY C 437 -32.41 -25.24 -8.47
CA GLY C 437 -32.23 -26.09 -9.63
C GLY C 437 -30.80 -26.58 -9.80
N ASP C 438 -29.82 -25.77 -9.43
CA ASP C 438 -28.42 -26.09 -9.65
C ASP C 438 -27.64 -26.41 -8.39
N GLY C 439 -28.04 -25.86 -7.24
CA GLY C 439 -27.30 -26.08 -6.01
C GLY C 439 -26.13 -25.13 -5.87
N LYS C 440 -25.00 -25.63 -5.35
CA LYS C 440 -23.77 -24.87 -5.20
C LYS C 440 -23.92 -23.67 -4.26
N TYR C 441 -24.96 -23.67 -3.43
CA TYR C 441 -25.20 -22.61 -2.45
C TYR C 441 -25.30 -21.24 -3.11
N GLY C 442 -24.24 -20.44 -2.98
CA GLY C 442 -24.23 -19.11 -3.54
C GLY C 442 -22.87 -18.69 -4.05
N ALA C 443 -22.77 -18.49 -5.36
CA ALA C 443 -21.52 -18.08 -5.98
C ALA C 443 -21.82 -17.32 -7.26
N ARG C 444 -20.84 -16.56 -7.73
CA ARG C 444 -20.97 -15.75 -8.93
C ARG C 444 -19.85 -16.11 -9.90
N ASP C 445 -20.22 -16.32 -11.16
CA ASP C 445 -19.24 -16.59 -12.19
C ASP C 445 -18.40 -15.34 -12.47
N ALA C 446 -17.16 -15.56 -12.92
CA ALA C 446 -16.26 -14.44 -13.16
C ALA C 446 -16.52 -13.79 -14.52
N ASP C 447 -16.62 -14.60 -15.57
CA ASP C 447 -16.80 -14.08 -16.92
C ASP C 447 -18.19 -13.47 -17.09
N THR C 448 -19.23 -14.31 -17.00
CA THR C 448 -20.59 -13.86 -17.27
C THR C 448 -21.16 -13.01 -16.13
N LYS C 449 -20.56 -13.09 -14.94
CA LYS C 449 -21.04 -12.34 -13.77
C LYS C 449 -22.52 -12.63 -13.51
N ILE C 450 -22.86 -13.91 -13.53
CA ILE C 450 -24.23 -14.37 -13.28
C ILE C 450 -24.21 -15.20 -11.99
N TRP C 451 -25.22 -14.96 -11.14
CA TRP C 451 -25.30 -15.64 -9.86
C TRP C 451 -26.04 -16.96 -10.01
N ASN C 452 -25.57 -17.98 -9.29
CA ASN C 452 -26.16 -19.31 -9.30
C ASN C 452 -26.57 -19.70 -7.88
N GLY C 453 -27.34 -20.78 -7.80
CA GLY C 453 -27.75 -21.29 -6.51
C GLY C 453 -28.93 -20.54 -5.93
N MET C 454 -29.14 -20.79 -4.63
CA MET C 454 -30.25 -20.16 -3.92
C MET C 454 -30.13 -18.64 -3.95
N VAL C 455 -28.91 -18.13 -3.82
CA VAL C 455 -28.69 -16.69 -3.92
C VAL C 455 -29.14 -16.19 -5.29
N GLY C 456 -28.95 -16.99 -6.33
CA GLY C 456 -29.35 -16.57 -7.67
C GLY C 456 -30.86 -16.42 -7.81
N GLU C 457 -31.61 -17.44 -7.38
CA GLU C 457 -33.07 -17.40 -7.48
C GLU C 457 -33.67 -16.27 -6.64
N LEU C 458 -32.91 -15.67 -5.74
CA LEU C 458 -33.38 -14.50 -5.00
C LEU C 458 -33.09 -13.20 -5.75
N VAL C 459 -31.95 -13.13 -6.44
CA VAL C 459 -31.61 -11.92 -7.18
C VAL C 459 -32.52 -11.76 -8.40
N TYR C 460 -33.02 -12.86 -8.94
CA TYR C 460 -33.80 -12.85 -10.18
C TYR C 460 -35.29 -13.07 -9.94
N GLY C 461 -35.77 -12.80 -8.74
CA GLY C 461 -37.18 -12.81 -8.42
C GLY C 461 -37.85 -14.17 -8.45
N LYS C 462 -37.19 -15.22 -8.94
CA LYS C 462 -37.80 -16.53 -9.03
C LYS C 462 -38.10 -17.14 -7.67
N ALA C 463 -37.58 -16.56 -6.59
CA ALA C 463 -37.87 -17.01 -5.24
C ALA C 463 -38.10 -15.81 -4.34
N ASP C 464 -38.55 -16.07 -3.11
CA ASP C 464 -38.82 -15.00 -2.16
C ASP C 464 -38.01 -15.09 -0.87
N ILE C 465 -37.28 -16.17 -0.65
CA ILE C 465 -36.39 -16.30 0.50
C ILE C 465 -35.60 -17.59 0.35
N ALA C 466 -34.42 -17.65 0.97
CA ALA C 466 -33.58 -18.84 0.97
C ALA C 466 -33.24 -19.21 2.40
N ILE C 467 -33.73 -20.36 2.85
CA ILE C 467 -33.48 -20.86 4.20
C ILE C 467 -32.66 -22.14 4.05
N ALA C 468 -31.36 -22.03 4.26
CA ALA C 468 -30.46 -23.16 4.05
C ALA C 468 -29.17 -22.90 4.81
N PRO C 469 -28.29 -23.92 4.96
CA PRO C 469 -26.97 -23.67 5.57
C PRO C 469 -26.09 -22.81 4.69
N LEU C 470 -26.60 -21.64 4.30
CA LEU C 470 -25.87 -20.76 3.39
C LEU C 470 -24.80 -20.02 4.19
N THR C 471 -23.54 -20.31 3.86
CA THR C 471 -22.43 -19.67 4.56
C THR C 471 -22.51 -18.16 4.44
N ILE C 472 -22.59 -17.47 5.57
CA ILE C 472 -22.68 -16.02 5.58
C ILE C 472 -21.34 -15.45 5.14
N THR C 473 -21.18 -15.25 3.83
CA THR C 473 -19.95 -14.71 3.26
C THR C 473 -20.15 -13.27 2.83
N LEU C 474 -19.05 -12.63 2.48
CA LEU C 474 -19.09 -11.22 2.08
C LEU C 474 -19.71 -11.07 0.70
N VAL C 475 -19.22 -11.84 -0.28
CA VAL C 475 -19.71 -11.72 -1.65
C VAL C 475 -21.19 -12.05 -1.74
N ARG C 476 -21.68 -12.92 -0.85
CA ARG C 476 -23.10 -13.27 -0.89
C ARG C 476 -23.96 -12.20 -0.23
N GLU C 477 -23.46 -11.56 0.83
CA GLU C 477 -24.22 -10.49 1.48
C GLU C 477 -24.42 -9.29 0.57
N GLU C 478 -23.66 -9.18 -0.51
CA GLU C 478 -23.77 -8.03 -1.41
C GLU C 478 -25.02 -8.10 -2.28
N VAL C 479 -25.54 -9.29 -2.54
CA VAL C 479 -26.69 -9.44 -3.43
C VAL C 479 -27.94 -9.92 -2.72
N ILE C 480 -27.83 -10.49 -1.52
CA ILE C 480 -28.98 -10.90 -0.73
C ILE C 480 -28.81 -10.38 0.70
N ASP C 481 -29.85 -10.58 1.50
CA ASP C 481 -29.86 -10.14 2.90
C ASP C 481 -29.82 -11.37 3.79
N PHE C 482 -28.65 -11.62 4.37
CA PHE C 482 -28.52 -12.72 5.33
C PHE C 482 -29.14 -12.32 6.66
N SER C 483 -29.85 -13.27 7.27
CA SER C 483 -30.29 -13.07 8.63
C SER C 483 -29.12 -13.28 9.58
N LYS C 484 -29.36 -13.04 10.87
CA LYS C 484 -28.35 -13.35 11.86
C LYS C 484 -28.05 -14.85 11.84
N PRO C 485 -26.84 -15.25 12.23
CA PRO C 485 -26.47 -16.67 12.10
C PRO C 485 -27.27 -17.56 13.01
N PHE C 486 -28.09 -18.44 12.43
CA PHE C 486 -28.85 -19.38 13.22
C PHE C 486 -28.01 -20.55 13.70
N MET C 487 -26.69 -20.51 13.50
CA MET C 487 -25.83 -21.65 13.80
C MET C 487 -24.36 -21.28 13.67
N SER C 488 -23.63 -21.30 14.77
CA SER C 488 -22.21 -21.01 14.76
C SER C 488 -21.41 -22.24 14.36
N LEU C 489 -20.44 -22.05 13.48
CA LEU C 489 -19.59 -23.14 13.02
C LEU C 489 -18.17 -22.62 12.81
N GLY C 490 -17.37 -23.41 12.13
CA GLY C 490 -15.99 -23.06 11.86
C GLY C 490 -15.18 -24.29 11.54
N ILE C 491 -14.05 -24.06 10.88
CA ILE C 491 -13.15 -25.13 10.47
C ILE C 491 -12.71 -25.92 11.70
N SER C 492 -13.22 -27.13 11.84
CA SER C 492 -12.83 -28.03 12.93
C SER C 492 -12.07 -29.21 12.34
N ILE C 493 -11.62 -30.09 13.23
CA ILE C 493 -10.80 -31.24 12.86
C ILE C 493 -11.62 -32.51 13.05
N MET C 494 -11.38 -33.50 12.20
CA MET C 494 -12.08 -34.78 12.22
C MET C 494 -11.05 -35.90 12.12
N ILE C 495 -11.04 -36.79 13.11
CA ILE C 495 -10.04 -37.85 13.17
C ILE C 495 -10.69 -39.22 13.27
N LYS C 496 -9.88 -40.25 13.55
CA LYS C 496 -10.33 -41.63 13.55
C LYS C 496 -10.85 -42.03 14.93
N LYS C 497 -11.22 -43.31 15.07
CA LYS C 497 -11.81 -43.82 16.30
C LYS C 497 -10.73 -44.27 17.26
N PRO C 498 -10.64 -43.69 18.46
CA PRO C 498 -9.59 -44.11 19.40
C PRO C 498 -10.12 -45.02 20.51
N GLN C 499 -9.27 -45.30 21.49
CA GLN C 499 -9.65 -46.07 22.68
C GLN C 499 -10.36 -47.36 22.32
N LYS C 500 -9.76 -48.11 21.39
CA LYS C 500 -10.34 -49.35 20.89
C LYS C 500 -9.19 -50.34 20.59
N SER C 501 -8.59 -50.86 21.66
CA SER C 501 -7.53 -51.84 21.54
C SER C 501 -7.35 -52.54 22.89
N LYS C 502 -6.83 -53.75 22.84
CA LYS C 502 -6.66 -54.60 24.01
C LYS C 502 -5.33 -55.30 23.94
N PRO C 503 -4.81 -55.81 25.06
CA PRO C 503 -3.53 -56.51 25.05
C PRO C 503 -3.66 -58.00 24.74
N GLY C 504 -3.18 -58.84 25.65
CA GLY C 504 -3.26 -60.28 25.47
C GLY C 504 -2.14 -60.98 26.22
N VAL C 505 -2.05 -62.29 25.98
CA VAL C 505 -1.01 -63.10 26.62
C VAL C 505 0.32 -62.95 25.88
N PHE C 506 0.28 -62.78 24.55
CA PHE C 506 1.49 -62.55 23.79
C PHE C 506 2.15 -61.21 24.12
N SER C 507 1.44 -60.32 24.81
CA SER C 507 1.99 -59.02 25.18
C SER C 507 2.63 -59.00 26.56
N PHE C 508 2.34 -59.99 27.40
CA PHE C 508 2.98 -60.06 28.71
C PHE C 508 4.49 -60.25 28.56
N LEU C 509 4.91 -61.20 27.74
CA LEU C 509 6.32 -61.47 27.52
C LEU C 509 6.98 -60.48 26.55
N ASP C 510 6.35 -59.33 26.31
CA ASP C 510 6.86 -58.35 25.37
C ASP C 510 8.02 -57.50 25.90
N PRO C 511 8.04 -57.08 27.20
CA PRO C 511 9.19 -56.32 27.71
C PRO C 511 10.53 -56.95 27.35
N LEU C 512 10.87 -58.07 27.97
CA LEU C 512 12.03 -58.83 27.50
C LEU C 512 11.74 -59.39 26.11
N ALA C 513 12.77 -59.42 25.27
CA ALA C 513 12.56 -59.80 23.88
C ALA C 513 12.18 -61.27 23.77
N TYR C 514 11.64 -61.63 22.61
CA TYR C 514 11.18 -62.99 22.36
C TYR C 514 12.32 -64.02 22.46
N GLU C 515 13.57 -63.58 22.35
CA GLU C 515 14.71 -64.48 22.38
C GLU C 515 15.44 -64.48 23.71
N ILE C 516 14.98 -63.71 24.69
CA ILE C 516 15.59 -63.67 26.02
C ILE C 516 14.74 -64.40 27.04
N TRP C 517 13.40 -64.32 26.92
CA TRP C 517 12.54 -65.23 27.66
C TRP C 517 12.96 -66.68 27.41
N MET C 518 13.33 -66.99 26.18
CA MET C 518 13.88 -68.29 25.82
C MET C 518 15.37 -68.38 26.05
N CYS C 519 16.02 -67.33 26.55
CA CYS C 519 17.43 -67.36 26.87
C CYS C 519 17.71 -67.48 28.35
N ILE C 520 16.83 -66.96 29.21
CA ILE C 520 17.07 -67.03 30.65
C ILE C 520 16.99 -68.45 31.15
N VAL C 521 16.07 -69.25 30.57
CA VAL C 521 15.83 -70.60 31.08
C VAL C 521 17.06 -71.48 30.92
N PHE C 522 17.93 -71.16 29.96
CA PHE C 522 19.13 -71.97 29.74
C PHE C 522 20.09 -71.85 30.92
N ALA C 523 20.05 -70.72 31.64
CA ALA C 523 20.98 -70.51 32.74
C ALA C 523 20.47 -71.13 34.04
N TYR C 524 19.15 -71.22 34.21
CA TYR C 524 18.60 -71.79 35.43
C TYR C 524 18.94 -73.26 35.57
N ILE C 525 18.94 -74.00 34.45
CA ILE C 525 19.24 -75.42 34.52
C ILE C 525 20.75 -75.67 34.50
N GLY C 526 21.52 -74.76 33.91
CA GLY C 526 22.97 -74.91 33.94
C GLY C 526 23.55 -74.81 35.34
N VAL C 527 22.87 -74.10 36.23
CA VAL C 527 23.33 -73.98 37.62
C VAL C 527 22.92 -75.19 38.43
N SER C 528 21.70 -75.69 38.22
CA SER C 528 21.25 -76.87 38.94
C SER C 528 22.02 -78.12 38.55
N VAL C 529 22.65 -78.13 37.38
CA VAL C 529 23.49 -79.26 36.99
C VAL C 529 24.92 -79.10 37.47
N VAL C 530 25.32 -77.89 37.87
CA VAL C 530 26.65 -77.71 38.45
C VAL C 530 26.65 -78.00 39.95
N LEU C 531 25.55 -77.69 40.65
CA LEU C 531 25.37 -78.21 41.99
C LEU C 531 25.30 -79.74 41.99
N PHE C 532 24.87 -80.33 40.86
CA PHE C 532 24.97 -81.77 40.69
C PHE C 532 26.43 -82.23 40.73
N LEU C 533 27.35 -81.37 40.32
CA LEU C 533 28.76 -81.73 40.22
C LEU C 533 29.62 -81.18 41.35
N VAL C 534 29.25 -80.04 41.93
CA VAL C 534 30.07 -79.47 42.99
C VAL C 534 29.75 -80.03 44.36
N SER C 535 28.61 -80.71 44.52
CA SER C 535 28.25 -81.26 45.82
C SER C 535 28.57 -82.75 45.88
N ILE C 564 18.01 -84.32 41.36
CA ILE C 564 17.33 -83.34 40.53
C ILE C 564 16.01 -82.92 41.16
N PHE C 565 15.38 -83.88 41.85
CA PHE C 565 14.14 -83.57 42.57
C PHE C 565 14.39 -82.68 43.77
N ASN C 566 15.60 -82.69 44.33
CA ASN C 566 15.98 -81.80 45.40
C ASN C 566 16.92 -80.70 44.95
N SER C 567 17.46 -80.77 43.73
CA SER C 567 18.29 -79.72 43.17
C SER C 567 17.44 -78.62 42.53
N LEU C 568 16.42 -79.00 41.75
CA LEU C 568 15.42 -78.04 41.32
C LEU C 568 14.57 -77.58 42.49
N TRP C 569 14.49 -78.39 43.55
CA TRP C 569 13.91 -77.96 44.81
C TRP C 569 14.73 -76.87 45.47
N PHE C 570 16.06 -76.91 45.29
CA PHE C 570 16.96 -75.92 45.84
C PHE C 570 17.31 -74.83 44.84
N SER C 571 17.16 -75.09 43.53
CA SER C 571 17.40 -74.04 42.55
C SER C 571 16.20 -73.11 42.43
N LEU C 572 14.98 -73.65 42.53
CA LEU C 572 13.81 -72.79 42.63
C LEU C 572 13.78 -72.07 43.98
N GLY C 573 14.36 -72.68 45.02
CA GLY C 573 14.56 -72.02 46.29
C GLY C 573 15.76 -71.09 46.32
N ALA C 574 16.67 -71.23 45.35
CA ALA C 574 17.77 -70.29 45.18
C ALA C 574 17.53 -69.27 44.07
N PHE C 575 16.58 -69.53 43.18
CA PHE C 575 16.03 -68.45 42.37
C PHE C 575 15.30 -67.45 43.25
N MET C 576 14.63 -67.94 44.30
CA MET C 576 13.77 -67.12 45.15
C MET C 576 14.51 -65.99 45.85
N GLN C 577 15.36 -66.33 46.82
CA GLN C 577 16.07 -65.32 47.61
C GLN C 577 17.16 -64.69 46.76
N GLN C 578 16.77 -63.70 45.96
CA GLN C 578 17.70 -62.89 45.18
C GLN C 578 18.56 -63.75 44.26
N ARG C 585 26.49 -75.44 52.75
CA ARG C 585 27.63 -74.94 53.51
C ARG C 585 28.95 -75.48 52.95
N SER C 586 29.14 -75.32 51.64
CA SER C 586 30.34 -75.78 50.95
C SER C 586 30.89 -74.65 50.10
N LEU C 587 32.22 -74.51 50.12
CA LEU C 587 32.85 -73.36 49.45
C LEU C 587 32.59 -73.37 47.94
N SER C 588 32.49 -74.56 47.33
CA SER C 588 32.19 -74.61 45.91
C SER C 588 30.73 -74.23 45.64
N GLY C 589 29.81 -74.80 46.42
CA GLY C 589 28.41 -74.41 46.31
C GLY C 589 28.10 -73.04 46.85
N ARG C 590 28.98 -72.50 47.71
CA ARG C 590 28.79 -71.16 48.23
C ARG C 590 29.06 -70.09 47.17
N ILE C 591 30.04 -70.34 46.31
CA ILE C 591 30.31 -69.40 45.23
C ILE C 591 29.35 -69.61 44.06
N VAL C 592 28.64 -70.76 44.01
CA VAL C 592 27.56 -70.91 43.05
C VAL C 592 26.40 -69.99 43.41
N GLY C 593 26.10 -69.88 44.70
CA GLY C 593 25.02 -69.00 45.12
C GLY C 593 25.30 -67.54 44.89
N GLY C 594 26.56 -67.17 44.69
CA GLY C 594 26.94 -65.78 44.55
C GLY C 594 26.82 -65.25 43.14
N VAL C 595 27.23 -66.05 42.15
CA VAL C 595 27.18 -65.61 40.77
C VAL C 595 25.76 -65.61 40.23
N TRP C 596 24.86 -66.43 40.79
CA TRP C 596 23.49 -66.48 40.30
C TRP C 596 22.67 -65.28 40.75
N TRP C 597 23.01 -64.66 41.87
CA TRP C 597 22.30 -63.45 42.27
C TRP C 597 22.65 -62.28 41.36
N PHE C 598 23.93 -61.95 41.26
CA PHE C 598 24.34 -60.78 40.49
C PHE C 598 24.00 -60.92 39.01
N PHE C 599 23.72 -62.14 38.54
CA PHE C 599 23.26 -62.31 37.17
C PHE C 599 21.77 -62.05 37.06
N THR C 600 20.98 -62.68 37.94
CA THR C 600 19.55 -62.43 37.93
C THR C 600 19.23 -61.01 38.43
N LEU C 601 20.08 -60.46 39.31
CA LEU C 601 19.84 -59.10 39.80
C LEU C 601 19.89 -58.08 38.67
N ILE C 602 20.63 -58.37 37.60
CA ILE C 602 20.71 -57.44 36.49
C ILE C 602 19.53 -57.61 35.54
N ILE C 603 19.10 -58.85 35.30
CA ILE C 603 17.97 -59.05 34.40
C ILE C 603 16.68 -58.54 35.03
N ILE C 604 16.52 -58.70 36.34
CA ILE C 604 15.36 -58.10 37.01
C ILE C 604 15.45 -56.58 36.92
N SER C 605 16.67 -56.03 36.98
CA SER C 605 16.84 -54.61 36.74
C SER C 605 16.70 -54.28 35.27
N SER C 606 17.14 -55.17 34.38
CA SER C 606 16.99 -54.95 32.95
C SER C 606 15.55 -55.15 32.48
N TYR C 607 14.78 -55.98 33.20
CA TYR C 607 13.35 -56.09 32.89
C TYR C 607 12.56 -54.92 33.45
N THR C 608 13.00 -54.37 34.59
CA THR C 608 12.29 -53.26 35.21
C THR C 608 12.64 -51.92 34.54
N ALA C 609 13.92 -51.72 34.21
CA ALA C 609 14.33 -50.45 33.60
C ALA C 609 13.82 -50.34 32.18
N ASN C 610 13.84 -51.44 31.42
CA ASN C 610 13.32 -51.40 30.06
C ASN C 610 11.81 -51.26 30.04
N LEU C 611 11.13 -51.74 31.09
CA LEU C 611 9.67 -51.67 31.12
C LEU C 611 9.17 -50.26 31.37
N ALA C 612 9.92 -49.45 32.13
CA ALA C 612 9.54 -48.06 32.34
C ALA C 612 9.76 -47.21 31.11
N ALA C 613 10.53 -47.70 30.13
CA ALA C 613 10.74 -46.95 28.89
C ALA C 613 9.54 -47.01 27.97
N PHE C 614 8.76 -48.11 28.03
CA PHE C 614 7.57 -48.22 27.21
C PHE C 614 6.38 -47.48 27.83
N LEU C 615 6.29 -47.47 29.16
CA LEU C 615 5.19 -46.78 29.83
C LEU C 615 5.33 -45.27 29.74
N THR C 616 6.57 -44.76 29.72
CA THR C 616 6.78 -43.33 29.56
C THR C 616 6.57 -42.89 28.12
N VAL C 617 6.86 -43.76 27.16
CA VAL C 617 6.58 -43.45 25.76
C VAL C 617 5.08 -43.54 25.47
N GLU C 618 4.36 -44.34 26.25
CA GLU C 618 2.90 -44.38 26.12
C GLU C 618 2.27 -43.08 26.60
N ARG C 619 2.89 -42.43 27.58
CA ARG C 619 2.48 -41.09 28.00
C ARG C 619 2.97 -40.01 27.02
N MET C 620 3.68 -40.40 25.97
CA MET C 620 4.14 -39.47 24.95
C MET C 620 3.23 -39.46 23.72
N VAL C 621 2.05 -40.07 23.82
CA VAL C 621 1.08 -39.97 22.73
C VAL C 621 0.64 -38.51 22.60
N SER C 622 0.14 -38.16 21.41
CA SER C 622 -0.34 -36.79 21.23
C SER C 622 -1.48 -36.49 22.19
N PRO C 623 -2.63 -37.18 22.16
CA PRO C 623 -3.30 -38.01 21.15
C PRO C 623 -4.37 -37.16 20.48
N ILE C 624 -5.37 -36.76 21.27
CA ILE C 624 -6.20 -35.61 20.95
C ILE C 624 -5.39 -34.36 21.29
N GLU C 625 -4.94 -33.64 20.27
CA GLU C 625 -4.07 -32.49 20.46
C GLU C 625 -4.77 -31.24 19.94
N SER C 626 -4.03 -30.13 19.95
CA SER C 626 -4.52 -28.89 19.39
C SER C 626 -4.27 -28.87 17.88
N ALA C 627 -4.91 -27.91 17.21
CA ALA C 627 -4.75 -27.79 15.77
C ALA C 627 -3.36 -27.31 15.38
N GLU C 628 -2.64 -26.65 16.28
CA GLU C 628 -1.30 -26.19 15.97
C GLU C 628 -0.32 -27.36 15.91
N ASP C 629 -0.20 -28.10 17.02
CA ASP C 629 0.72 -29.22 17.08
C ASP C 629 0.41 -30.30 16.04
N LEU C 630 -0.79 -30.26 15.46
CA LEU C 630 -1.09 -31.12 14.33
C LEU C 630 -0.12 -30.88 13.18
N SER C 631 0.45 -29.67 13.09
CA SER C 631 1.37 -29.30 12.03
C SER C 631 2.84 -29.50 12.39
N LYS C 632 3.14 -29.86 13.64
CA LYS C 632 4.54 -29.94 14.05
C LYS C 632 5.17 -31.29 13.74
N GLN C 633 4.37 -32.33 13.49
CA GLN C 633 4.88 -33.65 13.16
C GLN C 633 4.36 -34.06 11.79
N THR C 634 5.17 -34.84 11.07
CA THR C 634 4.83 -35.28 9.73
C THR C 634 4.58 -36.79 9.64
N GLU C 635 4.65 -37.51 10.76
CA GLU C 635 4.22 -38.90 10.76
C GLU C 635 2.77 -39.02 10.32
N ILE C 636 1.90 -38.22 10.93
CA ILE C 636 0.48 -38.19 10.60
C ILE C 636 0.25 -37.00 9.69
N ALA C 637 0.04 -37.26 8.41
CA ALA C 637 -0.20 -36.20 7.44
C ALA C 637 -1.60 -35.61 7.63
N TYR C 638 -1.78 -34.39 7.13
CA TYR C 638 -3.03 -33.67 7.28
C TYR C 638 -3.30 -32.85 6.04
N GLY C 639 -4.58 -32.57 5.80
CA GLY C 639 -4.96 -31.77 4.65
C GLY C 639 -6.44 -31.45 4.71
N THR C 640 -6.86 -30.58 3.79
CA THR C 640 -8.26 -30.18 3.71
C THR C 640 -8.85 -30.56 2.36
N LEU C 641 -9.90 -29.87 1.96
CA LEU C 641 -10.49 -30.09 0.65
C LEU C 641 -9.68 -29.37 -0.43
N ASP C 642 -9.79 -29.87 -1.66
CA ASP C 642 -9.02 -29.32 -2.76
C ASP C 642 -9.42 -27.89 -3.11
N SER C 643 -10.65 -27.48 -2.76
CA SER C 643 -11.11 -26.14 -3.07
C SER C 643 -12.36 -25.86 -2.25
N GLY C 644 -12.33 -24.75 -1.51
CA GLY C 644 -13.48 -24.35 -0.71
C GLY C 644 -13.09 -23.31 0.31
N SER C 645 -14.06 -23.00 1.18
CA SER C 645 -13.84 -22.00 2.22
C SER C 645 -12.76 -22.40 3.19
N THR C 646 -12.43 -23.69 3.28
CA THR C 646 -11.47 -24.18 4.26
C THR C 646 -10.03 -24.04 3.78
N LYS C 647 -9.77 -24.30 2.50
CA LYS C 647 -8.40 -24.25 2.01
C LYS C 647 -7.90 -22.82 1.88
N GLU C 648 -8.71 -21.93 1.28
CA GLU C 648 -8.33 -20.52 1.14
C GLU C 648 -8.00 -19.90 2.49
N PHE C 649 -8.60 -20.41 3.56
CA PHE C 649 -8.24 -19.98 4.91
C PHE C 649 -6.74 -20.08 5.15
N PHE C 650 -6.20 -21.29 5.04
CA PHE C 650 -4.80 -21.53 5.38
C PHE C 650 -3.85 -20.81 4.43
N ARG C 651 -4.23 -20.67 3.16
CA ARG C 651 -3.39 -20.02 2.16
C ARG C 651 -3.01 -18.60 2.59
N ARG C 652 -3.99 -17.71 2.60
CA ARG C 652 -3.75 -16.31 2.96
C ARG C 652 -3.69 -16.09 4.46
N SER C 653 -3.82 -17.13 5.28
CA SER C 653 -3.68 -16.97 6.72
C SER C 653 -2.25 -16.56 7.05
N LYS C 654 -2.05 -15.26 7.32
CA LYS C 654 -0.75 -14.78 7.75
C LYS C 654 -0.35 -15.32 9.11
N ILE C 655 -1.23 -16.07 9.77
CA ILE C 655 -0.91 -16.68 11.06
C ILE C 655 0.18 -17.73 10.85
N ALA C 656 1.24 -17.64 11.67
CA ALA C 656 2.37 -18.55 11.52
C ALA C 656 1.95 -20.00 11.70
N VAL C 657 0.98 -20.26 12.58
CA VAL C 657 0.50 -21.62 12.78
C VAL C 657 -0.11 -22.16 11.50
N PHE C 658 -1.08 -21.44 10.94
CA PHE C 658 -1.75 -21.90 9.73
C PHE C 658 -0.87 -21.71 8.49
N ASP C 659 0.02 -20.71 8.49
CA ASP C 659 0.98 -20.59 7.41
C ASP C 659 1.92 -21.79 7.40
N LYS C 660 2.28 -22.31 8.58
CA LYS C 660 3.05 -23.54 8.65
C LYS C 660 2.20 -24.73 8.20
N MET C 661 0.91 -24.73 8.52
CA MET C 661 0.02 -25.77 8.02
C MET C 661 -0.14 -25.68 6.51
N TRP C 662 -0.25 -24.45 5.98
CA TRP C 662 -0.45 -24.28 4.54
C TRP C 662 0.78 -24.71 3.76
N THR C 663 1.99 -24.38 4.25
CA THR C 663 3.19 -24.72 3.52
C THR C 663 3.43 -26.22 3.45
N TYR C 664 3.05 -26.96 4.49
CA TYR C 664 3.21 -28.41 4.46
C TYR C 664 2.27 -29.05 3.46
N MET C 665 0.97 -28.77 3.58
CA MET C 665 -0.01 -29.38 2.69
C MET C 665 0.20 -28.98 1.24
N ARG C 666 0.68 -27.76 1.01
CA ARG C 666 0.86 -27.28 -0.36
C ARG C 666 1.88 -28.12 -1.13
N SER C 667 2.89 -28.66 -0.45
CA SER C 667 3.96 -29.39 -1.10
C SER C 667 4.09 -30.83 -0.61
N ALA C 668 3.14 -31.32 0.18
CA ALA C 668 3.23 -32.68 0.70
C ALA C 668 2.96 -33.69 -0.42
N GLU C 669 3.93 -34.57 -0.67
CA GLU C 669 3.77 -35.62 -1.67
C GLU C 669 3.69 -36.99 -1.01
N PRO C 670 2.75 -37.85 -1.44
CA PRO C 670 1.79 -37.61 -2.52
C PRO C 670 0.69 -36.62 -2.13
N SER C 671 -0.17 -36.27 -3.09
CA SER C 671 -1.18 -35.25 -2.88
C SER C 671 -2.04 -35.55 -1.65
N VAL C 672 -2.06 -34.60 -0.71
CA VAL C 672 -2.78 -34.77 0.54
C VAL C 672 -4.17 -34.18 0.43
N PHE C 673 -4.60 -33.87 -0.78
CA PHE C 673 -5.92 -33.31 -1.03
C PHE C 673 -6.78 -34.31 -1.80
N VAL C 674 -8.10 -34.20 -1.61
CA VAL C 674 -9.04 -35.15 -2.19
C VAL C 674 -9.99 -34.45 -3.15
N ARG C 675 -10.95 -35.20 -3.68
CA ARG C 675 -11.88 -34.70 -4.70
C ARG C 675 -13.16 -34.14 -4.07
N THR C 676 -13.83 -34.94 -3.23
CA THR C 676 -15.08 -34.53 -2.61
C THR C 676 -14.97 -34.69 -1.10
N THR C 677 -16.03 -34.28 -0.40
CA THR C 677 -16.08 -34.43 1.05
C THR C 677 -16.35 -35.88 1.46
N ALA C 678 -17.07 -36.63 0.63
CA ALA C 678 -17.34 -38.04 0.94
C ALA C 678 -16.06 -38.87 0.95
N GLU C 679 -15.04 -38.46 0.19
CA GLU C 679 -13.79 -39.19 0.19
C GLU C 679 -12.96 -38.91 1.45
N GLY C 680 -13.14 -37.74 2.06
CA GLY C 680 -12.35 -37.41 3.23
C GLY C 680 -12.71 -38.26 4.44
N VAL C 681 -14.00 -38.47 4.67
CA VAL C 681 -14.43 -39.29 5.81
C VAL C 681 -13.98 -40.73 5.63
N ALA C 682 -14.00 -41.23 4.39
CA ALA C 682 -13.60 -42.61 4.14
C ALA C 682 -12.09 -42.77 4.21
N ARG C 683 -11.33 -41.71 3.92
CA ARG C 683 -9.87 -41.80 4.01
C ARG C 683 -9.40 -41.86 5.46
N VAL C 684 -10.18 -41.32 6.40
CA VAL C 684 -9.81 -41.42 7.81
C VAL C 684 -10.23 -42.78 8.37
N ARG C 685 -11.28 -43.38 7.81
CA ARG C 685 -11.76 -44.68 8.28
C ARG C 685 -10.88 -45.85 7.82
N LYS C 686 -9.93 -45.60 6.91
CA LYS C 686 -9.12 -46.68 6.35
C LYS C 686 -7.62 -46.41 6.42
N SER C 687 -7.20 -45.47 7.28
CA SER C 687 -5.79 -45.12 7.40
C SER C 687 -5.17 -45.62 8.70
N LYS C 688 -5.89 -46.43 9.46
CA LYS C 688 -5.42 -46.93 10.76
C LYS C 688 -5.03 -45.81 11.72
N GLY C 689 -5.59 -44.62 11.53
CA GLY C 689 -5.31 -43.50 12.41
C GLY C 689 -4.10 -42.68 12.05
N LYS C 690 -3.73 -42.62 10.76
CA LYS C 690 -2.54 -41.89 10.33
C LYS C 690 -2.88 -40.70 9.44
N TYR C 691 -4.15 -40.28 9.39
CA TYR C 691 -4.55 -39.13 8.60
C TYR C 691 -5.74 -38.45 9.26
N ALA C 692 -5.86 -37.14 9.04
CA ALA C 692 -6.92 -36.33 9.63
C ALA C 692 -7.48 -35.39 8.57
N TYR C 693 -8.62 -34.78 8.88
CA TYR C 693 -9.30 -33.89 7.95
C TYR C 693 -9.85 -32.68 8.69
N LEU C 694 -9.93 -31.56 7.97
CA LEU C 694 -10.43 -30.30 8.50
C LEU C 694 -11.66 -29.88 7.73
N LEU C 695 -12.70 -29.46 8.46
CA LEU C 695 -13.96 -29.05 7.86
C LEU C 695 -14.73 -28.22 8.87
N GLU C 696 -15.89 -27.72 8.45
CA GLU C 696 -16.72 -26.92 9.35
C GLU C 696 -17.20 -27.76 10.53
N SER C 697 -17.45 -27.09 11.65
CA SER C 697 -17.83 -27.81 12.87
C SER C 697 -19.21 -28.44 12.76
N THR C 698 -20.12 -27.83 11.98
CA THR C 698 -21.44 -28.42 11.81
C THR C 698 -21.36 -29.75 11.08
N MET C 699 -20.65 -29.79 9.95
CA MET C 699 -20.49 -31.04 9.23
C MET C 699 -19.64 -32.02 10.01
N ASN C 700 -18.71 -31.52 10.82
CA ASN C 700 -17.89 -32.39 11.66
C ASN C 700 -18.68 -32.94 12.84
N GLU C 701 -19.52 -32.10 13.45
CA GLU C 701 -20.37 -32.55 14.55
C GLU C 701 -21.51 -33.46 14.07
N TYR C 702 -21.63 -33.70 12.76
CA TYR C 702 -22.67 -34.58 12.24
C TYR C 702 -22.15 -35.96 11.87
N ILE C 703 -21.03 -36.04 11.17
CA ILE C 703 -20.45 -37.34 10.82
C ILE C 703 -20.12 -38.13 12.07
N GLU C 704 -19.83 -37.43 13.18
CA GLU C 704 -19.56 -38.08 14.45
C GLU C 704 -20.73 -38.95 14.92
N GLN C 705 -21.92 -38.74 14.36
CA GLN C 705 -23.10 -39.47 14.81
C GLN C 705 -23.73 -40.29 13.68
N ARG C 706 -22.92 -41.10 13.01
CA ARG C 706 -23.42 -41.96 11.93
C ARG C 706 -22.63 -43.26 11.92
N LYS C 707 -23.31 -44.35 11.57
CA LYS C 707 -22.65 -45.65 11.51
C LYS C 707 -21.50 -45.59 10.50
N PRO C 708 -20.37 -46.27 10.78
CA PRO C 708 -20.15 -47.11 11.96
C PRO C 708 -19.50 -46.39 13.15
N CYS C 709 -19.81 -45.09 13.32
CA CYS C 709 -19.43 -44.33 14.51
C CYS C 709 -17.91 -44.38 14.75
N ASP C 710 -17.18 -43.78 13.81
CA ASP C 710 -15.72 -43.84 13.84
C ASP C 710 -15.06 -42.49 13.61
N THR C 711 -15.78 -41.39 13.83
CA THR C 711 -15.23 -40.05 13.67
C THR C 711 -15.50 -39.24 14.93
N MET C 712 -14.78 -38.14 15.08
CA MET C 712 -14.90 -37.31 16.27
C MET C 712 -14.37 -35.92 15.96
N LYS C 713 -15.11 -34.91 16.42
CA LYS C 713 -14.66 -33.52 16.34
C LYS C 713 -13.73 -33.23 17.50
N VAL C 714 -12.47 -32.93 17.21
CA VAL C 714 -11.47 -32.64 18.22
C VAL C 714 -11.14 -31.16 18.19
N GLY C 715 -11.03 -30.56 19.36
CA GLY C 715 -10.70 -29.15 19.49
C GLY C 715 -11.78 -28.22 18.99
N GLY C 716 -11.67 -26.94 19.34
CA GLY C 716 -12.58 -25.93 18.84
C GLY C 716 -12.37 -25.66 17.37
N ASN C 717 -13.21 -24.79 16.83
CA ASN C 717 -13.13 -24.44 15.43
C ASN C 717 -11.92 -23.56 15.16
N LEU C 718 -11.33 -23.72 13.97
CA LEU C 718 -10.17 -22.93 13.59
C LEU C 718 -10.53 -21.49 13.30
N ASP C 719 -11.79 -21.21 13.02
CA ASP C 719 -12.25 -19.85 12.75
C ASP C 719 -13.71 -19.75 13.16
N SER C 720 -14.28 -18.58 12.94
CA SER C 720 -15.69 -18.33 13.22
C SER C 720 -16.42 -18.07 11.92
N LYS C 721 -17.63 -18.61 11.81
CA LYS C 721 -18.51 -18.39 10.67
C LYS C 721 -19.93 -18.70 11.11
N GLY C 722 -20.86 -18.65 10.17
CA GLY C 722 -22.24 -18.89 10.48
C GLY C 722 -23.11 -19.11 9.27
N TYR C 723 -24.19 -19.87 9.45
CA TYR C 723 -25.18 -20.08 8.39
C TYR C 723 -26.34 -19.11 8.61
N GLY C 724 -26.76 -18.46 7.53
CA GLY C 724 -27.81 -17.46 7.61
C GLY C 724 -28.92 -17.74 6.62
N ILE C 725 -30.08 -17.14 6.89
CA ILE C 725 -31.24 -17.27 6.03
C ILE C 725 -31.20 -16.13 5.03
N ALA C 726 -30.90 -16.46 3.77
CA ALA C 726 -30.80 -15.46 2.72
C ALA C 726 -32.18 -15.00 2.30
N THR C 727 -32.41 -13.69 2.38
CA THR C 727 -33.63 -13.09 1.87
C THR C 727 -33.30 -12.12 0.75
N PRO C 728 -34.11 -12.05 -0.29
CA PRO C 728 -33.84 -11.10 -1.39
C PRO C 728 -33.82 -9.67 -0.86
N LYS C 729 -32.83 -8.91 -1.31
CA LYS C 729 -32.72 -7.51 -0.90
C LYS C 729 -33.94 -6.73 -1.37
N GLY C 730 -34.59 -6.04 -0.42
CA GLY C 730 -35.81 -5.32 -0.70
C GLY C 730 -37.08 -6.11 -0.52
N SER C 731 -36.99 -7.41 -0.27
CA SER C 731 -38.17 -8.21 -0.03
C SER C 731 -38.75 -7.91 1.34
N SER C 732 -40.08 -7.96 1.44
CA SER C 732 -40.76 -7.68 2.70
C SER C 732 -40.38 -8.69 3.78
N LEU C 733 -39.93 -9.88 3.39
CA LEU C 733 -39.61 -10.92 4.36
C LEU C 733 -38.33 -10.62 5.14
N GLY C 734 -37.50 -9.72 4.65
CA GLY C 734 -36.18 -9.47 5.20
C GLY C 734 -36.09 -9.27 6.70
N THR C 735 -36.70 -8.19 7.20
CA THR C 735 -36.54 -7.86 8.61
C THR C 735 -37.28 -8.83 9.54
N PRO C 736 -38.56 -9.16 9.31
CA PRO C 736 -39.23 -10.07 10.28
C PRO C 736 -38.56 -11.42 10.41
N VAL C 737 -38.03 -11.97 9.32
CA VAL C 737 -37.30 -13.23 9.40
C VAL C 737 -36.05 -13.07 10.26
N ASN C 738 -35.30 -11.99 10.03
CA ASN C 738 -34.14 -11.70 10.88
C ASN C 738 -34.55 -11.52 12.33
N LEU C 739 -35.65 -10.81 12.57
CA LEU C 739 -36.20 -10.74 13.93
C LEU C 739 -36.60 -12.11 14.44
N ALA C 740 -37.20 -12.93 13.56
CA ALA C 740 -37.60 -14.27 13.96
C ALA C 740 -36.39 -15.12 14.35
N VAL C 741 -35.32 -15.06 13.55
CA VAL C 741 -34.12 -15.84 13.86
C VAL C 741 -33.58 -15.46 15.24
N LEU C 742 -33.60 -14.18 15.58
CA LEU C 742 -33.08 -13.75 16.88
C LEU C 742 -34.00 -14.23 18.01
N LYS C 743 -35.32 -14.22 17.78
CA LYS C 743 -36.23 -14.74 18.80
C LYS C 743 -36.00 -16.23 19.04
N LEU C 744 -35.61 -16.97 18.01
CA LEU C 744 -35.46 -18.42 18.14
C LEU C 744 -34.20 -18.79 18.90
N SER C 745 -33.07 -18.16 18.56
CA SER C 745 -31.80 -18.53 19.21
C SER C 745 -31.79 -18.16 20.68
N GLU C 746 -32.54 -17.14 21.08
CA GLU C 746 -32.60 -16.77 22.49
C GLU C 746 -33.52 -17.69 23.27
N GLN C 747 -34.70 -17.99 22.71
CA GLN C 747 -35.66 -18.90 23.33
C GLN C 747 -35.15 -20.33 23.29
N GLY C 748 -33.94 -20.52 22.76
CA GLY C 748 -33.31 -21.81 22.67
C GLY C 748 -33.75 -22.67 21.51
N VAL C 749 -34.54 -22.12 20.59
CA VAL C 749 -35.11 -22.91 19.50
C VAL C 749 -34.01 -23.35 18.54
N LEU C 750 -33.16 -22.42 18.12
CA LEU C 750 -32.08 -22.77 17.20
C LEU C 750 -31.05 -23.67 17.87
N ASP C 751 -30.82 -23.48 19.18
CA ASP C 751 -30.02 -24.43 19.93
C ASP C 751 -30.73 -25.75 20.13
N LYS C 752 -32.05 -25.77 20.01
CA LYS C 752 -32.81 -27.01 20.15
C LYS C 752 -32.84 -27.80 18.84
N LEU C 753 -33.01 -27.10 17.71
CA LEU C 753 -33.00 -27.78 16.42
C LEU C 753 -31.60 -28.25 16.04
N LYS C 754 -30.57 -27.55 16.50
CA LYS C 754 -29.20 -28.03 16.32
C LYS C 754 -29.02 -29.40 16.99
N ASN C 755 -29.73 -29.64 18.08
CA ASN C 755 -29.66 -30.93 18.78
C ASN C 755 -30.68 -31.93 18.26
N LYS C 756 -31.72 -31.47 17.55
CA LYS C 756 -32.77 -32.38 17.09
C LYS C 756 -32.27 -33.30 15.98
N TRP C 757 -31.48 -32.77 15.05
CA TRP C 757 -31.06 -33.54 13.88
C TRP C 757 -29.61 -34.00 13.96
N TRP C 758 -28.82 -33.47 14.89
CA TRP C 758 -27.42 -33.87 15.02
C TRP C 758 -27.26 -35.04 16.00
N TYR C 759 -27.64 -34.83 17.26
CA TYR C 759 -27.40 -35.82 18.31
C TYR C 759 -28.60 -36.73 18.58
N ASP C 760 -29.82 -36.22 18.42
CA ASP C 760 -31.00 -37.02 18.71
C ASP C 760 -31.15 -38.18 17.73
N LYS C 761 -31.45 -37.86 16.46
CA LYS C 761 -31.64 -38.89 15.44
C LYS C 761 -30.30 -39.42 14.95
N GLY C 762 -29.29 -39.42 15.81
CA GLY C 762 -27.99 -39.96 15.46
C GLY C 762 -27.93 -41.45 15.66
N GLU C 763 -27.38 -42.16 14.68
CA GLU C 763 -27.23 -43.60 14.76
C GLU C 763 -26.23 -44.04 15.81
N CYS C 764 -25.58 -43.11 16.51
CA CYS C 764 -24.56 -43.41 17.50
C CYS C 764 -24.79 -42.53 18.74
N GLY C 765 -26.00 -42.62 19.30
CA GLY C 765 -26.32 -41.81 20.46
C GLY C 765 -25.55 -42.21 21.71
N ALA C 766 -25.16 -43.48 21.81
CA ALA C 766 -24.49 -44.00 22.98
C ALA C 766 -22.97 -43.98 22.87
N LYS C 767 -22.42 -43.16 21.97
CA LYS C 767 -20.97 -43.08 21.77
C LYS C 767 -20.47 -41.64 21.91
N ASP C 768 -21.19 -40.81 22.66
CA ASP C 768 -20.80 -39.42 22.88
C ASP C 768 -20.57 -39.09 24.34
N SER C 769 -21.40 -39.58 25.24
CA SER C 769 -21.22 -39.36 26.67
C SER C 769 -20.37 -40.44 27.33
N GLY C 770 -20.08 -41.53 26.64
CA GLY C 770 -19.22 -42.58 27.17
C GLY C 770 -17.88 -42.62 26.46
N SER C 771 -17.76 -41.86 25.37
CA SER C 771 -16.51 -41.78 24.62
C SER C 771 -15.56 -40.73 25.18
N LYS C 772 -16.07 -39.72 25.88
CA LYS C 772 -15.24 -38.78 26.63
C LYS C 772 -14.81 -39.33 27.98
N GLU C 773 -14.69 -40.65 28.09
CA GLU C 773 -14.32 -41.31 29.34
C GLU C 773 -13.38 -42.47 29.00
N LYS C 774 -12.09 -42.26 29.25
CA LYS C 774 -11.08 -43.30 29.05
C LYS C 774 -10.07 -43.20 30.18
N THR C 775 -10.10 -44.15 31.10
CA THR C 775 -9.21 -44.12 32.24
C THR C 775 -7.77 -44.38 31.82
N SER C 776 -6.84 -43.84 32.60
CA SER C 776 -5.41 -43.99 32.35
C SER C 776 -4.76 -44.54 33.62
N ALA C 777 -4.50 -45.84 33.63
CA ALA C 777 -3.83 -46.49 34.75
C ALA C 777 -3.08 -47.72 34.26
N LEU C 778 -3.23 -48.86 34.92
CA LEU C 778 -2.63 -50.11 34.49
C LEU C 778 -3.75 -51.04 34.06
N SER C 779 -3.70 -51.49 32.82
CA SER C 779 -4.72 -52.37 32.26
C SER C 779 -4.71 -53.73 32.96
N LEU C 780 -5.90 -54.23 33.27
CA LEU C 780 -6.04 -55.52 33.93
C LEU C 780 -5.98 -56.70 32.96
N SER C 781 -6.11 -56.45 31.65
CA SER C 781 -6.22 -57.54 30.70
C SER C 781 -4.86 -58.09 30.26
N ASN C 782 -3.81 -57.27 30.30
CA ASN C 782 -2.47 -57.81 30.01
C ASN C 782 -1.89 -58.53 31.22
N VAL C 783 -2.29 -58.11 32.43
CA VAL C 783 -1.89 -58.79 33.65
C VAL C 783 -2.28 -60.25 33.62
N ALA C 784 -3.26 -60.62 32.79
CA ALA C 784 -3.68 -62.01 32.68
C ALA C 784 -2.57 -62.92 32.16
N GLY C 785 -1.66 -62.38 31.34
CA GLY C 785 -0.54 -63.16 30.85
C GLY C 785 0.30 -63.76 31.96
N VAL C 786 0.26 -63.19 33.16
CA VAL C 786 0.99 -63.72 34.30
C VAL C 786 0.11 -64.67 35.10
N PHE C 787 -1.18 -64.35 35.21
CA PHE C 787 -2.07 -65.20 35.98
C PHE C 787 -2.40 -66.48 35.24
N TYR C 788 -2.42 -66.44 33.91
CA TYR C 788 -2.61 -67.66 33.14
C TYR C 788 -1.43 -68.61 33.27
N ILE C 789 -0.24 -68.09 33.60
CA ILE C 789 0.93 -68.94 33.79
C ILE C 789 1.15 -69.31 35.26
N LEU C 790 0.54 -68.59 36.19
CA LEU C 790 0.62 -68.97 37.60
C LEU C 790 -0.39 -70.07 37.93
N VAL C 791 -1.67 -69.85 37.61
CA VAL C 791 -2.69 -70.87 37.81
C VAL C 791 -2.34 -72.12 37.01
N GLY C 792 -1.73 -71.95 35.84
CA GLY C 792 -1.17 -73.08 35.11
C GLY C 792 0.00 -73.74 35.81
N GLY C 793 0.55 -73.12 36.84
CA GLY C 793 1.61 -73.72 37.62
C GLY C 793 1.11 -74.31 38.93
N LEU C 794 0.07 -73.70 39.49
CA LEU C 794 -0.56 -74.27 40.68
C LEU C 794 -1.23 -75.60 40.36
N GLY C 795 -1.82 -75.73 39.18
CA GLY C 795 -2.43 -76.98 38.78
C GLY C 795 -1.42 -78.07 38.48
N LEU C 796 -0.24 -77.69 38.01
CA LEU C 796 0.81 -78.67 37.77
C LEU C 796 1.49 -79.09 39.06
N ALA C 797 1.63 -78.17 40.03
CA ALA C 797 2.16 -78.52 41.33
C ALA C 797 1.20 -79.41 42.11
N MET C 798 -0.08 -79.40 41.78
CA MET C 798 -1.04 -80.33 42.36
C MET C 798 -1.09 -81.66 41.60
N LEU C 799 -0.66 -81.68 40.34
CA LEU C 799 -0.50 -82.96 39.64
C LEU C 799 0.74 -83.71 40.12
N VAL C 800 1.71 -83.00 40.68
CA VAL C 800 2.87 -83.65 41.27
C VAL C 800 2.65 -84.00 42.74
N ALA C 801 1.74 -83.31 43.43
CA ALA C 801 1.41 -83.64 44.81
C ALA C 801 0.59 -84.92 44.91
N LEU C 802 -0.05 -85.35 43.82
CA LEU C 802 -0.82 -86.58 43.83
C LEU C 802 0.02 -87.78 43.43
N ILE C 803 0.86 -87.64 42.40
CA ILE C 803 1.74 -88.72 42.00
C ILE C 803 2.80 -89.01 43.06
N GLU C 804 3.04 -88.07 43.98
CA GLU C 804 3.95 -88.28 45.09
C GLU C 804 3.26 -88.85 46.32
N PHE C 805 1.92 -88.72 46.41
CA PHE C 805 1.17 -89.28 47.52
C PHE C 805 0.65 -90.68 47.24
N CYS C 806 0.57 -91.09 45.97
CA CYS C 806 0.12 -92.44 45.65
C CYS C 806 1.24 -93.46 45.82
N TYR C 807 2.46 -93.08 45.43
CA TYR C 807 3.60 -93.97 45.58
C TYR C 807 3.99 -94.09 47.05
N LYS C 808 4.47 -93.00 47.64
CA LYS C 808 4.86 -92.98 49.04
C LYS C 808 4.31 -91.75 49.75
N ASN D 1 -30.37 25.52 -72.91
CA ASN D 1 -30.60 24.36 -72.05
C ASN D 1 -30.57 24.77 -70.59
N SER D 2 -31.19 25.91 -70.28
CA SER D 2 -31.24 26.43 -68.92
C SER D 2 -32.06 25.49 -68.05
N ILE D 3 -31.39 24.59 -67.34
CA ILE D 3 -32.06 23.60 -66.50
C ILE D 3 -32.43 24.27 -65.19
N GLN D 4 -33.72 24.52 -65.00
CA GLN D 4 -34.20 25.19 -63.79
C GLN D 4 -34.11 24.25 -62.60
N ILE D 5 -33.37 24.66 -61.57
CA ILE D 5 -33.25 23.91 -60.33
C ILE D 5 -33.47 24.87 -59.16
N GLY D 6 -33.80 24.29 -58.00
CA GLY D 6 -34.10 25.08 -56.82
C GLY D 6 -32.89 25.30 -55.93
N GLY D 7 -33.05 26.24 -54.99
CA GLY D 7 -31.99 26.56 -54.06
C GLY D 7 -32.51 27.02 -52.71
N LEU D 8 -32.18 26.26 -51.67
CA LEU D 8 -32.58 26.59 -50.29
C LEU D 8 -31.34 26.53 -49.41
N PHE D 9 -30.96 27.68 -48.85
CA PHE D 9 -29.79 27.74 -48.00
C PHE D 9 -30.13 28.45 -46.69
N PRO D 10 -29.62 27.95 -45.57
CA PRO D 10 -29.88 28.60 -44.28
C PRO D 10 -29.37 30.04 -44.25
N ARG D 11 -29.83 30.79 -43.25
CA ARG D 11 -29.43 32.19 -43.11
C ARG D 11 -27.93 32.32 -42.96
N GLY D 12 -27.32 31.48 -42.11
CA GLY D 12 -25.91 31.54 -41.83
C GLY D 12 -25.01 30.68 -42.69
N ALA D 13 -25.56 30.02 -43.71
CA ALA D 13 -24.76 29.19 -44.61
C ALA D 13 -23.96 30.10 -45.53
N ASP D 14 -22.70 30.34 -45.18
CA ASP D 14 -21.83 31.23 -45.95
C ASP D 14 -20.84 30.47 -46.84
N GLN D 15 -19.95 29.68 -46.23
CA GLN D 15 -19.02 28.90 -47.03
C GLN D 15 -19.71 27.76 -47.75
N GLU D 16 -20.90 27.33 -47.29
CA GLU D 16 -21.63 26.28 -47.99
C GLU D 16 -22.11 26.76 -49.35
N TYR D 17 -22.65 27.97 -49.44
CA TYR D 17 -23.08 28.52 -50.71
C TYR D 17 -21.92 28.98 -51.57
N SER D 18 -20.75 29.22 -50.98
CA SER D 18 -19.58 29.62 -51.76
C SER D 18 -19.06 28.48 -52.62
N ALA D 19 -18.84 27.32 -52.02
CA ALA D 19 -18.37 26.16 -52.77
C ALA D 19 -19.40 25.73 -53.82
N PHE D 20 -20.69 26.02 -53.58
CA PHE D 20 -21.72 25.78 -54.57
C PHE D 20 -21.38 26.44 -55.91
N ARG D 21 -20.93 27.70 -55.85
CA ARG D 21 -20.60 28.43 -57.07
C ARG D 21 -19.26 28.01 -57.66
N VAL D 22 -18.39 27.38 -56.87
CA VAL D 22 -17.13 26.87 -57.41
C VAL D 22 -17.39 25.62 -58.26
N GLY D 23 -18.26 24.74 -57.77
CA GLY D 23 -18.64 23.57 -58.56
C GLY D 23 -19.41 23.95 -59.82
N MET D 24 -20.19 25.03 -59.75
CA MET D 24 -20.87 25.52 -60.94
C MET D 24 -19.90 25.99 -62.01
N VAL D 25 -18.67 26.30 -61.64
CA VAL D 25 -17.65 26.77 -62.58
C VAL D 25 -16.72 25.65 -63.03
N GLN D 26 -16.24 24.84 -62.08
CA GLN D 26 -15.29 23.79 -62.41
C GLN D 26 -15.93 22.66 -63.22
N PHE D 27 -17.26 22.53 -63.18
CA PHE D 27 -17.93 21.44 -63.87
C PHE D 27 -18.95 21.94 -64.90
N SER D 28 -18.88 23.21 -65.28
CA SER D 28 -19.78 23.73 -66.29
C SER D 28 -19.41 23.18 -67.66
N THR D 29 -20.42 23.01 -68.51
CA THR D 29 -20.23 22.47 -69.84
C THR D 29 -21.06 23.28 -70.85
N SER D 30 -20.58 23.31 -72.09
CA SER D 30 -21.28 24.02 -73.15
C SER D 30 -22.51 23.27 -73.64
N GLU D 31 -22.72 22.03 -73.20
CA GLU D 31 -23.93 21.30 -73.57
C GLU D 31 -25.16 21.95 -72.94
N PHE D 32 -25.13 22.15 -71.63
CA PHE D 32 -26.28 22.67 -70.91
C PHE D 32 -25.79 23.50 -69.72
N ARG D 33 -26.66 24.40 -69.27
CA ARG D 33 -26.38 25.24 -68.11
C ARG D 33 -27.39 24.96 -67.02
N LEU D 34 -26.97 25.16 -65.77
CA LEU D 34 -27.81 24.98 -64.60
C LEU D 34 -28.07 26.34 -63.97
N THR D 35 -29.35 26.71 -63.86
CA THR D 35 -29.74 28.02 -63.37
C THR D 35 -30.32 27.90 -61.96
N PRO D 36 -29.54 28.17 -60.92
CA PRO D 36 -30.08 28.05 -59.56
C PRO D 36 -31.00 29.20 -59.21
N HIS D 37 -32.03 28.89 -58.44
CA HIS D 37 -32.93 29.91 -57.87
C HIS D 37 -32.79 29.82 -56.35
N ILE D 38 -31.96 30.70 -55.79
CA ILE D 38 -31.57 30.63 -54.39
C ILE D 38 -32.61 31.35 -53.54
N ASP D 39 -32.88 30.79 -52.35
CA ASP D 39 -33.83 31.38 -51.40
C ASP D 39 -33.22 31.24 -50.01
N ASN D 40 -32.59 32.30 -49.52
CA ASN D 40 -32.05 32.30 -48.16
C ASN D 40 -33.19 32.34 -47.16
N LEU D 41 -33.19 31.37 -46.23
CA LEU D 41 -34.30 31.21 -45.31
C LEU D 41 -33.79 30.59 -44.02
N GLU D 42 -34.66 30.56 -43.01
CA GLU D 42 -34.35 29.92 -41.75
C GLU D 42 -34.55 28.41 -41.89
N VAL D 43 -33.45 27.66 -41.76
CA VAL D 43 -33.50 26.22 -42.01
C VAL D 43 -34.33 25.51 -40.94
N ALA D 44 -34.27 25.98 -39.70
CA ALA D 44 -35.00 25.33 -38.62
C ALA D 44 -36.50 25.47 -38.79
N ASN D 45 -36.96 26.66 -39.13
CA ASN D 45 -38.39 26.91 -39.33
C ASN D 45 -38.87 26.13 -40.55
N SER D 46 -39.77 25.16 -40.32
CA SER D 46 -40.25 24.34 -41.43
C SER D 46 -41.27 25.04 -42.30
N PHE D 47 -41.93 26.09 -41.80
CA PHE D 47 -42.87 26.83 -42.65
C PHE D 47 -42.13 27.61 -43.73
N ALA D 48 -41.02 28.26 -43.36
CA ALA D 48 -40.21 28.93 -44.36
C ALA D 48 -39.74 27.97 -45.45
N VAL D 49 -39.53 26.70 -45.09
CA VAL D 49 -39.12 25.71 -46.08
C VAL D 49 -40.28 25.34 -46.99
N THR D 50 -41.49 25.31 -46.45
CA THR D 50 -42.66 24.89 -47.24
C THR D 50 -42.93 25.87 -48.37
N ASN D 51 -42.93 27.17 -48.06
CA ASN D 51 -43.19 28.17 -49.10
C ASN D 51 -42.00 28.31 -50.05
N ALA D 52 -40.79 28.00 -49.58
CA ALA D 52 -39.63 28.05 -50.47
C ALA D 52 -39.63 26.88 -51.44
N PHE D 53 -40.23 25.75 -51.06
CA PHE D 53 -40.30 24.60 -51.96
C PHE D 53 -41.33 24.84 -53.07
N CYS D 54 -42.57 25.15 -52.70
CA CYS D 54 -43.59 25.43 -53.68
C CYS D 54 -43.30 26.69 -54.48
N SER D 55 -42.33 27.50 -54.04
CA SER D 55 -41.80 28.54 -54.91
C SER D 55 -40.93 27.94 -56.01
N GLN D 56 -40.29 26.79 -55.75
CA GLN D 56 -39.53 26.12 -56.79
C GLN D 56 -40.42 25.24 -57.66
N PHE D 57 -41.35 24.50 -57.03
CA PHE D 57 -42.22 23.61 -57.80
C PHE D 57 -43.04 24.39 -58.83
N SER D 58 -43.63 25.52 -58.40
CA SER D 58 -44.42 26.33 -59.33
C SER D 58 -43.57 26.87 -60.47
N ARG D 59 -42.29 27.13 -60.22
CA ARG D 59 -41.37 27.56 -61.28
C ARG D 59 -40.94 26.43 -62.19
N GLY D 60 -41.47 25.23 -62.01
CA GLY D 60 -41.15 24.11 -62.88
C GLY D 60 -39.73 23.60 -62.77
N VAL D 61 -39.20 23.51 -61.54
CA VAL D 61 -37.83 23.04 -61.37
C VAL D 61 -37.75 21.54 -61.65
N TYR D 62 -36.54 21.08 -61.96
CA TYR D 62 -36.29 19.67 -62.22
C TYR D 62 -35.59 18.96 -61.07
N ALA D 63 -34.99 19.72 -60.15
CA ALA D 63 -34.33 19.18 -58.97
C ALA D 63 -34.07 20.34 -58.01
N ILE D 64 -33.77 20.00 -56.76
CA ILE D 64 -33.55 20.99 -55.71
C ILE D 64 -32.35 20.56 -54.88
N PHE D 65 -31.57 21.55 -54.43
CA PHE D 65 -30.46 21.33 -53.51
C PHE D 65 -30.66 22.21 -52.28
N GLY D 66 -30.33 21.65 -51.12
CA GLY D 66 -30.48 22.40 -49.88
C GLY D 66 -30.02 21.60 -48.68
N PHE D 67 -30.51 22.02 -47.51
CA PHE D 67 -30.20 21.36 -46.25
C PHE D 67 -31.50 21.24 -45.45
N TYR D 68 -31.43 20.50 -44.35
CA TYR D 68 -32.58 20.40 -43.46
C TYR D 68 -32.13 20.20 -42.02
N ASP D 69 -33.01 20.57 -41.11
CA ASP D 69 -32.87 20.29 -39.69
C ASP D 69 -33.73 19.08 -39.32
N LYS D 70 -33.52 18.57 -38.10
CA LYS D 70 -34.38 17.49 -37.64
C LYS D 70 -35.82 17.94 -37.45
N LYS D 71 -36.04 19.25 -37.26
CA LYS D 71 -37.38 19.81 -37.24
C LYS D 71 -37.97 19.97 -38.65
N SER D 72 -37.16 19.83 -39.70
CA SER D 72 -37.67 20.01 -41.05
C SER D 72 -37.25 18.88 -41.99
N VAL D 73 -36.68 17.80 -41.46
CA VAL D 73 -36.24 16.71 -42.33
C VAL D 73 -37.42 15.94 -42.88
N ASN D 74 -38.40 15.62 -42.03
CA ASN D 74 -39.57 14.87 -42.47
C ASN D 74 -40.51 15.70 -43.34
N THR D 75 -40.35 17.03 -43.33
CA THR D 75 -41.12 17.87 -44.25
C THR D 75 -40.63 17.71 -45.68
N ILE D 76 -39.32 17.50 -45.86
CA ILE D 76 -38.75 17.38 -47.20
C ILE D 76 -39.04 16.00 -47.79
N THR D 77 -38.89 14.95 -46.99
CA THR D 77 -39.03 13.58 -47.48
C THR D 77 -40.47 13.22 -47.85
N SER D 78 -41.45 14.07 -47.54
CA SER D 78 -42.84 13.81 -47.87
C SER D 78 -43.30 14.50 -49.14
N PHE D 79 -42.90 15.76 -49.35
CA PHE D 79 -43.24 16.45 -50.59
C PHE D 79 -42.55 15.81 -51.80
N CYS D 80 -41.35 15.27 -51.61
CA CYS D 80 -40.62 14.66 -52.72
C CYS D 80 -41.23 13.32 -53.11
N GLY D 81 -41.90 12.64 -52.18
CA GLY D 81 -42.48 11.34 -52.49
C GLY D 81 -43.78 11.41 -53.27
N THR D 82 -44.48 12.53 -53.22
CA THR D 82 -45.76 12.69 -53.90
C THR D 82 -45.62 13.41 -55.24
N LEU D 83 -45.01 14.59 -55.25
CA LEU D 83 -44.81 15.34 -56.49
C LEU D 83 -43.67 14.81 -57.33
N HIS D 84 -42.96 13.78 -56.86
CA HIS D 84 -41.90 13.12 -57.63
C HIS D 84 -40.80 14.09 -58.02
N VAL D 85 -40.39 14.94 -57.08
CA VAL D 85 -39.31 15.91 -57.28
C VAL D 85 -38.09 15.43 -56.53
N SER D 86 -36.94 15.44 -57.20
CA SER D 86 -35.71 14.96 -56.60
C SER D 86 -35.10 16.02 -55.68
N PHE D 87 -34.21 15.57 -54.79
CA PHE D 87 -33.62 16.44 -53.78
C PHE D 87 -32.26 15.89 -53.39
N ILE D 88 -31.22 16.73 -53.48
CA ILE D 88 -29.87 16.37 -53.10
C ILE D 88 -29.49 17.18 -51.88
N THR D 89 -28.93 16.52 -50.86
CA THR D 89 -28.58 17.21 -49.64
C THR D 89 -27.32 16.63 -49.01
N PRO D 90 -26.43 17.48 -48.50
CA PRO D 90 -25.30 16.99 -47.70
C PRO D 90 -25.66 16.70 -46.24
N SER D 91 -26.89 16.94 -45.84
CA SER D 91 -27.29 16.78 -44.44
C SER D 91 -27.30 15.30 -44.05
N PHE D 92 -27.69 15.04 -42.81
CA PHE D 92 -27.54 13.71 -42.24
C PHE D 92 -28.45 12.70 -42.93
N PRO D 93 -28.03 11.45 -43.02
CA PRO D 93 -28.89 10.41 -43.61
C PRO D 93 -30.17 10.23 -42.80
N THR D 94 -31.25 9.96 -43.50
CA THR D 94 -32.56 9.86 -42.86
C THR D 94 -32.65 8.62 -41.98
N ASP D 95 -33.35 8.76 -40.86
CA ASP D 95 -33.61 7.64 -39.97
C ASP D 95 -34.53 6.64 -40.66
N GLY D 96 -33.99 5.90 -41.63
CA GLY D 96 -34.80 5.00 -42.43
C GLY D 96 -34.41 5.06 -43.89
N THR D 97 -35.37 4.79 -44.78
CA THR D 97 -35.13 4.75 -46.22
C THR D 97 -36.22 5.57 -46.91
N HIS D 98 -35.87 6.79 -47.33
CA HIS D 98 -36.86 7.68 -47.90
C HIS D 98 -36.57 7.95 -49.38
N PRO D 99 -37.61 8.09 -50.20
CA PRO D 99 -37.42 8.20 -51.65
C PRO D 99 -37.17 9.62 -52.13
N PHE D 100 -36.68 9.71 -53.36
CA PHE D 100 -36.42 10.98 -54.03
C PHE D 100 -35.44 11.85 -53.23
N VAL D 101 -34.45 11.19 -52.61
CA VAL D 101 -33.48 11.87 -51.75
C VAL D 101 -32.09 11.37 -52.11
N ILE D 102 -31.15 12.29 -52.27
CA ILE D 102 -29.76 11.97 -52.60
C ILE D 102 -28.92 12.45 -51.42
N GLN D 103 -28.68 11.55 -50.46
CA GLN D 103 -27.94 11.90 -49.24
C GLN D 103 -26.45 11.86 -49.55
N MET D 104 -25.85 13.03 -49.74
CA MET D 104 -24.42 13.13 -49.97
C MET D 104 -23.59 12.72 -48.76
N ARG D 105 -24.21 12.62 -47.58
CA ARG D 105 -23.46 12.33 -46.36
C ARG D 105 -23.40 10.82 -46.12
N PRO D 106 -22.21 10.27 -45.92
CA PRO D 106 -22.11 8.84 -45.61
C PRO D 106 -22.67 8.52 -44.22
N ASP D 107 -22.93 7.23 -44.02
CA ASP D 107 -23.47 6.75 -42.75
C ASP D 107 -22.35 6.70 -41.73
N LEU D 108 -22.37 7.63 -40.77
CA LEU D 108 -21.33 7.67 -39.75
C LEU D 108 -21.49 6.55 -38.73
N LYS D 109 -22.71 6.05 -38.55
CA LYS D 109 -22.99 5.07 -37.50
C LYS D 109 -22.05 3.88 -37.57
N GLY D 110 -21.74 3.42 -38.77
CA GLY D 110 -20.84 2.27 -38.90
C GLY D 110 -19.41 2.61 -38.49
N ALA D 111 -18.95 3.81 -38.82
CA ALA D 111 -17.56 4.19 -38.53
C ALA D 111 -17.32 4.29 -37.04
N LEU D 112 -18.24 4.92 -36.31
CA LEU D 112 -18.05 5.15 -34.88
C LEU D 112 -17.98 3.82 -34.12
N LEU D 113 -18.93 2.92 -34.39
CA LEU D 113 -18.99 1.66 -33.64
C LEU D 113 -17.76 0.80 -33.88
N SER D 114 -17.11 0.95 -35.04
CA SER D 114 -15.88 0.21 -35.29
C SER D 114 -14.66 0.87 -34.65
N LEU D 115 -14.77 2.14 -34.26
CA LEU D 115 -13.67 2.82 -33.59
C LEU D 115 -13.69 2.61 -32.09
N ILE D 116 -14.87 2.64 -31.48
CA ILE D 116 -15.00 2.31 -30.06
C ILE D 116 -14.41 0.95 -29.78
N GLU D 117 -14.54 0.02 -30.73
CA GLU D 117 -13.99 -1.32 -30.56
C GLU D 117 -12.47 -1.33 -30.67
N TYR D 118 -11.89 -0.42 -31.44
CA TYR D 118 -10.44 -0.41 -31.61
C TYR D 118 -9.73 -0.12 -30.30
N TYR D 119 -10.20 0.88 -29.56
CA TYR D 119 -9.60 1.22 -28.27
C TYR D 119 -10.07 0.30 -27.15
N GLN D 120 -10.99 -0.62 -27.45
CA GLN D 120 -11.51 -1.57 -26.45
C GLN D 120 -12.14 -0.83 -25.27
N TRP D 121 -13.05 0.08 -25.57
CA TRP D 121 -13.77 0.80 -24.53
C TRP D 121 -14.91 -0.05 -23.99
N ASP D 122 -15.06 -0.05 -22.66
CA ASP D 122 -16.11 -0.79 -21.99
C ASP D 122 -17.05 0.09 -21.17
N LYS D 123 -16.59 1.24 -20.71
CA LYS D 123 -17.42 2.17 -19.94
C LYS D 123 -17.02 3.59 -20.34
N PHE D 124 -17.95 4.35 -20.90
CA PHE D 124 -17.65 5.67 -21.41
C PHE D 124 -18.92 6.50 -21.41
N ALA D 125 -18.74 7.82 -21.55
CA ALA D 125 -19.85 8.75 -21.67
C ALA D 125 -20.07 9.07 -23.14
N TYR D 126 -21.35 9.17 -23.52
CA TYR D 126 -21.74 9.47 -24.90
C TYR D 126 -22.68 10.67 -24.84
N LEU D 127 -22.09 11.87 -24.82
CA LEU D 127 -22.89 13.08 -24.95
C LEU D 127 -23.54 13.12 -26.32
N TYR D 128 -24.55 13.98 -26.46
CA TYR D 128 -25.28 14.03 -27.72
C TYR D 128 -26.18 15.26 -27.74
N ASP D 129 -26.37 15.80 -28.95
CA ASP D 129 -27.29 16.90 -29.20
C ASP D 129 -28.38 16.44 -30.16
N SER D 130 -29.57 17.03 -30.01
CA SER D 130 -30.74 16.65 -30.80
C SER D 130 -30.86 17.43 -32.10
N ASP D 131 -29.75 17.67 -32.80
CA ASP D 131 -29.77 18.41 -34.05
C ASP D 131 -29.72 17.51 -35.28
N ARG D 132 -28.73 16.62 -35.37
CA ARG D 132 -28.58 15.72 -36.51
C ARG D 132 -29.16 14.34 -36.24
N GLY D 133 -30.24 14.26 -35.45
CA GLY D 133 -30.87 13.00 -35.15
C GLY D 133 -30.07 12.13 -34.19
N LEU D 134 -30.77 11.37 -33.36
CA LEU D 134 -30.13 10.46 -32.42
C LEU D 134 -29.87 9.08 -33.02
N SER D 135 -29.91 8.97 -34.36
CA SER D 135 -29.66 7.69 -34.99
C SER D 135 -28.26 7.18 -34.69
N THR D 136 -27.31 8.08 -34.42
CA THR D 136 -25.99 7.66 -33.98
C THR D 136 -25.99 7.25 -32.52
N LEU D 137 -26.86 7.85 -31.70
CA LEU D 137 -26.98 7.43 -30.31
C LEU D 137 -27.70 6.10 -30.18
N GLN D 138 -28.75 5.90 -30.97
CA GLN D 138 -29.43 4.60 -30.96
C GLN D 138 -28.48 3.50 -31.43
N ALA D 139 -27.61 3.82 -32.39
CA ALA D 139 -26.67 2.82 -32.88
C ALA D 139 -25.67 2.41 -31.81
N VAL D 140 -25.26 3.34 -30.94
CA VAL D 140 -24.36 2.99 -29.85
C VAL D 140 -25.09 2.51 -28.61
N LEU D 141 -26.40 2.78 -28.50
CA LEU D 141 -27.20 2.25 -27.40
C LEU D 141 -27.79 0.88 -27.74
N ASP D 142 -28.28 0.69 -28.96
CA ASP D 142 -28.72 -0.64 -29.37
C ASP D 142 -27.55 -1.62 -29.42
N SER D 143 -26.34 -1.10 -29.62
CA SER D 143 -25.14 -1.91 -29.56
C SER D 143 -24.44 -1.84 -28.20
N ALA D 144 -24.95 -1.02 -27.28
CA ALA D 144 -24.39 -0.97 -25.94
C ALA D 144 -24.63 -2.27 -25.18
N ALA D 145 -25.77 -2.92 -25.44
CA ALA D 145 -26.05 -4.19 -24.78
C ALA D 145 -25.34 -5.36 -25.46
N GLU D 146 -25.11 -5.26 -26.77
CA GLU D 146 -24.44 -6.34 -27.50
C GLU D 146 -23.03 -6.55 -26.97
N LYS D 147 -22.19 -5.53 -27.08
CA LYS D 147 -20.81 -5.60 -26.62
C LYS D 147 -20.65 -5.16 -25.17
N LYS D 148 -21.76 -5.02 -24.44
CA LYS D 148 -21.76 -4.64 -23.03
C LYS D 148 -20.97 -3.36 -22.76
N TRP D 149 -21.58 -2.22 -23.02
CA TRP D 149 -20.99 -0.91 -22.72
C TRP D 149 -21.89 -0.18 -21.74
N GLN D 150 -21.30 0.29 -20.63
CA GLN D 150 -22.04 1.12 -19.69
C GLN D 150 -21.96 2.56 -20.19
N VAL D 151 -22.82 2.87 -21.14
CA VAL D 151 -22.87 4.20 -21.75
C VAL D 151 -23.55 5.16 -20.77
N THR D 152 -22.84 6.21 -20.38
CA THR D 152 -23.42 7.28 -19.58
C THR D 152 -23.79 8.43 -20.50
N ALA D 153 -24.89 8.22 -21.23
CA ALA D 153 -25.35 9.19 -22.21
C ALA D 153 -25.95 10.41 -21.52
N ILE D 154 -25.52 11.60 -21.94
CA ILE D 154 -25.94 12.85 -21.33
C ILE D 154 -26.48 13.77 -22.42
N ASN D 155 -27.72 14.21 -22.26
CA ASN D 155 -28.32 15.15 -23.20
C ASN D 155 -27.71 16.53 -23.01
N VAL D 156 -27.09 17.06 -24.06
CA VAL D 156 -26.40 18.35 -24.01
C VAL D 156 -27.09 19.39 -24.89
N GLY D 157 -28.26 19.08 -25.44
CA GLY D 157 -28.93 19.97 -26.37
C GLY D 157 -29.61 21.17 -25.75
N ASN D 158 -30.54 20.93 -24.84
CA ASN D 158 -31.39 21.99 -24.28
C ASN D 158 -30.62 22.88 -23.32
N ILE D 159 -29.99 23.94 -23.83
CA ILE D 159 -29.27 24.90 -23.01
C ILE D 159 -29.33 26.26 -23.70
N ASN D 160 -29.40 27.32 -22.89
CA ASN D 160 -29.41 28.68 -23.38
C ASN D 160 -28.02 29.30 -23.25
N ASN D 161 -27.86 30.49 -23.84
CA ASN D 161 -26.55 31.12 -23.94
C ASN D 161 -26.11 31.82 -22.67
N ASP D 162 -27.05 32.20 -21.79
CA ASP D 162 -26.67 32.94 -20.59
C ASP D 162 -26.16 32.01 -19.50
N LYS D 163 -26.94 30.99 -19.16
CA LYS D 163 -26.56 30.01 -18.13
C LYS D 163 -25.73 28.87 -18.71
N LYS D 164 -24.72 29.22 -19.50
CA LYS D 164 -23.93 28.23 -20.22
C LYS D 164 -22.77 27.68 -19.39
N ASP D 165 -22.03 28.57 -18.71
CA ASP D 165 -20.85 28.13 -17.97
C ASP D 165 -21.23 27.35 -16.72
N GLU D 166 -22.42 27.59 -16.17
CA GLU D 166 -22.82 26.92 -14.94
C GLU D 166 -23.17 25.46 -15.20
N THR D 167 -24.11 25.21 -16.11
CA THR D 167 -24.54 23.85 -16.42
C THR D 167 -23.43 22.99 -17.01
N TYR D 168 -22.30 23.58 -17.38
CA TYR D 168 -21.19 22.83 -17.95
C TYR D 168 -20.25 22.29 -16.89
N ARG D 169 -19.81 23.16 -15.96
CA ARG D 169 -19.01 22.67 -14.84
C ARG D 169 -19.78 21.63 -14.04
N SER D 170 -21.10 21.78 -13.95
CA SER D 170 -21.93 20.78 -13.27
C SER D 170 -22.06 19.50 -14.09
N LEU D 171 -21.89 19.56 -15.40
CA LEU D 171 -21.96 18.34 -16.21
C LEU D 171 -20.71 17.49 -16.03
N PHE D 172 -19.56 18.11 -15.77
CA PHE D 172 -18.33 17.35 -15.54
C PHE D 172 -18.09 17.09 -14.06
N GLN D 173 -18.75 17.81 -13.16
CA GLN D 173 -18.88 17.34 -11.79
C GLN D 173 -19.92 16.24 -11.67
N ASP D 174 -20.62 15.92 -12.76
CA ASP D 174 -21.45 14.74 -12.88
C ASP D 174 -20.76 13.63 -13.67
N LEU D 175 -19.95 13.99 -14.67
CA LEU D 175 -19.09 12.99 -15.31
C LEU D 175 -17.90 12.64 -14.42
N GLU D 176 -17.61 13.45 -13.40
CA GLU D 176 -16.63 13.08 -12.39
C GLU D 176 -17.17 12.00 -11.46
N LEU D 177 -18.49 11.84 -11.38
CA LEU D 177 -19.07 10.77 -10.58
C LEU D 177 -18.68 9.41 -11.14
N LYS D 178 -18.84 9.23 -12.45
CA LYS D 178 -18.40 8.01 -13.11
C LYS D 178 -16.89 7.99 -13.38
N LYS D 179 -16.17 9.05 -13.01
CA LYS D 179 -14.75 9.20 -13.31
C LYS D 179 -14.49 8.95 -14.79
N GLU D 180 -15.37 9.46 -15.64
CA GLU D 180 -15.36 9.13 -17.06
C GLU D 180 -14.15 9.76 -17.73
N ARG D 181 -13.14 8.93 -17.99
CA ARG D 181 -11.97 9.35 -18.74
C ARG D 181 -12.13 9.18 -20.24
N ARG D 182 -13.24 8.59 -20.68
CA ARG D 182 -13.48 8.27 -22.08
C ARG D 182 -14.87 8.81 -22.44
N VAL D 183 -14.91 9.82 -23.30
CA VAL D 183 -16.15 10.53 -23.62
C VAL D 183 -16.29 10.62 -25.13
N ILE D 184 -17.52 10.45 -25.62
CA ILE D 184 -17.86 10.65 -27.02
C ILE D 184 -18.77 11.87 -27.12
N LEU D 185 -18.63 12.61 -28.22
CA LEU D 185 -19.32 13.88 -28.37
C LEU D 185 -20.53 13.78 -29.31
N ASP D 186 -20.28 13.56 -30.60
CA ASP D 186 -21.34 13.34 -31.59
C ASP D 186 -22.30 14.53 -31.65
N CYS D 187 -21.76 15.65 -32.14
CA CYS D 187 -22.52 16.89 -32.25
C CYS D 187 -22.02 17.68 -33.46
N GLU D 188 -22.70 18.79 -33.73
CA GLU D 188 -22.37 19.66 -34.85
C GLU D 188 -21.07 20.42 -34.56
N ARG D 189 -20.39 20.84 -35.64
CA ARG D 189 -19.08 21.46 -35.49
C ARG D 189 -19.15 22.79 -34.75
N ASP D 190 -20.28 23.50 -34.85
CA ASP D 190 -20.42 24.75 -34.11
C ASP D 190 -20.46 24.49 -32.60
N LYS D 191 -21.12 23.40 -32.19
CA LYS D 191 -21.17 23.02 -30.78
C LYS D 191 -19.92 22.28 -30.34
N VAL D 192 -19.05 21.88 -31.27
CA VAL D 192 -17.82 21.19 -30.89
C VAL D 192 -16.84 22.17 -30.24
N ASN D 193 -16.58 23.30 -30.90
CA ASN D 193 -15.60 24.24 -30.39
C ASN D 193 -16.05 24.88 -29.08
N ASP D 194 -17.36 24.99 -28.85
CA ASP D 194 -17.84 25.55 -27.60
C ASP D 194 -17.57 24.59 -26.43
N ILE D 195 -17.75 23.29 -26.66
CA ILE D 195 -17.50 22.31 -25.61
C ILE D 195 -16.01 22.22 -25.30
N VAL D 196 -15.15 22.33 -26.33
CA VAL D 196 -13.72 22.18 -26.14
C VAL D 196 -13.18 23.23 -25.17
N ASP D 197 -13.72 24.45 -25.23
CA ASP D 197 -13.13 25.56 -24.48
C ASP D 197 -13.34 25.38 -22.98
N GLN D 198 -14.56 25.07 -22.55
CA GLN D 198 -14.84 24.94 -21.12
C GLN D 198 -14.09 23.77 -20.49
N VAL D 199 -13.70 22.77 -21.29
CA VAL D 199 -12.93 21.66 -20.76
C VAL D 199 -11.55 22.14 -20.33
N ILE D 200 -10.94 23.02 -21.11
CA ILE D 200 -9.61 23.52 -20.78
C ILE D 200 -9.65 24.41 -19.54
N THR D 201 -10.75 25.12 -19.33
CA THR D 201 -10.86 26.00 -18.16
C THR D 201 -10.84 25.21 -16.86
N ILE D 202 -11.52 24.05 -16.84
CA ILE D 202 -11.49 23.22 -15.65
C ILE D 202 -10.26 22.31 -15.66
N GLY D 203 -9.74 21.97 -16.84
CA GLY D 203 -8.51 21.20 -16.94
C GLY D 203 -8.68 19.71 -17.07
N LYS D 204 -9.60 19.28 -17.92
CA LYS D 204 -9.84 17.85 -18.16
C LYS D 204 -9.28 17.43 -19.52
N HIS D 205 -7.98 17.69 -19.71
CA HIS D 205 -7.36 17.34 -20.97
C HIS D 205 -5.91 16.91 -20.82
N VAL D 206 -5.47 16.53 -19.62
CA VAL D 206 -4.09 16.09 -19.41
C VAL D 206 -3.99 14.59 -19.70
N LYS D 207 -2.83 14.01 -19.41
CA LYS D 207 -2.61 12.58 -19.63
C LYS D 207 -3.59 11.74 -18.82
N GLY D 208 -4.50 11.06 -19.50
CA GLY D 208 -5.47 10.22 -18.83
C GLY D 208 -6.83 10.19 -19.52
N TYR D 209 -7.18 11.26 -20.20
CA TYR D 209 -8.47 11.37 -20.86
C TYR D 209 -8.38 10.91 -22.31
N HIS D 210 -9.53 10.57 -22.89
CA HIS D 210 -9.60 10.10 -24.26
C HIS D 210 -10.95 10.50 -24.84
N TYR D 211 -10.94 11.28 -25.91
CA TYR D 211 -12.16 11.81 -26.50
C TYR D 211 -12.30 11.34 -27.95
N ILE D 212 -13.54 11.12 -28.36
CA ILE D 212 -13.86 10.68 -29.71
C ILE D 212 -14.83 11.69 -30.32
N ILE D 213 -14.39 12.34 -31.39
CA ILE D 213 -15.21 13.34 -32.08
C ILE D 213 -15.97 12.62 -33.18
N ALA D 214 -17.30 12.53 -33.05
CA ALA D 214 -18.12 11.78 -33.98
C ALA D 214 -18.76 12.74 -34.98
N ASN D 215 -17.95 13.16 -35.95
CA ASN D 215 -18.42 13.93 -37.09
C ASN D 215 -17.35 13.88 -38.18
N LEU D 216 -17.77 14.17 -39.40
CA LEU D 216 -16.88 14.08 -40.55
C LEU D 216 -15.93 15.27 -40.67
N GLY D 217 -16.00 16.24 -39.76
CA GLY D 217 -15.14 17.39 -39.84
C GLY D 217 -14.12 17.47 -38.71
N PHE D 218 -13.18 16.53 -38.70
CA PHE D 218 -12.14 16.53 -37.67
C PHE D 218 -11.21 17.72 -37.83
N THR D 219 -10.55 17.81 -38.99
CA THR D 219 -9.62 18.90 -39.25
C THR D 219 -10.31 20.20 -39.66
N ASP D 220 -11.63 20.18 -39.84
CA ASP D 220 -12.34 21.37 -40.30
C ASP D 220 -12.46 22.42 -39.20
N GLY D 221 -12.45 22.01 -37.94
CA GLY D 221 -12.36 22.94 -36.84
C GLY D 221 -10.92 23.30 -36.54
N ASP D 222 -10.73 23.97 -35.41
CA ASP D 222 -9.39 24.31 -34.94
C ASP D 222 -8.97 23.29 -33.88
N LEU D 223 -7.79 22.71 -34.06
CA LEU D 223 -7.30 21.65 -33.19
C LEU D 223 -5.97 21.96 -32.51
N LEU D 224 -5.30 23.05 -32.89
CA LEU D 224 -4.00 23.36 -32.33
C LEU D 224 -4.08 23.73 -30.86
N LYS D 225 -5.26 24.07 -30.36
CA LYS D 225 -5.38 24.48 -28.96
C LYS D 225 -5.22 23.29 -28.01
N ILE D 226 -5.90 22.19 -28.30
CA ILE D 226 -5.85 21.01 -27.44
C ILE D 226 -4.76 20.07 -27.90
N GLN D 227 -3.75 20.61 -28.58
CA GLN D 227 -2.67 19.81 -29.13
C GLN D 227 -1.52 19.60 -28.16
N PHE D 228 -1.57 20.22 -26.98
CA PHE D 228 -0.45 20.16 -26.03
C PHE D 228 -0.94 19.84 -24.62
N GLY D 229 -2.08 19.18 -24.49
CA GLY D 229 -2.65 18.88 -23.19
C GLY D 229 -2.15 17.59 -22.58
N GLY D 230 -2.33 16.48 -23.30
CA GLY D 230 -1.89 15.19 -22.82
C GLY D 230 -2.85 14.06 -23.17
N ALA D 231 -4.12 14.40 -23.37
CA ALA D 231 -5.15 13.40 -23.64
C ALA D 231 -5.12 12.99 -25.11
N GLU D 232 -5.65 11.80 -25.37
CA GLU D 232 -5.77 11.28 -26.72
C GLU D 232 -7.10 11.71 -27.32
N VAL D 233 -7.07 12.19 -28.56
CA VAL D 233 -8.27 12.67 -29.26
C VAL D 233 -8.39 11.91 -30.57
N SER D 234 -9.60 11.48 -30.90
CA SER D 234 -9.88 10.76 -32.12
C SER D 234 -11.05 11.41 -32.86
N GLY D 235 -11.14 11.12 -34.14
CA GLY D 235 -12.21 11.67 -34.94
C GLY D 235 -12.27 11.03 -36.31
N PHE D 236 -12.99 11.69 -37.23
CA PHE D 236 -13.21 11.19 -38.57
C PHE D 236 -13.06 12.31 -39.58
N GLN D 237 -12.50 11.97 -40.75
CA GLN D 237 -12.30 12.94 -41.82
C GLN D 237 -12.65 12.28 -43.15
N ILE D 238 -13.38 13.00 -43.99
CA ILE D 238 -13.74 12.52 -45.31
C ILE D 238 -13.01 13.26 -46.43
N VAL D 239 -12.67 14.53 -46.23
CA VAL D 239 -11.95 15.31 -47.23
C VAL D 239 -10.46 15.03 -47.06
N ASP D 240 -9.89 14.25 -47.98
CA ASP D 240 -8.48 13.92 -47.93
C ASP D 240 -7.67 15.06 -48.56
N TYR D 241 -6.82 15.71 -47.76
CA TYR D 241 -6.04 16.84 -48.22
C TYR D 241 -4.69 16.43 -48.81
N ASP D 242 -4.48 15.14 -49.05
CA ASP D 242 -3.30 14.66 -49.76
C ASP D 242 -3.63 14.18 -51.17
N ASP D 243 -4.88 14.29 -51.59
CA ASP D 243 -5.27 13.87 -52.93
C ASP D 243 -4.98 14.99 -53.93
N SER D 244 -4.56 14.61 -55.14
CA SER D 244 -4.27 15.60 -56.16
C SER D 244 -5.53 16.30 -56.64
N LEU D 245 -6.67 15.63 -56.60
CA LEU D 245 -7.93 16.27 -56.97
C LEU D 245 -8.27 17.39 -56.01
N VAL D 246 -7.99 17.19 -54.72
CA VAL D 246 -8.21 18.26 -53.75
C VAL D 246 -7.02 19.23 -53.76
N SER D 247 -5.82 18.74 -54.05
CA SER D 247 -4.67 19.64 -54.17
C SER D 247 -4.89 20.64 -55.31
N LYS D 248 -5.22 20.14 -56.50
CA LYS D 248 -5.60 21.02 -57.60
C LYS D 248 -6.83 21.87 -57.26
N PHE D 249 -7.61 21.44 -56.27
CA PHE D 249 -8.72 22.25 -55.77
C PHE D 249 -8.28 23.20 -54.66
N ILE D 250 -7.35 22.75 -53.79
CA ILE D 250 -6.83 23.63 -52.75
C ILE D 250 -5.90 24.68 -53.35
N GLU D 251 -5.15 24.32 -54.40
CA GLU D 251 -4.30 25.29 -55.06
C GLU D 251 -5.10 26.43 -55.69
N ARG D 252 -6.40 26.24 -55.91
CA ARG D 252 -7.26 27.29 -56.43
C ARG D 252 -8.15 27.91 -55.37
N TRP D 253 -8.54 27.15 -54.35
CA TRP D 253 -9.38 27.69 -53.29
C TRP D 253 -8.60 28.70 -52.44
N SER D 254 -7.37 28.34 -52.05
CA SER D 254 -6.58 29.20 -51.16
C SER D 254 -6.27 30.55 -51.77
N THR D 255 -6.28 30.66 -53.09
CA THR D 255 -5.93 31.91 -53.76
C THR D 255 -7.13 32.81 -54.03
N LEU D 256 -8.34 32.35 -53.78
CA LEU D 256 -9.51 33.19 -53.98
C LEU D 256 -9.60 34.26 -52.90
N GLU D 257 -10.11 35.42 -53.31
CA GLU D 257 -10.24 36.53 -52.36
C GLU D 257 -11.38 36.28 -51.39
N GLU D 258 -11.18 36.68 -50.14
CA GLU D 258 -12.16 36.45 -49.09
C GLU D 258 -13.34 37.42 -49.15
N LYS D 259 -13.31 38.39 -50.08
CA LYS D 259 -14.42 39.33 -50.18
C LYS D 259 -15.58 38.75 -51.00
N GLU D 260 -15.27 38.11 -52.12
CA GLU D 260 -16.33 37.58 -52.97
C GLU D 260 -16.96 36.33 -52.36
N TYR D 261 -16.15 35.37 -51.95
CA TYR D 261 -16.64 34.13 -51.38
C TYR D 261 -16.30 34.09 -49.89
N PRO D 262 -17.28 34.26 -49.00
CA PRO D 262 -16.97 34.25 -47.56
C PRO D 262 -16.42 32.90 -47.13
N GLY D 263 -15.32 32.94 -46.37
CA GLY D 263 -14.68 31.74 -45.91
C GLY D 263 -14.05 30.93 -47.02
N ALA D 264 -13.31 31.60 -47.90
CA ALA D 264 -12.66 30.93 -49.03
C ALA D 264 -11.19 31.30 -49.17
N HIS D 265 -10.62 32.02 -48.20
CA HIS D 265 -9.21 32.39 -48.23
C HIS D 265 -8.40 31.55 -47.24
N THR D 266 -8.71 30.27 -47.13
CA THR D 266 -8.00 29.36 -46.24
C THR D 266 -7.54 28.14 -47.04
N ALA D 267 -6.59 27.41 -46.46
CA ALA D 267 -6.04 26.22 -47.10
C ALA D 267 -6.90 24.98 -46.87
N THR D 268 -8.03 25.11 -46.17
CA THR D 268 -8.90 23.98 -45.85
C THR D 268 -10.33 24.31 -46.25
N ILE D 269 -11.16 23.27 -46.28
CA ILE D 269 -12.56 23.39 -46.64
C ILE D 269 -13.38 22.51 -45.70
N LYS D 270 -14.54 23.01 -45.29
CA LYS D 270 -15.42 22.26 -44.40
C LYS D 270 -16.00 21.05 -45.12
N TYR D 271 -16.47 20.08 -44.34
CA TYR D 271 -17.08 18.89 -44.93
C TYR D 271 -18.49 19.17 -45.43
N THR D 272 -19.20 20.13 -44.81
CA THR D 272 -20.48 20.55 -45.36
C THR D 272 -20.29 21.28 -46.69
N SER D 273 -19.12 21.87 -46.91
CA SER D 273 -18.83 22.58 -48.16
C SER D 273 -18.27 21.65 -49.23
N ALA D 274 -17.37 20.73 -48.85
CA ALA D 274 -16.78 19.82 -49.82
C ALA D 274 -17.80 18.88 -50.43
N LEU D 275 -18.84 18.53 -49.67
CA LEU D 275 -19.91 17.70 -50.22
C LEU D 275 -20.79 18.49 -51.17
N THR D 276 -20.92 19.80 -50.94
CA THR D 276 -21.70 20.64 -51.85
C THR D 276 -20.98 20.80 -53.19
N TYR D 277 -19.66 20.97 -53.17
CA TYR D 277 -18.89 21.00 -54.41
C TYR D 277 -18.96 19.68 -55.15
N ASP D 278 -19.03 18.57 -54.42
CA ASP D 278 -19.17 17.27 -55.04
C ASP D 278 -20.59 16.96 -55.45
N ALA D 279 -21.58 17.61 -54.84
CA ALA D 279 -22.96 17.42 -55.26
C ALA D 279 -23.20 18.01 -56.64
N VAL D 280 -22.42 19.02 -57.03
CA VAL D 280 -22.56 19.60 -58.36
C VAL D 280 -22.06 18.61 -59.41
N GLN D 281 -20.90 17.99 -59.16
CA GLN D 281 -20.40 16.95 -60.06
C GLN D 281 -21.36 15.78 -60.16
N VAL D 282 -22.23 15.60 -59.16
CA VAL D 282 -23.26 14.57 -59.25
C VAL D 282 -24.43 15.06 -60.12
N MET D 283 -24.86 16.30 -59.92
CA MET D 283 -25.97 16.83 -60.71
C MET D 283 -25.55 17.14 -62.14
N THR D 284 -24.31 17.58 -62.35
CA THR D 284 -23.84 17.84 -63.71
C THR D 284 -23.81 16.56 -64.53
N GLU D 285 -23.25 15.48 -63.97
CA GLU D 285 -23.24 14.19 -64.64
C GLU D 285 -24.60 13.51 -64.64
N ALA D 286 -25.57 14.04 -63.89
CA ALA D 286 -26.91 13.47 -63.89
C ALA D 286 -27.70 13.93 -65.11
N PHE D 287 -27.82 15.25 -65.29
CA PHE D 287 -28.48 15.78 -66.47
C PHE D 287 -27.66 15.57 -67.73
N ARG D 288 -26.37 15.29 -67.61
CA ARG D 288 -25.55 14.99 -68.78
C ARG D 288 -25.83 13.59 -69.29
N ASN D 289 -25.97 12.62 -68.39
CA ASN D 289 -26.33 11.27 -68.80
C ASN D 289 -27.80 11.16 -69.20
N LEU D 290 -28.63 12.13 -68.79
CA LEU D 290 -30.02 12.16 -69.25
C LEU D 290 -30.08 12.46 -70.74
N ARG D 291 -29.21 13.37 -71.22
CA ARG D 291 -29.17 13.68 -72.64
C ARG D 291 -28.53 12.56 -73.45
N LYS D 292 -27.76 11.67 -72.81
CA LYS D 292 -27.08 10.60 -73.51
C LYS D 292 -27.91 9.33 -73.66
N GLN D 293 -29.05 9.24 -72.99
CA GLN D 293 -29.90 8.05 -73.05
C GLN D 293 -31.27 8.34 -73.65
N ARG D 294 -31.40 9.46 -74.37
CA ARG D 294 -32.65 9.84 -75.04
C ARG D 294 -33.81 9.93 -74.04
N ILE D 295 -33.65 10.80 -73.06
CA ILE D 295 -34.66 11.04 -72.03
C ILE D 295 -34.91 12.54 -71.97
N GLU D 296 -36.09 12.97 -72.41
CA GLU D 296 -36.47 14.37 -72.35
C GLU D 296 -37.16 14.66 -71.02
N ILE D 297 -36.76 15.75 -70.38
CA ILE D 297 -37.29 16.14 -69.07
C ILE D 297 -37.93 17.51 -69.10
N SER D 298 -37.89 18.23 -70.23
CA SER D 298 -38.51 19.54 -70.33
C SER D 298 -39.97 19.46 -69.93
N ARG D 299 -40.32 20.03 -68.78
CA ARG D 299 -41.67 19.92 -68.25
C ARG D 299 -42.68 20.45 -69.26
N ARG D 300 -43.78 19.71 -69.44
CA ARG D 300 -44.75 20.05 -70.46
C ARG D 300 -45.37 21.41 -70.22
N GLY D 301 -45.66 21.74 -68.98
CA GLY D 301 -46.27 23.01 -68.65
C GLY D 301 -46.01 23.41 -67.22
N ASN D 302 -46.92 24.21 -66.67
CA ASN D 302 -46.79 24.69 -65.30
C ASN D 302 -47.10 23.58 -64.31
N ALA D 303 -46.30 23.51 -63.25
CA ALA D 303 -46.63 22.63 -62.14
C ALA D 303 -47.80 23.14 -61.31
N GLY D 304 -48.20 24.39 -61.51
CA GLY D 304 -49.30 24.99 -60.78
C GLY D 304 -49.02 24.99 -59.29
N ASP D 305 -50.10 24.95 -58.52
CA ASP D 305 -49.98 24.85 -57.07
C ASP D 305 -49.54 23.44 -56.69
N CYS D 306 -48.51 23.36 -55.85
CA CYS D 306 -48.10 22.07 -55.30
C CYS D 306 -49.26 21.36 -54.62
N LEU D 307 -50.21 22.11 -54.09
CA LEU D 307 -51.40 21.55 -53.46
C LEU D 307 -52.42 21.11 -54.51
N ALA D 308 -51.94 20.73 -55.70
CA ALA D 308 -52.82 20.24 -56.74
C ALA D 308 -53.57 19.01 -56.24
N ASN D 309 -54.89 19.05 -56.32
CA ASN D 309 -55.73 17.94 -55.89
C ASN D 309 -56.58 17.49 -57.07
N PRO D 310 -56.43 16.24 -57.55
CA PRO D 310 -55.50 15.23 -57.04
C PRO D 310 -54.04 15.55 -57.34
N ALA D 311 -53.15 15.16 -56.43
CA ALA D 311 -51.72 15.36 -56.64
C ALA D 311 -51.27 14.59 -57.89
N VAL D 312 -51.33 15.23 -59.04
CA VAL D 312 -50.86 14.62 -60.28
C VAL D 312 -49.34 14.79 -60.36
N PRO D 313 -48.57 13.73 -60.16
CA PRO D 313 -47.11 13.86 -60.22
C PRO D 313 -46.63 13.82 -61.66
N TRP D 314 -45.66 14.67 -61.97
CA TRP D 314 -45.09 14.66 -63.31
C TRP D 314 -44.25 13.40 -63.51
N GLY D 315 -44.54 12.66 -64.57
CA GLY D 315 -43.92 11.37 -64.76
C GLY D 315 -42.42 11.44 -64.97
N GLN D 316 -41.95 12.45 -65.72
CA GLN D 316 -40.52 12.56 -66.00
C GLN D 316 -39.71 12.83 -64.75
N GLY D 317 -40.34 13.25 -63.66
CA GLY D 317 -39.63 13.40 -62.40
C GLY D 317 -39.07 12.09 -61.86
N VAL D 318 -39.62 10.96 -62.30
CA VAL D 318 -39.07 9.67 -61.89
C VAL D 318 -37.75 9.40 -62.60
N GLU D 319 -37.64 9.81 -63.86
CA GLU D 319 -36.40 9.62 -64.60
C GLU D 319 -35.28 10.47 -64.02
N ILE D 320 -35.60 11.68 -63.57
CA ILE D 320 -34.58 12.57 -63.01
C ILE D 320 -33.96 11.95 -61.75
N GLU D 321 -34.79 11.27 -60.95
CA GLU D 321 -34.28 10.60 -59.76
C GLU D 321 -33.30 9.50 -60.11
N ARG D 322 -33.65 8.69 -61.12
CA ARG D 322 -32.80 7.56 -61.50
C ARG D 322 -31.43 8.03 -61.96
N ALA D 323 -31.40 9.00 -62.87
CA ALA D 323 -30.12 9.52 -63.36
C ALA D 323 -29.29 10.12 -62.23
N LEU D 324 -29.94 10.74 -61.25
CA LEU D 324 -29.22 11.31 -60.11
C LEU D 324 -28.52 10.23 -59.30
N LYS D 325 -29.14 9.06 -59.19
CA LYS D 325 -28.58 7.98 -58.39
C LYS D 325 -27.64 7.07 -59.18
N GLN D 326 -27.64 7.16 -60.50
CA GLN D 326 -26.72 6.38 -61.34
C GLN D 326 -25.40 7.08 -61.57
N VAL D 327 -25.14 8.20 -60.88
CA VAL D 327 -23.89 8.92 -61.02
C VAL D 327 -22.80 8.21 -60.22
N GLN D 328 -21.57 8.27 -60.72
CA GLN D 328 -20.42 7.73 -59.99
C GLN D 328 -19.19 8.50 -60.47
N VAL D 329 -18.89 9.60 -59.79
CA VAL D 329 -17.80 10.50 -60.17
C VAL D 329 -16.82 10.60 -59.02
N GLU D 330 -15.70 11.26 -59.29
CA GLU D 330 -14.65 11.46 -58.31
C GLU D 330 -14.58 12.94 -57.95
N GLY D 331 -14.73 13.23 -56.65
CA GLY D 331 -14.63 14.60 -56.16
C GLY D 331 -13.81 14.70 -54.89
N LEU D 332 -14.14 15.68 -54.05
CA LEU D 332 -13.37 15.89 -52.82
C LEU D 332 -13.61 14.76 -51.82
N SER D 333 -14.84 14.28 -51.71
CA SER D 333 -15.18 13.23 -50.75
C SER D 333 -14.82 11.83 -51.25
N GLY D 334 -13.71 11.71 -51.99
CA GLY D 334 -13.29 10.42 -52.49
C GLY D 334 -14.26 9.85 -53.50
N ASN D 335 -14.37 8.52 -53.50
CA ASN D 335 -15.32 7.84 -54.38
C ASN D 335 -16.74 8.12 -53.91
N ILE D 336 -17.55 8.69 -54.79
CA ILE D 336 -18.95 9.00 -54.51
C ILE D 336 -19.82 7.97 -55.20
N LYS D 337 -20.78 7.41 -54.47
CA LYS D 337 -21.73 6.46 -55.04
C LYS D 337 -22.90 6.31 -54.09
N PHE D 338 -24.09 6.12 -54.66
CA PHE D 338 -25.32 6.08 -53.90
C PHE D 338 -26.02 4.74 -54.11
N ASP D 339 -26.81 4.34 -53.10
CA ASP D 339 -27.70 3.19 -53.23
C ASP D 339 -29.06 3.68 -53.69
N GLN D 340 -30.09 2.83 -53.57
CA GLN D 340 -31.42 3.23 -54.04
C GLN D 340 -32.08 4.27 -53.13
N ASN D 341 -31.68 4.34 -51.85
CA ASN D 341 -32.27 5.31 -50.95
C ASN D 341 -31.60 6.67 -51.07
N GLY D 342 -30.33 6.71 -51.44
CA GLY D 342 -29.53 7.92 -51.42
C GLY D 342 -28.39 7.87 -50.43
N LYS D 343 -28.31 6.81 -49.63
CA LYS D 343 -27.19 6.65 -48.71
C LYS D 343 -25.89 6.51 -49.49
N ARG D 344 -24.82 7.09 -48.96
CA ARG D 344 -23.53 6.94 -49.60
C ARG D 344 -23.03 5.50 -49.46
N ILE D 345 -22.48 4.97 -50.54
CA ILE D 345 -21.96 3.61 -50.59
C ILE D 345 -20.56 3.65 -51.18
N ASN D 346 -19.80 2.57 -50.93
CA ASN D 346 -18.42 2.46 -51.41
C ASN D 346 -17.59 3.67 -50.98
N TYR D 347 -17.89 4.18 -49.80
CA TYR D 347 -17.24 5.37 -49.27
C TYR D 347 -16.17 4.98 -48.25
N THR D 348 -15.10 5.77 -48.21
CA THR D 348 -13.98 5.54 -47.32
C THR D 348 -13.89 6.68 -46.31
N ILE D 349 -14.01 6.36 -45.03
CA ILE D 349 -13.89 7.33 -43.95
C ILE D 349 -12.56 7.08 -43.24
N ASN D 350 -11.69 8.09 -43.27
CA ASN D 350 -10.38 7.99 -42.65
C ASN D 350 -10.46 8.40 -41.18
N ILE D 351 -9.89 7.57 -40.31
CA ILE D 351 -9.89 7.82 -38.87
C ILE D 351 -8.63 8.61 -38.52
N MET D 352 -8.79 9.66 -37.72
CA MET D 352 -7.71 10.57 -37.38
C MET D 352 -7.46 10.55 -35.89
N GLU D 353 -6.20 10.41 -35.49
CA GLU D 353 -5.76 10.59 -34.12
C GLU D 353 -4.93 11.87 -34.01
N LEU D 354 -4.98 12.49 -32.84
CA LEU D 354 -4.25 13.72 -32.58
C LEU D 354 -3.03 13.43 -31.74
N LYS D 355 -1.88 13.89 -32.20
CA LYS D 355 -0.63 13.73 -31.46
C LYS D 355 0.01 15.09 -31.20
N THR D 356 1.32 15.20 -31.42
CA THR D 356 2.04 16.45 -31.21
C THR D 356 2.20 17.26 -32.50
N ASN D 357 2.49 16.61 -33.63
CA ASN D 357 2.70 17.31 -34.88
C ASN D 357 1.40 17.74 -35.55
N GLY D 358 0.25 17.30 -35.04
CA GLY D 358 -1.03 17.67 -35.62
C GLY D 358 -1.89 16.46 -35.93
N PRO D 359 -2.92 16.65 -36.75
CA PRO D 359 -3.76 15.52 -37.14
C PRO D 359 -2.98 14.50 -37.94
N ARG D 360 -3.35 13.22 -37.76
CA ARG D 360 -2.60 12.13 -38.36
C ARG D 360 -3.55 10.98 -38.67
N LYS D 361 -3.52 10.50 -39.91
CA LYS D 361 -4.37 9.40 -40.33
C LYS D 361 -3.81 8.09 -39.80
N ILE D 362 -4.62 7.36 -39.04
CA ILE D 362 -4.22 6.06 -38.50
C ILE D 362 -4.80 4.91 -39.31
N GLY D 363 -5.76 5.17 -40.19
CA GLY D 363 -6.38 4.13 -40.97
C GLY D 363 -7.70 4.60 -41.53
N TYR D 364 -8.36 3.71 -42.26
CA TYR D 364 -9.64 4.00 -42.88
C TYR D 364 -10.66 2.93 -42.53
N TRP D 365 -11.91 3.35 -42.47
CA TRP D 365 -13.04 2.46 -42.21
C TRP D 365 -13.79 2.18 -43.50
N SER D 366 -14.38 1.00 -43.59
CA SER D 366 -15.15 0.63 -44.77
C SER D 366 -16.28 -0.31 -44.37
N GLU D 367 -17.37 -0.26 -45.14
CA GLU D 367 -18.51 -1.12 -44.86
C GLU D 367 -18.21 -2.58 -45.18
N VAL D 368 -17.19 -2.86 -46.00
CA VAL D 368 -16.80 -4.24 -46.28
C VAL D 368 -15.87 -4.74 -45.17
N ASP D 369 -14.62 -4.29 -45.15
CA ASP D 369 -13.72 -4.57 -44.04
C ASP D 369 -13.86 -3.42 -43.04
N LYS D 370 -14.41 -3.73 -41.87
CA LYS D 370 -14.72 -2.73 -40.86
C LYS D 370 -13.49 -1.88 -40.52
N MET D 371 -12.60 -2.42 -39.69
CA MET D 371 -11.41 -1.69 -39.28
C MET D 371 -10.22 -2.09 -40.13
N VAL D 372 -9.44 -1.10 -40.56
CA VAL D 372 -8.23 -1.31 -41.35
C VAL D 372 -7.13 -0.49 -40.68
N LEU D 373 -6.29 -1.15 -39.90
CA LEU D 373 -5.21 -0.46 -39.20
C LEU D 373 -4.02 -0.23 -40.12
N THR D 374 -3.29 0.84 -39.85
CA THR D 374 -2.07 1.18 -40.58
C THR D 374 -0.87 0.98 -39.65
N GLU D 375 0.04 0.09 -40.03
CA GLU D 375 1.24 -0.18 -39.19
C GLU D 375 2.43 0.63 -39.73
N ASP D 376 2.17 1.85 -40.22
CA ASP D 376 3.24 2.69 -40.79
C ASP D 376 4.27 3.03 -39.71
N ASP D 377 3.79 3.34 -38.50
CA ASP D 377 4.71 3.67 -37.38
C ASP D 377 4.92 2.42 -36.53
N THR D 378 6.16 1.95 -36.41
CA THR D 378 6.46 0.79 -35.54
C THR D 378 6.33 1.22 -34.08
N SER D 379 5.87 0.31 -33.21
CA SER D 379 5.81 0.63 -31.75
C SER D 379 7.22 0.85 -31.22
N GLY D 380 7.39 1.78 -30.28
CA GLY D 380 8.75 2.10 -29.79
C GLY D 380 9.40 0.89 -29.17
N LEU D 381 10.67 0.64 -29.50
CA LEU D 381 11.37 -0.58 -29.00
C LEU D 381 11.50 -0.51 -27.47
N GLU D 382 11.25 -1.63 -26.78
CA GLU D 382 11.42 -1.67 -25.31
C GLU D 382 12.91 -1.63 -24.97
N GLN D 383 13.26 -1.12 -23.80
CA GLN D 383 14.69 -1.10 -23.38
C GLN D 383 15.18 -2.55 -23.30
N LYS D 384 16.40 -2.80 -23.79
CA LYS D 384 16.85 -4.19 -24.11
C LYS D 384 16.88 -5.02 -22.83
N THR D 385 16.40 -6.26 -22.91
CA THR D 385 16.36 -7.14 -21.72
C THR D 385 17.80 -7.48 -21.29
N VAL D 386 18.15 -7.22 -20.03
CA VAL D 386 19.48 -7.56 -19.53
C VAL D 386 19.68 -9.07 -19.62
N VAL D 387 20.82 -9.47 -20.18
CA VAL D 387 21.17 -10.88 -20.29
C VAL D 387 21.72 -11.36 -18.96
N VAL D 388 21.23 -12.50 -18.49
CA VAL D 388 21.66 -13.10 -17.23
C VAL D 388 22.15 -14.51 -17.52
N THR D 389 23.42 -14.77 -17.23
CA THR D 389 24.01 -16.09 -17.40
C THR D 389 24.12 -16.80 -16.06
N THR D 390 24.00 -18.12 -16.09
CA THR D 390 24.03 -18.92 -14.87
C THR D 390 24.48 -20.34 -15.23
N ILE D 391 24.57 -21.19 -14.20
CA ILE D 391 24.93 -22.59 -14.35
C ILE D 391 23.85 -23.44 -13.69
N LEU D 392 23.54 -24.58 -14.30
CA LEU D 392 22.61 -25.53 -13.69
C LEU D 392 23.26 -26.18 -12.47
N GLU D 393 22.83 -25.78 -11.28
CA GLU D 393 23.35 -26.32 -10.04
C GLU D 393 22.32 -26.11 -8.95
N SER D 394 22.03 -27.17 -8.19
CA SER D 394 20.99 -27.16 -7.17
C SER D 394 21.52 -26.62 -5.85
N PRO D 395 20.68 -25.93 -5.06
CA PRO D 395 19.30 -25.59 -5.40
C PRO D 395 19.16 -24.21 -6.05
N TYR D 396 20.22 -23.76 -6.72
CA TYR D 396 20.22 -22.41 -7.27
C TYR D 396 19.48 -22.34 -8.60
N VAL D 397 19.77 -23.27 -9.52
CA VAL D 397 19.12 -23.32 -10.82
C VAL D 397 18.86 -24.78 -11.17
N MET D 398 17.59 -25.14 -11.36
CA MET D 398 17.20 -26.50 -11.67
C MET D 398 16.11 -26.50 -12.73
N MET D 399 16.01 -27.60 -13.48
CA MET D 399 14.95 -27.78 -14.45
C MET D 399 13.75 -28.46 -13.80
N LYS D 400 12.55 -28.05 -14.21
CA LYS D 400 11.33 -28.56 -13.59
C LYS D 400 11.03 -29.97 -14.07
N LYS D 401 10.11 -30.63 -13.34
CA LYS D 401 9.80 -32.03 -13.62
C LYS D 401 9.13 -32.19 -14.99
N ASN D 402 8.42 -31.17 -15.45
CA ASN D 402 7.83 -31.21 -16.79
C ASN D 402 8.42 -30.10 -17.65
N HIS D 403 9.75 -30.10 -17.81
CA HIS D 403 10.41 -29.07 -18.58
C HIS D 403 10.09 -29.17 -20.07
N GLU D 404 9.81 -30.37 -20.56
CA GLU D 404 9.46 -30.53 -21.97
C GLU D 404 8.15 -29.83 -22.29
N MET D 405 7.23 -29.76 -21.34
CA MET D 405 5.94 -29.10 -21.52
C MET D 405 5.96 -27.65 -21.04
N LEU D 406 7.13 -27.00 -21.05
CA LEU D 406 7.26 -25.61 -20.64
C LEU D 406 8.24 -24.92 -21.59
N GLU D 407 8.46 -23.63 -21.36
CA GLU D 407 9.32 -22.82 -22.22
C GLU D 407 9.62 -21.50 -21.51
N GLY D 408 10.56 -20.75 -22.08
CA GLY D 408 10.87 -19.43 -21.57
C GLY D 408 11.67 -19.45 -20.28
N ASN D 409 11.46 -18.42 -19.46
CA ASN D 409 12.12 -18.35 -18.16
C ASN D 409 11.52 -19.32 -17.15
N GLU D 410 10.27 -19.73 -17.36
CA GLU D 410 9.60 -20.69 -16.48
C GLU D 410 10.11 -22.12 -16.65
N ARG D 411 11.16 -22.34 -17.43
CA ARG D 411 11.76 -23.67 -17.54
C ARG D 411 12.56 -24.04 -16.31
N TYR D 412 13.01 -23.07 -15.53
CA TYR D 412 13.92 -23.31 -14.42
C TYR D 412 13.35 -22.75 -13.14
N GLU D 413 13.90 -23.22 -12.02
CA GLU D 413 13.49 -22.80 -10.69
C GLU D 413 14.65 -22.95 -9.73
N GLY D 414 14.67 -22.11 -8.71
CA GLY D 414 15.72 -22.18 -7.72
C GLY D 414 15.80 -20.88 -6.92
N TYR D 415 16.82 -20.83 -6.07
CA TYR D 415 17.03 -19.67 -5.21
C TYR D 415 17.37 -18.43 -6.04
N CYS D 416 18.35 -18.56 -6.94
CA CYS D 416 18.74 -17.44 -7.78
C CYS D 416 17.64 -17.02 -8.76
N VAL D 417 16.73 -17.93 -9.09
CA VAL D 417 15.65 -17.60 -10.02
C VAL D 417 14.74 -16.53 -9.42
N ASP D 418 14.32 -16.73 -8.17
CA ASP D 418 13.54 -15.70 -7.49
C ASP D 418 14.39 -14.46 -7.24
N LEU D 419 15.69 -14.63 -7.00
CA LEU D 419 16.57 -13.48 -6.81
C LEU D 419 16.61 -12.59 -8.04
N ALA D 420 16.46 -13.16 -9.23
CA ALA D 420 16.51 -12.36 -10.45
C ALA D 420 15.24 -11.55 -10.62
N ALA D 421 14.08 -12.14 -10.35
CA ALA D 421 12.81 -11.43 -10.52
C ALA D 421 12.72 -10.22 -9.60
N GLU D 422 13.41 -10.26 -8.45
CA GLU D 422 13.35 -9.14 -7.51
C GLU D 422 14.28 -8.01 -7.92
N ILE D 423 15.49 -8.34 -8.37
CA ILE D 423 16.42 -7.31 -8.84
C ILE D 423 15.80 -6.53 -9.99
N ALA D 424 15.04 -7.21 -10.85
CA ALA D 424 14.44 -6.53 -11.99
C ALA D 424 13.24 -5.70 -11.57
N LYS D 425 12.60 -6.04 -10.45
CA LYS D 425 11.40 -5.32 -10.04
C LYS D 425 11.74 -3.93 -9.51
N HIS D 426 12.89 -3.79 -8.83
CA HIS D 426 13.28 -2.50 -8.29
C HIS D 426 14.05 -1.65 -9.29
N CYS D 427 14.72 -2.27 -10.26
CA CYS D 427 15.40 -1.52 -11.30
C CYS D 427 14.49 -1.20 -12.47
N GLY D 428 13.53 -2.07 -12.78
CA GLY D 428 12.54 -1.80 -13.80
C GLY D 428 12.94 -2.22 -15.19
N PHE D 429 13.43 -3.45 -15.35
CA PHE D 429 13.78 -3.98 -16.64
C PHE D 429 13.36 -5.45 -16.73
N LYS D 430 13.32 -5.96 -17.96
CA LYS D 430 13.02 -7.35 -18.22
C LYS D 430 14.31 -8.16 -18.35
N TYR D 431 14.17 -9.49 -18.30
CA TYR D 431 15.33 -10.35 -18.19
C TYR D 431 15.05 -11.68 -18.88
N LYS D 432 16.14 -12.41 -19.15
CA LYS D 432 16.09 -13.72 -19.79
C LYS D 432 17.18 -14.59 -19.17
N LEU D 433 16.92 -15.89 -19.09
CA LEU D 433 17.82 -16.85 -18.46
C LEU D 433 18.46 -17.73 -19.53
N THR D 434 19.78 -17.76 -19.55
CA THR D 434 20.54 -18.56 -20.50
C THR D 434 21.48 -19.50 -19.77
N ILE D 435 21.88 -20.56 -20.45
CA ILE D 435 22.77 -21.58 -19.90
C ILE D 435 24.18 -21.32 -20.42
N VAL D 436 25.17 -21.35 -19.51
CA VAL D 436 26.55 -21.17 -19.92
C VAL D 436 26.96 -22.35 -20.78
N GLY D 437 27.59 -22.05 -21.92
CA GLY D 437 27.95 -23.06 -22.89
C GLY D 437 28.82 -24.18 -22.36
N ASP D 438 30.06 -23.85 -21.98
CA ASP D 438 30.96 -24.87 -21.45
C ASP D 438 30.46 -25.45 -20.14
N GLY D 439 29.70 -24.68 -19.37
CA GLY D 439 29.16 -25.17 -18.11
C GLY D 439 29.98 -24.75 -16.90
N LYS D 440 31.30 -24.94 -16.98
CA LYS D 440 32.19 -24.60 -15.88
C LYS D 440 32.52 -23.12 -15.92
N TYR D 441 32.35 -22.45 -14.78
CA TYR D 441 32.46 -21.00 -14.72
C TYR D 441 33.66 -20.56 -13.89
N GLY D 442 34.12 -19.35 -14.17
CA GLY D 442 35.19 -18.73 -13.39
C GLY D 442 36.53 -19.42 -13.51
N ALA D 443 37.25 -19.15 -14.59
CA ALA D 443 38.57 -19.75 -14.79
C ALA D 443 39.36 -18.90 -15.77
N ARG D 444 40.67 -18.86 -15.55
CA ARG D 444 41.59 -18.12 -16.42
C ARG D 444 42.84 -18.95 -16.62
N ASP D 445 43.17 -19.25 -17.87
CA ASP D 445 44.27 -20.16 -18.18
C ASP D 445 45.61 -19.50 -17.90
N ALA D 446 46.63 -20.33 -17.71
CA ALA D 446 47.97 -19.87 -17.37
C ALA D 446 48.82 -19.54 -18.59
N ASP D 447 48.57 -20.20 -19.73
CA ASP D 447 49.35 -19.96 -20.94
C ASP D 447 48.68 -18.98 -21.90
N THR D 448 47.35 -18.99 -21.99
CA THR D 448 46.64 -18.20 -22.98
C THR D 448 45.95 -16.97 -22.40
N LYS D 449 45.56 -17.01 -21.13
CA LYS D 449 44.89 -15.89 -20.45
C LYS D 449 43.59 -15.52 -21.17
N ILE D 450 42.67 -16.48 -21.21
CA ILE D 450 41.36 -16.29 -21.81
C ILE D 450 40.31 -16.72 -20.80
N TRP D 451 39.45 -15.78 -20.40
CA TRP D 451 38.37 -16.10 -19.48
C TRP D 451 37.35 -17.01 -20.15
N ASN D 452 36.68 -17.82 -19.33
CA ASN D 452 35.68 -18.76 -19.83
C ASN D 452 34.48 -18.77 -18.89
N GLY D 453 33.52 -19.64 -19.19
CA GLY D 453 32.38 -19.81 -18.31
C GLY D 453 31.46 -18.61 -18.35
N MET D 454 31.11 -18.11 -17.16
CA MET D 454 30.23 -16.96 -17.03
C MET D 454 30.98 -15.67 -16.75
N VAL D 455 32.21 -15.73 -16.26
CA VAL D 455 33.00 -14.52 -16.06
C VAL D 455 33.50 -13.98 -17.39
N GLY D 456 33.84 -14.87 -18.33
CA GLY D 456 34.28 -14.44 -19.64
C GLY D 456 33.20 -13.85 -20.51
N GLU D 457 31.93 -14.08 -20.16
CA GLU D 457 30.83 -13.52 -20.92
C GLU D 457 30.51 -12.08 -20.54
N LEU D 458 31.10 -11.58 -19.45
CA LEU D 458 30.90 -10.19 -19.04
C LEU D 458 32.00 -9.26 -19.57
N VAL D 459 33.26 -9.68 -19.51
CA VAL D 459 34.34 -8.86 -20.04
C VAL D 459 34.31 -8.85 -21.56
N TYR D 460 33.95 -9.97 -22.18
CA TYR D 460 33.85 -10.06 -23.62
C TYR D 460 32.51 -9.59 -24.16
N GLY D 461 31.61 -9.15 -23.30
CA GLY D 461 30.33 -8.62 -23.73
C GLY D 461 29.26 -9.65 -24.02
N LYS D 462 29.57 -10.94 -23.96
CA LYS D 462 28.58 -11.97 -24.22
C LYS D 462 27.52 -12.08 -23.13
N ALA D 463 27.56 -11.20 -22.13
CA ALA D 463 26.54 -11.13 -21.10
C ALA D 463 26.66 -9.77 -20.41
N ASP D 464 25.55 -9.33 -19.81
CA ASP D 464 25.51 -8.04 -19.14
C ASP D 464 25.55 -8.16 -17.62
N ILE D 465 24.96 -9.20 -17.05
CA ILE D 465 24.97 -9.42 -15.61
C ILE D 465 24.91 -10.91 -15.35
N ALA D 466 25.28 -11.31 -14.14
CA ALA D 466 25.28 -12.72 -13.75
C ALA D 466 24.81 -12.84 -12.32
N ILE D 467 23.83 -13.72 -12.09
CA ILE D 467 23.29 -13.99 -10.77
C ILE D 467 23.37 -15.49 -10.54
N ALA D 468 24.32 -15.91 -9.70
CA ALA D 468 24.59 -17.33 -9.46
C ALA D 468 25.50 -17.43 -8.24
N PRO D 469 25.56 -18.61 -7.60
CA PRO D 469 26.52 -18.79 -6.50
C PRO D 469 27.97 -18.64 -6.97
N LEU D 470 28.44 -17.42 -7.10
CA LEU D 470 29.78 -17.12 -7.56
C LEU D 470 30.59 -16.53 -6.42
N THR D 471 31.70 -17.19 -6.08
CA THR D 471 32.54 -16.72 -5.00
C THR D 471 33.26 -15.43 -5.40
N ILE D 472 33.48 -14.56 -4.41
CA ILE D 472 34.11 -13.27 -4.62
C ILE D 472 35.59 -13.40 -4.32
N THR D 473 36.43 -13.08 -5.30
CA THR D 473 37.89 -13.19 -5.16
C THR D 473 38.54 -11.88 -5.60
N LEU D 474 39.84 -11.79 -5.34
CA LEU D 474 40.61 -10.60 -5.68
C LEU D 474 40.90 -10.53 -7.18
N VAL D 475 41.16 -11.68 -7.81
CA VAL D 475 41.53 -11.68 -9.22
C VAL D 475 40.33 -11.33 -10.10
N ARG D 476 39.13 -11.77 -9.72
CA ARG D 476 37.93 -11.43 -10.46
C ARG D 476 37.52 -9.97 -10.27
N GLU D 477 38.10 -9.27 -9.30
CA GLU D 477 37.72 -7.90 -9.01
C GLU D 477 38.47 -6.88 -9.86
N GLU D 478 39.57 -7.28 -10.51
CA GLU D 478 40.34 -6.37 -11.34
C GLU D 478 39.85 -6.31 -12.78
N VAL D 479 38.77 -7.03 -13.11
CA VAL D 479 38.24 -7.06 -14.47
C VAL D 479 36.77 -6.65 -14.53
N ILE D 480 35.97 -7.08 -13.56
CA ILE D 480 34.55 -6.76 -13.51
C ILE D 480 34.22 -6.16 -12.15
N ASP D 481 32.97 -5.74 -11.99
CA ASP D 481 32.49 -5.12 -10.77
C ASP D 481 31.67 -6.13 -9.99
N PHE D 482 32.10 -6.43 -8.77
CA PHE D 482 31.36 -7.31 -7.88
C PHE D 482 30.46 -6.50 -6.96
N SER D 483 29.30 -7.06 -6.64
CA SER D 483 28.39 -6.45 -5.69
C SER D 483 28.68 -6.99 -4.29
N LYS D 484 27.85 -6.58 -3.33
CA LYS D 484 28.01 -7.06 -1.97
C LYS D 484 27.41 -8.47 -1.82
N PRO D 485 27.90 -9.26 -0.87
CA PRO D 485 27.43 -10.63 -0.76
C PRO D 485 25.98 -10.72 -0.32
N PHE D 486 25.29 -11.72 -0.84
CA PHE D 486 23.89 -11.98 -0.51
C PHE D 486 23.70 -13.22 0.33
N MET D 487 24.77 -13.92 0.70
CA MET D 487 24.68 -15.13 1.51
C MET D 487 26.06 -15.54 2.03
N SER D 488 26.21 -15.60 3.35
CA SER D 488 27.49 -15.93 3.96
C SER D 488 27.65 -17.45 4.07
N LEU D 489 28.90 -17.90 3.99
CA LEU D 489 29.22 -19.32 4.09
C LEU D 489 30.65 -19.48 4.58
N GLY D 490 31.09 -20.73 4.65
CA GLY D 490 32.43 -21.04 5.11
C GLY D 490 32.63 -22.53 5.16
N ILE D 491 33.88 -22.93 5.36
CA ILE D 491 34.24 -24.34 5.40
C ILE D 491 33.68 -24.94 6.69
N SER D 492 32.73 -25.86 6.56
CA SER D 492 32.12 -26.54 7.69
C SER D 492 32.49 -28.03 7.65
N ILE D 493 31.90 -28.80 8.56
CA ILE D 493 32.17 -30.23 8.68
C ILE D 493 30.86 -30.99 8.47
N MET D 494 30.94 -32.09 7.73
CA MET D 494 29.79 -32.92 7.42
C MET D 494 30.09 -34.37 7.78
N ILE D 495 29.21 -34.97 8.58
CA ILE D 495 29.38 -36.35 9.06
C ILE D 495 28.01 -37.02 9.13
N LYS D 496 28.03 -38.34 9.08
CA LYS D 496 26.79 -39.13 9.14
C LYS D 496 26.30 -39.20 10.58
N LYS D 497 24.99 -38.91 10.73
CA LYS D 497 24.31 -38.90 12.04
C LYS D 497 24.82 -40.04 12.92
N PRO D 498 25.21 -39.85 14.21
CA PRO D 498 25.57 -40.99 15.06
C PRO D 498 24.31 -41.85 15.27
N GLN D 499 24.11 -42.86 14.41
CA GLN D 499 22.95 -43.77 14.60
C GLN D 499 23.15 -44.54 15.90
N LYS D 500 24.38 -45.00 16.16
CA LYS D 500 24.69 -45.81 17.37
C LYS D 500 23.79 -47.04 17.42
N SER D 501 23.51 -47.63 16.25
CA SER D 501 22.91 -48.99 16.19
C SER D 501 24.05 -50.02 16.22
N LYS D 502 24.86 -50.01 17.28
CA LYS D 502 25.95 -51.00 17.43
C LYS D 502 25.89 -51.56 18.85
N PRO D 503 24.90 -52.42 19.21
CA PRO D 503 24.77 -52.90 20.57
C PRO D 503 25.93 -53.84 20.92
N GLY D 504 26.33 -53.89 22.19
CA GLY D 504 27.48 -54.67 22.59
C GLY D 504 27.57 -54.76 24.09
N VAL D 505 28.73 -55.21 24.57
CA VAL D 505 28.93 -55.38 26.00
C VAL D 505 29.46 -54.09 26.64
N PHE D 506 30.21 -53.28 25.90
CA PHE D 506 30.66 -51.98 26.43
C PHE D 506 29.49 -51.07 26.76
N SER D 507 28.29 -51.38 26.25
CA SER D 507 27.08 -50.64 26.56
C SER D 507 26.23 -51.30 27.63
N PHE D 508 26.56 -52.53 28.03
CA PHE D 508 25.82 -53.16 29.12
C PHE D 508 26.21 -52.56 30.47
N LEU D 509 27.51 -52.45 30.72
CA LEU D 509 27.99 -51.78 31.92
C LEU D 509 27.90 -50.26 31.82
N ASP D 510 27.23 -49.76 30.79
CA ASP D 510 27.06 -48.32 30.64
C ASP D 510 26.35 -47.64 31.80
N PRO D 511 25.32 -48.25 32.46
CA PRO D 511 24.71 -47.61 33.63
C PRO D 511 25.71 -47.08 34.66
N LEU D 512 26.21 -47.94 35.53
CA LEU D 512 27.28 -47.53 36.42
C LEU D 512 28.52 -47.19 35.61
N ALA D 513 29.28 -46.20 36.08
CA ALA D 513 30.43 -45.78 35.29
C ALA D 513 31.59 -46.75 35.45
N TYR D 514 32.64 -46.54 34.65
CA TYR D 514 33.85 -47.33 34.73
C TYR D 514 34.53 -47.26 36.09
N GLU D 515 34.05 -46.39 36.99
CA GLU D 515 34.63 -46.22 38.30
C GLU D 515 33.75 -46.72 39.44
N ILE D 516 32.47 -47.02 39.18
CA ILE D 516 31.61 -47.59 40.21
C ILE D 516 31.60 -49.10 40.15
N TRP D 517 31.53 -49.66 38.93
CA TRP D 517 31.64 -51.10 38.75
C TRP D 517 32.88 -51.65 39.43
N MET D 518 33.97 -50.89 39.44
CA MET D 518 35.22 -51.30 40.04
C MET D 518 35.39 -50.81 41.47
N CYS D 519 34.41 -50.09 42.02
CA CYS D 519 34.46 -49.64 43.40
C CYS D 519 33.58 -50.48 44.32
N ILE D 520 32.54 -51.13 43.78
CA ILE D 520 31.65 -51.95 44.60
C ILE D 520 32.38 -53.19 45.10
N VAL D 521 33.30 -53.75 44.30
CA VAL D 521 34.00 -54.95 44.72
C VAL D 521 34.89 -54.67 45.93
N PHE D 522 35.43 -53.45 46.05
CA PHE D 522 36.18 -53.08 47.24
C PHE D 522 35.31 -53.06 48.49
N ALA D 523 33.99 -53.06 48.33
CA ALA D 523 33.08 -53.18 49.45
C ALA D 523 32.63 -54.62 49.68
N TYR D 524 32.53 -55.42 48.62
CA TYR D 524 32.22 -56.83 48.76
C TYR D 524 33.31 -57.50 49.59
N ILE D 525 34.52 -57.56 49.04
CA ILE D 525 35.63 -58.19 49.77
C ILE D 525 35.91 -57.46 51.07
N GLY D 526 35.50 -56.19 51.18
CA GLY D 526 35.61 -55.46 52.43
C GLY D 526 34.59 -55.84 53.48
N VAL D 527 33.46 -56.40 53.06
CA VAL D 527 32.45 -56.91 53.99
C VAL D 527 32.60 -58.42 54.18
N SER D 528 32.93 -59.15 53.12
CA SER D 528 33.15 -60.58 53.22
C SER D 528 34.38 -60.91 54.06
N VAL D 529 35.32 -59.98 54.19
CA VAL D 529 36.46 -60.19 55.09
C VAL D 529 36.17 -59.72 56.51
N VAL D 530 35.15 -58.88 56.70
CA VAL D 530 34.75 -58.51 58.06
C VAL D 530 34.03 -59.68 58.74
N LEU D 531 33.28 -60.47 57.98
CA LEU D 531 32.65 -61.66 58.54
C LEU D 531 33.68 -62.71 58.96
N PHE D 532 34.87 -62.69 58.35
CA PHE D 532 35.98 -63.48 58.87
C PHE D 532 36.32 -63.03 60.29
N LEU D 533 36.37 -61.72 60.51
CA LEU D 533 36.85 -61.19 61.78
C LEU D 533 35.79 -61.19 62.87
N VAL D 534 34.51 -61.01 62.52
CA VAL D 534 33.47 -60.92 63.54
C VAL D 534 33.05 -62.28 64.08
N SER D 535 33.40 -63.37 63.40
CA SER D 535 33.04 -64.71 63.86
C SER D 535 34.15 -65.29 64.73
N ILE D 564 37.81 -69.23 58.52
CA ILE D 564 38.90 -69.00 57.59
C ILE D 564 38.44 -69.29 56.17
N PHE D 565 38.85 -70.45 55.65
CA PHE D 565 38.35 -70.90 54.35
C PHE D 565 36.87 -71.24 54.39
N ASN D 566 36.25 -71.23 55.58
CA ASN D 566 34.82 -71.41 55.72
C ASN D 566 34.07 -70.11 55.93
N SER D 567 34.73 -69.07 56.44
CA SER D 567 34.08 -67.76 56.55
C SER D 567 33.95 -67.10 55.19
N LEU D 568 35.02 -67.12 54.40
CA LEU D 568 34.91 -66.72 53.00
C LEU D 568 34.00 -67.67 52.23
N TRP D 569 33.92 -68.93 52.65
CA TRP D 569 32.92 -69.86 52.13
C TRP D 569 31.53 -69.55 52.65
N PHE D 570 31.41 -68.76 53.71
CA PHE D 570 30.08 -68.34 54.13
C PHE D 570 29.75 -66.94 53.62
N SER D 571 30.77 -66.10 53.44
CA SER D 571 30.54 -64.73 52.99
C SER D 571 30.35 -64.66 51.48
N LEU D 572 31.10 -65.46 50.72
CA LEU D 572 30.76 -65.64 49.31
C LEU D 572 29.40 -66.30 49.16
N GLY D 573 28.94 -67.02 50.19
CA GLY D 573 27.58 -67.49 50.31
C GLY D 573 26.66 -66.54 51.04
N ALA D 574 27.18 -65.42 51.53
CA ALA D 574 26.39 -64.37 52.17
C ALA D 574 26.19 -63.16 51.27
N PHE D 575 27.27 -62.63 50.68
CA PHE D 575 27.11 -61.68 49.59
C PHE D 575 26.50 -62.36 48.37
N MET D 576 26.39 -63.69 48.40
CA MET D 576 25.58 -64.45 47.47
C MET D 576 24.14 -63.97 47.49
N GLN D 577 23.36 -64.46 48.45
CA GLN D 577 21.97 -64.07 48.61
C GLN D 577 21.91 -62.71 49.29
N GLN D 578 21.83 -61.65 48.49
CA GLN D 578 21.75 -60.28 48.98
C GLN D 578 22.91 -59.93 49.91
N SER D 586 26.87 -62.52 67.49
CA SER D 586 27.43 -61.32 68.09
C SER D 586 26.78 -60.06 67.51
N LEU D 587 26.76 -58.98 68.30
CA LEU D 587 26.17 -57.73 67.84
C LEU D 587 27.02 -57.08 66.76
N SER D 588 28.30 -57.46 66.65
CA SER D 588 29.16 -56.89 65.62
C SER D 588 28.73 -57.34 64.23
N GLY D 589 28.73 -58.65 63.99
CA GLY D 589 28.33 -59.21 62.71
C GLY D 589 26.88 -58.99 62.33
N ARG D 590 26.08 -58.34 63.17
CA ARG D 590 24.68 -58.06 62.88
C ARG D 590 24.54 -56.86 61.95
N ILE D 591 25.02 -55.70 62.38
CA ILE D 591 24.89 -54.46 61.63
C ILE D 591 25.89 -54.45 60.47
N VAL D 592 26.59 -55.56 60.27
CA VAL D 592 27.47 -55.70 59.11
C VAL D 592 26.67 -56.02 57.86
N GLY D 593 25.91 -57.12 57.91
CA GLY D 593 25.13 -57.55 56.77
C GLY D 593 23.78 -56.88 56.65
N GLY D 594 23.65 -55.72 57.29
CA GLY D 594 22.41 -54.95 57.20
C GLY D 594 22.64 -53.57 56.65
N VAL D 595 23.68 -52.89 57.15
CA VAL D 595 24.16 -51.70 56.46
C VAL D 595 24.66 -52.08 55.08
N TRP D 596 25.18 -53.31 54.94
CA TRP D 596 25.46 -53.87 53.63
C TRP D 596 24.19 -54.13 52.84
N TRP D 597 23.11 -54.52 53.51
CA TRP D 597 21.81 -54.54 52.83
C TRP D 597 21.45 -53.14 52.33
N PHE D 598 21.20 -52.21 53.26
CA PHE D 598 20.87 -50.84 52.86
C PHE D 598 21.89 -50.23 51.91
N PHE D 599 23.12 -50.76 51.89
CA PHE D 599 24.11 -50.31 50.90
C PHE D 599 23.81 -50.90 49.53
N THR D 600 23.53 -52.21 49.48
CA THR D 600 23.14 -52.80 48.20
C THR D 600 21.73 -52.42 47.80
N LEU D 601 20.86 -52.05 48.75
CA LEU D 601 19.65 -51.29 48.41
C LEU D 601 19.89 -50.22 47.35
N ILE D 602 20.67 -49.19 47.69
CA ILE D 602 20.70 -48.02 46.80
C ILE D 602 21.36 -48.37 45.48
N ILE D 603 22.38 -49.24 45.51
CA ILE D 603 23.12 -49.58 44.30
C ILE D 603 22.20 -50.29 43.31
N ILE D 604 21.44 -51.28 43.78
CA ILE D 604 20.49 -51.93 42.89
C ILE D 604 19.35 -50.99 42.53
N SER D 605 19.01 -50.07 43.43
CA SER D 605 17.99 -49.08 43.13
C SER D 605 18.49 -48.08 42.09
N SER D 606 19.78 -47.77 42.10
CA SER D 606 20.34 -46.79 41.18
C SER D 606 20.69 -47.38 39.82
N TYR D 607 21.18 -48.63 39.79
CA TYR D 607 21.46 -49.27 38.51
C TYR D 607 20.22 -49.36 37.65
N THR D 608 19.07 -49.66 38.26
CA THR D 608 17.82 -49.72 37.51
C THR D 608 17.36 -48.34 37.05
N ALA D 609 17.65 -47.30 37.84
CA ALA D 609 17.16 -45.97 37.53
C ALA D 609 17.76 -45.45 36.22
N ASN D 610 19.09 -45.43 36.13
CA ASN D 610 19.74 -44.88 34.94
C ASN D 610 19.60 -45.81 33.74
N LEU D 611 19.46 -47.11 33.97
CA LEU D 611 19.32 -48.04 32.86
C LEU D 611 18.07 -47.76 32.04
N ALA D 612 17.07 -47.10 32.63
CA ALA D 612 15.90 -46.65 31.89
C ALA D 612 16.11 -45.31 31.19
N ALA D 613 17.16 -44.58 31.56
CA ALA D 613 17.36 -43.24 31.02
C ALA D 613 17.90 -43.24 29.59
N PHE D 614 18.45 -44.36 29.12
CA PHE D 614 19.00 -44.41 27.77
C PHE D 614 18.28 -45.39 26.85
N LEU D 615 17.41 -46.24 27.37
CA LEU D 615 16.42 -46.87 26.51
C LEU D 615 15.21 -45.96 26.30
N THR D 616 15.16 -44.82 26.99
CA THR D 616 14.04 -43.86 26.74
C THR D 616 14.42 -42.98 25.55
N VAL D 617 15.51 -42.23 25.67
CA VAL D 617 16.01 -41.39 24.53
C VAL D 617 17.35 -41.99 24.14
N GLU D 618 17.52 -42.34 22.86
CA GLU D 618 18.78 -43.00 22.47
C GLU D 618 19.91 -42.03 22.79
N ARG D 619 19.60 -40.72 22.81
CA ARG D 619 20.64 -39.68 22.99
C ARG D 619 21.67 -39.98 21.90
N MET D 620 21.19 -40.35 20.72
CA MET D 620 22.09 -40.79 19.62
C MET D 620 22.98 -39.63 19.19
N VAL D 621 22.46 -38.40 19.14
CA VAL D 621 23.23 -37.26 18.56
C VAL D 621 24.29 -36.74 19.53
N SER D 622 25.44 -37.41 19.60
CA SER D 622 26.58 -36.91 20.40
C SER D 622 27.86 -36.99 19.56
N PRO D 623 28.04 -36.19 18.48
CA PRO D 623 29.20 -36.29 17.60
C PRO D 623 30.30 -35.24 17.79
N ILE D 624 31.50 -35.51 17.27
CA ILE D 624 32.59 -34.49 17.32
C ILE D 624 32.12 -33.29 16.47
N GLU D 625 32.34 -32.07 16.96
CA GLU D 625 31.82 -30.87 16.22
C GLU D 625 32.97 -29.90 15.98
N SER D 626 33.72 -29.55 17.03
CA SER D 626 34.84 -28.58 16.91
C SER D 626 35.82 -29.13 15.87
N ALA D 627 36.17 -28.33 14.86
CA ALA D 627 37.13 -28.83 13.89
C ALA D 627 38.49 -29.13 14.48
N GLU D 628 38.91 -28.40 15.52
CA GLU D 628 40.17 -28.71 16.18
C GLU D 628 40.14 -30.09 16.83
N ASP D 629 38.96 -30.62 17.13
CA ASP D 629 38.84 -31.98 17.63
C ASP D 629 38.97 -33.01 16.51
N LEU D 630 38.67 -32.62 15.27
CA LEU D 630 38.69 -33.54 14.14
C LEU D 630 40.11 -33.89 13.71
N SER D 631 41.11 -33.12 14.14
CA SER D 631 42.48 -33.28 13.65
C SER D 631 43.36 -34.13 14.54
N LYS D 632 42.91 -34.47 15.75
CA LYS D 632 43.75 -35.13 16.75
C LYS D 632 43.49 -36.63 16.83
N GLN D 633 43.11 -37.27 15.72
CA GLN D 633 42.81 -38.70 15.73
C GLN D 633 42.99 -39.25 14.33
N THR D 634 43.14 -40.57 14.24
CA THR D 634 43.36 -41.25 12.97
C THR D 634 42.50 -42.49 12.76
N GLU D 635 41.62 -42.84 13.69
CA GLU D 635 40.68 -43.95 13.43
C GLU D 635 39.78 -43.62 12.26
N ILE D 636 39.30 -42.38 12.20
CA ILE D 636 38.36 -41.93 11.18
C ILE D 636 39.11 -40.96 10.27
N ALA D 637 39.36 -41.38 9.04
CA ALA D 637 40.07 -40.54 8.09
C ALA D 637 39.24 -39.32 7.71
N TYR D 638 39.89 -38.36 7.07
CA TYR D 638 39.19 -37.19 6.55
C TYR D 638 40.02 -36.57 5.44
N GLY D 639 39.33 -35.99 4.47
CA GLY D 639 39.99 -35.36 3.35
C GLY D 639 39.10 -34.32 2.71
N THR D 640 39.56 -33.79 1.58
CA THR D 640 38.85 -32.75 0.85
C THR D 640 38.87 -33.11 -0.63
N LEU D 641 38.48 -32.15 -1.46
CA LEU D 641 38.47 -32.34 -2.91
C LEU D 641 39.90 -32.27 -3.46
N ASP D 642 40.12 -33.03 -4.55
CA ASP D 642 41.46 -33.09 -5.14
C ASP D 642 41.91 -31.76 -5.72
N SER D 643 40.98 -30.89 -6.09
CA SER D 643 41.33 -29.59 -6.66
C SER D 643 40.18 -28.62 -6.40
N GLY D 644 40.46 -27.56 -5.67
CA GLY D 644 39.44 -26.56 -5.37
C GLY D 644 39.96 -25.56 -4.36
N SER D 645 39.07 -24.63 -4.01
CA SER D 645 39.42 -23.59 -3.05
C SER D 645 39.60 -24.13 -1.65
N THR D 646 39.10 -25.34 -1.37
CA THR D 646 39.18 -25.89 -0.02
C THR D 646 40.57 -26.44 0.28
N LYS D 647 41.20 -27.09 -0.71
CA LYS D 647 42.52 -27.67 -0.48
C LYS D 647 43.59 -26.60 -0.29
N GLU D 648 43.41 -25.43 -0.90
CA GLU D 648 44.38 -24.36 -0.77
C GLU D 648 44.24 -23.54 0.51
N PHE D 649 43.20 -23.82 1.32
CA PHE D 649 43.03 -23.08 2.56
C PHE D 649 43.97 -23.60 3.65
N PHE D 650 44.18 -24.91 3.71
CA PHE D 650 45.05 -25.51 4.72
C PHE D 650 46.51 -25.54 4.28
N ARG D 651 46.82 -25.16 3.04
CA ARG D 651 48.18 -25.28 2.54
C ARG D 651 49.07 -24.12 2.98
N ARG D 652 48.52 -22.90 3.04
CA ARG D 652 49.30 -21.72 3.35
C ARG D 652 48.91 -21.09 4.69
N SER D 653 48.27 -21.85 5.57
CA SER D 653 47.81 -21.31 6.85
C SER D 653 48.95 -21.23 7.85
N LYS D 654 49.12 -20.06 8.46
CA LYS D 654 50.11 -19.86 9.51
C LYS D 654 49.51 -20.01 10.90
N ILE D 655 48.35 -20.66 11.02
CA ILE D 655 47.70 -20.91 12.30
C ILE D 655 48.07 -22.31 12.76
N ALA D 656 48.23 -22.48 14.07
CA ALA D 656 48.73 -23.75 14.60
C ALA D 656 47.72 -24.88 14.42
N VAL D 657 46.43 -24.58 14.51
CA VAL D 657 45.42 -25.64 14.49
C VAL D 657 45.28 -26.24 13.09
N PHE D 658 45.39 -25.40 12.06
CA PHE D 658 45.16 -25.85 10.70
C PHE D 658 46.39 -26.43 10.02
N ASP D 659 47.59 -26.15 10.56
CA ASP D 659 48.80 -26.69 9.94
C ASP D 659 48.92 -28.20 10.15
N LYS D 660 48.54 -28.68 11.33
CA LYS D 660 48.60 -30.11 11.59
C LYS D 660 47.55 -30.86 10.78
N MET D 661 46.44 -30.21 10.45
CA MET D 661 45.45 -30.83 9.58
C MET D 661 46.02 -31.09 8.20
N TRP D 662 47.03 -30.31 7.78
CA TRP D 662 47.61 -30.45 6.47
C TRP D 662 48.72 -31.50 6.42
N THR D 663 49.59 -31.55 7.44
CA THR D 663 50.67 -32.52 7.45
C THR D 663 50.17 -33.95 7.57
N TYR D 664 48.87 -34.16 7.78
CA TYR D 664 48.29 -35.49 7.81
C TYR D 664 47.87 -35.95 6.41
N MET D 665 47.03 -35.16 5.73
CA MET D 665 46.52 -35.54 4.42
C MET D 665 47.60 -35.59 3.35
N ARG D 666 48.81 -35.11 3.65
CA ARG D 666 49.90 -35.17 2.68
C ARG D 666 50.62 -36.52 2.71
N SER D 667 50.65 -37.17 3.87
CA SER D 667 51.28 -38.47 4.02
C SER D 667 50.28 -39.53 4.47
N ALA D 668 49.02 -39.38 4.08
CA ALA D 668 47.96 -40.30 4.46
C ALA D 668 47.65 -41.22 3.29
N GLU D 669 47.95 -42.51 3.47
CA GLU D 669 47.65 -43.52 2.47
C GLU D 669 46.61 -44.50 3.00
N PRO D 670 45.64 -44.94 2.17
CA PRO D 670 45.48 -44.62 0.75
C PRO D 670 45.02 -43.19 0.48
N SER D 671 44.85 -42.85 -0.80
CA SER D 671 44.47 -41.51 -1.20
C SER D 671 43.19 -41.05 -0.50
N VAL D 672 43.32 -40.06 0.38
CA VAL D 672 42.19 -39.54 1.14
C VAL D 672 41.50 -38.44 0.34
N PHE D 673 41.86 -38.31 -0.93
CA PHE D 673 41.31 -37.29 -1.82
C PHE D 673 40.43 -37.95 -2.86
N VAL D 674 39.35 -37.27 -3.23
CA VAL D 674 38.37 -37.80 -4.18
C VAL D 674 38.45 -36.99 -5.48
N ARG D 675 37.77 -37.49 -6.51
CA ARG D 675 37.85 -36.87 -7.83
C ARG D 675 36.93 -35.66 -7.94
N THR D 676 35.63 -35.86 -7.71
CA THR D 676 34.64 -34.80 -7.81
C THR D 676 33.92 -34.63 -6.48
N THR D 677 33.04 -33.63 -6.42
CA THR D 677 32.23 -33.43 -5.24
C THR D 677 31.17 -34.52 -5.09
N ALA D 678 30.73 -35.10 -6.21
CA ALA D 678 29.78 -36.21 -6.16
C ALA D 678 30.44 -37.50 -5.65
N GLU D 679 31.77 -37.60 -5.72
CA GLU D 679 32.48 -38.75 -5.19
C GLU D 679 32.84 -38.60 -3.73
N GLY D 680 32.94 -37.38 -3.23
CA GLY D 680 33.29 -37.14 -1.83
C GLY D 680 32.15 -37.39 -0.89
N VAL D 681 30.94 -37.02 -1.30
CA VAL D 681 29.75 -37.26 -0.47
C VAL D 681 29.42 -38.74 -0.45
N ALA D 682 29.80 -39.49 -1.49
CA ALA D 682 29.52 -40.92 -1.55
C ALA D 682 30.50 -41.77 -0.77
N ARG D 683 31.59 -41.17 -0.27
CA ARG D 683 32.57 -41.93 0.51
C ARG D 683 32.28 -41.90 2.00
N VAL D 684 31.66 -40.84 2.50
CA VAL D 684 31.27 -40.78 3.91
C VAL D 684 30.10 -41.71 4.19
N ARG D 685 29.29 -42.02 3.18
CA ARG D 685 28.11 -42.85 3.38
C ARG D 685 28.45 -44.34 3.46
N LYS D 686 29.54 -44.78 2.83
CA LYS D 686 29.92 -46.19 2.81
C LYS D 686 31.16 -46.46 3.67
N SER D 687 31.33 -45.70 4.75
CA SER D 687 32.50 -45.84 5.60
C SER D 687 32.16 -46.30 7.02
N LYS D 688 30.90 -46.63 7.29
CA LYS D 688 30.45 -47.00 8.63
C LYS D 688 30.81 -45.93 9.66
N GLY D 689 30.84 -44.67 9.23
CA GLY D 689 31.26 -43.59 10.08
C GLY D 689 32.74 -43.63 10.41
N LYS D 690 33.57 -43.83 9.39
CA LYS D 690 35.01 -43.86 9.55
C LYS D 690 35.71 -42.99 8.49
N TYR D 691 35.02 -41.96 8.02
CA TYR D 691 35.61 -41.02 7.07
C TYR D 691 34.77 -39.74 7.06
N ALA D 692 35.43 -38.61 6.83
CA ALA D 692 34.80 -37.30 6.89
C ALA D 692 35.15 -36.48 5.66
N TYR D 693 34.44 -35.37 5.49
CA TYR D 693 34.62 -34.49 4.34
C TYR D 693 34.33 -33.05 4.75
N LEU D 694 35.19 -32.14 4.34
CA LEU D 694 35.03 -30.71 4.63
C LEU D 694 34.62 -29.98 3.35
N LEU D 695 33.68 -29.06 3.48
CA LEU D 695 33.19 -28.28 2.35
C LEU D 695 32.49 -27.04 2.88
N GLU D 696 32.00 -26.22 1.94
CA GLU D 696 31.35 -24.96 2.29
C GLU D 696 30.07 -25.23 3.08
N SER D 697 29.68 -24.22 3.87
CA SER D 697 28.50 -24.35 4.72
C SER D 697 27.19 -24.21 3.95
N THR D 698 27.22 -23.58 2.76
CA THR D 698 26.01 -23.53 1.95
C THR D 698 25.68 -24.90 1.38
N MET D 699 26.69 -25.63 0.91
CA MET D 699 26.46 -26.98 0.40
C MET D 699 26.29 -27.98 1.53
N ASN D 700 26.90 -27.72 2.69
CA ASN D 700 26.76 -28.61 3.83
C ASN D 700 25.40 -28.45 4.49
N GLU D 701 24.88 -27.22 4.55
CA GLU D 701 23.54 -27.00 5.09
C GLU D 701 22.44 -27.43 4.12
N TYR D 702 22.78 -27.71 2.86
CA TYR D 702 21.80 -28.17 1.88
C TYR D 702 21.67 -29.69 1.85
N ILE D 703 22.75 -30.42 2.12
CA ILE D 703 22.68 -31.88 2.09
C ILE D 703 21.99 -32.41 3.34
N GLU D 704 22.06 -31.68 4.46
CA GLU D 704 21.45 -32.14 5.70
C GLU D 704 19.93 -32.24 5.62
N GLN D 705 19.31 -31.46 4.73
CA GLN D 705 17.84 -31.42 4.61
C GLN D 705 17.33 -32.22 3.42
N ARG D 706 18.14 -33.11 2.86
CA ARG D 706 17.73 -33.94 1.74
C ARG D 706 17.94 -35.41 2.08
N LYS D 707 17.24 -36.27 1.33
CA LYS D 707 17.35 -37.70 1.54
C LYS D 707 18.76 -38.17 1.22
N PRO D 708 19.26 -39.22 1.91
CA PRO D 708 18.56 -40.05 2.89
C PRO D 708 18.54 -39.49 4.32
N CYS D 709 18.89 -38.22 4.48
CA CYS D 709 18.87 -37.53 5.77
C CYS D 709 19.77 -38.26 6.79
N ASP D 710 21.07 -38.10 6.58
CA ASP D 710 22.06 -38.69 7.49
C ASP D 710 23.20 -37.75 7.85
N THR D 711 23.52 -36.74 7.04
CA THR D 711 24.60 -35.83 7.35
C THR D 711 24.11 -34.66 8.19
N MET D 712 25.00 -34.12 9.00
CA MET D 712 24.66 -33.01 9.89
C MET D 712 25.87 -32.10 10.04
N LYS D 713 25.66 -30.80 9.80
CA LYS D 713 26.73 -29.83 9.97
C LYS D 713 27.08 -29.70 11.45
N VAL D 714 28.36 -29.88 11.78
CA VAL D 714 28.82 -29.86 13.16
C VAL D 714 29.82 -28.73 13.32
N GLY D 715 29.67 -27.97 14.39
CA GLY D 715 30.60 -26.91 14.73
C GLY D 715 30.50 -25.70 13.81
N GLY D 716 31.02 -24.57 14.27
CA GLY D 716 31.06 -23.39 13.42
C GLY D 716 31.97 -23.58 12.22
N ASN D 717 31.77 -22.73 11.23
CA ASN D 717 32.61 -22.76 10.04
C ASN D 717 34.05 -22.37 10.39
N LEU D 718 34.94 -22.62 9.44
CA LEU D 718 36.37 -22.34 9.65
C LEU D 718 36.80 -20.99 9.13
N ASP D 719 36.20 -20.52 8.03
CA ASP D 719 36.59 -19.25 7.44
C ASP D 719 35.37 -18.39 7.13
N SER D 720 35.58 -17.26 6.45
CA SER D 720 34.51 -16.33 6.13
C SER D 720 34.54 -16.06 4.62
N LYS D 721 33.42 -16.33 3.96
CA LYS D 721 33.32 -16.13 2.52
C LYS D 721 31.86 -15.91 2.14
N GLY D 722 31.66 -15.35 0.95
CA GLY D 722 30.32 -15.04 0.49
C GLY D 722 30.26 -14.96 -1.03
N TYR D 723 29.05 -15.19 -1.56
CA TYR D 723 28.81 -15.13 -2.99
C TYR D 723 28.61 -13.67 -3.41
N GLY D 724 28.17 -13.45 -4.65
CA GLY D 724 27.96 -12.09 -5.11
C GLY D 724 27.46 -12.07 -6.55
N ILE D 725 27.18 -10.86 -7.02
CA ILE D 725 26.69 -10.61 -8.36
C ILE D 725 27.69 -9.70 -9.08
N ALA D 726 27.93 -9.97 -10.35
CA ALA D 726 28.96 -9.28 -11.12
C ALA D 726 28.36 -8.49 -12.27
N THR D 727 29.00 -7.37 -12.59
CA THR D 727 28.66 -6.48 -13.69
C THR D 727 29.94 -6.00 -14.34
N PRO D 728 29.90 -5.63 -15.62
CA PRO D 728 31.11 -5.14 -16.29
C PRO D 728 31.54 -3.79 -15.73
N LYS D 729 32.83 -3.51 -15.89
CA LYS D 729 33.39 -2.24 -15.43
C LYS D 729 32.82 -1.09 -16.26
N GLY D 730 32.36 -0.05 -15.59
CA GLY D 730 31.76 1.07 -16.27
C GLY D 730 30.36 0.82 -16.81
N SER D 731 29.77 -0.32 -16.48
CA SER D 731 28.43 -0.63 -16.96
C SER D 731 27.38 0.24 -16.25
N SER D 732 26.25 0.41 -16.91
CA SER D 732 25.16 1.22 -16.37
C SER D 732 24.32 0.47 -15.34
N LEU D 733 24.68 -0.76 -14.98
CA LEU D 733 23.94 -1.53 -13.99
C LEU D 733 24.82 -2.00 -12.84
N GLY D 734 26.08 -1.56 -12.78
CA GLY D 734 26.96 -1.96 -11.70
C GLY D 734 26.48 -1.46 -10.35
N THR D 735 26.34 -0.15 -10.22
CA THR D 735 25.84 0.49 -9.00
C THR D 735 24.33 0.32 -8.83
N PRO D 736 23.51 0.45 -9.88
CA PRO D 736 22.06 0.25 -9.69
C PRO D 736 21.69 -1.09 -9.09
N VAL D 737 22.44 -2.16 -9.38
CA VAL D 737 22.12 -3.46 -8.82
C VAL D 737 22.72 -3.61 -7.42
N ASN D 738 23.89 -3.03 -7.20
CA ASN D 738 24.53 -3.12 -5.88
C ASN D 738 23.64 -2.54 -4.79
N LEU D 739 22.96 -1.44 -5.07
CA LEU D 739 22.07 -0.81 -4.11
C LEU D 739 20.75 -1.56 -3.95
N ALA D 740 20.47 -2.54 -4.81
CA ALA D 740 19.23 -3.30 -4.72
C ALA D 740 19.33 -4.51 -3.80
N VAL D 741 20.50 -5.14 -3.73
CA VAL D 741 20.65 -6.34 -2.92
C VAL D 741 20.58 -5.99 -1.43
N LEU D 742 21.20 -4.87 -1.04
CA LEU D 742 21.18 -4.48 0.37
C LEU D 742 19.77 -4.13 0.83
N LYS D 743 18.91 -3.69 -0.08
CA LYS D 743 17.51 -3.50 0.26
C LYS D 743 16.80 -4.83 0.49
N LEU D 744 17.34 -5.93 -0.03
CA LEU D 744 16.71 -7.23 0.15
C LEU D 744 17.05 -7.84 1.50
N SER D 745 18.32 -7.77 1.92
CA SER D 745 18.73 -8.40 3.17
C SER D 745 18.12 -7.70 4.38
N GLU D 746 17.88 -6.38 4.30
CA GLU D 746 17.35 -5.65 5.45
C GLU D 746 15.87 -5.96 5.65
N GLN D 747 15.09 -6.03 4.58
CA GLN D 747 13.69 -6.38 4.67
C GLN D 747 13.47 -7.88 4.92
N GLY D 748 14.49 -8.60 5.38
CA GLY D 748 14.35 -10.01 5.66
C GLY D 748 14.03 -10.86 4.45
N VAL D 749 14.45 -10.44 3.26
CA VAL D 749 14.10 -11.16 2.04
C VAL D 749 15.13 -12.25 1.73
N LEU D 750 16.41 -11.96 1.93
CA LEU D 750 17.43 -12.96 1.65
C LEU D 750 17.35 -14.13 2.63
N ASP D 751 17.03 -13.85 3.89
CA ASP D 751 16.88 -14.93 4.87
C ASP D 751 15.56 -15.66 4.72
N LYS D 752 14.54 -15.01 4.18
CA LYS D 752 13.30 -15.71 3.86
C LYS D 752 13.46 -16.56 2.60
N LEU D 753 14.37 -16.17 1.72
CA LEU D 753 14.71 -17.02 0.57
C LEU D 753 15.64 -18.15 0.98
N LYS D 754 16.59 -17.87 1.87
CA LYS D 754 17.44 -18.93 2.41
C LYS D 754 16.62 -19.94 3.21
N ASN D 755 15.54 -19.48 3.86
CA ASN D 755 14.65 -20.36 4.59
C ASN D 755 13.60 -21.01 3.69
N LYS D 756 13.57 -20.66 2.40
CA LYS D 756 12.58 -21.20 1.47
C LYS D 756 13.11 -22.43 0.75
N TRP D 757 14.24 -22.29 0.06
CA TRP D 757 14.81 -23.36 -0.75
C TRP D 757 15.82 -24.21 0.01
N TRP D 758 15.88 -24.09 1.34
CA TRP D 758 16.72 -24.93 2.17
C TRP D 758 15.95 -25.71 3.22
N TYR D 759 15.00 -25.08 3.90
CA TYR D 759 14.26 -25.72 4.99
C TYR D 759 12.78 -25.90 4.71
N ASP D 760 12.15 -25.01 3.95
CA ASP D 760 10.72 -25.16 3.67
C ASP D 760 10.47 -26.26 2.65
N LYS D 761 11.07 -26.15 1.46
CA LYS D 761 10.87 -27.13 0.39
C LYS D 761 11.83 -28.30 0.52
N GLY D 762 12.25 -28.59 1.76
CA GLY D 762 13.12 -29.76 2.01
C GLY D 762 12.27 -31.00 2.17
N GLU D 763 12.81 -32.17 1.76
CA GLU D 763 12.07 -33.44 1.94
C GLU D 763 12.16 -33.84 3.41
N CYS D 764 13.25 -33.43 4.08
CA CYS D 764 13.41 -33.75 5.52
C CYS D 764 12.74 -32.67 6.37
N GLY D 765 11.40 -32.63 6.37
CA GLY D 765 10.66 -31.67 7.21
C GLY D 765 10.97 -31.90 8.67
N ALA D 766 10.93 -33.17 9.10
CA ALA D 766 11.29 -33.50 10.50
C ALA D 766 12.80 -33.71 10.60
N LYS D 767 13.58 -32.63 10.49
CA LYS D 767 15.06 -32.72 10.61
C LYS D 767 15.43 -33.19 12.02
N ASP D 768 14.73 -32.67 13.04
CA ASP D 768 15.06 -33.02 14.45
C ASP D 768 14.84 -34.51 14.68
N SER D 769 13.76 -35.07 14.13
CA SER D 769 13.49 -36.53 14.28
C SER D 769 14.57 -37.33 13.56
N GLY D 770 15.03 -38.43 14.16
CA GLY D 770 16.06 -39.28 13.53
C GLY D 770 15.53 -40.67 13.24
N SER D 771 16.12 -41.70 13.86
CA SER D 771 15.64 -43.09 13.69
C SER D 771 14.21 -43.20 14.23
N LYS D 772 13.94 -42.55 15.37
CA LYS D 772 12.59 -42.57 15.99
C LYS D 772 12.04 -44.01 15.99
N GLU D 773 12.91 -44.99 16.29
CA GLU D 773 12.47 -46.41 16.30
C GLU D 773 11.49 -46.61 17.46
N LYS D 774 10.40 -47.34 17.23
CA LYS D 774 9.37 -47.53 18.28
C LYS D 774 9.38 -49.00 18.74
N THR D 775 9.41 -49.24 20.05
CA THR D 775 9.32 -50.62 20.63
C THR D 775 10.62 -51.42 20.44
N SER D 776 10.62 -52.69 20.84
CA SER D 776 11.80 -53.59 20.68
C SER D 776 13.05 -53.01 21.35
N ALA D 777 12.88 -52.31 22.47
CA ALA D 777 14.04 -51.72 23.19
C ALA D 777 14.93 -52.80 23.81
N LEU D 778 14.36 -53.89 24.33
CA LEU D 778 15.19 -55.00 24.85
C LEU D 778 16.01 -55.62 23.72
N SER D 779 17.11 -56.31 24.07
CA SER D 779 17.98 -56.79 23.01
C SER D 779 18.80 -57.98 23.49
N LEU D 780 18.90 -59.00 22.63
CA LEU D 780 19.84 -60.09 22.87
C LEU D 780 21.28 -59.62 22.86
N SER D 781 21.57 -58.50 22.19
CA SER D 781 22.95 -58.03 22.07
C SER D 781 23.49 -57.53 23.40
N ASN D 782 22.68 -56.74 24.12
CA ASN D 782 23.13 -56.16 25.38
C ASN D 782 22.86 -57.06 26.58
N VAL D 783 21.74 -57.80 26.56
CA VAL D 783 21.46 -58.73 27.64
C VAL D 783 22.51 -59.84 27.67
N ALA D 784 23.13 -60.13 26.51
CA ALA D 784 24.24 -61.07 26.48
C ALA D 784 25.32 -60.70 27.48
N GLY D 785 25.50 -59.40 27.74
CA GLY D 785 26.48 -58.93 28.71
C GLY D 785 26.27 -59.38 30.14
N VAL D 786 25.20 -60.13 30.42
CA VAL D 786 24.91 -60.64 31.76
C VAL D 786 25.01 -62.15 31.83
N PHE D 787 24.60 -62.84 30.76
CA PHE D 787 24.61 -64.30 30.79
C PHE D 787 26.02 -64.86 30.82
N TYR D 788 26.99 -64.13 30.25
CA TYR D 788 28.34 -64.67 30.15
C TYR D 788 29.07 -64.60 31.49
N ILE D 789 28.66 -63.70 32.38
CA ILE D 789 29.30 -63.58 33.69
C ILE D 789 28.82 -64.64 34.67
N LEU D 790 27.92 -65.54 34.24
CA LEU D 790 27.31 -66.51 35.13
C LEU D 790 27.92 -67.90 35.01
N VAL D 791 27.97 -68.46 33.79
CA VAL D 791 28.51 -69.80 33.59
C VAL D 791 29.97 -69.87 34.03
N GLY D 792 30.68 -68.74 34.03
CA GLY D 792 32.03 -68.72 34.58
C GLY D 792 32.06 -69.08 36.05
N GLY D 793 31.04 -68.67 36.80
CA GLY D 793 30.96 -69.07 38.20
C GLY D 793 30.62 -70.53 38.36
N LEU D 794 29.99 -71.13 37.35
CA LEU D 794 29.75 -72.57 37.36
C LEU D 794 31.02 -73.35 37.05
N GLY D 795 31.80 -72.88 36.09
CA GLY D 795 33.06 -73.55 35.77
C GLY D 795 34.11 -73.36 36.85
N LEU D 796 34.15 -72.17 37.46
CA LEU D 796 35.02 -71.98 38.62
C LEU D 796 34.59 -72.88 39.77
N ALA D 797 33.28 -73.04 39.95
CA ALA D 797 32.79 -74.03 40.90
C ALA D 797 33.17 -75.44 40.48
N MET D 798 33.21 -75.70 39.17
CA MET D 798 33.73 -76.98 38.68
C MET D 798 35.21 -77.15 39.01
N LEU D 799 35.94 -76.06 39.21
CA LEU D 799 37.33 -76.16 39.64
C LEU D 799 37.44 -76.22 41.16
N VAL D 800 36.64 -75.43 41.88
CA VAL D 800 36.62 -75.52 43.33
C VAL D 800 36.00 -76.82 43.79
N ALA D 801 35.14 -77.43 42.98
CA ALA D 801 34.63 -78.76 43.32
C ALA D 801 35.72 -79.82 43.23
N LEU D 802 36.67 -79.65 42.31
CA LEU D 802 37.75 -80.61 42.17
C LEU D 802 38.80 -80.44 43.26
N ILE D 803 38.98 -79.22 43.77
CA ILE D 803 39.88 -79.02 44.91
C ILE D 803 39.23 -79.36 46.23
N GLU D 804 37.92 -79.62 46.24
CA GLU D 804 37.23 -80.11 47.43
C GLU D 804 37.08 -81.63 47.41
N PHE D 805 36.87 -82.22 46.24
CA PHE D 805 36.85 -83.68 46.13
C PHE D 805 38.24 -84.29 46.27
N CYS D 806 39.29 -83.47 46.24
CA CYS D 806 40.65 -83.94 46.45
C CYS D 806 41.18 -83.65 47.85
N TYR D 807 40.78 -82.54 48.45
CA TYR D 807 41.22 -82.19 49.80
C TYR D 807 40.25 -82.73 50.84
C1 NAG E . 43.86 33.21 -31.27
C2 NAG E . 44.27 33.94 -32.56
C3 NAG E . 45.53 33.32 -33.18
C4 NAG E . 46.63 33.16 -32.13
C5 NAG E . 46.09 32.37 -30.95
C6 NAG E . 47.10 32.19 -29.84
C7 NAG E . 42.47 35.01 -33.87
C8 NAG E . 41.39 34.79 -34.89
N2 NAG E . 43.19 33.92 -33.53
O3 NAG E . 45.99 34.14 -34.24
O4 NAG E . 47.74 32.47 -32.70
O5 NAG E . 44.98 33.09 -30.40
O6 NAG E . 47.63 33.42 -29.40
O7 NAG E . 42.69 36.11 -33.37
CAB V8G F . 13.46 -49.06 51.38
CAC V8G F . 14.04 -47.89 50.59
CAD V8G F . 13.46 -47.84 53.58
CAE V8G F . 13.99 -49.08 52.83
CAF V8G F . 15.57 -47.82 50.68
CAG V8G F . 16.16 -47.87 49.27
CAH V8G F . 15.37 -48.78 48.33
CAI V8G F . 15.30 -50.21 48.85
CAJ V8G F . 15.60 -51.23 47.75
CAL V8G F . 15.52 -49.08 52.89
CAM V8G F . 16.15 -48.98 51.50
OAA V8G F . 12.68 -47.98 54.56
OAK V8G F . 13.80 -46.69 53.20
C1 NAG G . -1.78 53.99 10.60
C2 NAG G . -2.19 55.35 11.18
C3 NAG G . -3.62 55.30 11.71
C4 NAG G . -4.57 54.77 10.65
C5 NAG G . -4.09 53.42 10.15
C6 NAG G . -4.93 52.87 9.01
C7 NAG G . -1.01 57.07 12.46
C8 NAG G . -0.04 57.33 13.59
N2 NAG G . -1.27 55.78 12.22
O3 NAG G . -4.03 56.61 12.12
O4 NAG G . -5.88 54.62 11.19
O5 NAG G . -2.75 53.56 9.63
O6 NAG G . -5.16 53.85 8.01
O7 NAG G . -1.51 57.98 11.82
C1 NAG H . -55.59 23.47 -9.70
C2 NAG H . -55.33 24.98 -9.75
C3 NAG H . -56.06 25.68 -8.60
C4 NAG H . -57.54 25.32 -8.61
C5 NAG H . -57.69 23.81 -8.56
C6 NAG H . -59.13 23.36 -8.67
C7 NAG H . -53.37 26.35 -10.28
C8 NAG H . -51.88 26.50 -10.14
N2 NAG H . -53.90 25.28 -9.70
O3 NAG H . -55.90 27.09 -8.73
O4 NAG H . -58.19 25.89 -7.49
O5 NAG H . -57.00 23.22 -9.67
O6 NAG H . -59.78 23.96 -9.79
O7 NAG H . -54.04 27.17 -10.90
CAB V8G I . 10.55 -61.65 35.13
CAC V8G I . 11.86 -61.22 34.48
CAD V8G I . 10.31 -59.59 36.54
CAE V8G I . 10.43 -61.13 36.57
CAF V8G I . 13.08 -61.59 35.32
CAG V8G I . 13.21 -63.12 35.35
CAH V8G I . 12.79 -63.76 34.04
CAI V8G I . 13.89 -63.72 32.98
CAJ V8G I . 13.37 -63.28 31.61
CAL V8G I . 11.65 -61.51 37.42
CAM V8G I . 12.97 -61.08 36.77
OAA V8G I . 10.89 -58.94 35.63
OAK V8G I . 9.63 -59.00 37.42
C1 NAG J . -15.56 1.31 -55.53
C2 NAG J . -15.70 1.21 -57.06
C3 NAG J . -14.33 1.07 -57.71
C4 NAG J . -13.38 2.16 -57.24
C5 NAG J . -13.32 2.15 -55.72
C6 NAG J . -12.45 3.25 -55.15
C7 NAG J . -17.80 0.24 -57.88
C8 NAG J . -18.53 -1.03 -58.21
N2 NAG J . -16.56 0.09 -57.43
O3 NAG J . -14.47 1.14 -59.13
O4 NAG J . -12.08 1.96 -57.77
O5 NAG J . -14.63 2.34 -55.19
O6 NAG J . -12.74 4.50 -55.75
O7 NAG J . -18.32 1.33 -58.02
#